data_2KCQ
#
_entry.id   2KCQ
#
_entity_poly.entity_id   1
_entity_poly.type   'polypeptide(L)'
_entity_poly.pdbx_seq_one_letter_code
;MKTTPDILDQIRVHGADAYPEEGCGFLLGTVTDDGDNRVAALHRATNRRSEQRTRRYELTADDYRAADAAAQEQGLDVVG
VYHSHPDHPARPSATDLEEATFPGFTYVIVSVRDGAPEALTAWALAPDRSEFHREDIVRPDPEAPLEHHHHHH
;
_entity_poly.pdbx_strand_id   A
#
# COMPACT_ATOMS: atom_id res chain seq x y z
N MET A 1 9.35 1.09 -5.24
CA MET A 1 8.57 1.88 -4.26
C MET A 1 9.45 2.94 -3.59
N LYS A 2 9.17 4.19 -3.92
CA LYS A 2 9.78 5.31 -3.22
C LYS A 2 8.90 5.70 -2.05
N THR A 3 9.50 5.97 -0.92
CA THR A 3 8.75 6.37 0.25
C THR A 3 9.62 7.19 1.19
N THR A 4 8.99 8.11 1.91
CA THR A 4 9.68 8.95 2.86
C THR A 4 9.52 8.41 4.28
N PRO A 5 10.49 8.69 5.16
CA PRO A 5 10.48 8.22 6.55
C PRO A 5 9.17 8.54 7.29
N ASP A 6 8.59 9.70 6.97
CA ASP A 6 7.33 10.10 7.57
C ASP A 6 6.20 9.17 7.15
N ILE A 7 6.22 8.72 5.91
CA ILE A 7 5.20 7.79 5.42
C ILE A 7 5.39 6.41 6.05
N LEU A 8 6.64 5.96 6.11
CA LEU A 8 6.97 4.65 6.70
C LEU A 8 6.44 4.54 8.12
N ASP A 9 6.61 5.59 8.91
CA ASP A 9 6.13 5.60 10.29
C ASP A 9 4.62 5.58 10.33
N GLN A 10 4.00 6.38 9.48
CA GLN A 10 2.55 6.42 9.40
C GLN A 10 1.98 5.05 9.02
N ILE A 11 2.73 4.27 8.26
CA ILE A 11 2.31 2.91 7.90
C ILE A 11 2.23 2.02 9.15
N ARG A 12 3.29 2.02 9.95
CA ARG A 12 3.33 1.20 11.16
C ARG A 12 2.30 1.68 12.18
N VAL A 13 2.08 3.00 12.23
CA VAL A 13 1.06 3.57 13.11
C VAL A 13 -0.33 3.12 12.69
N HIS A 14 -0.57 3.05 11.37
CA HIS A 14 -1.84 2.58 10.86
C HIS A 14 -2.06 1.11 11.20
N GLY A 15 -0.98 0.37 11.33
CA GLY A 15 -1.08 -1.02 11.77
C GLY A 15 -1.60 -1.11 13.19
N ALA A 16 -1.12 -0.22 14.04
CA ALA A 16 -1.58 -0.14 15.41
C ALA A 16 -2.97 0.46 15.48
N ASP A 17 -3.31 1.27 14.49
CA ASP A 17 -4.62 1.90 14.40
C ASP A 17 -5.67 0.90 13.98
N ALA A 18 -5.29 0.02 13.07
CA ALA A 18 -6.18 -1.03 12.58
C ALA A 18 -6.45 -2.07 13.67
N TYR A 19 -5.39 -2.47 14.37
CA TYR A 19 -5.50 -3.47 15.42
C TYR A 19 -6.26 -2.89 16.61
N PRO A 20 -7.00 -3.73 17.37
CA PRO A 20 -7.02 -5.19 17.19
C PRO A 20 -7.92 -5.66 16.05
N GLU A 21 -8.60 -4.72 15.41
CA GLU A 21 -9.54 -5.06 14.33
C GLU A 21 -8.81 -5.65 13.13
N GLU A 22 -9.58 -6.28 12.25
CA GLU A 22 -9.01 -6.94 11.08
C GLU A 22 -9.02 -5.99 9.87
N GLY A 23 -7.88 -5.36 9.62
CA GLY A 23 -7.80 -4.44 8.52
C GLY A 23 -6.41 -4.35 7.94
N CYS A 24 -6.32 -4.21 6.63
CA CYS A 24 -5.06 -4.01 5.96
C CYS A 24 -4.91 -2.55 5.57
N GLY A 25 -3.98 -2.24 4.69
CA GLY A 25 -3.81 -0.86 4.27
C GLY A 25 -3.48 -0.76 2.80
N PHE A 26 -3.88 0.34 2.18
CA PHE A 26 -3.61 0.57 0.78
C PHE A 26 -2.60 1.68 0.62
N LEU A 27 -1.79 1.58 -0.43
CA LEU A 27 -0.76 2.58 -0.71
C LEU A 27 -1.21 3.47 -1.86
N LEU A 28 -1.43 4.74 -1.56
CA LEU A 28 -1.83 5.69 -2.58
C LEU A 28 -0.67 6.62 -2.88
N GLY A 29 -0.38 6.85 -4.15
CA GLY A 29 0.74 7.70 -4.48
C GLY A 29 0.81 8.08 -5.94
N THR A 30 2.00 8.51 -6.35
CA THR A 30 2.24 8.99 -7.71
C THR A 30 3.23 8.10 -8.44
N VAL A 31 3.23 8.18 -9.76
CA VAL A 31 4.17 7.43 -10.56
C VAL A 31 5.42 8.26 -10.80
N THR A 32 6.55 7.80 -10.28
CA THR A 32 7.79 8.55 -10.40
C THR A 32 8.28 8.52 -11.84
N ASP A 33 9.19 9.42 -12.17
CA ASP A 33 9.68 9.55 -13.53
C ASP A 33 10.42 8.29 -13.99
N ASP A 34 10.83 7.47 -13.03
CA ASP A 34 11.50 6.21 -13.31
C ASP A 34 10.51 5.15 -13.80
N GLY A 35 9.23 5.38 -13.54
CA GLY A 35 8.22 4.39 -13.85
C GLY A 35 7.85 3.58 -12.62
N ASP A 36 8.52 3.89 -11.51
CA ASP A 36 8.28 3.23 -10.23
C ASP A 36 7.24 4.03 -9.45
N ASN A 37 6.72 3.48 -8.36
CA ASN A 37 5.67 4.15 -7.60
C ASN A 37 6.22 4.80 -6.33
N ARG A 38 5.68 5.96 -5.99
CA ARG A 38 5.96 6.58 -4.71
C ARG A 38 4.69 6.65 -3.88
N VAL A 39 4.77 6.16 -2.65
CA VAL A 39 3.64 6.24 -1.74
C VAL A 39 3.62 7.61 -1.08
N ALA A 40 2.51 8.33 -1.27
CA ALA A 40 2.39 9.69 -0.74
C ALA A 40 1.22 9.79 0.23
N ALA A 41 0.27 8.88 0.12
CA ALA A 41 -0.90 8.87 0.98
C ALA A 41 -1.18 7.47 1.50
N LEU A 42 -1.72 7.38 2.69
CA LEU A 42 -1.98 6.09 3.32
C LEU A 42 -3.43 6.00 3.77
N HIS A 43 -4.00 4.82 3.62
CA HIS A 43 -5.38 4.60 4.05
C HIS A 43 -5.57 3.14 4.45
N ARG A 44 -5.99 2.92 5.68
CA ARG A 44 -6.18 1.56 6.19
C ARG A 44 -7.60 1.08 5.93
N ALA A 45 -7.74 -0.18 5.55
CA ALA A 45 -9.04 -0.77 5.26
C ALA A 45 -9.78 -1.09 6.56
N THR A 46 -10.09 -0.05 7.30
CA THR A 46 -10.85 -0.16 8.54
C THR A 46 -11.60 1.14 8.76
N ASN A 47 -12.88 1.04 9.08
CA ASN A 47 -13.75 2.22 9.13
C ASN A 47 -13.43 3.10 10.33
N ARG A 48 -12.99 4.31 10.04
CA ARG A 48 -12.78 5.33 11.06
C ARG A 48 -13.73 6.49 10.81
N ARG A 49 -14.92 6.42 11.40
CA ARG A 49 -15.95 7.42 11.15
C ARG A 49 -16.67 7.79 12.45
N SER A 50 -16.38 8.98 12.95
CA SER A 50 -17.10 9.53 14.09
C SER A 50 -18.26 10.38 13.57
N GLU A 51 -19.05 10.94 14.48
CA GLU A 51 -20.13 11.81 14.06
C GLU A 51 -19.60 13.21 13.74
N GLN A 52 -19.12 13.35 12.51
CA GLN A 52 -18.58 14.62 12.05
C GLN A 52 -19.55 15.28 11.09
N ARG A 53 -19.70 16.59 11.21
CA ARG A 53 -20.66 17.32 10.40
C ARG A 53 -19.97 17.95 9.20
N THR A 54 -19.92 17.21 8.11
CA THR A 54 -19.32 17.69 6.88
C THR A 54 -19.80 16.84 5.72
N ARG A 55 -19.52 17.28 4.50
CA ARG A 55 -19.96 16.55 3.32
C ARG A 55 -18.99 15.43 2.99
N ARG A 56 -19.55 14.33 2.50
CA ARG A 56 -18.78 13.12 2.26
C ARG A 56 -18.22 13.10 0.84
N TYR A 57 -17.09 12.45 0.66
CA TYR A 57 -16.55 12.23 -0.68
C TYR A 57 -17.46 11.26 -1.42
N GLU A 58 -17.89 10.24 -0.69
CA GLU A 58 -18.87 9.29 -1.19
C GLU A 58 -19.53 8.60 0.01
N LEU A 59 -18.74 7.78 0.70
CA LEU A 59 -19.20 7.12 1.92
C LEU A 59 -17.99 6.47 2.60
N THR A 60 -18.17 5.99 3.82
CA THR A 60 -17.11 5.30 4.51
C THR A 60 -17.28 3.79 4.36
N ALA A 61 -16.20 3.13 3.98
CA ALA A 61 -16.23 1.69 3.71
C ALA A 61 -14.82 1.12 3.77
N ASP A 62 -13.87 1.91 3.25
CA ASP A 62 -12.45 1.58 3.30
C ASP A 62 -12.13 0.36 2.45
N ASP A 63 -13.08 -0.02 1.61
CA ASP A 63 -12.88 -1.08 0.62
C ASP A 63 -11.99 -0.55 -0.51
N TYR A 64 -11.47 -1.46 -1.33
CA TYR A 64 -10.58 -1.07 -2.43
C TYR A 64 -11.20 0.02 -3.29
N ARG A 65 -12.46 -0.16 -3.67
CA ARG A 65 -13.13 0.78 -4.53
C ARG A 65 -13.28 2.14 -3.85
N ALA A 66 -13.59 2.12 -2.56
CA ALA A 66 -13.67 3.35 -1.78
C ALA A 66 -12.31 4.04 -1.71
N ALA A 67 -11.26 3.24 -1.60
CA ALA A 67 -9.89 3.76 -1.61
C ALA A 67 -9.53 4.29 -2.98
N ASP A 68 -10.06 3.62 -4.02
CA ASP A 68 -9.87 4.04 -5.40
C ASP A 68 -10.46 5.42 -5.62
N ALA A 69 -11.68 5.61 -5.13
CA ALA A 69 -12.35 6.90 -5.22
C ALA A 69 -11.60 7.97 -4.44
N ALA A 70 -11.21 7.63 -3.21
CA ALA A 70 -10.45 8.54 -2.36
C ALA A 70 -9.11 8.88 -3.00
N ALA A 71 -8.54 7.92 -3.71
CA ALA A 71 -7.32 8.13 -4.46
C ALA A 71 -7.52 9.21 -5.50
N GLN A 72 -8.58 9.07 -6.30
CA GLN A 72 -8.91 10.05 -7.33
C GLN A 72 -9.20 11.42 -6.72
N GLU A 73 -9.84 11.42 -5.57
CA GLU A 73 -10.09 12.65 -4.82
C GLU A 73 -8.80 13.37 -4.46
N GLN A 74 -7.76 12.59 -4.21
CA GLN A 74 -6.45 13.14 -3.89
C GLN A 74 -5.58 13.27 -5.13
N GLY A 75 -6.10 12.82 -6.28
CA GLY A 75 -5.34 12.87 -7.51
C GLY A 75 -4.27 11.81 -7.59
N LEU A 76 -4.51 10.69 -6.91
CA LEU A 76 -3.58 9.58 -6.86
C LEU A 76 -4.28 8.31 -7.30
N ASP A 77 -3.60 7.18 -7.17
CA ASP A 77 -4.23 5.87 -7.35
C ASP A 77 -3.55 4.86 -6.43
N VAL A 78 -4.07 3.64 -6.43
CA VAL A 78 -3.52 2.60 -5.57
C VAL A 78 -2.30 1.98 -6.21
N VAL A 79 -1.13 2.32 -5.67
CA VAL A 79 0.13 1.85 -6.23
C VAL A 79 0.63 0.60 -5.52
N GLY A 80 -0.01 0.26 -4.41
CA GLY A 80 0.38 -0.92 -3.67
C GLY A 80 -0.56 -1.22 -2.52
N VAL A 81 -0.31 -2.32 -1.83
CA VAL A 81 -1.12 -2.72 -0.70
C VAL A 81 -0.20 -3.26 0.40
N TYR A 82 -0.67 -3.23 1.63
CA TYR A 82 0.11 -3.77 2.74
C TYR A 82 -0.80 -4.42 3.77
N HIS A 83 -0.30 -5.45 4.42
CA HIS A 83 -1.06 -6.15 5.45
C HIS A 83 -0.12 -6.68 6.53
N SER A 84 -0.57 -6.61 7.77
CA SER A 84 0.22 -7.04 8.90
C SER A 84 -0.31 -8.37 9.43
N HIS A 85 0.60 -9.25 9.83
CA HIS A 85 0.19 -10.50 10.46
C HIS A 85 1.18 -10.90 11.55
N PRO A 86 0.67 -11.47 12.66
CA PRO A 86 1.50 -11.94 13.76
C PRO A 86 2.06 -13.34 13.49
N ASP A 87 2.87 -13.43 12.44
CA ASP A 87 3.51 -14.68 12.06
C ASP A 87 4.60 -14.38 11.05
N HIS A 88 5.83 -14.77 11.40
CA HIS A 88 7.03 -14.36 10.68
C HIS A 88 7.25 -12.86 10.82
N PRO A 89 8.51 -12.44 10.95
CA PRO A 89 8.86 -11.02 11.14
C PRO A 89 8.38 -10.13 10.01
N ALA A 90 8.78 -10.46 8.77
CA ALA A 90 8.42 -9.61 7.65
C ALA A 90 8.65 -10.30 6.32
N ARG A 91 7.67 -11.11 5.92
CA ARG A 91 7.62 -11.70 4.60
C ARG A 91 6.24 -12.30 4.37
N PRO A 92 5.74 -12.29 3.12
CA PRO A 92 4.40 -12.83 2.80
C PRO A 92 4.28 -14.33 3.06
N SER A 93 3.08 -14.76 3.39
CA SER A 93 2.83 -16.16 3.67
C SER A 93 2.26 -16.80 2.41
N ALA A 94 1.78 -18.03 2.52
CA ALA A 94 1.30 -18.75 1.35
C ALA A 94 -0.02 -18.19 0.84
N THR A 95 -0.98 -18.02 1.74
CA THR A 95 -2.32 -17.60 1.35
C THR A 95 -2.32 -16.17 0.81
N ASP A 96 -1.71 -15.23 1.54
CA ASP A 96 -1.71 -13.83 1.11
C ASP A 96 -0.90 -13.66 -0.18
N LEU A 97 0.13 -14.49 -0.36
CA LEU A 97 0.86 -14.52 -1.62
C LEU A 97 -0.08 -14.97 -2.74
N GLU A 98 -0.88 -15.99 -2.44
CA GLU A 98 -1.83 -16.55 -3.38
C GLU A 98 -2.97 -15.58 -3.69
N GLU A 99 -3.34 -14.78 -2.69
CA GLU A 99 -4.43 -13.82 -2.84
C GLU A 99 -3.96 -12.55 -3.53
N ALA A 100 -2.68 -12.50 -3.88
CA ALA A 100 -2.13 -11.32 -4.54
C ALA A 100 -2.54 -11.30 -6.01
N THR A 101 -3.62 -10.58 -6.29
CA THR A 101 -4.17 -10.51 -7.64
C THR A 101 -3.45 -9.46 -8.50
N PHE A 102 -2.75 -8.55 -7.85
CA PHE A 102 -2.13 -7.42 -8.54
C PHE A 102 -0.60 -7.53 -8.57
N PRO A 103 -0.04 -8.20 -9.59
CA PRO A 103 1.42 -8.37 -9.74
C PRO A 103 2.13 -7.08 -10.10
N GLY A 104 1.37 -6.01 -10.25
CA GLY A 104 1.94 -4.71 -10.55
C GLY A 104 1.96 -3.79 -9.36
N PHE A 105 1.56 -4.31 -8.21
CA PHE A 105 1.50 -3.52 -6.99
C PHE A 105 2.65 -3.87 -6.07
N THR A 106 3.05 -2.93 -5.24
CA THR A 106 4.08 -3.18 -4.25
C THR A 106 3.42 -3.61 -2.93
N TYR A 107 3.79 -4.79 -2.45
CA TYR A 107 3.21 -5.32 -1.23
C TYR A 107 4.14 -5.11 -0.05
N VAL A 108 3.68 -4.34 0.92
CA VAL A 108 4.46 -4.09 2.11
C VAL A 108 4.04 -5.03 3.23
N ILE A 109 5.01 -5.74 3.78
CA ILE A 109 4.77 -6.62 4.90
C ILE A 109 5.40 -6.03 6.13
N VAL A 110 4.60 -5.84 7.16
CA VAL A 110 5.06 -5.16 8.35
C VAL A 110 4.73 -5.99 9.59
N SER A 111 5.69 -6.05 10.49
CA SER A 111 5.55 -6.82 11.70
C SER A 111 4.75 -6.02 12.71
N VAL A 112 3.53 -6.45 12.92
CA VAL A 112 2.70 -5.89 13.96
C VAL A 112 2.20 -7.02 14.84
N ARG A 113 2.63 -7.03 16.08
CA ARG A 113 2.29 -8.10 16.98
C ARG A 113 1.27 -7.62 18.00
N ASP A 114 0.00 -7.83 17.67
CA ASP A 114 -1.11 -7.50 18.56
C ASP A 114 -1.13 -6.00 18.88
N GLY A 115 -0.65 -5.20 17.94
CA GLY A 115 -0.68 -3.75 18.11
C GLY A 115 0.71 -3.13 18.10
N ALA A 116 1.72 -3.94 18.35
CA ALA A 116 3.10 -3.46 18.39
C ALA A 116 3.76 -3.54 17.01
N PRO A 117 4.03 -2.39 16.38
CA PRO A 117 4.67 -2.32 15.08
C PRO A 117 6.20 -2.38 15.20
N GLU A 118 6.78 -3.43 14.66
CA GLU A 118 8.21 -3.69 14.80
C GLU A 118 8.99 -3.17 13.57
N ALA A 119 8.89 -3.89 12.46
CA ALA A 119 9.66 -3.55 11.27
C ALA A 119 8.81 -3.66 10.01
N LEU A 120 9.21 -2.92 8.98
CA LEU A 120 8.48 -2.92 7.70
C LEU A 120 9.37 -3.40 6.57
N THR A 121 8.79 -4.12 5.62
CA THR A 121 9.52 -4.58 4.44
C THR A 121 8.67 -4.42 3.18
N ALA A 122 9.30 -4.06 2.07
CA ALA A 122 8.57 -3.92 0.82
C ALA A 122 8.95 -5.03 -0.14
N TRP A 123 7.95 -5.62 -0.77
CA TRP A 123 8.15 -6.76 -1.65
C TRP A 123 7.49 -6.53 -2.99
N ALA A 124 8.13 -7.01 -4.04
CA ALA A 124 7.59 -6.94 -5.38
C ALA A 124 7.16 -8.33 -5.84
N LEU A 125 5.94 -8.44 -6.31
CA LEU A 125 5.43 -9.72 -6.79
C LEU A 125 5.92 -9.96 -8.21
N ALA A 126 6.39 -11.18 -8.46
CA ALA A 126 6.86 -11.56 -9.79
C ALA A 126 5.72 -11.46 -10.80
N PRO A 127 6.01 -11.01 -12.03
CA PRO A 127 5.01 -10.86 -13.09
C PRO A 127 4.33 -12.18 -13.44
N ASP A 128 5.03 -13.29 -13.21
CA ASP A 128 4.47 -14.61 -13.42
C ASP A 128 3.71 -15.08 -12.19
N ARG A 129 3.89 -14.34 -11.09
CA ARG A 129 3.24 -14.62 -9.81
C ARG A 129 3.52 -16.04 -9.33
N SER A 130 4.75 -16.27 -8.90
CA SER A 130 5.12 -17.52 -8.27
C SER A 130 5.58 -17.26 -6.83
N GLU A 131 6.20 -16.11 -6.63
CA GLU A 131 6.72 -15.74 -5.33
C GLU A 131 6.98 -14.24 -5.30
N PHE A 132 7.48 -13.76 -4.18
CA PHE A 132 7.80 -12.35 -4.03
C PHE A 132 9.32 -12.18 -4.04
N HIS A 133 9.74 -10.99 -4.44
CA HIS A 133 11.15 -10.67 -4.42
C HIS A 133 11.35 -9.40 -3.61
N ARG A 134 12.48 -9.33 -2.91
CA ARG A 134 12.72 -8.25 -1.98
C ARG A 134 13.22 -7.02 -2.71
N GLU A 135 12.65 -5.89 -2.37
CA GLU A 135 13.08 -4.62 -2.90
C GLU A 135 13.57 -3.78 -1.74
N ASP A 136 14.52 -2.91 -2.00
CA ASP A 136 15.11 -2.11 -0.94
C ASP A 136 14.29 -0.85 -0.73
N ILE A 137 14.34 -0.29 0.46
CA ILE A 137 13.56 0.90 0.77
C ILE A 137 14.30 2.13 0.28
N VAL A 138 13.74 2.78 -0.72
CA VAL A 138 14.39 3.93 -1.32
C VAL A 138 13.55 5.18 -1.14
N ARG A 139 14.23 6.24 -0.76
CA ARG A 139 13.61 7.55 -0.63
C ARG A 139 13.60 8.22 -1.99
N PRO A 140 12.56 9.01 -2.28
CA PRO A 140 12.48 9.75 -3.55
C PRO A 140 13.66 10.68 -3.72
N ASP A 141 14.12 10.82 -4.96
CA ASP A 141 15.25 11.68 -5.27
C ASP A 141 15.02 13.08 -4.70
N PRO A 142 16.08 13.73 -4.20
CA PRO A 142 15.98 15.01 -3.47
C PRO A 142 15.63 16.20 -4.37
N GLU A 143 14.93 15.92 -5.44
CA GLU A 143 14.50 16.92 -6.39
C GLU A 143 13.07 16.64 -6.83
N ALA A 144 12.86 15.43 -7.35
CA ALA A 144 11.54 14.95 -7.76
C ALA A 144 10.89 15.87 -8.80
N PRO A 145 11.09 15.55 -10.10
CA PRO A 145 10.53 16.35 -11.21
C PRO A 145 9.00 16.27 -11.28
N LEU A 146 8.44 16.86 -12.32
CA LEU A 146 7.00 16.91 -12.49
C LEU A 146 6.40 15.52 -12.70
N GLU A 147 5.22 15.30 -12.14
CA GLU A 147 4.50 14.06 -12.31
C GLU A 147 3.66 14.13 -13.58
N HIS A 148 3.23 12.98 -14.06
CA HIS A 148 2.50 12.88 -15.31
C HIS A 148 1.14 12.21 -15.11
N HIS A 149 0.97 11.57 -13.97
CA HIS A 149 -0.28 10.88 -13.66
C HIS A 149 -1.04 11.58 -12.54
N HIS A 150 -0.32 12.36 -11.75
CA HIS A 150 -0.92 13.06 -10.60
C HIS A 150 -1.95 14.08 -11.06
N HIS A 151 -3.10 14.05 -10.39
CA HIS A 151 -4.14 15.05 -10.61
C HIS A 151 -4.35 15.83 -9.32
N HIS A 152 -5.09 16.91 -9.37
CA HIS A 152 -5.35 17.70 -8.18
C HIS A 152 -6.82 18.05 -8.06
N HIS A 153 -7.47 17.45 -7.08
CA HIS A 153 -8.87 17.75 -6.79
C HIS A 153 -8.97 18.58 -5.52
N MET A 1 10.60 1.71 -4.92
CA MET A 1 9.62 2.32 -4.00
C MET A 1 10.20 3.55 -3.31
N LYS A 2 9.61 4.71 -3.57
CA LYS A 2 9.99 5.93 -2.88
C LYS A 2 8.91 6.35 -1.90
N THR A 3 9.29 6.54 -0.65
CA THR A 3 8.34 6.95 0.38
C THR A 3 9.08 7.64 1.54
N THR A 4 8.32 8.25 2.44
CA THR A 4 8.89 9.00 3.54
C THR A 4 8.82 8.21 4.84
N PRO A 5 9.74 8.47 5.77
CA PRO A 5 9.73 7.84 7.10
C PRO A 5 8.46 8.18 7.88
N ASP A 6 7.88 9.33 7.57
CA ASP A 6 6.63 9.77 8.18
C ASP A 6 5.51 8.81 7.85
N ILE A 7 5.38 8.48 6.56
CA ILE A 7 4.36 7.54 6.10
C ILE A 7 4.62 6.16 6.70
N LEU A 8 5.89 5.76 6.71
CA LEU A 8 6.29 4.47 7.25
C LEU A 8 5.87 4.32 8.71
N ASP A 9 6.12 5.37 9.49
CA ASP A 9 5.79 5.32 10.92
C ASP A 9 4.29 5.25 11.11
N GLN A 10 3.56 5.98 10.28
CA GLN A 10 2.11 5.92 10.29
C GLN A 10 1.60 4.51 9.99
N ILE A 11 2.29 3.82 9.07
CA ILE A 11 1.93 2.45 8.72
C ILE A 11 2.08 1.50 9.90
N ARG A 12 3.24 1.56 10.56
CA ARG A 12 3.54 0.66 11.68
C ARG A 12 2.55 0.85 12.83
N VAL A 13 2.09 2.09 13.01
CA VAL A 13 1.11 2.39 14.05
C VAL A 13 -0.24 1.74 13.73
N HIS A 14 -0.56 1.65 12.44
CA HIS A 14 -1.85 1.09 12.02
C HIS A 14 -1.96 -0.38 12.40
N GLY A 15 -0.81 -1.06 12.48
CA GLY A 15 -0.79 -2.44 12.88
C GLY A 15 -1.24 -2.64 14.32
N ALA A 16 -0.71 -1.81 15.21
CA ALA A 16 -1.08 -1.87 16.62
C ALA A 16 -2.48 -1.29 16.82
N ASP A 17 -2.83 -0.32 15.97
CA ASP A 17 -4.11 0.37 16.03
C ASP A 17 -5.27 -0.59 15.90
N ALA A 18 -5.10 -1.58 15.05
CA ALA A 18 -6.17 -2.52 14.75
C ALA A 18 -5.80 -3.97 15.08
N TYR A 19 -4.80 -4.16 15.95
CA TYR A 19 -4.30 -5.50 16.32
C TYR A 19 -5.45 -6.49 16.54
N PRO A 20 -5.38 -7.68 15.90
CA PRO A 20 -4.28 -8.03 15.00
C PRO A 20 -4.43 -7.42 13.61
N GLU A 21 -5.67 -7.06 13.29
CA GLU A 21 -6.03 -6.45 12.02
C GLU A 21 -7.54 -6.20 11.96
N GLU A 22 -7.88 -5.02 11.50
CA GLU A 22 -9.28 -4.68 11.24
C GLU A 22 -9.40 -4.35 9.76
N GLY A 23 -8.27 -4.49 9.07
CA GLY A 23 -8.17 -4.16 7.68
C GLY A 23 -6.77 -3.67 7.36
N CYS A 24 -6.35 -3.82 6.12
CA CYS A 24 -5.03 -3.40 5.71
C CYS A 24 -5.09 -1.99 5.13
N GLY A 25 -4.05 -1.59 4.44
CA GLY A 25 -4.05 -0.28 3.83
C GLY A 25 -3.50 -0.31 2.43
N PHE A 26 -3.90 0.67 1.63
CA PHE A 26 -3.43 0.78 0.27
C PHE A 26 -2.47 1.95 0.14
N LEU A 27 -1.51 1.81 -0.75
CA LEU A 27 -0.52 2.85 -0.99
C LEU A 27 -0.98 3.73 -2.14
N LEU A 28 -1.25 4.99 -1.84
CA LEU A 28 -1.73 5.91 -2.84
C LEU A 28 -0.61 6.83 -3.28
N GLY A 29 -0.45 6.99 -4.57
CA GLY A 29 0.62 7.82 -5.09
C GLY A 29 0.62 7.81 -6.59
N THR A 30 1.79 8.00 -7.17
CA THR A 30 1.91 7.99 -8.61
C THR A 30 3.13 7.20 -9.06
N VAL A 31 3.12 6.77 -10.30
CA VAL A 31 4.27 6.08 -10.87
C VAL A 31 5.20 7.10 -11.51
N THR A 32 6.45 7.09 -11.09
CA THR A 32 7.42 8.06 -11.56
C THR A 32 7.78 7.80 -13.02
N ASP A 33 8.41 8.78 -13.65
CA ASP A 33 8.84 8.66 -15.04
C ASP A 33 9.89 7.56 -15.18
N ASP A 34 10.54 7.23 -14.08
CA ASP A 34 11.52 6.14 -14.06
C ASP A 34 10.82 4.79 -14.17
N GLY A 35 9.63 4.71 -13.59
CA GLY A 35 8.89 3.47 -13.57
C GLY A 35 8.71 2.97 -12.15
N ASP A 36 9.29 3.68 -11.20
CA ASP A 36 9.21 3.30 -9.80
C ASP A 36 7.98 3.91 -9.15
N ASN A 37 7.49 3.26 -8.11
CA ASN A 37 6.25 3.67 -7.46
C ASN A 37 6.55 4.58 -6.28
N ARG A 38 5.90 5.73 -6.23
CA ARG A 38 6.06 6.64 -5.10
C ARG A 38 4.75 6.76 -4.34
N VAL A 39 4.86 6.86 -3.03
CA VAL A 39 3.70 6.88 -2.16
C VAL A 39 3.53 8.26 -1.54
N ALA A 40 2.37 8.86 -1.78
CA ALA A 40 2.09 10.20 -1.28
C ALA A 40 0.95 10.20 -0.26
N ALA A 41 0.15 9.14 -0.26
CA ALA A 41 -1.00 9.04 0.63
C ALA A 41 -1.29 7.60 1.02
N LEU A 42 -2.13 7.44 2.05
CA LEU A 42 -2.52 6.12 2.53
C LEU A 42 -4.03 6.04 2.68
N HIS A 43 -4.59 4.88 2.39
CA HIS A 43 -6.01 4.65 2.63
C HIS A 43 -6.22 3.35 3.37
N ARG A 44 -7.07 3.38 4.38
CA ARG A 44 -7.34 2.22 5.21
C ARG A 44 -8.45 1.37 4.59
N ALA A 45 -8.26 0.06 4.59
CA ALA A 45 -9.30 -0.85 4.16
C ALA A 45 -10.10 -1.29 5.38
N THR A 46 -11.09 -0.48 5.73
CA THR A 46 -11.83 -0.68 6.95
C THR A 46 -12.95 -1.68 6.76
N ASN A 47 -12.92 -2.71 7.60
CA ASN A 47 -13.96 -3.76 7.64
C ASN A 47 -13.89 -4.70 6.43
N ARG A 48 -13.59 -4.16 5.27
CA ARG A 48 -13.39 -4.97 4.08
C ARG A 48 -11.92 -5.00 3.70
N ARG A 49 -11.22 -6.03 4.18
CA ARG A 49 -9.79 -6.16 3.95
C ARG A 49 -9.54 -6.92 2.65
N SER A 50 -10.37 -7.91 2.40
CA SER A 50 -10.19 -8.79 1.26
C SER A 50 -11.50 -8.94 0.50
N GLU A 51 -12.56 -9.24 1.25
CA GLU A 51 -13.90 -9.44 0.70
C GLU A 51 -13.94 -10.64 -0.23
N GLN A 52 -13.60 -10.42 -1.51
CA GLN A 52 -13.58 -11.46 -2.54
C GLN A 52 -15.00 -11.89 -2.94
N ARG A 53 -15.88 -11.96 -1.95
CA ARG A 53 -17.24 -12.45 -2.15
C ARG A 53 -18.04 -11.54 -3.08
N THR A 54 -18.39 -10.35 -2.58
CA THR A 54 -19.23 -9.44 -3.33
C THR A 54 -18.44 -8.26 -3.90
N ARG A 55 -18.44 -8.14 -5.22
CA ARG A 55 -17.81 -7.03 -5.90
C ARG A 55 -18.78 -6.47 -6.93
N ARG A 56 -19.27 -5.25 -6.72
CA ARG A 56 -20.29 -4.70 -7.60
C ARG A 56 -19.93 -3.29 -8.06
N TYR A 57 -18.63 -3.01 -8.12
CA TYR A 57 -18.09 -1.75 -8.64
C TYR A 57 -18.29 -0.58 -7.67
N GLU A 58 -19.47 -0.51 -7.06
CA GLU A 58 -19.77 0.51 -6.07
C GLU A 58 -18.89 0.33 -4.84
N LEU A 59 -18.79 1.38 -4.04
CA LEU A 59 -17.94 1.35 -2.85
C LEU A 59 -18.54 0.45 -1.78
N THR A 60 -18.02 -0.77 -1.70
CA THR A 60 -18.47 -1.73 -0.70
C THR A 60 -17.70 -1.51 0.59
N ALA A 61 -18.30 -0.74 1.50
CA ALA A 61 -17.62 -0.33 2.73
C ALA A 61 -16.41 0.54 2.40
N ASP A 62 -15.43 0.56 3.28
CA ASP A 62 -14.21 1.30 3.04
C ASP A 62 -13.16 0.38 2.42
N ASP A 63 -13.39 0.03 1.16
CA ASP A 63 -12.58 -0.98 0.46
C ASP A 63 -11.66 -0.34 -0.57
N TYR A 64 -11.18 -1.17 -1.50
CA TYR A 64 -10.33 -0.72 -2.59
C TYR A 64 -11.04 0.37 -3.41
N ARG A 65 -12.33 0.21 -3.66
CA ARG A 65 -13.08 1.17 -4.43
C ARG A 65 -13.07 2.55 -3.78
N ALA A 66 -13.12 2.57 -2.45
CA ALA A 66 -13.05 3.81 -1.70
C ALA A 66 -11.63 4.38 -1.77
N ALA A 67 -10.65 3.51 -1.70
CA ALA A 67 -9.25 3.92 -1.82
C ALA A 67 -8.97 4.46 -3.20
N ASP A 68 -9.51 3.78 -4.20
CA ASP A 68 -9.33 4.15 -5.61
C ASP A 68 -10.02 5.48 -5.88
N ALA A 69 -11.22 5.63 -5.32
CA ALA A 69 -11.96 6.88 -5.43
C ALA A 69 -11.17 8.03 -4.82
N ALA A 70 -10.73 7.85 -3.58
CA ALA A 70 -9.98 8.88 -2.87
C ALA A 70 -8.66 9.18 -3.58
N ALA A 71 -8.07 8.16 -4.18
CA ALA A 71 -6.83 8.32 -4.91
C ALA A 71 -7.04 9.24 -6.11
N GLN A 72 -8.04 8.93 -6.94
CA GLN A 72 -8.31 9.72 -8.13
C GLN A 72 -8.78 11.13 -7.75
N GLU A 73 -9.48 11.23 -6.62
CA GLU A 73 -9.88 12.53 -6.09
C GLU A 73 -8.66 13.41 -5.84
N GLN A 74 -7.61 12.79 -5.33
CA GLN A 74 -6.37 13.49 -5.02
C GLN A 74 -5.43 13.54 -6.22
N GLY A 75 -5.84 12.93 -7.32
CA GLY A 75 -5.03 12.94 -8.53
C GLY A 75 -3.97 11.85 -8.53
N LEU A 76 -4.17 10.85 -7.68
CA LEU A 76 -3.22 9.76 -7.54
C LEU A 76 -3.86 8.44 -7.96
N ASP A 77 -3.14 7.35 -7.75
CA ASP A 77 -3.68 6.01 -7.96
C ASP A 77 -3.03 5.04 -6.99
N VAL A 78 -3.51 3.81 -6.97
CA VAL A 78 -3.01 2.81 -6.03
C VAL A 78 -1.75 2.16 -6.58
N VAL A 79 -0.63 2.43 -5.93
CA VAL A 79 0.66 1.91 -6.39
C VAL A 79 1.10 0.70 -5.59
N GLY A 80 0.30 0.32 -4.60
CA GLY A 80 0.62 -0.83 -3.80
C GLY A 80 -0.31 -1.02 -2.63
N VAL A 81 -0.01 -2.02 -1.81
CA VAL A 81 -0.81 -2.34 -0.64
C VAL A 81 0.12 -2.73 0.50
N TYR A 82 -0.34 -2.63 1.74
CA TYR A 82 0.46 -3.08 2.86
C TYR A 82 -0.35 -3.95 3.81
N HIS A 83 0.26 -5.02 4.27
CA HIS A 83 -0.39 -5.98 5.16
C HIS A 83 0.26 -5.94 6.53
N SER A 84 -0.53 -6.24 7.54
CA SER A 84 -0.03 -6.31 8.91
C SER A 84 0.06 -7.77 9.32
N HIS A 85 1.22 -8.19 9.79
CA HIS A 85 1.43 -9.60 10.13
C HIS A 85 1.91 -9.78 11.56
N PRO A 86 0.97 -9.85 12.52
CA PRO A 86 1.27 -10.30 13.87
C PRO A 86 1.35 -11.82 13.91
N ASP A 87 2.33 -12.34 13.17
CA ASP A 87 2.42 -13.77 12.92
C ASP A 87 3.86 -14.16 12.59
N HIS A 88 4.31 -13.79 11.40
CA HIS A 88 5.70 -14.02 11.02
C HIS A 88 6.40 -12.68 10.81
N PRO A 89 7.69 -12.59 11.18
CA PRO A 89 8.43 -11.32 11.19
C PRO A 89 8.70 -10.76 9.80
N ALA A 90 7.84 -9.84 9.37
CA ALA A 90 8.06 -9.02 8.18
C ALA A 90 8.15 -9.84 6.90
N ARG A 91 7.57 -11.02 6.90
CA ARG A 91 7.59 -11.86 5.71
C ARG A 91 6.19 -12.37 5.37
N PRO A 92 5.91 -12.66 4.09
CA PRO A 92 4.58 -13.03 3.62
C PRO A 92 4.17 -14.44 4.00
N SER A 93 3.00 -14.84 3.51
CA SER A 93 2.43 -16.16 3.77
C SER A 93 1.59 -16.58 2.58
N ALA A 94 0.98 -17.75 2.64
CA ALA A 94 0.16 -18.26 1.54
C ALA A 94 -1.00 -17.32 1.25
N THR A 95 -1.72 -16.93 2.29
CA THR A 95 -2.86 -16.03 2.16
C THR A 95 -2.43 -14.67 1.59
N ASP A 96 -1.24 -14.24 1.98
CA ASP A 96 -0.71 -12.96 1.52
C ASP A 96 -0.45 -13.02 0.02
N LEU A 97 0.10 -14.15 -0.41
CA LEU A 97 0.37 -14.40 -1.83
C LEU A 97 -0.95 -14.50 -2.60
N GLU A 98 -1.93 -15.15 -1.97
CA GLU A 98 -3.26 -15.31 -2.56
C GLU A 98 -3.93 -13.97 -2.87
N GLU A 99 -3.55 -12.93 -2.14
CA GLU A 99 -4.10 -11.60 -2.38
C GLU A 99 -3.20 -10.82 -3.32
N ALA A 100 -1.99 -11.31 -3.52
CA ALA A 100 -1.01 -10.65 -4.36
C ALA A 100 -1.18 -11.05 -5.82
N THR A 101 -2.37 -10.82 -6.35
CA THR A 101 -2.64 -11.12 -7.75
C THR A 101 -2.59 -9.82 -8.58
N PHE A 102 -2.07 -8.77 -7.97
CA PHE A 102 -2.00 -7.46 -8.60
C PHE A 102 -0.56 -7.08 -8.94
N PRO A 103 -0.08 -7.47 -10.14
CA PRO A 103 1.28 -7.15 -10.58
C PRO A 103 1.48 -5.66 -10.79
N GLY A 104 2.67 -5.17 -10.42
CA GLY A 104 2.96 -3.76 -10.54
C GLY A 104 2.79 -3.04 -9.22
N PHE A 105 2.02 -3.65 -8.32
CA PHE A 105 1.78 -3.10 -6.99
C PHE A 105 2.91 -3.49 -6.05
N THR A 106 3.29 -2.58 -5.19
CA THR A 106 4.31 -2.84 -4.19
C THR A 106 3.65 -3.24 -2.87
N TYR A 107 4.05 -4.38 -2.33
CA TYR A 107 3.43 -4.90 -1.12
C TYR A 107 4.32 -4.65 0.08
N VAL A 108 3.82 -3.91 1.05
CA VAL A 108 4.56 -3.64 2.26
C VAL A 108 4.06 -4.51 3.40
N ILE A 109 4.96 -5.23 4.03
CA ILE A 109 4.61 -6.06 5.17
C ILE A 109 5.28 -5.53 6.43
N VAL A 110 4.48 -5.20 7.41
CA VAL A 110 5.00 -4.67 8.66
C VAL A 110 4.96 -5.73 9.75
N SER A 111 6.08 -5.87 10.44
CA SER A 111 6.20 -6.81 11.54
C SER A 111 5.64 -6.19 12.81
N VAL A 112 4.47 -6.64 13.23
CA VAL A 112 3.84 -6.12 14.43
C VAL A 112 3.69 -7.23 15.45
N ARG A 113 4.34 -7.08 16.59
CA ARG A 113 4.29 -8.11 17.62
C ARG A 113 3.57 -7.59 18.84
N ASP A 114 2.25 -7.85 18.86
CA ASP A 114 1.39 -7.49 19.99
C ASP A 114 1.59 -6.03 20.42
N GLY A 115 1.23 -5.11 19.53
CA GLY A 115 1.30 -3.70 19.87
C GLY A 115 2.66 -3.09 19.55
N ALA A 116 3.65 -3.93 19.35
CA ALA A 116 4.99 -3.45 19.07
C ALA A 116 5.34 -3.61 17.59
N PRO A 117 5.34 -2.51 16.84
CA PRO A 117 5.74 -2.51 15.44
C PRO A 117 7.25 -2.57 15.30
N GLU A 118 7.75 -3.74 14.94
CA GLU A 118 9.18 -4.00 14.83
C GLU A 118 9.80 -3.26 13.66
N ALA A 119 9.51 -3.73 12.45
CA ALA A 119 10.10 -3.17 11.26
C ALA A 119 9.16 -3.28 10.08
N LEU A 120 9.39 -2.44 9.08
CA LEU A 120 8.60 -2.47 7.86
C LEU A 120 9.46 -3.00 6.72
N THR A 121 8.91 -3.93 5.96
CA THR A 121 9.61 -4.50 4.82
C THR A 121 8.74 -4.40 3.59
N ALA A 122 9.34 -4.11 2.46
CA ALA A 122 8.60 -4.03 1.22
C ALA A 122 8.97 -5.19 0.32
N TRP A 123 7.98 -5.68 -0.39
CA TRP A 123 8.15 -6.83 -1.26
C TRP A 123 7.55 -6.54 -2.62
N ALA A 124 8.21 -7.01 -3.65
CA ALA A 124 7.74 -6.86 -5.01
C ALA A 124 7.17 -8.18 -5.51
N LEU A 125 6.07 -8.12 -6.22
CA LEU A 125 5.46 -9.32 -6.77
C LEU A 125 6.17 -9.73 -8.05
N ALA A 126 6.52 -11.01 -8.13
CA ALA A 126 7.13 -11.53 -9.34
C ALA A 126 6.18 -11.38 -10.52
N PRO A 127 6.69 -10.98 -11.69
CA PRO A 127 5.87 -10.73 -12.89
C PRO A 127 4.97 -11.92 -13.25
N ASP A 128 5.45 -13.14 -12.99
CA ASP A 128 4.69 -14.35 -13.32
C ASP A 128 3.73 -14.71 -12.19
N ARG A 129 3.64 -13.82 -11.19
CA ARG A 129 2.78 -14.00 -10.03
C ARG A 129 3.19 -15.25 -9.25
N SER A 130 4.45 -15.62 -9.36
CA SER A 130 4.96 -16.85 -8.77
C SER A 130 5.28 -16.67 -7.29
N GLU A 131 5.98 -15.61 -6.94
CA GLU A 131 6.48 -15.44 -5.57
C GLU A 131 6.64 -13.97 -5.22
N PHE A 132 7.18 -13.73 -4.02
CA PHE A 132 7.50 -12.38 -3.58
C PHE A 132 9.01 -12.18 -3.62
N HIS A 133 9.43 -10.95 -3.91
CA HIS A 133 10.83 -10.61 -3.89
C HIS A 133 11.08 -9.46 -2.95
N ARG A 134 12.25 -9.45 -2.33
CA ARG A 134 12.60 -8.43 -1.37
C ARG A 134 12.83 -7.10 -2.07
N GLU A 135 12.27 -6.04 -1.49
CA GLU A 135 12.42 -4.71 -2.02
C GLU A 135 13.10 -3.82 -0.98
N ASP A 136 13.77 -2.79 -1.47
CA ASP A 136 14.49 -1.87 -0.61
C ASP A 136 13.74 -0.54 -0.54
N ILE A 137 13.49 -0.08 0.68
CA ILE A 137 12.69 1.13 0.87
C ILE A 137 13.56 2.37 0.71
N VAL A 138 13.28 3.16 -0.30
CA VAL A 138 14.04 4.36 -0.58
C VAL A 138 13.23 5.60 -0.28
N ARG A 139 13.93 6.67 0.02
CA ARG A 139 13.30 7.95 0.24
C ARG A 139 13.21 8.72 -1.07
N PRO A 140 12.31 9.72 -1.15
CA PRO A 140 12.27 10.64 -2.28
C PRO A 140 13.60 11.34 -2.44
N ASP A 141 14.11 11.35 -3.67
CA ASP A 141 15.40 11.95 -3.97
C ASP A 141 15.48 13.36 -3.36
N PRO A 142 16.57 13.63 -2.62
CA PRO A 142 16.67 14.78 -1.70
C PRO A 142 16.83 16.14 -2.38
N GLU A 143 16.28 16.25 -3.57
CA GLU A 143 16.23 17.51 -4.28
C GLU A 143 14.79 17.97 -4.46
N ALA A 144 13.99 17.12 -5.11
CA ALA A 144 12.62 17.45 -5.48
C ALA A 144 12.57 18.77 -6.24
N PRO A 145 12.96 18.72 -7.53
CA PRO A 145 13.04 19.92 -8.37
C PRO A 145 11.73 20.67 -8.45
N LEU A 146 11.81 22.00 -8.53
CA LEU A 146 10.63 22.83 -8.62
C LEU A 146 10.06 22.77 -10.03
N GLU A 147 8.81 23.20 -10.18
CA GLU A 147 8.15 23.18 -11.46
C GLU A 147 8.67 24.31 -12.35
N HIS A 148 8.29 24.25 -13.62
CA HIS A 148 8.71 25.25 -14.60
C HIS A 148 8.18 26.62 -14.22
N HIS A 149 8.95 27.66 -14.54
CA HIS A 149 8.60 29.02 -14.15
C HIS A 149 7.33 29.49 -14.86
N HIS A 150 6.32 29.84 -14.08
CA HIS A 150 5.05 30.31 -14.61
C HIS A 150 4.77 31.72 -14.08
N HIS A 151 4.46 32.65 -14.98
CA HIS A 151 4.17 34.02 -14.59
C HIS A 151 2.71 34.37 -14.91
N HIS A 152 1.85 34.27 -13.89
CA HIS A 152 0.45 34.64 -14.02
C HIS A 152 -0.24 34.51 -12.66
N HIS A 153 -0.97 35.55 -12.28
CA HIS A 153 -1.69 35.53 -11.01
C HIS A 153 -3.18 35.81 -11.24
N MET A 1 9.95 0.93 -5.15
CA MET A 1 9.12 1.67 -4.16
C MET A 1 9.92 2.79 -3.52
N LYS A 2 9.56 4.02 -3.85
CA LYS A 2 10.18 5.19 -3.26
C LYS A 2 9.15 5.92 -2.40
N THR A 3 9.56 6.38 -1.22
CA THR A 3 8.62 7.02 -0.31
C THR A 3 9.35 7.90 0.69
N THR A 4 8.60 8.64 1.50
CA THR A 4 9.15 9.57 2.47
C THR A 4 8.98 9.03 3.90
N PRO A 5 9.89 9.41 4.81
CA PRO A 5 9.88 8.95 6.21
C PRO A 5 8.57 9.28 6.94
N ASP A 6 7.98 10.40 6.58
CA ASP A 6 6.73 10.83 7.18
C ASP A 6 5.63 9.80 6.95
N ILE A 7 5.60 9.23 5.76
CA ILE A 7 4.63 8.17 5.45
C ILE A 7 4.96 6.91 6.24
N LEU A 8 6.25 6.60 6.33
CA LEU A 8 6.72 5.42 7.07
C LEU A 8 6.25 5.46 8.52
N ASP A 9 6.41 6.62 9.14
CA ASP A 9 6.05 6.79 10.55
C ASP A 9 4.54 6.66 10.72
N GLN A 10 3.80 7.18 9.75
CA GLN A 10 2.35 7.04 9.75
C GLN A 10 1.94 5.56 9.70
N ILE A 11 2.70 4.76 8.96
CA ILE A 11 2.42 3.33 8.85
C ILE A 11 2.63 2.63 10.19
N ARG A 12 3.78 2.87 10.82
CA ARG A 12 4.10 2.22 12.09
C ARG A 12 3.13 2.65 13.19
N VAL A 13 2.75 3.93 13.18
CA VAL A 13 1.81 4.43 14.17
C VAL A 13 0.42 3.84 13.94
N HIS A 14 -0.02 3.84 12.69
CA HIS A 14 -1.35 3.33 12.36
C HIS A 14 -1.42 1.83 12.63
N GLY A 15 -0.31 1.13 12.44
CA GLY A 15 -0.27 -0.29 12.74
C GLY A 15 -0.49 -0.57 14.21
N ALA A 16 0.20 0.18 15.06
CA ALA A 16 0.06 0.01 16.51
C ALA A 16 -1.28 0.51 16.99
N ASP A 17 -1.85 1.47 16.26
CA ASP A 17 -3.13 2.08 16.63
C ASP A 17 -4.29 1.14 16.37
N ALA A 18 -4.20 0.42 15.26
CA ALA A 18 -5.28 -0.47 14.83
C ALA A 18 -5.28 -1.78 15.62
N TYR A 19 -4.09 -2.26 15.97
CA TYR A 19 -3.96 -3.56 16.62
C TYR A 19 -4.57 -3.56 18.02
N PRO A 20 -4.85 -4.75 18.60
CA PRO A 20 -4.50 -6.06 18.01
C PRO A 20 -5.28 -6.43 16.75
N GLU A 21 -6.30 -5.64 16.42
CA GLU A 21 -7.06 -5.86 15.19
C GLU A 21 -6.26 -5.39 13.98
N GLU A 22 -6.58 -5.90 12.80
CA GLU A 22 -5.85 -5.54 11.61
C GLU A 22 -6.51 -4.37 10.89
N GLY A 23 -5.70 -3.39 10.50
CA GLY A 23 -6.20 -2.26 9.75
C GLY A 23 -6.13 -2.53 8.26
N CYS A 24 -4.90 -2.69 7.77
CA CYS A 24 -4.66 -3.03 6.37
C CYS A 24 -5.15 -1.95 5.41
N GLY A 25 -4.91 -2.15 4.12
CA GLY A 25 -5.39 -1.23 3.13
C GLY A 25 -4.43 -1.07 1.97
N PHE A 26 -4.62 -0.03 1.18
CA PHE A 26 -3.79 0.21 0.00
C PHE A 26 -2.87 1.40 0.21
N LEU A 27 -1.83 1.47 -0.60
CA LEU A 27 -0.90 2.58 -0.57
C LEU A 27 -1.15 3.49 -1.78
N LEU A 28 -1.34 4.76 -1.52
CA LEU A 28 -1.67 5.71 -2.57
C LEU A 28 -0.48 6.61 -2.87
N GLY A 29 -0.33 6.98 -4.13
CA GLY A 29 0.76 7.85 -4.52
C GLY A 29 0.78 8.07 -6.01
N THR A 30 1.95 8.37 -6.54
CA THR A 30 2.11 8.56 -7.98
C THR A 30 3.12 7.58 -8.55
N VAL A 31 2.97 7.25 -9.82
CA VAL A 31 3.89 6.35 -10.49
C VAL A 31 4.99 7.16 -11.17
N THR A 32 6.23 6.74 -11.01
CA THR A 32 7.36 7.40 -11.65
C THR A 32 8.02 6.45 -12.65
N ASP A 33 8.42 6.99 -13.80
CA ASP A 33 9.08 6.21 -14.86
C ASP A 33 8.09 5.30 -15.57
N ASP A 34 6.92 5.18 -14.96
CA ASP A 34 5.88 4.22 -15.38
C ASP A 34 6.28 2.82 -14.94
N GLY A 35 7.29 2.77 -14.08
CA GLY A 35 7.80 1.50 -13.60
C GLY A 35 7.82 1.40 -12.09
N ASP A 36 8.28 2.47 -11.43
CA ASP A 36 8.39 2.47 -9.97
C ASP A 36 7.24 3.26 -9.37
N ASN A 37 7.10 3.22 -8.06
CA ASN A 37 5.97 3.85 -7.39
C ASN A 37 6.42 4.76 -6.26
N ARG A 38 5.73 5.88 -6.11
CA ARG A 38 6.02 6.84 -5.07
C ARG A 38 4.84 6.93 -4.11
N VAL A 39 5.00 6.37 -2.92
CA VAL A 39 3.91 6.33 -1.95
C VAL A 39 3.86 7.62 -1.14
N ALA A 40 2.71 8.30 -1.17
CA ALA A 40 2.57 9.58 -0.50
C ALA A 40 1.27 9.68 0.30
N ALA A 41 0.48 8.61 0.34
CA ALA A 41 -0.77 8.61 1.08
C ALA A 41 -1.16 7.19 1.51
N LEU A 42 -1.86 7.10 2.64
CA LEU A 42 -2.27 5.81 3.17
C LEU A 42 -3.78 5.61 3.04
N HIS A 43 -4.19 4.35 3.05
CA HIS A 43 -5.61 4.00 3.03
C HIS A 43 -5.85 2.79 3.93
N ARG A 44 -6.89 2.85 4.74
CA ARG A 44 -7.24 1.75 5.63
C ARG A 44 -8.48 1.05 5.10
N ALA A 45 -8.49 -0.29 5.19
CA ALA A 45 -9.61 -1.09 4.71
C ALA A 45 -10.94 -0.59 5.24
N THR A 46 -11.64 0.15 4.39
CA THR A 46 -12.94 0.73 4.69
C THR A 46 -13.60 1.16 3.39
N ASN A 47 -14.88 0.86 3.24
CA ASN A 47 -15.58 1.15 2.00
C ASN A 47 -16.50 2.35 2.13
N ARG A 48 -16.32 3.31 1.25
CA ARG A 48 -17.18 4.48 1.19
C ARG A 48 -18.12 4.36 -0.01
N ARG A 49 -18.97 3.34 0.01
CA ARG A 49 -19.93 3.13 -1.06
C ARG A 49 -21.15 4.00 -0.84
N SER A 50 -21.21 5.14 -1.49
CA SER A 50 -22.32 6.06 -1.32
C SER A 50 -22.97 6.39 -2.67
N GLU A 51 -22.14 6.49 -3.68
CA GLU A 51 -22.58 6.84 -5.01
C GLU A 51 -22.80 5.60 -5.86
N GLN A 52 -23.86 5.61 -6.65
CA GLN A 52 -24.16 4.51 -7.55
C GLN A 52 -23.54 4.81 -8.92
N ARG A 53 -22.27 4.50 -9.04
CA ARG A 53 -21.52 4.77 -10.25
C ARG A 53 -20.92 3.48 -10.80
N THR A 54 -21.28 3.14 -12.03
CA THR A 54 -20.76 1.97 -12.68
C THR A 54 -19.60 2.34 -13.61
N ARG A 55 -18.64 1.45 -13.73
CA ARG A 55 -17.51 1.68 -14.62
C ARG A 55 -17.63 0.75 -15.83
N ARG A 56 -17.26 -0.51 -15.65
CA ARG A 56 -17.53 -1.53 -16.67
C ARG A 56 -18.06 -2.81 -16.00
N TYR A 57 -17.13 -3.63 -15.54
CA TYR A 57 -17.48 -4.89 -14.88
C TYR A 57 -17.13 -4.81 -13.40
N GLU A 58 -16.62 -3.66 -12.99
CA GLU A 58 -16.21 -3.43 -11.61
C GLU A 58 -17.41 -3.35 -10.69
N LEU A 59 -17.80 -4.48 -10.15
CA LEU A 59 -18.87 -4.56 -9.16
C LEU A 59 -18.37 -5.39 -7.98
N THR A 60 -17.08 -5.29 -7.72
CA THR A 60 -16.42 -6.09 -6.72
C THR A 60 -15.38 -5.25 -5.98
N ALA A 61 -15.00 -5.70 -4.78
CA ALA A 61 -13.98 -5.03 -3.96
C ALA A 61 -14.40 -3.62 -3.58
N ASP A 62 -15.19 -3.52 -2.50
CA ASP A 62 -15.67 -2.24 -2.00
C ASP A 62 -14.51 -1.34 -1.59
N ASP A 63 -13.51 -1.92 -0.94
CA ASP A 63 -12.37 -1.15 -0.45
C ASP A 63 -11.54 -0.59 -1.60
N TYR A 64 -11.45 -1.35 -2.69
CA TYR A 64 -10.71 -0.92 -3.87
C TYR A 64 -11.30 0.38 -4.41
N ARG A 65 -12.62 0.42 -4.51
CA ARG A 65 -13.32 1.61 -4.96
C ARG A 65 -13.06 2.78 -4.03
N ALA A 66 -13.02 2.51 -2.73
CA ALA A 66 -12.79 3.55 -1.75
C ALA A 66 -11.36 4.06 -1.83
N ALA A 67 -10.43 3.16 -2.09
CA ALA A 67 -9.03 3.52 -2.27
C ALA A 67 -8.86 4.36 -3.52
N ASP A 68 -9.51 3.94 -4.58
CA ASP A 68 -9.43 4.63 -5.87
C ASP A 68 -10.10 5.99 -5.81
N ALA A 69 -11.24 6.04 -5.12
CA ALA A 69 -11.98 7.29 -4.98
C ALA A 69 -11.14 8.34 -4.26
N ALA A 70 -10.62 7.98 -3.09
CA ALA A 70 -9.79 8.90 -2.31
C ALA A 70 -8.51 9.21 -3.07
N ALA A 71 -8.02 8.25 -3.82
CA ALA A 71 -6.82 8.44 -4.62
C ALA A 71 -7.04 9.52 -5.67
N GLN A 72 -8.10 9.39 -6.47
CA GLN A 72 -8.37 10.36 -7.51
C GLN A 72 -8.73 11.72 -6.92
N GLU A 73 -9.37 11.72 -5.76
CA GLU A 73 -9.65 12.95 -5.03
C GLU A 73 -8.35 13.68 -4.68
N GLN A 74 -7.35 12.91 -4.30
CA GLN A 74 -6.06 13.47 -3.94
C GLN A 74 -5.14 13.62 -5.14
N GLY A 75 -5.63 13.24 -6.32
CA GLY A 75 -4.83 13.34 -7.53
C GLY A 75 -3.74 12.27 -7.58
N LEU A 76 -4.01 11.13 -6.96
CA LEU A 76 -3.06 10.04 -6.88
C LEU A 76 -3.72 8.76 -7.39
N ASP A 77 -2.99 7.66 -7.33
CA ASP A 77 -3.55 6.35 -7.66
C ASP A 77 -2.97 5.29 -6.73
N VAL A 78 -3.47 4.06 -6.86
CA VAL A 78 -3.03 2.97 -6.00
C VAL A 78 -1.72 2.40 -6.50
N VAL A 79 -0.66 2.60 -5.74
CA VAL A 79 0.67 2.16 -6.15
C VAL A 79 1.13 0.93 -5.38
N GLY A 80 0.42 0.61 -4.30
CA GLY A 80 0.81 -0.51 -3.49
C GLY A 80 -0.27 -0.95 -2.53
N VAL A 81 0.03 -1.96 -1.74
CA VAL A 81 -0.89 -2.48 -0.74
C VAL A 81 -0.11 -2.81 0.52
N TYR A 82 -0.76 -2.85 1.67
CA TYR A 82 -0.09 -3.26 2.89
C TYR A 82 -0.99 -4.15 3.73
N HIS A 83 -0.41 -5.21 4.25
CA HIS A 83 -1.14 -6.19 5.06
C HIS A 83 -0.21 -6.71 6.14
N SER A 84 -0.69 -6.73 7.37
CA SER A 84 0.15 -7.11 8.50
C SER A 84 -0.18 -8.52 8.99
N HIS A 85 0.79 -9.15 9.60
CA HIS A 85 0.58 -10.45 10.22
C HIS A 85 0.77 -10.32 11.72
N PRO A 86 -0.04 -11.06 12.51
CA PRO A 86 0.08 -11.06 13.97
C PRO A 86 1.32 -11.82 14.43
N ASP A 87 2.46 -11.13 14.43
CA ASP A 87 3.74 -11.70 14.83
C ASP A 87 4.14 -12.88 13.94
N HIS A 88 4.85 -12.57 12.87
CA HIS A 88 5.35 -13.57 11.93
C HIS A 88 6.57 -13.00 11.20
N PRO A 89 7.37 -13.83 10.48
CA PRO A 89 8.66 -13.42 9.88
C PRO A 89 8.56 -12.30 8.84
N ALA A 90 7.36 -11.74 8.65
CA ALA A 90 7.12 -10.57 7.81
C ALA A 90 7.27 -10.88 6.32
N ARG A 91 7.69 -12.08 6.01
CA ARG A 91 7.76 -12.54 4.64
C ARG A 91 6.48 -13.27 4.28
N PRO A 92 6.03 -13.15 3.01
CA PRO A 92 4.78 -13.76 2.57
C PRO A 92 4.78 -15.29 2.68
N SER A 93 3.68 -15.82 3.18
CA SER A 93 3.50 -17.27 3.24
C SER A 93 2.90 -17.73 1.91
N ALA A 94 2.68 -19.04 1.78
CA ALA A 94 2.09 -19.58 0.56
C ALA A 94 0.74 -18.94 0.27
N THR A 95 -0.11 -18.89 1.29
CA THR A 95 -1.46 -18.35 1.14
C THR A 95 -1.43 -16.85 0.84
N ASP A 96 -0.45 -16.14 1.37
CA ASP A 96 -0.30 -14.71 1.08
C ASP A 96 -0.10 -14.50 -0.41
N LEU A 97 0.70 -15.37 -1.01
CA LEU A 97 0.96 -15.32 -2.44
C LEU A 97 -0.30 -15.73 -3.21
N GLU A 98 -1.01 -16.72 -2.68
CA GLU A 98 -2.20 -17.25 -3.33
C GLU A 98 -3.28 -16.18 -3.52
N GLU A 99 -3.46 -15.33 -2.52
CA GLU A 99 -4.48 -14.29 -2.62
C GLU A 99 -3.91 -13.00 -3.20
N ALA A 100 -2.59 -12.93 -3.32
CA ALA A 100 -1.94 -11.79 -3.95
C ALA A 100 -1.97 -11.95 -5.46
N THR A 101 -3.02 -11.41 -6.08
CA THR A 101 -3.21 -11.53 -7.52
C THR A 101 -3.24 -10.15 -8.17
N PHE A 102 -2.58 -9.19 -7.53
CA PHE A 102 -2.55 -7.82 -8.02
C PHE A 102 -1.14 -7.43 -8.48
N PRO A 103 -0.78 -7.73 -9.74
CA PRO A 103 0.54 -7.44 -10.27
C PRO A 103 0.78 -5.95 -10.49
N GLY A 104 2.00 -5.51 -10.22
CA GLY A 104 2.35 -4.11 -10.40
C GLY A 104 2.29 -3.34 -9.11
N PHE A 105 1.59 -3.89 -8.13
CA PHE A 105 1.47 -3.26 -6.83
C PHE A 105 2.56 -3.76 -5.89
N THR A 106 3.07 -2.88 -5.04
CA THR A 106 4.07 -3.26 -4.06
C THR A 106 3.39 -3.64 -2.74
N TYR A 107 3.69 -4.82 -2.24
CA TYR A 107 3.09 -5.30 -1.01
C TYR A 107 4.01 -5.03 0.18
N VAL A 108 3.55 -4.19 1.08
CA VAL A 108 4.29 -3.94 2.31
C VAL A 108 3.71 -4.77 3.44
N ILE A 109 4.53 -5.67 3.95
CA ILE A 109 4.13 -6.53 5.03
C ILE A 109 4.86 -6.16 6.30
N VAL A 110 4.10 -5.90 7.35
CA VAL A 110 4.68 -5.55 8.64
C VAL A 110 4.30 -6.60 9.68
N SER A 111 5.25 -6.93 10.52
CA SER A 111 5.01 -7.85 11.61
C SER A 111 4.67 -7.07 12.87
N VAL A 112 3.41 -7.09 13.26
CA VAL A 112 3.00 -6.37 14.46
C VAL A 112 2.66 -7.36 15.56
N ARG A 113 3.41 -7.29 16.64
CA ARG A 113 3.27 -8.23 17.75
C ARG A 113 2.34 -7.64 18.81
N ASP A 114 1.04 -7.89 18.63
CA ASP A 114 0.03 -7.52 19.63
C ASP A 114 -0.08 -6.00 19.80
N GLY A 115 0.55 -5.26 18.89
CA GLY A 115 0.55 -3.82 18.98
C GLY A 115 1.91 -3.23 18.68
N ALA A 116 2.94 -4.05 18.85
CA ALA A 116 4.31 -3.59 18.61
C ALA A 116 4.81 -4.05 17.24
N PRO A 117 4.90 -3.13 16.27
CA PRO A 117 5.43 -3.43 14.94
C PRO A 117 6.94 -3.57 14.96
N GLU A 118 7.42 -4.79 14.69
CA GLU A 118 8.85 -5.06 14.75
C GLU A 118 9.51 -4.78 13.40
N ALA A 119 9.18 -5.60 12.41
CA ALA A 119 9.84 -5.52 11.11
C ALA A 119 8.89 -5.01 10.04
N LEU A 120 9.36 -4.01 9.29
CA LEU A 120 8.67 -3.51 8.11
C LEU A 120 9.40 -4.00 6.86
N THR A 121 8.71 -4.73 6.02
CA THR A 121 9.32 -5.26 4.80
C THR A 121 8.43 -4.98 3.59
N ALA A 122 9.03 -4.53 2.51
CA ALA A 122 8.30 -4.28 1.29
C ALA A 122 8.70 -5.30 0.23
N TRP A 123 7.73 -5.74 -0.53
CA TRP A 123 7.93 -6.79 -1.50
C TRP A 123 7.30 -6.43 -2.84
N ALA A 124 8.01 -6.71 -3.90
CA ALA A 124 7.48 -6.50 -5.23
C ALA A 124 7.08 -7.83 -5.86
N LEU A 125 5.84 -7.91 -6.32
CA LEU A 125 5.36 -9.11 -6.97
C LEU A 125 5.74 -9.08 -8.43
N ALA A 126 6.52 -10.07 -8.84
CA ALA A 126 6.92 -10.18 -10.24
C ALA A 126 5.70 -10.42 -11.11
N PRO A 127 5.65 -9.87 -12.32
CA PRO A 127 4.55 -10.11 -13.28
C PRO A 127 4.40 -11.60 -13.59
N ASP A 128 5.52 -12.31 -13.42
CA ASP A 128 5.57 -13.75 -13.59
C ASP A 128 4.78 -14.45 -12.48
N ARG A 129 4.62 -13.73 -11.36
CA ARG A 129 3.85 -14.17 -10.20
C ARG A 129 4.25 -15.57 -9.70
N SER A 130 5.54 -15.88 -9.79
CA SER A 130 6.02 -17.13 -9.21
C SER A 130 6.62 -16.87 -7.83
N GLU A 131 6.83 -15.59 -7.49
CA GLU A 131 7.43 -15.22 -6.22
C GLU A 131 7.37 -13.72 -6.01
N PHE A 132 7.77 -13.32 -4.81
CA PHE A 132 7.92 -11.92 -4.47
C PHE A 132 9.40 -11.60 -4.40
N HIS A 133 9.75 -10.35 -4.59
CA HIS A 133 11.15 -9.95 -4.49
C HIS A 133 11.32 -8.88 -3.45
N ARG A 134 12.41 -8.99 -2.70
CA ARG A 134 12.70 -8.08 -1.62
C ARG A 134 12.88 -6.65 -2.13
N GLU A 135 12.29 -5.72 -1.40
CA GLU A 135 12.39 -4.31 -1.69
C GLU A 135 12.75 -3.59 -0.40
N ASP A 136 13.33 -2.41 -0.52
CA ASP A 136 13.69 -1.63 0.64
C ASP A 136 13.10 -0.24 0.54
N ILE A 137 13.06 0.46 1.66
CA ILE A 137 12.53 1.81 1.68
C ILE A 137 13.62 2.78 1.28
N VAL A 138 13.42 3.43 0.15
CA VAL A 138 14.44 4.31 -0.39
C VAL A 138 13.95 5.74 -0.56
N ARG A 139 14.77 6.66 -0.12
CA ARG A 139 14.58 8.07 -0.38
C ARG A 139 15.36 8.43 -1.64
N PRO A 140 14.65 8.61 -2.76
CA PRO A 140 15.25 8.65 -4.10
C PRO A 140 16.08 9.90 -4.38
N ASP A 141 17.04 9.75 -5.30
CA ASP A 141 17.78 10.88 -5.83
C ASP A 141 17.08 11.37 -7.09
N PRO A 142 16.49 12.56 -7.04
CA PRO A 142 15.69 13.10 -8.13
C PRO A 142 16.48 13.32 -9.40
N GLU A 143 15.90 12.86 -10.49
CA GLU A 143 16.40 13.04 -11.84
C GLU A 143 17.82 12.55 -12.03
N ALA A 144 18.12 11.41 -11.43
CA ALA A 144 19.34 10.68 -11.72
C ALA A 144 19.09 9.75 -12.91
N PRO A 145 19.56 10.14 -14.11
CA PRO A 145 19.24 9.45 -15.35
C PRO A 145 19.88 8.07 -15.45
N LEU A 146 19.10 7.11 -15.95
CA LEU A 146 19.60 5.78 -16.20
C LEU A 146 19.77 5.60 -17.71
N GLU A 147 18.71 5.88 -18.44
CA GLU A 147 18.73 5.77 -19.88
C GLU A 147 18.49 7.13 -20.52
N HIS A 148 19.54 7.94 -20.59
CA HIS A 148 19.48 9.24 -21.22
C HIS A 148 20.00 9.12 -22.65
N HIS A 149 20.59 7.97 -22.93
CA HIS A 149 21.14 7.68 -24.24
C HIS A 149 20.43 6.44 -24.79
N HIS A 150 20.03 6.50 -26.06
CA HIS A 150 19.34 5.39 -26.71
C HIS A 150 17.93 5.25 -26.15
N HIS A 151 17.02 6.09 -26.65
CA HIS A 151 15.66 6.19 -26.12
C HIS A 151 14.66 5.40 -26.96
N HIS A 152 13.46 5.26 -26.42
CA HIS A 152 12.31 4.78 -27.17
C HIS A 152 11.47 5.97 -27.57
N HIS A 153 10.67 5.82 -28.61
CA HIS A 153 9.83 6.90 -29.08
C HIS A 153 8.38 6.48 -29.12
N MET A 1 10.38 1.10 -4.25
CA MET A 1 9.41 1.97 -3.55
C MET A 1 10.09 3.21 -2.98
N LYS A 2 9.61 4.38 -3.38
CA LYS A 2 10.12 5.65 -2.84
C LYS A 2 9.08 6.31 -1.96
N THR A 3 9.48 6.60 -0.73
CA THR A 3 8.63 7.31 0.22
C THR A 3 9.50 7.94 1.31
N THR A 4 8.90 8.73 2.18
CA THR A 4 9.65 9.40 3.23
C THR A 4 9.59 8.63 4.55
N PRO A 5 10.62 8.80 5.40
CA PRO A 5 10.66 8.19 6.74
C PRO A 5 9.47 8.61 7.59
N ASP A 6 8.93 9.78 7.29
CA ASP A 6 7.74 10.29 7.95
C ASP A 6 6.58 9.32 7.76
N ILE A 7 6.35 8.93 6.51
CA ILE A 7 5.32 7.96 6.18
C ILE A 7 5.61 6.63 6.86
N LEU A 8 6.87 6.21 6.84
CA LEU A 8 7.30 4.95 7.45
C LEU A 8 6.92 4.89 8.92
N ASP A 9 7.09 6.01 9.62
CA ASP A 9 6.76 6.06 11.04
C ASP A 9 5.25 5.93 11.22
N GLN A 10 4.51 6.63 10.37
CA GLN A 10 3.05 6.62 10.40
C GLN A 10 2.50 5.23 10.07
N ILE A 11 3.22 4.47 9.24
CA ILE A 11 2.81 3.11 8.92
C ILE A 11 2.79 2.25 10.18
N ARG A 12 3.79 2.43 11.03
CA ARG A 12 3.83 1.70 12.30
C ARG A 12 2.68 2.12 13.20
N VAL A 13 2.38 3.42 13.19
CA VAL A 13 1.30 3.97 13.99
C VAL A 13 -0.02 3.28 13.64
N HIS A 14 -0.21 2.98 12.35
CA HIS A 14 -1.40 2.27 11.90
C HIS A 14 -1.56 0.93 12.63
N GLY A 15 -0.44 0.31 12.99
CA GLY A 15 -0.50 -0.98 13.66
C GLY A 15 -1.24 -0.90 14.98
N ALA A 16 -0.87 0.07 15.81
CA ALA A 16 -1.52 0.28 17.09
C ALA A 16 -2.89 0.94 16.91
N ASP A 17 -2.93 1.94 16.03
CA ASP A 17 -4.12 2.78 15.84
C ASP A 17 -5.29 1.98 15.29
N ALA A 18 -4.98 1.06 14.39
CA ALA A 18 -6.01 0.30 13.70
C ALA A 18 -6.51 -0.88 14.51
N TYR A 19 -5.62 -1.48 15.29
CA TYR A 19 -5.94 -2.69 16.05
C TYR A 19 -7.20 -2.48 16.88
N PRO A 20 -8.07 -3.49 16.93
CA PRO A 20 -7.84 -4.80 16.31
C PRO A 20 -8.36 -4.91 14.87
N GLU A 21 -9.01 -3.86 14.38
CA GLU A 21 -9.65 -3.91 13.06
C GLU A 21 -8.66 -3.72 11.92
N GLU A 22 -9.18 -3.84 10.69
CA GLU A 22 -8.40 -3.80 9.45
C GLU A 22 -7.16 -4.70 9.52
N GLY A 23 -6.13 -4.38 8.75
CA GLY A 23 -4.95 -5.21 8.69
C GLY A 23 -4.36 -5.21 7.30
N CYS A 24 -5.25 -5.23 6.32
CA CYS A 24 -4.86 -5.10 4.93
C CYS A 24 -5.33 -3.77 4.39
N GLY A 25 -4.83 -3.38 3.23
CA GLY A 25 -5.24 -2.13 2.64
C GLY A 25 -4.40 -1.77 1.43
N PHE A 26 -4.73 -0.65 0.80
CA PHE A 26 -4.07 -0.26 -0.45
C PHE A 26 -3.16 0.94 -0.23
N LEU A 27 -2.10 1.01 -1.02
CA LEU A 27 -1.17 2.12 -0.98
C LEU A 27 -1.50 3.10 -2.11
N LEU A 28 -1.72 4.35 -1.76
CA LEU A 28 -2.10 5.35 -2.74
C LEU A 28 -0.92 6.26 -3.06
N GLY A 29 -0.69 6.48 -4.34
CA GLY A 29 0.40 7.33 -4.76
C GLY A 29 0.48 7.46 -6.25
N THR A 30 1.68 7.71 -6.75
CA THR A 30 1.91 7.84 -8.17
C THR A 30 3.17 7.09 -8.57
N VAL A 31 3.32 6.77 -9.84
CA VAL A 31 4.56 6.18 -10.32
C VAL A 31 5.50 7.31 -10.72
N THR A 32 6.50 7.53 -9.89
CA THR A 32 7.37 8.68 -10.06
C THR A 32 8.37 8.46 -11.18
N ASP A 33 8.30 9.37 -12.15
CA ASP A 33 9.20 9.39 -13.31
C ASP A 33 9.03 8.16 -14.19
N ASP A 34 8.12 7.27 -13.77
CA ASP A 34 7.90 5.98 -14.42
C ASP A 34 9.06 5.03 -14.10
N GLY A 35 9.77 5.38 -13.02
CA GLY A 35 10.92 4.59 -12.62
C GLY A 35 10.64 3.71 -11.40
N ASP A 36 9.68 4.12 -10.58
CA ASP A 36 9.33 3.38 -9.37
C ASP A 36 8.05 3.94 -8.78
N ASN A 37 7.51 3.25 -7.78
CA ASN A 37 6.25 3.65 -7.16
C ASN A 37 6.50 4.62 -6.01
N ARG A 38 5.76 5.71 -6.03
CA ARG A 38 5.83 6.72 -4.99
C ARG A 38 4.57 6.67 -4.13
N VAL A 39 4.71 6.15 -2.92
CA VAL A 39 3.58 6.02 -2.01
C VAL A 39 3.51 7.23 -1.08
N ALA A 40 2.44 7.99 -1.19
CA ALA A 40 2.30 9.21 -0.40
C ALA A 40 1.10 9.12 0.55
N ALA A 41 0.17 8.23 0.26
CA ALA A 41 -1.03 8.12 1.06
C ALA A 41 -1.31 6.66 1.40
N LEU A 42 -1.78 6.42 2.61
CA LEU A 42 -2.13 5.09 3.06
C LEU A 42 -3.63 4.95 3.15
N HIS A 43 -4.17 3.85 2.64
CA HIS A 43 -5.59 3.61 2.74
C HIS A 43 -5.84 2.32 3.52
N ARG A 44 -6.58 2.46 4.61
CA ARG A 44 -6.95 1.33 5.45
C ARG A 44 -8.18 0.67 4.83
N ALA A 45 -8.17 -0.66 4.74
CA ALA A 45 -9.32 -1.38 4.20
C ALA A 45 -10.56 -1.12 5.02
N THR A 46 -11.40 -0.23 4.53
CA THR A 46 -12.61 0.16 5.24
C THR A 46 -13.72 0.46 4.25
N ASN A 47 -14.65 -0.46 4.17
CA ASN A 47 -15.72 -0.39 3.19
C ASN A 47 -16.87 0.45 3.73
N ARG A 48 -17.42 1.31 2.88
CA ARG A 48 -18.62 2.05 3.23
C ARG A 48 -19.66 1.90 2.13
N ARG A 49 -20.72 1.18 2.43
CA ARG A 49 -21.76 0.94 1.45
C ARG A 49 -22.64 2.16 1.26
N SER A 50 -22.54 2.73 0.07
CA SER A 50 -23.43 3.79 -0.33
C SER A 50 -24.32 3.28 -1.45
N GLU A 51 -25.42 2.63 -1.06
CA GLU A 51 -26.33 2.01 -2.02
C GLU A 51 -26.69 2.94 -3.17
N GLN A 52 -26.11 2.66 -4.32
CA GLN A 52 -26.40 3.41 -5.53
C GLN A 52 -27.74 2.99 -6.12
N ARG A 53 -28.47 3.96 -6.64
CA ARG A 53 -29.77 3.71 -7.25
C ARG A 53 -29.60 3.06 -8.62
N THR A 54 -28.46 3.34 -9.25
CA THR A 54 -28.13 2.79 -10.54
C THR A 54 -27.49 1.43 -10.40
N ARG A 55 -27.75 0.55 -11.37
CA ARG A 55 -27.23 -0.82 -11.38
C ARG A 55 -27.84 -1.66 -10.26
N ARG A 56 -27.30 -2.86 -10.08
CA ARG A 56 -27.77 -3.75 -9.02
C ARG A 56 -26.59 -4.54 -8.48
N TYR A 57 -26.64 -4.87 -7.19
CA TYR A 57 -25.56 -5.57 -6.48
C TYR A 57 -24.37 -4.64 -6.23
N GLU A 58 -24.00 -3.84 -7.23
CA GLU A 58 -22.92 -2.89 -7.07
C GLU A 58 -23.35 -1.66 -6.28
N LEU A 59 -23.43 -1.83 -4.97
CA LEU A 59 -23.61 -0.71 -4.06
C LEU A 59 -22.24 -0.06 -3.88
N THR A 60 -21.24 -0.91 -3.93
CA THR A 60 -19.85 -0.51 -3.95
C THR A 60 -19.02 -1.72 -4.36
N ALA A 61 -17.78 -1.50 -4.75
CA ALA A 61 -16.94 -2.59 -5.22
C ALA A 61 -15.74 -2.76 -4.32
N ASP A 62 -15.86 -3.70 -3.36
CA ASP A 62 -14.78 -3.99 -2.42
C ASP A 62 -14.37 -2.72 -1.67
N ASP A 63 -13.19 -2.76 -1.07
CA ASP A 63 -12.58 -1.56 -0.49
C ASP A 63 -11.94 -0.74 -1.61
N TYR A 64 -11.92 -1.33 -2.80
CA TYR A 64 -11.35 -0.69 -3.98
C TYR A 64 -11.97 0.67 -4.22
N ARG A 65 -13.30 0.74 -4.24
CA ARG A 65 -13.98 2.00 -4.55
C ARG A 65 -13.64 3.09 -3.54
N ALA A 66 -13.47 2.71 -2.28
CA ALA A 66 -13.13 3.68 -1.25
C ALA A 66 -11.72 4.20 -1.46
N ALA A 67 -10.80 3.30 -1.82
CA ALA A 67 -9.45 3.69 -2.15
C ALA A 67 -9.44 4.50 -3.44
N ASP A 68 -10.26 4.06 -4.38
CA ASP A 68 -10.40 4.69 -5.69
C ASP A 68 -10.88 6.13 -5.57
N ALA A 69 -11.89 6.34 -4.73
CA ALA A 69 -12.43 7.67 -4.51
C ALA A 69 -11.37 8.60 -3.90
N ALA A 70 -10.75 8.14 -2.82
CA ALA A 70 -9.75 8.94 -2.12
C ALA A 70 -8.52 9.16 -2.98
N ALA A 71 -8.18 8.18 -3.81
CA ALA A 71 -7.06 8.29 -4.73
C ALA A 71 -7.31 9.43 -5.71
N GLN A 72 -8.47 9.41 -6.35
CA GLN A 72 -8.83 10.45 -7.29
C GLN A 72 -8.85 11.82 -6.62
N GLU A 73 -9.43 11.88 -5.43
CA GLU A 73 -9.48 13.11 -4.66
C GLU A 73 -8.09 13.68 -4.38
N GLN A 74 -7.17 12.80 -4.02
CA GLN A 74 -5.81 13.21 -3.70
C GLN A 74 -4.94 13.35 -4.94
N GLY A 75 -5.48 13.00 -6.10
CA GLY A 75 -4.71 13.07 -7.33
C GLY A 75 -3.69 11.95 -7.41
N LEU A 76 -4.04 10.81 -6.84
CA LEU A 76 -3.16 9.65 -6.80
C LEU A 76 -3.89 8.43 -7.37
N ASP A 77 -3.21 7.30 -7.40
CA ASP A 77 -3.82 6.04 -7.81
C ASP A 77 -3.24 4.90 -6.98
N VAL A 78 -3.75 3.69 -7.20
CA VAL A 78 -3.32 2.54 -6.41
C VAL A 78 -2.00 2.00 -6.94
N VAL A 79 -0.94 2.17 -6.17
CA VAL A 79 0.39 1.75 -6.59
C VAL A 79 0.91 0.57 -5.77
N GLY A 80 0.12 0.13 -4.80
CA GLY A 80 0.55 -0.98 -3.99
C GLY A 80 -0.50 -1.45 -3.01
N VAL A 81 -0.15 -2.46 -2.23
CA VAL A 81 -1.03 -3.04 -1.23
C VAL A 81 -0.18 -3.33 0.01
N TYR A 82 -0.80 -3.34 1.17
CA TYR A 82 -0.07 -3.66 2.39
C TYR A 82 -0.76 -4.77 3.17
N HIS A 83 0.03 -5.51 3.92
CA HIS A 83 -0.48 -6.57 4.77
C HIS A 83 0.16 -6.47 6.15
N SER A 84 -0.65 -6.43 7.18
CA SER A 84 -0.15 -6.40 8.54
C SER A 84 -0.38 -7.77 9.18
N HIS A 85 0.68 -8.35 9.71
CA HIS A 85 0.57 -9.67 10.31
C HIS A 85 0.51 -9.56 11.81
N PRO A 86 -0.30 -10.40 12.46
CA PRO A 86 -0.32 -10.52 13.91
C PRO A 86 0.81 -11.41 14.39
N ASP A 87 1.91 -10.79 14.82
CA ASP A 87 3.11 -11.50 15.24
C ASP A 87 3.77 -12.11 13.99
N HIS A 88 4.77 -12.95 14.21
CA HIS A 88 5.49 -13.65 13.13
C HIS A 88 6.31 -12.69 12.27
N PRO A 89 7.31 -13.22 11.52
CA PRO A 89 8.19 -12.41 10.67
C PRO A 89 7.44 -11.58 9.63
N ALA A 90 8.06 -10.49 9.20
CA ALA A 90 7.46 -9.56 8.25
C ALA A 90 7.64 -10.02 6.81
N ARG A 91 7.55 -11.32 6.59
CA ARG A 91 7.66 -11.88 5.26
C ARG A 91 6.33 -12.49 4.84
N PRO A 92 6.05 -12.52 3.53
CA PRO A 92 4.77 -13.04 3.00
C PRO A 92 4.56 -14.52 3.33
N SER A 93 3.38 -14.84 3.81
CA SER A 93 3.01 -16.21 4.10
C SER A 93 2.26 -16.79 2.91
N ALA A 94 1.69 -17.98 3.08
CA ALA A 94 0.97 -18.65 2.00
C ALA A 94 -0.14 -17.76 1.44
N THR A 95 -0.93 -17.16 2.34
CA THR A 95 -2.05 -16.33 1.95
C THR A 95 -1.58 -15.04 1.26
N ASP A 96 -0.50 -14.45 1.77
CA ASP A 96 0.03 -13.22 1.18
C ASP A 96 0.47 -13.48 -0.26
N LEU A 97 1.11 -14.63 -0.46
CA LEU A 97 1.57 -15.04 -1.78
C LEU A 97 0.39 -15.36 -2.68
N GLU A 98 -0.57 -16.08 -2.12
CA GLU A 98 -1.75 -16.53 -2.87
C GLU A 98 -2.66 -15.39 -3.28
N GLU A 99 -2.75 -14.36 -2.45
CA GLU A 99 -3.60 -13.21 -2.77
C GLU A 99 -2.79 -12.10 -3.43
N ALA A 100 -1.54 -12.40 -3.77
CA ALA A 100 -0.69 -11.45 -4.47
C ALA A 100 -0.95 -11.54 -5.98
N THR A 101 -2.18 -11.25 -6.36
CA THR A 101 -2.61 -11.39 -7.75
C THR A 101 -2.50 -10.06 -8.49
N PHE A 102 -1.89 -9.10 -7.81
CA PHE A 102 -1.70 -7.76 -8.37
C PHE A 102 -0.25 -7.55 -8.79
N PRO A 103 0.10 -7.92 -10.04
CA PRO A 103 1.46 -7.78 -10.55
C PRO A 103 1.79 -6.33 -10.92
N GLY A 104 2.85 -5.79 -10.33
CA GLY A 104 3.23 -4.41 -10.61
C GLY A 104 2.97 -3.52 -9.41
N PHE A 105 2.31 -4.07 -8.41
CA PHE A 105 2.02 -3.33 -7.19
C PHE A 105 3.10 -3.57 -6.14
N THR A 106 3.31 -2.59 -5.28
CA THR A 106 4.29 -2.71 -4.22
C THR A 106 3.63 -3.24 -2.94
N TYR A 107 4.18 -4.31 -2.39
CA TYR A 107 3.61 -4.94 -1.20
C TYR A 107 4.41 -4.58 0.04
N VAL A 108 3.79 -3.86 0.96
CA VAL A 108 4.41 -3.55 2.24
C VAL A 108 3.86 -4.47 3.32
N ILE A 109 4.76 -5.16 4.02
CA ILE A 109 4.35 -6.06 5.09
C ILE A 109 4.96 -5.63 6.40
N VAL A 110 4.13 -5.52 7.43
CA VAL A 110 4.59 -5.12 8.76
C VAL A 110 4.07 -6.07 9.83
N SER A 111 4.97 -6.49 10.68
CA SER A 111 4.64 -7.37 11.79
C SER A 111 4.13 -6.56 12.97
N VAL A 112 2.86 -6.71 13.29
CA VAL A 112 2.28 -6.06 14.44
C VAL A 112 1.92 -7.11 15.49
N ARG A 113 2.57 -7.05 16.63
CA ARG A 113 2.36 -8.04 17.66
C ARG A 113 1.47 -7.47 18.76
N ASP A 114 0.16 -7.59 18.54
CA ASP A 114 -0.84 -7.07 19.48
C ASP A 114 -0.60 -5.59 19.77
N GLY A 115 -0.70 -4.78 18.72
CA GLY A 115 -0.53 -3.35 18.88
C GLY A 115 0.89 -2.89 18.62
N ALA A 116 1.86 -3.71 19.00
CA ALA A 116 3.26 -3.35 18.87
C ALA A 116 3.81 -3.71 17.49
N PRO A 117 4.12 -2.70 16.67
CA PRO A 117 4.67 -2.90 15.33
C PRO A 117 6.18 -3.08 15.37
N GLU A 118 6.62 -4.29 15.06
CA GLU A 118 8.04 -4.63 15.13
C GLU A 118 8.78 -4.07 13.92
N ALA A 119 8.62 -4.73 12.78
CA ALA A 119 9.35 -4.34 11.60
C ALA A 119 8.46 -4.41 10.37
N LEU A 120 8.64 -3.44 9.48
CA LEU A 120 7.99 -3.46 8.18
C LEU A 120 9.02 -3.48 7.08
N THR A 121 8.65 -4.03 5.94
CA THR A 121 9.53 -4.06 4.79
C THR A 121 8.69 -4.03 3.51
N ALA A 122 9.31 -3.68 2.40
CA ALA A 122 8.61 -3.64 1.12
C ALA A 122 9.09 -4.77 0.25
N TRP A 123 8.16 -5.40 -0.44
CA TRP A 123 8.46 -6.55 -1.25
C TRP A 123 8.03 -6.33 -2.68
N ALA A 124 8.87 -6.81 -3.60
CA ALA A 124 8.57 -6.72 -5.01
C ALA A 124 8.15 -8.09 -5.52
N LEU A 125 7.01 -8.13 -6.19
CA LEU A 125 6.48 -9.37 -6.70
C LEU A 125 7.16 -9.76 -8.00
N ALA A 126 7.53 -11.03 -8.13
CA ALA A 126 8.09 -11.54 -9.37
C ALA A 126 7.06 -11.40 -10.48
N PRO A 127 7.52 -11.20 -11.73
CA PRO A 127 6.67 -10.96 -12.91
C PRO A 127 5.36 -11.75 -12.91
N ASP A 128 5.46 -13.07 -12.84
CA ASP A 128 4.27 -13.93 -12.90
C ASP A 128 3.88 -14.43 -11.51
N ARG A 129 4.17 -13.63 -10.49
CA ARG A 129 3.80 -13.95 -9.09
C ARG A 129 4.57 -15.17 -8.59
N SER A 130 5.66 -15.50 -9.26
CA SER A 130 6.41 -16.71 -8.96
C SER A 130 7.05 -16.68 -7.57
N GLU A 131 7.39 -15.48 -7.09
CA GLU A 131 8.02 -15.32 -5.79
C GLU A 131 8.06 -13.84 -5.39
N PHE A 132 8.62 -13.57 -4.22
CA PHE A 132 8.81 -12.21 -3.75
C PHE A 132 10.29 -11.88 -3.61
N HIS A 133 10.62 -10.61 -3.73
CA HIS A 133 11.97 -10.14 -3.47
C HIS A 133 11.90 -8.99 -2.47
N ARG A 134 12.91 -8.85 -1.62
CA ARG A 134 12.88 -7.86 -0.56
C ARG A 134 13.61 -6.59 -0.98
N GLU A 135 13.11 -5.46 -0.49
CA GLU A 135 13.69 -4.16 -0.78
C GLU A 135 13.66 -3.29 0.46
N ASP A 136 14.59 -2.35 0.54
CA ASP A 136 14.59 -1.35 1.61
C ASP A 136 13.94 -0.08 1.10
N ILE A 137 13.38 0.69 2.01
CA ILE A 137 12.62 1.86 1.63
C ILE A 137 13.55 3.04 1.38
N VAL A 138 13.48 3.58 0.17
CA VAL A 138 14.27 4.73 -0.21
C VAL A 138 13.40 5.97 -0.37
N ARG A 139 14.00 7.13 -0.19
CA ARG A 139 13.29 8.40 -0.32
C ARG A 139 13.13 8.74 -1.80
N PRO A 140 12.14 9.59 -2.13
CA PRO A 140 11.99 10.08 -3.50
C PRO A 140 13.08 11.08 -3.87
N ASP A 141 14.09 10.60 -4.56
CA ASP A 141 15.21 11.44 -4.97
C ASP A 141 15.02 11.92 -6.40
N PRO A 142 14.71 13.21 -6.59
CA PRO A 142 14.53 13.80 -7.92
C PRO A 142 15.86 14.21 -8.53
N GLU A 143 16.88 13.47 -8.17
CA GLU A 143 18.24 13.78 -8.59
C GLU A 143 18.83 12.66 -9.42
N ALA A 144 18.02 11.63 -9.64
CA ALA A 144 18.43 10.48 -10.42
C ALA A 144 18.37 10.80 -11.91
N PRO A 145 19.45 10.47 -12.65
CA PRO A 145 19.50 10.65 -14.10
C PRO A 145 18.51 9.75 -14.83
N LEU A 146 18.23 10.10 -16.09
CA LEU A 146 17.27 9.36 -16.91
C LEU A 146 17.63 7.87 -17.00
N GLU A 147 16.61 7.04 -17.02
CA GLU A 147 16.79 5.60 -17.09
C GLU A 147 17.10 5.18 -18.53
N HIS A 148 17.82 4.07 -18.69
CA HIS A 148 18.19 3.57 -20.00
C HIS A 148 18.63 2.10 -19.94
N HIS A 149 18.12 1.36 -18.97
CA HIS A 149 18.47 -0.05 -18.85
C HIS A 149 17.68 -0.87 -19.87
N HIS A 150 18.23 -1.00 -21.07
CA HIS A 150 17.60 -1.80 -22.11
C HIS A 150 18.02 -3.25 -21.99
N HIS A 151 19.33 -3.47 -22.01
CA HIS A 151 19.91 -4.82 -21.97
C HIS A 151 19.38 -5.67 -23.11
N HIS A 152 19.97 -5.51 -24.28
CA HIS A 152 19.58 -6.30 -25.45
C HIS A 152 20.63 -7.38 -25.68
N HIS A 153 21.82 -7.15 -25.15
CA HIS A 153 22.89 -8.12 -25.23
C HIS A 153 23.75 -8.01 -23.97
N MET A 1 9.85 2.45 -5.64
CA MET A 1 8.95 2.95 -4.57
C MET A 1 9.65 4.03 -3.74
N LYS A 2 9.12 5.24 -3.80
CA LYS A 2 9.64 6.34 -3.00
C LYS A 2 8.59 6.78 -2.00
N THR A 3 9.00 6.98 -0.74
CA THR A 3 8.07 7.42 0.28
C THR A 3 8.83 8.09 1.43
N THR A 4 8.22 9.10 2.03
CA THR A 4 8.84 9.90 3.08
C THR A 4 8.90 9.15 4.41
N PRO A 5 9.92 9.45 5.23
CA PRO A 5 10.11 8.79 6.53
C PRO A 5 8.96 9.03 7.49
N ASP A 6 8.31 10.19 7.35
CA ASP A 6 7.17 10.52 8.18
C ASP A 6 5.99 9.61 7.85
N ILE A 7 5.88 9.20 6.58
CA ILE A 7 4.86 8.24 6.19
C ILE A 7 5.17 6.88 6.81
N LEU A 8 6.43 6.49 6.73
CA LEU A 8 6.88 5.22 7.33
C LEU A 8 6.59 5.20 8.83
N ASP A 9 6.78 6.35 9.47
CA ASP A 9 6.48 6.49 10.90
C ASP A 9 4.99 6.31 11.15
N GLN A 10 4.19 6.96 10.33
CA GLN A 10 2.74 6.82 10.41
C GLN A 10 2.31 5.37 10.16
N ILE A 11 3.07 4.66 9.34
CA ILE A 11 2.80 3.24 9.08
C ILE A 11 3.05 2.39 10.33
N ARG A 12 4.21 2.58 10.96
CA ARG A 12 4.56 1.78 12.13
C ARG A 12 3.60 2.06 13.29
N VAL A 13 3.17 3.32 13.42
CA VAL A 13 2.20 3.68 14.43
C VAL A 13 0.84 3.08 14.08
N HIS A 14 0.51 3.09 12.79
CA HIS A 14 -0.73 2.53 12.30
C HIS A 14 -0.85 1.04 12.65
N GLY A 15 0.29 0.36 12.75
CA GLY A 15 0.28 -1.04 13.12
C GLY A 15 -0.35 -1.26 14.48
N ALA A 16 0.07 -0.48 15.45
CA ALA A 16 -0.49 -0.55 16.79
C ALA A 16 -1.88 0.08 16.84
N ASP A 17 -2.05 1.16 16.08
CA ASP A 17 -3.28 1.95 16.09
C ASP A 17 -4.46 1.18 15.52
N ALA A 18 -4.19 0.42 14.48
CA ALA A 18 -5.24 -0.32 13.79
C ALA A 18 -5.66 -1.56 14.58
N TYR A 19 -4.69 -2.22 15.18
CA TYR A 19 -4.95 -3.47 15.88
C TYR A 19 -5.73 -3.24 17.16
N PRO A 20 -6.41 -4.28 17.69
CA PRO A 20 -6.35 -5.66 17.14
C PRO A 20 -7.12 -5.84 15.83
N GLU A 21 -7.80 -4.80 15.37
CA GLU A 21 -8.57 -4.86 14.13
C GLU A 21 -7.64 -5.00 12.93
N GLU A 22 -8.19 -5.53 11.84
CA GLU A 22 -7.45 -5.71 10.61
C GLU A 22 -7.19 -4.34 9.96
N GLY A 23 -6.00 -3.80 10.18
CA GLY A 23 -5.68 -2.47 9.70
C GLY A 23 -5.27 -2.46 8.24
N CYS A 24 -6.10 -3.03 7.39
CA CYS A 24 -5.84 -3.10 5.96
C CYS A 24 -5.92 -1.72 5.32
N GLY A 25 -5.21 -1.56 4.21
CA GLY A 25 -5.20 -0.31 3.49
C GLY A 25 -4.39 -0.41 2.21
N PHE A 26 -4.40 0.66 1.43
CA PHE A 26 -3.66 0.67 0.17
C PHE A 26 -2.69 1.84 0.13
N LEU A 27 -1.71 1.75 -0.75
CA LEU A 27 -0.72 2.80 -0.91
C LEU A 27 -1.15 3.74 -2.01
N LEU A 28 -1.49 4.97 -1.65
CA LEU A 28 -1.96 5.93 -2.61
C LEU A 28 -0.87 6.96 -2.92
N GLY A 29 -0.66 7.21 -4.19
CA GLY A 29 0.36 8.16 -4.60
C GLY A 29 0.31 8.41 -6.09
N THR A 30 1.46 8.64 -6.68
CA THR A 30 1.54 8.90 -8.11
C THR A 30 2.59 8.01 -8.76
N VAL A 31 2.47 7.82 -10.06
CA VAL A 31 3.47 7.08 -10.81
C VAL A 31 4.56 8.04 -11.25
N THR A 32 5.68 7.93 -10.58
CA THR A 32 6.78 8.84 -10.77
C THR A 32 7.82 8.23 -11.69
N ASP A 33 8.56 9.10 -12.39
CA ASP A 33 9.61 8.66 -13.31
C ASP A 33 9.00 7.95 -14.51
N ASP A 34 7.68 7.86 -14.49
CA ASP A 34 6.90 7.05 -15.43
C ASP A 34 7.45 5.64 -15.47
N GLY A 35 7.38 5.00 -14.33
CA GLY A 35 7.88 3.65 -14.20
C GLY A 35 7.92 3.20 -12.75
N ASP A 36 8.17 4.15 -11.85
CA ASP A 36 8.22 3.86 -10.43
C ASP A 36 6.97 4.41 -9.75
N ASN A 37 6.86 4.19 -8.45
CA ASN A 37 5.65 4.53 -7.72
C ASN A 37 5.99 5.19 -6.38
N ARG A 38 5.41 6.34 -6.11
CA ARG A 38 5.64 7.01 -4.84
C ARG A 38 4.35 7.09 -4.04
N VAL A 39 4.49 6.99 -2.74
CA VAL A 39 3.36 6.99 -1.84
C VAL A 39 3.21 8.35 -1.18
N ALA A 40 2.09 9.01 -1.43
CA ALA A 40 1.85 10.34 -0.93
C ALA A 40 0.83 10.34 0.20
N ALA A 41 -0.04 9.34 0.22
CA ALA A 41 -1.10 9.27 1.22
C ALA A 41 -1.50 7.84 1.50
N LEU A 42 -2.01 7.62 2.70
CA LEU A 42 -2.53 6.31 3.09
C LEU A 42 -4.02 6.42 3.37
N HIS A 43 -4.75 5.34 3.14
CA HIS A 43 -6.18 5.34 3.42
C HIS A 43 -6.60 3.96 3.91
N ARG A 44 -7.40 3.94 4.97
CA ARG A 44 -7.90 2.71 5.54
C ARG A 44 -8.97 2.08 4.66
N ALA A 45 -8.86 0.78 4.48
CA ALA A 45 -9.88 0.02 3.80
C ALA A 45 -10.77 -0.64 4.84
N THR A 46 -11.58 -1.60 4.41
CA THR A 46 -12.41 -2.35 5.33
C THR A 46 -12.06 -3.82 5.22
N ASN A 47 -12.64 -4.64 6.07
CA ASN A 47 -12.51 -6.06 5.91
C ASN A 47 -13.43 -6.50 4.77
N ARG A 48 -12.87 -6.49 3.57
CA ARG A 48 -13.62 -6.72 2.34
C ARG A 48 -14.59 -7.90 2.42
N ARG A 49 -15.83 -7.61 2.09
CA ARG A 49 -16.88 -8.61 2.05
C ARG A 49 -17.44 -8.68 0.63
N SER A 50 -16.53 -8.77 -0.33
CA SER A 50 -16.83 -8.67 -1.74
C SER A 50 -17.67 -9.84 -2.26
N GLU A 51 -17.94 -10.83 -1.41
CA GLU A 51 -18.81 -11.95 -1.75
C GLU A 51 -18.16 -12.82 -2.83
N GLN A 52 -18.96 -13.69 -3.47
CA GLN A 52 -18.46 -14.55 -4.54
C GLN A 52 -18.10 -13.71 -5.76
N ARG A 53 -16.92 -13.95 -6.31
CA ARG A 53 -16.42 -13.16 -7.42
C ARG A 53 -17.04 -13.63 -8.74
N THR A 54 -18.12 -12.97 -9.13
CA THR A 54 -18.81 -13.30 -10.37
C THR A 54 -18.04 -12.76 -11.58
N ARG A 55 -17.87 -13.59 -12.59
CA ARG A 55 -17.11 -13.24 -13.78
C ARG A 55 -17.96 -12.51 -14.82
N ARG A 56 -19.19 -12.99 -15.02
CA ARG A 56 -20.01 -12.52 -16.13
C ARG A 56 -21.00 -11.43 -15.72
N TYR A 57 -21.18 -11.23 -14.42
CA TYR A 57 -22.17 -10.27 -13.96
C TYR A 57 -21.53 -9.20 -13.10
N GLU A 58 -21.80 -7.94 -13.45
CA GLU A 58 -21.25 -6.81 -12.73
C GLU A 58 -22.13 -6.46 -11.53
N LEU A 59 -21.50 -6.33 -10.37
CA LEU A 59 -22.19 -5.87 -9.16
C LEU A 59 -21.50 -4.61 -8.64
N THR A 60 -21.86 -4.20 -7.43
CA THR A 60 -21.21 -3.07 -6.79
C THR A 60 -19.86 -3.52 -6.20
N ALA A 61 -18.83 -2.70 -6.39
CA ALA A 61 -17.50 -3.03 -5.93
C ALA A 61 -17.29 -2.54 -4.51
N ASP A 62 -17.22 -3.49 -3.58
CA ASP A 62 -17.06 -3.18 -2.17
C ASP A 62 -15.57 -3.05 -1.80
N ASP A 63 -15.31 -2.23 -0.78
CA ASP A 63 -13.96 -2.02 -0.22
C ASP A 63 -13.03 -1.30 -1.19
N TYR A 64 -12.55 -2.02 -2.21
CA TYR A 64 -11.54 -1.49 -3.12
C TYR A 64 -11.93 -0.13 -3.68
N ARG A 65 -13.19 0.00 -4.12
CA ARG A 65 -13.68 1.23 -4.71
C ARG A 65 -13.44 2.45 -3.84
N ALA A 66 -13.51 2.27 -2.53
CA ALA A 66 -13.33 3.40 -1.61
C ALA A 66 -11.93 3.95 -1.68
N ALA A 67 -10.93 3.07 -1.62
CA ALA A 67 -9.55 3.50 -1.75
C ALA A 67 -9.26 3.95 -3.18
N ASP A 68 -9.90 3.27 -4.12
CA ASP A 68 -9.78 3.58 -5.54
C ASP A 68 -10.31 4.98 -5.84
N ALA A 69 -11.51 5.27 -5.34
CA ALA A 69 -12.15 6.55 -5.58
C ALA A 69 -11.41 7.68 -4.88
N ALA A 70 -11.15 7.49 -3.59
CA ALA A 70 -10.49 8.52 -2.78
C ALA A 70 -9.14 8.91 -3.37
N ALA A 71 -8.46 7.93 -3.96
CA ALA A 71 -7.20 8.20 -4.61
C ALA A 71 -7.39 9.16 -5.78
N GLN A 72 -8.32 8.83 -6.66
CA GLN A 72 -8.59 9.63 -7.85
C GLN A 72 -9.12 11.00 -7.47
N GLU A 73 -9.91 11.04 -6.40
CA GLU A 73 -10.44 12.28 -5.86
C GLU A 73 -9.31 13.21 -5.43
N GLN A 74 -8.29 12.61 -4.86
CA GLN A 74 -7.13 13.35 -4.37
C GLN A 74 -6.05 13.50 -5.45
N GLY A 75 -6.36 13.06 -6.67
CA GLY A 75 -5.41 13.20 -7.76
C GLY A 75 -4.31 12.16 -7.72
N LEU A 76 -4.55 11.12 -6.95
CA LEU A 76 -3.58 10.05 -6.78
C LEU A 76 -4.14 8.76 -7.38
N ASP A 77 -3.40 7.68 -7.25
CA ASP A 77 -3.87 6.36 -7.66
C ASP A 77 -3.23 5.29 -6.78
N VAL A 78 -3.73 4.06 -6.92
CA VAL A 78 -3.22 2.95 -6.14
C VAL A 78 -1.90 2.47 -6.70
N VAL A 79 -0.81 2.75 -5.99
CA VAL A 79 0.52 2.40 -6.46
C VAL A 79 1.05 1.16 -5.75
N GLY A 80 0.32 0.68 -4.75
CA GLY A 80 0.75 -0.49 -4.02
C GLY A 80 -0.27 -0.93 -2.99
N VAL A 81 -0.01 -2.06 -2.37
CA VAL A 81 -0.89 -2.60 -1.35
C VAL A 81 -0.12 -2.76 -0.04
N TYR A 82 -0.84 -2.67 1.06
CA TYR A 82 -0.23 -2.75 2.37
C TYR A 82 -1.04 -3.66 3.28
N HIS A 83 -0.36 -4.53 4.00
CA HIS A 83 -1.01 -5.36 4.99
C HIS A 83 -0.05 -5.71 6.11
N SER A 84 -0.60 -5.91 7.30
CA SER A 84 0.20 -6.30 8.45
C SER A 84 -0.04 -7.77 8.70
N HIS A 85 1.00 -8.48 9.14
CA HIS A 85 0.89 -9.92 9.19
C HIS A 85 1.32 -10.46 10.55
N PRO A 86 0.57 -11.45 11.07
CA PRO A 86 0.97 -12.29 12.17
C PRO A 86 1.36 -13.69 11.66
N ASP A 87 1.58 -14.63 12.59
CA ASP A 87 1.98 -16.00 12.23
C ASP A 87 3.41 -16.03 11.70
N HIS A 88 3.60 -15.48 10.51
CA HIS A 88 4.94 -15.19 10.02
C HIS A 88 5.15 -13.69 10.07
N PRO A 89 6.34 -13.22 10.46
CA PRO A 89 6.53 -11.82 10.85
C PRO A 89 6.79 -10.87 9.68
N ALA A 90 7.84 -11.11 8.93
CA ALA A 90 8.27 -10.15 7.93
C ALA A 90 8.46 -10.80 6.57
N ARG A 91 7.50 -11.64 6.22
CA ARG A 91 7.44 -12.23 4.90
C ARG A 91 6.05 -12.84 4.70
N PRO A 92 5.65 -13.10 3.44
CA PRO A 92 4.33 -13.67 3.13
C PRO A 92 4.16 -15.10 3.63
N SER A 93 3.03 -15.68 3.27
CA SER A 93 2.69 -17.04 3.68
C SER A 93 1.78 -17.68 2.62
N ALA A 94 1.20 -18.83 2.91
CA ALA A 94 0.46 -19.59 1.91
C ALA A 94 -0.77 -18.85 1.38
N THR A 95 -1.59 -18.33 2.29
CA THR A 95 -2.81 -17.65 1.88
C THR A 95 -2.51 -16.23 1.42
N ASP A 96 -1.53 -15.61 2.07
CA ASP A 96 -1.07 -14.27 1.70
C ASP A 96 -0.60 -14.27 0.25
N LEU A 97 0.09 -15.35 -0.14
CA LEU A 97 0.56 -15.54 -1.50
C LEU A 97 -0.62 -15.78 -2.45
N GLU A 98 -1.54 -16.63 -2.02
CA GLU A 98 -2.65 -17.06 -2.88
C GLU A 98 -3.57 -15.91 -3.28
N GLU A 99 -3.83 -14.99 -2.35
CA GLU A 99 -4.74 -13.89 -2.62
C GLU A 99 -4.06 -12.78 -3.43
N ALA A 100 -2.74 -12.78 -3.45
CA ALA A 100 -1.99 -11.81 -4.23
C ALA A 100 -1.89 -12.26 -5.69
N THR A 101 -3.02 -12.28 -6.38
CA THR A 101 -3.09 -12.78 -7.74
C THR A 101 -2.99 -11.64 -8.76
N PHE A 102 -2.62 -10.46 -8.30
CA PHE A 102 -2.52 -9.29 -9.17
C PHE A 102 -1.10 -8.72 -9.17
N PRO A 103 -0.24 -9.25 -10.04
CA PRO A 103 1.15 -8.79 -10.14
C PRO A 103 1.28 -7.45 -10.88
N GLY A 104 1.18 -6.38 -10.11
CA GLY A 104 1.36 -5.05 -10.68
C GLY A 104 1.41 -3.97 -9.61
N PHE A 105 1.73 -4.38 -8.39
CA PHE A 105 1.77 -3.47 -7.26
C PHE A 105 2.94 -3.80 -6.34
N THR A 106 3.28 -2.85 -5.47
CA THR A 106 4.29 -3.10 -4.45
C THR A 106 3.60 -3.57 -3.18
N TYR A 107 4.18 -4.55 -2.51
CA TYR A 107 3.58 -5.13 -1.32
C TYR A 107 4.38 -4.80 -0.08
N VAL A 108 3.79 -4.01 0.81
CA VAL A 108 4.42 -3.71 2.09
C VAL A 108 3.85 -4.62 3.17
N ILE A 109 4.72 -5.44 3.73
CA ILE A 109 4.35 -6.33 4.81
C ILE A 109 5.04 -5.89 6.08
N VAL A 110 4.25 -5.52 7.07
CA VAL A 110 4.80 -5.10 8.34
C VAL A 110 4.51 -6.15 9.41
N SER A 111 5.50 -6.42 10.23
CA SER A 111 5.38 -7.39 11.29
C SER A 111 4.70 -6.74 12.48
N VAL A 112 3.45 -7.12 12.71
CA VAL A 112 2.71 -6.60 13.83
C VAL A 112 2.33 -7.74 14.75
N ARG A 113 2.86 -7.71 15.95
CA ARG A 113 2.65 -8.76 16.92
C ARG A 113 1.43 -8.44 17.78
N ASP A 114 0.35 -8.08 17.11
CA ASP A 114 -0.91 -7.70 17.77
C ASP A 114 -0.72 -6.45 18.63
N GLY A 115 -0.81 -5.30 17.99
CA GLY A 115 -0.63 -4.04 18.69
C GLY A 115 0.84 -3.67 18.86
N ALA A 116 1.72 -4.55 18.40
CA ALA A 116 3.15 -4.33 18.53
C ALA A 116 3.84 -4.30 17.18
N PRO A 117 4.35 -3.12 16.77
CA PRO A 117 5.12 -2.98 15.53
C PRO A 117 6.54 -3.50 15.69
N GLU A 118 6.89 -4.52 14.92
CA GLU A 118 8.20 -5.14 15.02
C GLU A 118 9.13 -4.63 13.92
N ALA A 119 8.84 -5.01 12.68
CA ALA A 119 9.68 -4.64 11.54
C ALA A 119 8.82 -4.38 10.30
N LEU A 120 9.34 -3.58 9.39
CA LEU A 120 8.62 -3.23 8.16
C LEU A 120 9.43 -3.69 6.96
N THR A 121 8.78 -4.41 6.05
CA THR A 121 9.46 -4.95 4.88
C THR A 121 8.67 -4.66 3.61
N ALA A 122 9.38 -4.34 2.53
CA ALA A 122 8.76 -4.09 1.24
C ALA A 122 9.14 -5.17 0.25
N TRP A 123 8.15 -5.69 -0.45
CA TRP A 123 8.35 -6.82 -1.34
C TRP A 123 7.81 -6.54 -2.72
N ALA A 124 8.42 -7.15 -3.72
CA ALA A 124 7.94 -7.09 -5.07
C ALA A 124 7.43 -8.46 -5.50
N LEU A 125 6.24 -8.49 -6.06
CA LEU A 125 5.64 -9.75 -6.49
C LEU A 125 6.22 -10.16 -7.84
N ALA A 126 6.49 -11.44 -8.00
CA ALA A 126 6.99 -11.97 -9.26
C ALA A 126 5.98 -11.74 -10.37
N PRO A 127 6.46 -11.43 -11.59
CA PRO A 127 5.59 -11.13 -12.74
C PRO A 127 4.66 -12.29 -13.10
N ASP A 128 5.02 -13.49 -12.66
CA ASP A 128 4.23 -14.68 -12.92
C ASP A 128 3.67 -15.23 -11.61
N ARG A 129 3.51 -14.32 -10.62
CA ARG A 129 2.99 -14.64 -9.27
C ARG A 129 3.63 -15.89 -8.69
N SER A 130 4.90 -16.09 -9.01
CA SER A 130 5.65 -17.24 -8.54
C SER A 130 5.89 -17.15 -7.03
N GLU A 131 6.20 -15.94 -6.58
CA GLU A 131 6.54 -15.70 -5.18
C GLU A 131 6.81 -14.21 -4.97
N PHE A 132 7.25 -13.86 -3.76
CA PHE A 132 7.62 -12.49 -3.46
C PHE A 132 9.13 -12.37 -3.38
N HIS A 133 9.65 -11.24 -3.81
CA HIS A 133 11.09 -10.99 -3.73
C HIS A 133 11.33 -9.70 -2.98
N ARG A 134 12.41 -9.66 -2.24
CA ARG A 134 12.71 -8.52 -1.40
C ARG A 134 13.30 -7.38 -2.22
N GLU A 135 12.80 -6.18 -1.98
CA GLU A 135 13.21 -5.03 -2.75
C GLU A 135 13.56 -3.89 -1.80
N ASP A 136 14.29 -2.90 -2.30
CA ASP A 136 14.79 -1.81 -1.46
C ASP A 136 13.94 -0.55 -1.64
N ILE A 137 13.78 0.18 -0.54
CA ILE A 137 12.96 1.39 -0.54
C ILE A 137 13.84 2.63 -0.70
N VAL A 138 13.46 3.51 -1.61
CA VAL A 138 14.21 4.74 -1.85
C VAL A 138 13.42 5.95 -1.35
N ARG A 139 14.14 6.98 -0.94
CA ARG A 139 13.53 8.16 -0.33
C ARG A 139 13.28 9.24 -1.39
N PRO A 140 12.12 9.91 -1.31
CA PRO A 140 11.66 10.95 -2.24
C PRO A 140 12.76 11.72 -2.95
N ASP A 141 12.65 11.72 -4.27
CA ASP A 141 13.57 12.43 -5.15
C ASP A 141 12.85 13.60 -5.82
N PRO A 142 13.21 14.84 -5.47
CA PRO A 142 12.58 16.02 -6.02
C PRO A 142 13.27 16.50 -7.30
N GLU A 143 13.96 15.57 -7.91
CA GLU A 143 14.74 15.84 -9.11
C GLU A 143 14.66 14.67 -10.08
N ALA A 144 13.68 13.83 -9.86
CA ALA A 144 13.48 12.64 -10.67
C ALA A 144 12.88 12.98 -12.03
N PRO A 145 13.59 12.65 -13.11
CA PRO A 145 13.10 12.87 -14.47
C PRO A 145 12.03 11.87 -14.85
N LEU A 146 10.92 12.37 -15.35
CA LEU A 146 9.82 11.50 -15.74
C LEU A 146 9.96 11.09 -17.20
N GLU A 147 9.54 9.88 -17.51
CA GLU A 147 9.59 9.37 -18.85
C GLU A 147 8.42 9.88 -19.69
N HIS A 148 8.72 10.28 -20.92
CA HIS A 148 7.70 10.79 -21.83
C HIS A 148 8.08 10.48 -23.27
N HIS A 149 8.70 9.32 -23.48
CA HIS A 149 9.03 8.85 -24.82
C HIS A 149 7.82 8.18 -25.44
N HIS A 150 7.56 8.48 -26.70
CA HIS A 150 6.42 7.89 -27.40
C HIS A 150 6.65 6.42 -27.70
N HIS A 151 6.16 5.55 -26.83
CA HIS A 151 6.19 4.12 -27.06
C HIS A 151 5.03 3.72 -27.95
N HIS A 152 5.13 2.54 -28.56
CA HIS A 152 4.07 2.05 -29.44
C HIS A 152 3.11 1.15 -28.68
N HIS A 153 1.91 1.04 -29.20
CA HIS A 153 0.84 0.30 -28.53
C HIS A 153 0.07 -0.51 -29.55
N MET A 1 10.77 1.38 -3.44
CA MET A 1 9.69 2.24 -2.90
C MET A 1 10.27 3.54 -2.37
N LYS A 2 9.79 4.66 -2.89
CA LYS A 2 10.28 5.96 -2.46
C LYS A 2 9.26 6.65 -1.58
N THR A 3 9.68 6.96 -0.36
CA THR A 3 8.81 7.60 0.61
C THR A 3 9.64 8.28 1.70
N THR A 4 8.97 9.01 2.58
CA THR A 4 9.64 9.71 3.67
C THR A 4 9.45 8.96 4.99
N PRO A 5 10.35 9.17 5.96
CA PRO A 5 10.25 8.58 7.29
C PRO A 5 8.95 8.96 7.97
N ASP A 6 8.44 10.14 7.64
CA ASP A 6 7.16 10.62 8.15
C ASP A 6 6.01 9.69 7.75
N ILE A 7 6.06 9.20 6.53
CA ILE A 7 5.05 8.25 6.06
C ILE A 7 5.28 6.89 6.71
N LEU A 8 6.55 6.50 6.82
CA LEU A 8 6.92 5.23 7.45
C LEU A 8 6.36 5.13 8.87
N ASP A 9 6.48 6.22 9.62
CA ASP A 9 5.96 6.29 10.97
C ASP A 9 4.45 6.07 10.97
N GLN A 10 3.77 6.78 10.08
CA GLN A 10 2.33 6.66 9.94
C GLN A 10 1.90 5.22 9.64
N ILE A 11 2.66 4.54 8.79
CA ILE A 11 2.38 3.13 8.47
C ILE A 11 2.40 2.27 9.72
N ARG A 12 3.47 2.43 10.52
CA ARG A 12 3.64 1.68 11.73
C ARG A 12 2.57 2.05 12.77
N VAL A 13 2.29 3.34 12.90
CA VAL A 13 1.31 3.80 13.87
C VAL A 13 -0.10 3.30 13.53
N HIS A 14 -0.50 3.46 12.27
CA HIS A 14 -1.83 3.06 11.85
C HIS A 14 -2.02 1.55 11.93
N GLY A 15 -0.94 0.81 11.78
CA GLY A 15 -0.99 -0.63 11.91
C GLY A 15 -1.41 -1.06 13.31
N ALA A 16 -0.76 -0.49 14.32
CA ALA A 16 -1.11 -0.78 15.70
C ALA A 16 -2.42 -0.09 16.10
N ASP A 17 -2.71 1.01 15.42
CA ASP A 17 -3.90 1.80 15.68
C ASP A 17 -5.16 1.01 15.34
N ALA A 18 -5.09 0.26 14.26
CA ALA A 18 -6.21 -0.56 13.82
C ALA A 18 -6.36 -1.81 14.66
N TYR A 19 -5.25 -2.26 15.24
CA TYR A 19 -5.24 -3.46 16.08
C TYR A 19 -6.18 -3.27 17.28
N PRO A 20 -6.79 -4.35 17.82
CA PRO A 20 -6.53 -5.74 17.41
C PRO A 20 -7.23 -6.14 16.11
N GLU A 21 -8.05 -5.25 15.57
CA GLU A 21 -8.76 -5.54 14.33
C GLU A 21 -7.81 -5.45 13.15
N GLU A 22 -8.12 -6.17 12.08
CA GLU A 22 -7.30 -6.16 10.89
C GLU A 22 -7.44 -4.84 10.14
N GLY A 23 -6.37 -4.06 10.14
CA GLY A 23 -6.39 -2.76 9.49
C GLY A 23 -6.35 -2.87 7.99
N CYS A 24 -5.14 -3.07 7.45
CA CYS A 24 -4.92 -3.20 6.00
C CYS A 24 -5.22 -1.90 5.27
N GLY A 25 -4.70 -1.76 4.06
CA GLY A 25 -4.95 -0.57 3.29
C GLY A 25 -4.20 -0.55 1.98
N PHE A 26 -4.31 0.55 1.26
CA PHE A 26 -3.65 0.70 -0.02
C PHE A 26 -2.68 1.87 0.02
N LEU A 27 -1.66 1.81 -0.81
CA LEU A 27 -0.67 2.87 -0.91
C LEU A 27 -1.05 3.82 -2.01
N LEU A 28 -1.21 5.09 -1.66
CA LEU A 28 -1.60 6.10 -2.62
C LEU A 28 -0.41 6.95 -3.01
N GLY A 29 -0.21 7.14 -4.29
CA GLY A 29 0.91 7.90 -4.78
C GLY A 29 0.94 7.94 -6.29
N THR A 30 2.12 7.99 -6.86
CA THR A 30 2.24 8.02 -8.31
C THR A 30 3.36 7.11 -8.78
N VAL A 31 3.16 6.52 -9.95
CA VAL A 31 4.20 5.72 -10.59
C VAL A 31 4.92 6.58 -11.61
N THR A 32 6.23 6.68 -11.48
CA THR A 32 7.01 7.56 -12.31
C THR A 32 7.30 6.93 -13.68
N ASP A 33 7.88 7.74 -14.55
CA ASP A 33 8.35 7.28 -15.85
C ASP A 33 9.41 6.19 -15.69
N ASP A 34 10.24 6.34 -14.67
CA ASP A 34 11.32 5.37 -14.41
C ASP A 34 10.77 4.11 -13.76
N GLY A 35 9.48 4.11 -13.47
CA GLY A 35 8.84 2.94 -12.92
C GLY A 35 8.96 2.89 -11.40
N ASP A 36 9.10 4.06 -10.79
CA ASP A 36 9.17 4.14 -9.34
C ASP A 36 7.78 4.20 -8.76
N ASN A 37 7.57 3.39 -7.74
CA ASN A 37 6.31 3.42 -7.01
C ASN A 37 6.51 4.24 -5.74
N ARG A 38 6.00 5.46 -5.76
CA ARG A 38 6.19 6.37 -4.64
C ARG A 38 4.86 6.62 -3.94
N VAL A 39 4.92 6.74 -2.64
CA VAL A 39 3.72 6.86 -1.81
C VAL A 39 3.66 8.22 -1.14
N ALA A 40 2.61 8.96 -1.43
CA ALA A 40 2.43 10.30 -0.89
C ALA A 40 1.23 10.38 0.04
N ALA A 41 0.43 9.32 0.08
CA ALA A 41 -0.76 9.29 0.92
C ALA A 41 -1.07 7.88 1.39
N LEU A 42 -1.67 7.77 2.57
CA LEU A 42 -2.04 6.48 3.14
C LEU A 42 -3.54 6.42 3.37
N HIS A 43 -4.08 5.20 3.42
CA HIS A 43 -5.51 4.99 3.65
C HIS A 43 -5.78 3.56 4.06
N ARG A 44 -6.57 3.38 5.11
CA ARG A 44 -7.00 2.04 5.52
C ARG A 44 -8.01 1.52 4.50
N ALA A 45 -7.86 0.25 4.14
CA ALA A 45 -8.63 -0.36 3.06
C ALA A 45 -10.14 -0.18 3.24
N THR A 46 -10.73 -0.97 4.12
CA THR A 46 -12.15 -0.91 4.37
C THR A 46 -12.51 0.43 5.00
N ASN A 47 -13.41 1.14 4.35
CA ASN A 47 -13.79 2.48 4.80
C ASN A 47 -14.65 2.39 6.06
N ARG A 48 -15.59 1.43 6.07
CA ARG A 48 -16.43 1.12 7.25
C ARG A 48 -17.40 2.26 7.61
N ARG A 49 -17.21 3.42 6.99
CA ARG A 49 -18.01 4.59 7.28
C ARG A 49 -19.34 4.53 6.53
N SER A 50 -19.29 4.02 5.30
CA SER A 50 -20.48 3.80 4.52
C SER A 50 -20.47 2.38 3.97
N GLU A 51 -21.66 1.80 3.79
CA GLU A 51 -21.77 0.45 3.26
C GLU A 51 -21.54 0.46 1.76
N GLN A 52 -22.08 1.49 1.10
CA GLN A 52 -21.86 1.75 -0.32
C GLN A 52 -22.60 0.74 -1.22
N ARG A 53 -23.19 -0.29 -0.60
CA ARG A 53 -23.94 -1.33 -1.31
C ARG A 53 -24.90 -0.73 -2.33
N THR A 54 -25.83 0.09 -1.83
CA THR A 54 -26.79 0.80 -2.67
C THR A 54 -27.77 -0.15 -3.38
N ARG A 55 -27.27 -0.95 -4.32
CA ARG A 55 -28.13 -1.83 -5.12
C ARG A 55 -27.48 -3.20 -5.27
N ARG A 56 -26.23 -3.22 -5.73
CA ARG A 56 -25.51 -4.48 -5.93
C ARG A 56 -24.95 -4.98 -4.62
N TYR A 57 -24.49 -6.22 -4.62
CA TYR A 57 -23.88 -6.82 -3.46
C TYR A 57 -22.39 -6.49 -3.44
N GLU A 58 -21.94 -5.86 -2.37
CA GLU A 58 -20.55 -5.42 -2.27
C GLU A 58 -19.58 -6.60 -2.26
N LEU A 59 -20.07 -7.76 -1.78
CA LEU A 59 -19.26 -8.97 -1.70
C LEU A 59 -18.05 -8.73 -0.79
N THR A 60 -18.25 -7.86 0.21
CA THR A 60 -17.23 -7.54 1.21
C THR A 60 -15.97 -6.90 0.57
N ALA A 61 -16.13 -6.38 -0.65
CA ALA A 61 -15.02 -5.74 -1.33
C ALA A 61 -15.20 -4.22 -1.40
N ASP A 62 -15.04 -3.57 -0.27
CA ASP A 62 -15.15 -2.10 -0.19
C ASP A 62 -13.77 -1.47 -0.23
N ASP A 63 -12.80 -2.27 0.18
CA ASP A 63 -11.42 -1.83 0.38
C ASP A 63 -10.87 -0.99 -0.77
N TYR A 64 -10.88 -1.54 -1.99
CA TYR A 64 -10.29 -0.84 -3.12
C TYR A 64 -11.10 0.40 -3.50
N ARG A 65 -12.42 0.27 -3.50
CA ARG A 65 -13.29 1.36 -3.94
C ARG A 65 -13.04 2.63 -3.13
N ALA A 66 -12.83 2.48 -1.83
CA ALA A 66 -12.57 3.62 -0.96
C ALA A 66 -11.17 4.18 -1.20
N ALA A 67 -10.22 3.29 -1.47
CA ALA A 67 -8.86 3.71 -1.78
C ALA A 67 -8.79 4.41 -3.13
N ASP A 68 -9.55 3.89 -4.08
CA ASP A 68 -9.61 4.44 -5.43
C ASP A 68 -10.15 5.86 -5.41
N ALA A 69 -11.15 6.10 -4.57
CA ALA A 69 -11.73 7.43 -4.43
C ALA A 69 -10.73 8.38 -3.78
N ALA A 70 -10.14 7.94 -2.67
CA ALA A 70 -9.18 8.77 -1.94
C ALA A 70 -7.97 9.10 -2.81
N ALA A 71 -7.59 8.17 -3.69
CA ALA A 71 -6.51 8.40 -4.62
C ALA A 71 -6.83 9.58 -5.54
N GLN A 72 -8.00 9.52 -6.15
CA GLN A 72 -8.44 10.57 -7.07
C GLN A 72 -8.61 11.91 -6.34
N GLU A 73 -9.02 11.85 -5.07
CA GLU A 73 -9.12 13.04 -4.23
C GLU A 73 -7.78 13.76 -4.12
N GLN A 74 -6.72 12.99 -3.92
CA GLN A 74 -5.38 13.54 -3.79
C GLN A 74 -4.72 13.76 -5.16
N GLY A 75 -5.33 13.22 -6.20
CA GLY A 75 -4.75 13.30 -7.52
C GLY A 75 -3.66 12.26 -7.72
N LEU A 76 -3.86 11.12 -7.08
CA LEU A 76 -2.89 10.04 -7.11
C LEU A 76 -3.55 8.75 -7.58
N ASP A 77 -2.81 7.67 -7.59
CA ASP A 77 -3.35 6.36 -7.90
C ASP A 77 -2.80 5.32 -6.93
N VAL A 78 -3.26 4.08 -7.06
CA VAL A 78 -2.84 3.02 -6.17
C VAL A 78 -1.54 2.40 -6.65
N VAL A 79 -0.46 2.63 -5.89
CA VAL A 79 0.85 2.14 -6.29
C VAL A 79 1.22 0.84 -5.56
N GLY A 80 0.41 0.48 -4.58
CA GLY A 80 0.68 -0.72 -3.82
C GLY A 80 -0.38 -0.99 -2.78
N VAL A 81 -0.23 -2.08 -2.07
CA VAL A 81 -1.17 -2.47 -1.03
C VAL A 81 -0.41 -2.92 0.20
N TYR A 82 -1.02 -2.81 1.37
CA TYR A 82 -0.39 -3.24 2.60
C TYR A 82 -1.41 -3.87 3.52
N HIS A 83 -1.01 -4.94 4.19
CA HIS A 83 -1.84 -5.61 5.16
C HIS A 83 -0.97 -6.16 6.28
N SER A 84 -1.55 -6.31 7.45
CA SER A 84 -0.77 -6.63 8.63
C SER A 84 -0.88 -8.09 8.98
N HIS A 85 0.12 -8.59 9.68
CA HIS A 85 0.16 -9.99 10.10
C HIS A 85 -0.01 -10.10 11.61
N PRO A 86 -1.26 -10.21 12.10
CA PRO A 86 -1.52 -10.44 13.52
C PRO A 86 -0.85 -11.74 13.99
N ASP A 87 0.04 -11.60 14.98
CA ASP A 87 0.78 -12.73 15.56
C ASP A 87 1.92 -13.20 14.65
N HIS A 88 1.68 -13.20 13.35
CA HIS A 88 2.71 -13.58 12.39
C HIS A 88 3.68 -12.41 12.16
N PRO A 89 4.92 -12.71 11.75
CA PRO A 89 5.91 -11.68 11.42
C PRO A 89 5.73 -11.15 10.00
N ALA A 90 6.65 -10.31 9.57
CA ALA A 90 6.61 -9.72 8.23
C ALA A 90 6.93 -10.76 7.17
N ARG A 91 7.20 -10.29 5.95
CA ARG A 91 7.45 -11.14 4.79
C ARG A 91 6.18 -11.91 4.40
N PRO A 92 5.97 -12.12 3.09
CA PRO A 92 4.80 -12.83 2.60
C PRO A 92 4.80 -14.31 2.97
N SER A 93 3.71 -14.75 3.61
CA SER A 93 3.53 -16.14 3.96
C SER A 93 2.95 -16.91 2.77
N ALA A 94 2.69 -18.19 2.95
CA ALA A 94 2.16 -19.02 1.87
C ALA A 94 0.84 -18.46 1.35
N THR A 95 -0.06 -18.13 2.27
CA THR A 95 -1.37 -17.59 1.91
C THR A 95 -1.23 -16.24 1.19
N ASP A 96 -0.29 -15.42 1.66
CA ASP A 96 -0.04 -14.12 1.04
C ASP A 96 0.38 -14.28 -0.41
N LEU A 97 1.26 -15.25 -0.65
CA LEU A 97 1.75 -15.55 -1.98
C LEU A 97 0.62 -16.13 -2.84
N GLU A 98 -0.14 -17.04 -2.25
CA GLU A 98 -1.21 -17.73 -2.95
C GLU A 98 -2.30 -16.77 -3.42
N GLU A 99 -2.63 -15.78 -2.60
CA GLU A 99 -3.70 -14.85 -2.93
C GLU A 99 -3.15 -13.56 -3.52
N ALA A 100 -1.90 -13.59 -3.97
CA ALA A 100 -1.31 -12.46 -4.68
C ALA A 100 -1.67 -12.54 -6.16
N THR A 101 -2.89 -12.14 -6.48
CA THR A 101 -3.43 -12.29 -7.81
C THR A 101 -3.01 -11.16 -8.74
N PHE A 102 -2.70 -10.00 -8.18
CA PHE A 102 -2.50 -8.78 -8.96
C PHE A 102 -1.10 -8.19 -8.77
N PRO A 103 -0.13 -8.63 -9.60
CA PRO A 103 1.24 -8.11 -9.56
C PRO A 103 1.32 -6.66 -10.02
N GLY A 104 2.52 -6.10 -10.05
CA GLY A 104 2.70 -4.71 -10.42
C GLY A 104 2.64 -3.80 -9.21
N PHE A 105 1.72 -4.09 -8.31
CA PHE A 105 1.59 -3.35 -7.07
C PHE A 105 2.67 -3.79 -6.08
N THR A 106 3.05 -2.89 -5.19
CA THR A 106 4.01 -3.20 -4.16
C THR A 106 3.29 -3.70 -2.91
N TYR A 107 3.65 -4.90 -2.47
CA TYR A 107 3.02 -5.48 -1.29
C TYR A 107 3.82 -5.15 -0.05
N VAL A 108 3.21 -4.42 0.87
CA VAL A 108 3.87 -4.09 2.13
C VAL A 108 3.33 -4.95 3.25
N ILE A 109 4.21 -5.70 3.88
CA ILE A 109 3.84 -6.56 5.00
C ILE A 109 4.45 -6.00 6.28
N VAL A 110 3.59 -5.64 7.22
CA VAL A 110 4.05 -5.06 8.48
C VAL A 110 3.76 -6.00 9.64
N SER A 111 4.77 -6.15 10.49
CA SER A 111 4.67 -6.96 11.68
C SER A 111 3.99 -6.19 12.79
N VAL A 112 2.85 -6.68 13.26
CA VAL A 112 2.19 -6.09 14.41
C VAL A 112 2.05 -7.14 15.49
N ARG A 113 2.71 -6.92 16.61
CA ARG A 113 2.72 -7.91 17.66
C ARG A 113 2.09 -7.34 18.92
N ASP A 114 0.76 -7.24 18.87
CA ASP A 114 -0.05 -6.69 19.97
C ASP A 114 0.49 -5.36 20.47
N GLY A 115 0.06 -4.30 19.83
CA GLY A 115 0.49 -2.97 20.25
C GLY A 115 1.85 -2.60 19.69
N ALA A 116 2.75 -3.58 19.63
CA ALA A 116 4.11 -3.32 19.20
C ALA A 116 4.36 -3.82 17.78
N PRO A 117 4.40 -2.91 16.81
CA PRO A 117 4.79 -3.22 15.44
C PRO A 117 6.31 -3.36 15.32
N GLU A 118 6.75 -4.47 14.75
CA GLU A 118 8.17 -4.73 14.56
C GLU A 118 8.71 -3.86 13.42
N ALA A 119 8.42 -4.27 12.19
CA ALA A 119 8.90 -3.57 11.02
C ALA A 119 7.98 -3.81 9.85
N LEU A 120 8.03 -2.95 8.86
CA LEU A 120 7.26 -3.14 7.65
C LEU A 120 8.19 -3.45 6.49
N THR A 121 7.82 -4.41 5.67
CA THR A 121 8.64 -4.82 4.55
C THR A 121 7.88 -4.69 3.24
N ALA A 122 8.53 -4.19 2.21
CA ALA A 122 7.90 -4.04 0.92
C ALA A 122 8.44 -5.04 -0.07
N TRP A 123 7.55 -5.64 -0.84
CA TRP A 123 7.90 -6.72 -1.73
C TRP A 123 7.26 -6.53 -3.10
N ALA A 124 7.99 -6.94 -4.12
CA ALA A 124 7.48 -6.93 -5.48
C ALA A 124 7.26 -8.36 -5.95
N LEU A 125 6.07 -8.64 -6.44
CA LEU A 125 5.74 -9.97 -6.93
C LEU A 125 6.17 -10.13 -8.37
N ALA A 126 6.88 -11.22 -8.65
CA ALA A 126 7.26 -11.54 -10.00
C ALA A 126 6.02 -11.86 -10.83
N PRO A 127 5.93 -11.33 -12.06
CA PRO A 127 4.75 -11.50 -12.92
C PRO A 127 4.43 -12.97 -13.19
N ASP A 128 5.44 -13.82 -13.05
CA ASP A 128 5.30 -15.24 -13.30
C ASP A 128 4.72 -15.96 -12.09
N ARG A 129 4.54 -15.22 -11.00
CA ARG A 129 4.06 -15.78 -9.72
C ARG A 129 5.07 -16.77 -9.17
N SER A 130 6.32 -16.61 -9.57
CA SER A 130 7.38 -17.50 -9.13
C SER A 130 7.73 -17.24 -7.67
N GLU A 131 7.97 -15.99 -7.36
CA GLU A 131 8.37 -15.61 -6.01
C GLU A 131 8.19 -14.11 -5.81
N PHE A 132 8.56 -13.64 -4.63
CA PHE A 132 8.59 -12.21 -4.33
C PHE A 132 10.03 -11.75 -4.29
N HIS A 133 10.23 -10.48 -4.57
CA HIS A 133 11.55 -9.89 -4.48
C HIS A 133 11.51 -8.72 -3.53
N ARG A 134 12.57 -8.55 -2.76
CA ARG A 134 12.63 -7.53 -1.74
C ARG A 134 12.71 -6.14 -2.36
N GLU A 135 11.97 -5.23 -1.79
CA GLU A 135 12.00 -3.83 -2.21
C GLU A 135 12.56 -2.99 -1.08
N ASP A 136 13.22 -1.91 -1.43
CA ASP A 136 13.87 -1.06 -0.46
C ASP A 136 13.13 0.24 -0.26
N ILE A 137 13.22 0.75 0.96
CA ILE A 137 12.66 2.05 1.28
C ILE A 137 13.73 3.11 1.10
N VAL A 138 13.53 3.98 0.12
CA VAL A 138 14.50 5.02 -0.17
C VAL A 138 13.80 6.36 -0.28
N ARG A 139 14.53 7.43 -0.04
CA ARG A 139 13.99 8.77 -0.15
C ARG A 139 14.15 9.28 -1.57
N PRO A 140 13.04 9.75 -2.18
CA PRO A 140 13.04 10.22 -3.57
C PRO A 140 13.91 11.45 -3.78
N ASP A 141 14.04 11.85 -5.04
CA ASP A 141 14.84 13.02 -5.41
C ASP A 141 14.33 14.27 -4.70
N PRO A 142 15.22 15.21 -4.39
CA PRO A 142 14.90 16.44 -3.64
C PRO A 142 14.08 17.45 -4.46
N GLU A 143 13.04 16.95 -5.12
CA GLU A 143 12.13 17.78 -5.88
C GLU A 143 10.82 17.04 -6.12
N ALA A 144 10.92 15.72 -6.31
CA ALA A 144 9.77 14.85 -6.53
C ALA A 144 8.86 15.41 -7.63
N PRO A 145 9.27 15.30 -8.89
CA PRO A 145 8.53 15.87 -10.01
C PRO A 145 7.15 15.24 -10.17
N LEU A 146 6.15 16.10 -10.25
CA LEU A 146 4.78 15.67 -10.44
C LEU A 146 4.26 16.22 -11.76
N GLU A 147 2.96 16.07 -11.99
CA GLU A 147 2.35 16.52 -13.22
C GLU A 147 2.01 18.01 -13.10
N HIS A 148 1.53 18.60 -14.19
CA HIS A 148 1.18 20.03 -14.20
C HIS A 148 -0.21 20.24 -13.65
N HIS A 149 -0.76 21.44 -13.84
CA HIS A 149 -2.09 21.76 -13.36
C HIS A 149 -3.14 21.12 -14.28
N HIS A 150 -3.35 19.83 -14.11
CA HIS A 150 -4.29 19.09 -14.93
C HIS A 150 -5.66 19.01 -14.26
N HIS A 151 -5.74 19.53 -13.04
CA HIS A 151 -7.03 19.60 -12.35
C HIS A 151 -7.90 20.67 -13.01
N HIS A 152 -8.73 20.22 -13.94
CA HIS A 152 -9.58 21.08 -14.76
C HIS A 152 -8.72 21.98 -15.65
N HIS A 153 -8.31 21.42 -16.78
CA HIS A 153 -7.53 22.15 -17.76
C HIS A 153 -8.21 22.09 -19.11
N MET A 1 9.96 1.62 -5.52
CA MET A 1 8.96 2.23 -4.61
C MET A 1 9.58 3.40 -3.85
N LYS A 2 9.10 4.61 -4.14
CA LYS A 2 9.53 5.79 -3.40
C LYS A 2 8.56 6.06 -2.25
N THR A 3 9.10 6.41 -1.10
CA THR A 3 8.28 6.81 0.02
C THR A 3 9.10 7.64 1.00
N THR A 4 8.45 8.18 2.02
CA THR A 4 9.11 9.04 2.97
C THR A 4 8.94 8.50 4.40
N PRO A 5 9.85 8.88 5.31
CA PRO A 5 9.82 8.47 6.71
C PRO A 5 8.46 8.73 7.36
N ASP A 6 7.81 9.81 6.92
CA ASP A 6 6.48 10.17 7.42
C ASP A 6 5.50 9.03 7.21
N ILE A 7 5.50 8.51 5.99
CA ILE A 7 4.58 7.43 5.62
C ILE A 7 4.92 6.15 6.38
N LEU A 8 6.20 5.83 6.42
CA LEU A 8 6.68 4.62 7.09
C LEU A 8 6.30 4.62 8.57
N ASP A 9 6.45 5.76 9.22
CA ASP A 9 6.11 5.87 10.63
C ASP A 9 4.61 5.76 10.84
N GLN A 10 3.85 6.42 9.96
CA GLN A 10 2.39 6.35 10.00
C GLN A 10 1.90 4.90 9.90
N ILE A 11 2.56 4.11 9.07
CA ILE A 11 2.22 2.70 8.92
C ILE A 11 2.36 1.97 10.26
N ARG A 12 3.42 2.29 11.00
CA ARG A 12 3.66 1.66 12.29
C ARG A 12 2.57 2.06 13.28
N VAL A 13 2.30 3.37 13.37
CA VAL A 13 1.33 3.88 14.32
C VAL A 13 -0.08 3.40 13.99
N HIS A 14 -0.47 3.56 12.73
CA HIS A 14 -1.80 3.14 12.29
C HIS A 14 -1.94 1.62 12.33
N GLY A 15 -0.83 0.92 12.19
CA GLY A 15 -0.83 -0.53 12.29
C GLY A 15 -1.14 -0.99 13.70
N ALA A 16 -0.44 -0.43 14.67
CA ALA A 16 -0.68 -0.75 16.07
C ALA A 16 -2.03 -0.18 16.52
N ASP A 17 -2.42 0.92 15.89
CA ASP A 17 -3.71 1.56 16.12
C ASP A 17 -4.85 0.61 15.78
N ALA A 18 -4.65 -0.16 14.73
CA ALA A 18 -5.64 -1.13 14.28
C ALA A 18 -5.80 -2.27 15.27
N TYR A 19 -4.66 -2.78 15.78
CA TYR A 19 -4.67 -3.91 16.70
C TYR A 19 -5.50 -3.61 17.95
N PRO A 20 -6.17 -4.62 18.52
CA PRO A 20 -6.11 -6.01 18.05
C PRO A 20 -6.98 -6.30 16.83
N GLU A 21 -7.73 -5.31 16.38
CA GLU A 21 -8.62 -5.46 15.24
C GLU A 21 -7.82 -5.32 13.94
N GLU A 22 -8.47 -5.51 12.79
CA GLU A 22 -7.75 -5.52 11.53
C GLU A 22 -7.79 -4.15 10.85
N GLY A 23 -6.65 -3.77 10.29
CA GLY A 23 -6.57 -2.51 9.57
C GLY A 23 -6.31 -2.73 8.09
N CYS A 24 -5.03 -2.94 7.76
CA CYS A 24 -4.57 -3.22 6.37
C CYS A 24 -5.17 -2.24 5.35
N GLY A 25 -5.06 -2.57 4.07
CA GLY A 25 -5.62 -1.73 3.04
C GLY A 25 -4.70 -1.56 1.84
N PHE A 26 -4.83 -0.43 1.16
CA PHE A 26 -4.10 -0.20 -0.09
C PHE A 26 -3.22 1.04 0.03
N LEU A 27 -2.32 1.20 -0.93
CA LEU A 27 -1.39 2.31 -0.95
C LEU A 27 -1.72 3.24 -2.12
N LEU A 28 -1.81 4.53 -1.83
CA LEU A 28 -2.11 5.52 -2.85
C LEU A 28 -0.92 6.45 -3.03
N GLY A 29 -0.68 6.89 -4.25
CA GLY A 29 0.43 7.78 -4.48
C GLY A 29 0.58 8.18 -5.93
N THR A 30 1.77 8.68 -6.26
CA THR A 30 2.07 9.14 -7.60
C THR A 30 3.07 8.21 -8.28
N VAL A 31 3.10 8.25 -9.59
CA VAL A 31 4.12 7.51 -10.34
C VAL A 31 5.30 8.44 -10.56
N THR A 32 6.45 8.04 -10.06
CA THR A 32 7.58 8.93 -9.96
C THR A 32 8.45 8.89 -11.22
N ASP A 33 8.74 7.69 -11.64
CA ASP A 33 9.66 7.47 -12.75
C ASP A 33 8.91 7.17 -14.03
N ASP A 34 7.58 7.21 -13.92
CA ASP A 34 6.70 6.75 -15.00
C ASP A 34 6.95 5.26 -15.21
N GLY A 35 7.37 4.63 -14.13
CA GLY A 35 7.70 3.22 -14.11
C GLY A 35 7.78 2.71 -12.70
N ASP A 36 8.22 3.57 -11.79
CA ASP A 36 8.23 3.23 -10.37
C ASP A 36 7.22 4.09 -9.64
N ASN A 37 6.73 3.58 -8.52
CA ASN A 37 5.62 4.20 -7.81
C ASN A 37 6.07 4.84 -6.50
N ARG A 38 5.35 5.89 -6.09
CA ARG A 38 5.56 6.51 -4.79
C ARG A 38 4.30 6.36 -3.95
N VAL A 39 4.48 6.04 -2.68
CA VAL A 39 3.37 6.00 -1.75
C VAL A 39 3.31 7.29 -0.94
N ALA A 40 2.25 8.06 -1.15
CA ALA A 40 2.12 9.36 -0.51
C ALA A 40 0.85 9.43 0.34
N ALA A 41 -0.01 8.43 0.19
CA ALA A 41 -1.24 8.36 0.93
C ALA A 41 -1.56 6.92 1.31
N LEU A 42 -2.10 6.72 2.50
CA LEU A 42 -2.41 5.38 2.97
C LEU A 42 -3.91 5.17 3.01
N HIS A 43 -4.35 3.97 2.65
CA HIS A 43 -5.74 3.61 2.78
C HIS A 43 -5.90 2.44 3.73
N ARG A 44 -6.63 2.65 4.80
CA ARG A 44 -6.96 1.57 5.71
C ARG A 44 -8.27 0.97 5.25
N ALA A 45 -8.36 -0.36 5.27
CA ALA A 45 -9.54 -1.05 4.79
C ALA A 45 -10.81 -0.52 5.46
N THR A 46 -10.71 -0.23 6.75
CA THR A 46 -11.85 0.22 7.53
C THR A 46 -12.32 1.62 7.12
N ASN A 47 -11.60 2.25 6.20
CA ASN A 47 -11.98 3.58 5.74
C ASN A 47 -12.93 3.48 4.55
N ARG A 48 -14.22 3.47 4.84
CA ARG A 48 -15.24 3.48 3.80
C ARG A 48 -15.87 4.86 3.71
N ARG A 49 -16.57 5.11 2.60
CA ARG A 49 -17.29 6.36 2.38
C ARG A 49 -16.33 7.51 2.08
N SER A 50 -16.35 7.98 0.83
CA SER A 50 -15.51 9.08 0.41
C SER A 50 -16.32 10.03 -0.48
N GLU A 51 -15.99 11.32 -0.45
CA GLU A 51 -16.71 12.29 -1.25
C GLU A 51 -16.13 12.35 -2.66
N GLN A 52 -16.64 11.47 -3.50
CA GLN A 52 -16.24 11.38 -4.89
C GLN A 52 -16.92 12.48 -5.71
N ARG A 53 -16.11 13.34 -6.32
CA ARG A 53 -16.64 14.47 -7.08
C ARG A 53 -17.45 13.99 -8.27
N THR A 54 -16.79 13.22 -9.13
CA THR A 54 -17.42 12.71 -10.33
C THR A 54 -18.05 11.35 -10.04
N ARG A 55 -19.37 11.32 -9.88
CA ARG A 55 -20.08 10.09 -9.55
C ARG A 55 -20.15 9.16 -10.75
N ARG A 56 -19.06 8.47 -11.02
CA ARG A 56 -19.01 7.52 -12.12
C ARG A 56 -19.72 6.22 -11.74
N TYR A 57 -19.44 5.74 -10.54
CA TYR A 57 -20.04 4.52 -10.03
C TYR A 57 -20.63 4.78 -8.65
N GLU A 58 -21.64 4.01 -8.28
CA GLU A 58 -22.40 4.28 -7.06
C GLU A 58 -21.80 3.57 -5.84
N LEU A 59 -20.58 3.09 -5.98
CA LEU A 59 -19.93 2.36 -4.90
C LEU A 59 -19.06 3.28 -4.06
N THR A 60 -19.58 3.67 -2.91
CA THR A 60 -18.84 4.47 -1.95
C THR A 60 -18.61 3.68 -0.67
N ALA A 61 -19.52 2.73 -0.42
CA ALA A 61 -19.38 1.83 0.72
C ALA A 61 -18.31 0.78 0.44
N ASP A 62 -18.02 0.59 -0.83
CA ASP A 62 -16.92 -0.26 -1.26
C ASP A 62 -15.62 0.50 -1.07
N ASP A 63 -14.77 0.04 -0.16
CA ASP A 63 -13.58 0.82 0.21
C ASP A 63 -12.50 0.74 -0.86
N TYR A 64 -12.58 -0.26 -1.74
CA TYR A 64 -11.68 -0.30 -2.88
C TYR A 64 -12.04 0.83 -3.83
N ARG A 65 -13.33 0.95 -4.12
CA ARG A 65 -13.85 2.04 -4.93
C ARG A 65 -13.63 3.38 -4.24
N ALA A 66 -13.74 3.38 -2.91
CA ALA A 66 -13.51 4.59 -2.13
C ALA A 66 -12.03 4.98 -2.15
N ALA A 67 -11.16 3.97 -2.20
CA ALA A 67 -9.73 4.22 -2.26
C ALA A 67 -9.36 4.81 -3.61
N ASP A 68 -9.97 4.28 -4.65
CA ASP A 68 -9.76 4.78 -6.00
C ASP A 68 -10.30 6.20 -6.13
N ALA A 69 -11.48 6.41 -5.56
CA ALA A 69 -12.10 7.73 -5.56
C ALA A 69 -11.24 8.74 -4.83
N ALA A 70 -10.87 8.43 -3.59
CA ALA A 70 -10.05 9.33 -2.78
C ALA A 70 -8.71 9.60 -3.45
N ALA A 71 -8.17 8.58 -4.11
CA ALA A 71 -6.94 8.75 -4.85
C ALA A 71 -7.15 9.72 -6.00
N GLN A 72 -8.20 9.47 -6.79
CA GLN A 72 -8.53 10.31 -7.93
C GLN A 72 -8.79 11.75 -7.49
N GLU A 73 -9.49 11.89 -6.38
CA GLU A 73 -9.77 13.18 -5.77
C GLU A 73 -8.50 13.96 -5.48
N GLN A 74 -7.49 13.26 -5.01
CA GLN A 74 -6.21 13.86 -4.66
C GLN A 74 -5.26 13.94 -5.86
N GLY A 75 -5.65 13.34 -6.97
CA GLY A 75 -4.80 13.33 -8.14
C GLY A 75 -3.77 12.21 -8.10
N LEU A 76 -4.13 11.14 -7.40
CA LEU A 76 -3.26 9.99 -7.24
C LEU A 76 -3.95 8.76 -7.81
N ASP A 77 -3.35 7.60 -7.62
CA ASP A 77 -4.01 6.32 -7.92
C ASP A 77 -3.46 5.22 -7.03
N VAL A 78 -4.00 4.02 -7.16
CA VAL A 78 -3.60 2.90 -6.33
C VAL A 78 -2.30 2.30 -6.85
N VAL A 79 -1.22 2.49 -6.09
CA VAL A 79 0.10 2.05 -6.53
C VAL A 79 0.49 0.71 -5.90
N GLY A 80 -0.10 0.38 -4.75
CA GLY A 80 0.27 -0.84 -4.08
C GLY A 80 -0.70 -1.25 -3.00
N VAL A 81 -0.33 -2.27 -2.24
CA VAL A 81 -1.14 -2.78 -1.14
C VAL A 81 -0.23 -3.07 0.05
N TYR A 82 -0.79 -3.13 1.24
CA TYR A 82 0.01 -3.48 2.40
C TYR A 82 -0.76 -4.44 3.31
N HIS A 83 -0.07 -5.45 3.79
CA HIS A 83 -0.68 -6.47 4.62
C HIS A 83 0.13 -6.66 5.89
N SER A 84 -0.56 -6.80 7.01
CA SER A 84 0.10 -6.87 8.30
C SER A 84 0.11 -8.31 8.82
N HIS A 85 1.06 -8.60 9.70
CA HIS A 85 1.14 -9.90 10.35
C HIS A 85 1.33 -9.71 11.84
N PRO A 86 0.71 -10.56 12.68
CA PRO A 86 0.78 -10.45 14.14
C PRO A 86 2.08 -11.03 14.71
N ASP A 87 2.76 -11.81 13.88
CA ASP A 87 4.01 -12.45 14.29
C ASP A 87 4.66 -13.12 13.08
N HIS A 88 5.68 -12.48 12.53
CA HIS A 88 6.45 -13.02 11.41
C HIS A 88 7.60 -12.06 11.10
N PRO A 89 8.73 -12.56 10.59
CA PRO A 89 9.91 -11.71 10.29
C PRO A 89 9.74 -10.87 9.02
N ALA A 90 8.73 -9.99 9.05
CA ALA A 90 8.45 -9.03 7.97
C ALA A 90 8.45 -9.67 6.58
N ARG A 91 8.09 -10.94 6.52
CA ARG A 91 8.06 -11.66 5.26
C ARG A 91 6.66 -12.23 5.03
N PRO A 92 6.32 -12.54 3.77
CA PRO A 92 5.03 -13.12 3.43
C PRO A 92 4.89 -14.57 3.90
N SER A 93 3.66 -15.00 4.10
CA SER A 93 3.39 -16.36 4.48
C SER A 93 2.72 -17.08 3.31
N ALA A 94 2.43 -18.38 3.47
CA ALA A 94 1.79 -19.15 2.41
C ALA A 94 0.50 -18.49 1.94
N THR A 95 -0.29 -18.02 2.90
CA THR A 95 -1.56 -17.37 2.60
C THR A 95 -1.36 -16.10 1.78
N ASP A 96 -0.30 -15.33 2.09
CA ASP A 96 -0.02 -14.09 1.36
C ASP A 96 0.25 -14.39 -0.10
N LEU A 97 0.98 -15.46 -0.35
CA LEU A 97 1.30 -15.90 -1.71
C LEU A 97 0.02 -16.41 -2.40
N GLU A 98 -0.75 -17.19 -1.66
CA GLU A 98 -1.97 -17.78 -2.20
C GLU A 98 -3.01 -16.72 -2.55
N GLU A 99 -3.02 -15.63 -1.79
CA GLU A 99 -3.97 -14.55 -2.05
C GLU A 99 -3.40 -13.52 -3.04
N ALA A 100 -2.17 -13.74 -3.47
CA ALA A 100 -1.54 -12.84 -4.42
C ALA A 100 -1.80 -13.29 -5.85
N THR A 101 -3.00 -12.99 -6.34
CA THR A 101 -3.40 -13.37 -7.68
C THR A 101 -3.51 -12.13 -8.58
N PHE A 102 -3.21 -10.98 -8.00
CA PHE A 102 -3.31 -9.71 -8.73
C PHE A 102 -1.95 -9.01 -8.79
N PRO A 103 -1.13 -9.35 -9.81
CA PRO A 103 0.18 -8.74 -9.99
C PRO A 103 0.07 -7.31 -10.53
N GLY A 104 1.11 -6.51 -10.29
CA GLY A 104 1.10 -5.14 -10.73
C GLY A 104 1.25 -4.15 -9.59
N PHE A 105 0.85 -4.60 -8.40
CA PHE A 105 0.94 -3.77 -7.21
C PHE A 105 2.15 -4.17 -6.37
N THR A 106 2.65 -3.22 -5.60
CA THR A 106 3.74 -3.49 -4.67
C THR A 106 3.16 -3.89 -3.31
N TYR A 107 3.72 -4.91 -2.69
CA TYR A 107 3.18 -5.43 -1.44
C TYR A 107 4.07 -5.01 -0.27
N VAL A 108 3.57 -4.14 0.58
CA VAL A 108 4.30 -3.73 1.77
C VAL A 108 3.85 -4.55 2.97
N ILE A 109 4.79 -5.16 3.65
CA ILE A 109 4.51 -5.99 4.80
C ILE A 109 5.07 -5.36 6.07
N VAL A 110 4.21 -5.19 7.05
CA VAL A 110 4.61 -4.63 8.33
C VAL A 110 4.42 -5.66 9.44
N SER A 111 5.47 -5.86 10.22
CA SER A 111 5.42 -6.74 11.36
C SER A 111 4.96 -6.00 12.60
N VAL A 112 3.75 -6.28 13.03
CA VAL A 112 3.25 -5.76 14.29
C VAL A 112 2.87 -6.93 15.19
N ARG A 113 3.60 -7.08 16.29
CA ARG A 113 3.42 -8.24 17.14
C ARG A 113 2.52 -7.90 18.30
N ASP A 114 1.23 -8.22 18.13
CA ASP A 114 0.22 -8.03 19.17
C ASP A 114 0.11 -6.56 19.57
N GLY A 115 0.53 -5.67 18.69
CA GLY A 115 0.43 -4.25 18.96
C GLY A 115 1.78 -3.55 18.93
N ALA A 116 2.86 -4.33 18.91
CA ALA A 116 4.20 -3.75 18.86
C ALA A 116 4.78 -3.84 17.44
N PRO A 117 4.91 -2.71 16.76
CA PRO A 117 5.48 -2.66 15.41
C PRO A 117 7.00 -2.87 15.41
N GLU A 118 7.44 -3.88 14.69
CA GLU A 118 8.85 -4.25 14.67
C GLU A 118 9.53 -3.79 13.38
N ALA A 119 9.27 -4.51 12.30
CA ALA A 119 9.96 -4.27 11.04
C ALA A 119 8.99 -4.06 9.90
N LEU A 120 9.35 -3.14 9.01
CA LEU A 120 8.57 -2.87 7.82
C LEU A 120 9.42 -3.15 6.58
N THR A 121 8.83 -3.76 5.56
CA THR A 121 9.55 -4.01 4.33
C THR A 121 8.58 -4.02 3.15
N ALA A 122 9.11 -3.76 1.97
CA ALA A 122 8.31 -3.79 0.76
C ALA A 122 8.76 -4.94 -0.11
N TRP A 123 7.79 -5.59 -0.74
CA TRP A 123 8.06 -6.75 -1.55
C TRP A 123 7.48 -6.56 -2.94
N ALA A 124 8.24 -6.97 -3.93
CA ALA A 124 7.80 -6.91 -5.31
C ALA A 124 7.42 -8.31 -5.77
N LEU A 125 6.24 -8.44 -6.35
CA LEU A 125 5.76 -9.73 -6.80
C LEU A 125 6.40 -10.08 -8.14
N ALA A 126 6.85 -11.32 -8.27
CA ALA A 126 7.43 -11.79 -9.51
C ALA A 126 6.44 -11.58 -10.66
N PRO A 127 6.96 -11.22 -11.85
CA PRO A 127 6.18 -10.83 -13.02
C PRO A 127 4.79 -11.44 -13.11
N ASP A 128 4.71 -12.76 -13.04
CA ASP A 128 3.41 -13.43 -13.12
C ASP A 128 3.18 -14.36 -11.94
N ARG A 129 2.99 -13.77 -10.76
CA ARG A 129 2.47 -14.47 -9.58
C ARG A 129 3.34 -15.67 -9.18
N SER A 130 4.64 -15.57 -9.41
CA SER A 130 5.54 -16.69 -9.12
C SER A 130 5.98 -16.69 -7.65
N GLU A 131 6.46 -15.55 -7.18
CA GLU A 131 7.00 -15.44 -5.82
C GLU A 131 7.17 -13.98 -5.42
N PHE A 132 7.68 -13.75 -4.23
CA PHE A 132 7.92 -12.39 -3.75
C PHE A 132 9.42 -12.12 -3.70
N HIS A 133 9.80 -10.89 -4.01
CA HIS A 133 11.19 -10.48 -3.90
C HIS A 133 11.32 -9.27 -3.02
N ARG A 134 12.41 -9.21 -2.31
CA ARG A 134 12.69 -8.12 -1.39
C ARG A 134 12.97 -6.85 -2.18
N GLU A 135 12.42 -5.74 -1.71
CA GLU A 135 12.64 -4.46 -2.36
C GLU A 135 13.01 -3.41 -1.32
N ASP A 136 13.82 -2.45 -1.73
CA ASP A 136 14.33 -1.43 -0.83
C ASP A 136 13.46 -0.19 -0.85
N ILE A 137 13.54 0.58 0.22
CA ILE A 137 12.81 1.83 0.31
C ILE A 137 13.70 2.98 -0.17
N VAL A 138 13.31 3.59 -1.27
CA VAL A 138 14.05 4.70 -1.82
C VAL A 138 13.27 6.01 -1.67
N ARG A 139 14.00 7.11 -1.57
CA ARG A 139 13.41 8.39 -1.30
C ARG A 139 13.42 9.25 -2.56
N PRO A 140 12.31 9.97 -2.83
CA PRO A 140 12.19 10.84 -4.00
C PRO A 140 13.08 12.07 -3.89
N ASP A 141 13.77 12.40 -4.98
CA ASP A 141 14.63 13.57 -5.01
C ASP A 141 13.81 14.82 -5.31
N PRO A 142 13.83 15.81 -4.40
CA PRO A 142 13.09 17.06 -4.60
C PRO A 142 13.85 18.04 -5.49
N GLU A 143 14.67 17.46 -6.34
CA GLU A 143 15.53 18.22 -7.24
C GLU A 143 15.12 18.00 -8.69
N ALA A 144 14.10 17.18 -8.87
CA ALA A 144 13.58 16.91 -10.20
C ALA A 144 12.68 18.05 -10.66
N PRO A 145 12.89 18.53 -11.90
CA PRO A 145 12.07 19.61 -12.46
C PRO A 145 10.61 19.20 -12.59
N LEU A 146 9.72 20.09 -12.21
CA LEU A 146 8.30 19.80 -12.26
C LEU A 146 7.74 20.24 -13.62
N GLU A 147 6.82 19.43 -14.14
CA GLU A 147 6.18 19.71 -15.40
C GLU A 147 5.16 20.81 -15.25
N HIS A 148 4.48 21.12 -16.34
CA HIS A 148 3.38 22.06 -16.30
C HIS A 148 2.07 21.28 -16.18
N HIS A 149 1.69 21.01 -14.95
CA HIS A 149 0.49 20.24 -14.67
C HIS A 149 -0.73 21.14 -14.78
N HIS A 150 -1.84 20.59 -15.22
CA HIS A 150 -3.02 21.41 -15.53
C HIS A 150 -4.12 21.20 -14.48
N HIS A 151 -4.80 22.27 -14.12
CA HIS A 151 -5.95 22.19 -13.21
C HIS A 151 -7.26 22.32 -13.98
N HIS A 152 -7.69 23.56 -14.20
CA HIS A 152 -9.00 23.87 -14.80
C HIS A 152 -10.14 23.56 -13.82
N HIS A 153 -10.00 22.47 -13.10
CA HIS A 153 -10.96 22.13 -12.06
C HIS A 153 -10.38 22.49 -10.69
N MET A 1 10.32 1.67 -4.83
CA MET A 1 9.37 2.39 -3.97
C MET A 1 10.05 3.56 -3.27
N LYS A 2 9.49 4.76 -3.46
CA LYS A 2 9.96 5.94 -2.75
C LYS A 2 8.92 6.40 -1.75
N THR A 3 9.36 6.74 -0.56
CA THR A 3 8.47 7.29 0.45
C THR A 3 9.29 8.07 1.48
N THR A 4 8.63 8.89 2.27
CA THR A 4 9.31 9.73 3.24
C THR A 4 9.28 9.13 4.64
N PRO A 5 10.29 9.44 5.47
CA PRO A 5 10.43 8.89 6.82
C PRO A 5 9.22 9.14 7.71
N ASP A 6 8.57 10.29 7.51
CA ASP A 6 7.40 10.66 8.29
C ASP A 6 6.25 9.70 8.01
N ILE A 7 6.17 9.21 6.78
CA ILE A 7 5.15 8.24 6.41
C ILE A 7 5.43 6.90 7.07
N LEU A 8 6.69 6.47 7.02
CA LEU A 8 7.11 5.21 7.63
C LEU A 8 6.83 5.23 9.13
N ASP A 9 7.09 6.36 9.76
CA ASP A 9 6.78 6.55 11.17
C ASP A 9 5.29 6.41 11.42
N GLN A 10 4.50 7.08 10.59
CA GLN A 10 3.05 6.99 10.67
C GLN A 10 2.56 5.57 10.45
N ILE A 11 3.28 4.79 9.64
CA ILE A 11 2.90 3.41 9.38
C ILE A 11 3.00 2.57 10.65
N ARG A 12 4.14 2.65 11.34
CA ARG A 12 4.33 1.87 12.56
C ARG A 12 3.35 2.33 13.66
N VAL A 13 3.12 3.63 13.72
CA VAL A 13 2.16 4.18 14.68
C VAL A 13 0.74 3.71 14.33
N HIS A 14 0.42 3.74 13.04
CA HIS A 14 -0.87 3.28 12.54
C HIS A 14 -1.15 1.84 12.96
N GLY A 15 -0.11 1.02 13.02
CA GLY A 15 -0.27 -0.36 13.41
C GLY A 15 -0.73 -0.51 14.85
N ALA A 16 -0.04 0.17 15.76
CA ALA A 16 -0.37 0.08 17.18
C ALA A 16 -1.64 0.86 17.51
N ASP A 17 -1.83 1.99 16.84
CA ASP A 17 -2.96 2.89 17.11
C ASP A 17 -4.28 2.27 16.68
N ALA A 18 -4.24 1.50 15.60
CA ALA A 18 -5.44 0.86 15.06
C ALA A 18 -5.88 -0.33 15.90
N TYR A 19 -4.93 -0.99 16.54
CA TYR A 19 -5.23 -2.14 17.38
C TYR A 19 -6.06 -1.75 18.60
N PRO A 20 -6.77 -2.71 19.22
CA PRO A 20 -6.73 -4.14 18.89
C PRO A 20 -7.42 -4.49 17.57
N GLU A 21 -8.03 -3.50 16.93
CA GLU A 21 -8.74 -3.73 15.67
C GLU A 21 -7.76 -3.90 14.51
N GLU A 22 -8.28 -4.33 13.36
CA GLU A 22 -7.46 -4.57 12.19
C GLU A 22 -7.36 -3.31 11.34
N GLY A 23 -6.14 -2.92 10.99
CA GLY A 23 -5.95 -1.69 10.24
C GLY A 23 -5.13 -1.88 8.98
N CYS A 24 -5.56 -2.82 8.14
CA CYS A 24 -4.91 -3.04 6.84
C CYS A 24 -5.47 -2.06 5.81
N GLY A 25 -5.01 -2.15 4.56
CA GLY A 25 -5.52 -1.29 3.52
C GLY A 25 -4.65 -1.28 2.28
N PHE A 26 -4.84 -0.28 1.43
CA PHE A 26 -4.09 -0.16 0.19
C PHE A 26 -3.24 1.11 0.20
N LEU A 27 -2.24 1.16 -0.66
CA LEU A 27 -1.33 2.28 -0.73
C LEU A 27 -1.73 3.25 -1.84
N LEU A 28 -1.74 4.54 -1.50
CA LEU A 28 -2.07 5.57 -2.48
C LEU A 28 -0.84 6.41 -2.78
N GLY A 29 -0.62 6.69 -4.05
CA GLY A 29 0.54 7.47 -4.43
C GLY A 29 0.58 7.76 -5.91
N THR A 30 1.76 7.94 -6.45
CA THR A 30 1.93 8.21 -7.87
C THR A 30 3.07 7.38 -8.45
N VAL A 31 3.05 7.20 -9.76
CA VAL A 31 4.10 6.48 -10.45
C VAL A 31 5.14 7.46 -10.99
N THR A 32 6.41 7.18 -10.72
CA THR A 32 7.49 8.03 -11.18
C THR A 32 7.91 7.66 -12.60
N ASP A 33 8.65 8.54 -13.26
CA ASP A 33 9.06 8.32 -14.64
C ASP A 33 10.00 7.12 -14.77
N ASP A 34 10.52 6.67 -13.63
CA ASP A 34 11.42 5.52 -13.61
C ASP A 34 10.65 4.21 -13.74
N GLY A 35 9.33 4.30 -13.59
CA GLY A 35 8.51 3.10 -13.59
C GLY A 35 8.39 2.52 -12.20
N ASP A 36 8.69 3.34 -11.21
CA ASP A 36 8.63 2.95 -9.81
C ASP A 36 7.58 3.80 -9.10
N ASN A 37 7.12 3.35 -7.95
CA ASN A 37 5.99 4.00 -7.29
C ASN A 37 6.43 4.82 -6.07
N ARG A 38 5.70 5.91 -5.84
CA ARG A 38 5.90 6.74 -4.66
C ARG A 38 4.65 6.70 -3.81
N VAL A 39 4.73 6.06 -2.64
CA VAL A 39 3.60 5.98 -1.74
C VAL A 39 3.54 7.24 -0.88
N ALA A 40 2.44 7.98 -1.01
CA ALA A 40 2.32 9.27 -0.35
C ALA A 40 1.14 9.31 0.62
N ALA A 41 0.18 8.42 0.44
CA ALA A 41 -1.03 8.44 1.27
C ALA A 41 -1.46 7.03 1.68
N LEU A 42 -1.96 6.92 2.91
CA LEU A 42 -2.45 5.66 3.44
C LEU A 42 -3.94 5.75 3.73
N HIS A 43 -4.63 4.62 3.74
CA HIS A 43 -6.03 4.60 4.12
C HIS A 43 -6.38 3.27 4.78
N ARG A 44 -7.46 3.26 5.53
CA ARG A 44 -7.91 2.07 6.23
C ARG A 44 -8.81 1.25 5.34
N ALA A 45 -8.63 -0.07 5.35
CA ALA A 45 -9.46 -0.98 4.56
C ALA A 45 -10.93 -0.71 4.82
N THR A 46 -11.62 -0.22 3.81
CA THR A 46 -13.00 0.18 3.94
C THR A 46 -13.94 -0.83 3.33
N ASN A 47 -14.93 -1.21 4.12
CA ASN A 47 -16.00 -2.12 3.70
C ASN A 47 -15.49 -3.53 3.43
N ARG A 48 -15.64 -4.38 4.44
CA ARG A 48 -15.32 -5.79 4.30
C ARG A 48 -16.48 -6.64 4.79
N ARG A 49 -17.31 -6.04 5.63
CA ARG A 49 -18.46 -6.74 6.20
C ARG A 49 -19.74 -6.16 5.60
N SER A 50 -20.34 -6.91 4.70
CA SER A 50 -21.54 -6.46 3.99
C SER A 50 -22.73 -6.38 4.94
N GLU A 51 -23.18 -5.16 5.22
CA GLU A 51 -24.31 -4.94 6.10
C GLU A 51 -25.62 -5.28 5.38
N GLN A 52 -26.42 -6.14 6.00
CA GLN A 52 -27.62 -6.68 5.39
C GLN A 52 -28.67 -5.59 5.16
N ARG A 53 -28.80 -5.20 3.89
CA ARG A 53 -29.69 -4.12 3.45
C ARG A 53 -29.58 -2.87 4.33
N THR A 54 -30.41 -2.81 5.38
CA THR A 54 -30.41 -1.70 6.36
C THR A 54 -30.30 -0.30 5.70
N ARG A 55 -30.88 -0.17 4.50
CA ARG A 55 -30.88 1.07 3.71
C ARG A 55 -29.49 1.35 3.12
N ARG A 56 -28.53 0.49 3.43
CA ARG A 56 -27.23 0.51 2.78
C ARG A 56 -27.33 -0.19 1.43
N TYR A 57 -27.77 -1.45 1.49
CA TYR A 57 -27.92 -2.29 0.30
C TYR A 57 -26.60 -2.40 -0.45
N GLU A 58 -25.51 -2.35 0.30
CA GLU A 58 -24.18 -2.45 -0.28
C GLU A 58 -23.89 -3.89 -0.70
N LEU A 59 -24.35 -4.25 -1.89
CA LEU A 59 -24.13 -5.58 -2.43
C LEU A 59 -22.65 -5.85 -2.66
N THR A 60 -21.94 -4.85 -3.16
CA THR A 60 -20.50 -4.93 -3.34
C THR A 60 -19.90 -3.53 -3.43
N ALA A 61 -19.15 -3.15 -2.40
CA ALA A 61 -18.49 -1.85 -2.38
C ALA A 61 -17.01 -2.01 -2.70
N ASP A 62 -16.32 -2.77 -1.85
CA ASP A 62 -14.89 -3.06 -2.03
C ASP A 62 -14.02 -1.83 -1.78
N ASP A 63 -13.01 -2.00 -0.93
CA ASP A 63 -12.09 -0.91 -0.57
C ASP A 63 -11.43 -0.31 -1.80
N TYR A 64 -11.09 -1.15 -2.77
CA TYR A 64 -10.38 -0.70 -3.97
C TYR A 64 -11.15 0.42 -4.67
N ARG A 65 -12.47 0.26 -4.78
CA ARG A 65 -13.30 1.25 -5.46
C ARG A 65 -13.34 2.58 -4.70
N ALA A 66 -13.37 2.49 -3.38
CA ALA A 66 -13.33 3.69 -2.54
C ALA A 66 -11.96 4.34 -2.61
N ALA A 67 -10.92 3.51 -2.58
CA ALA A 67 -9.56 3.99 -2.73
C ALA A 67 -9.35 4.63 -4.09
N ASP A 68 -9.94 4.02 -5.10
CA ASP A 68 -9.86 4.52 -6.47
C ASP A 68 -10.41 5.94 -6.56
N ALA A 69 -11.55 6.17 -5.92
CA ALA A 69 -12.18 7.48 -5.92
C ALA A 69 -11.33 8.49 -5.13
N ALA A 70 -10.95 8.12 -3.92
CA ALA A 70 -10.17 9.00 -3.05
C ALA A 70 -8.80 9.30 -3.64
N ALA A 71 -8.22 8.33 -4.32
CA ALA A 71 -6.93 8.52 -4.96
C ALA A 71 -7.04 9.59 -6.04
N GLN A 72 -8.02 9.42 -6.93
CA GLN A 72 -8.25 10.36 -8.02
C GLN A 72 -8.52 11.75 -7.46
N GLU A 73 -9.30 11.80 -6.37
CA GLU A 73 -9.57 13.05 -5.68
C GLU A 73 -8.29 13.76 -5.24
N GLN A 74 -7.37 12.97 -4.72
CA GLN A 74 -6.12 13.51 -4.20
C GLN A 74 -5.07 13.70 -5.29
N GLY A 75 -5.41 13.33 -6.51
CA GLY A 75 -4.46 13.43 -7.61
C GLY A 75 -3.45 12.31 -7.59
N LEU A 76 -3.84 11.19 -7.00
CA LEU A 76 -2.99 10.02 -6.85
C LEU A 76 -3.67 8.81 -7.46
N ASP A 77 -3.02 7.67 -7.38
CA ASP A 77 -3.62 6.41 -7.78
C ASP A 77 -3.14 5.29 -6.86
N VAL A 78 -3.76 4.12 -6.97
CA VAL A 78 -3.39 2.99 -6.13
C VAL A 78 -2.14 2.31 -6.67
N VAL A 79 -1.04 2.44 -5.93
CA VAL A 79 0.25 1.94 -6.41
C VAL A 79 0.68 0.68 -5.67
N GLY A 80 -0.10 0.29 -4.66
CA GLY A 80 0.27 -0.90 -3.89
C GLY A 80 -0.74 -1.22 -2.81
N VAL A 81 -0.39 -2.21 -2.00
CA VAL A 81 -1.25 -2.66 -0.91
C VAL A 81 -0.39 -2.91 0.33
N TYR A 82 -0.99 -2.90 1.50
CA TYR A 82 -0.26 -3.21 2.72
C TYR A 82 -1.10 -4.05 3.68
N HIS A 83 -0.49 -5.07 4.26
CA HIS A 83 -1.14 -5.92 5.24
C HIS A 83 -0.12 -6.43 6.24
N SER A 84 -0.56 -6.73 7.44
CA SER A 84 0.34 -7.10 8.52
C SER A 84 0.30 -8.60 8.76
N HIS A 85 1.37 -9.12 9.34
CA HIS A 85 1.48 -10.55 9.62
C HIS A 85 1.68 -10.81 11.11
N PRO A 86 0.58 -10.94 11.88
CA PRO A 86 0.65 -11.33 13.28
C PRO A 86 0.91 -12.83 13.43
N ASP A 87 0.88 -13.51 12.30
CA ASP A 87 1.06 -14.95 12.24
C ASP A 87 2.53 -15.31 12.07
N HIS A 88 3.24 -14.52 11.27
CA HIS A 88 4.66 -14.75 11.02
C HIS A 88 5.40 -13.43 11.00
N PRO A 89 6.63 -13.40 11.50
CA PRO A 89 7.46 -12.19 11.52
C PRO A 89 7.86 -11.76 10.12
N ALA A 90 7.12 -10.80 9.57
CA ALA A 90 7.36 -10.24 8.24
C ALA A 90 7.15 -11.28 7.14
N ARG A 91 7.45 -10.87 5.90
CA ARG A 91 7.35 -11.70 4.67
C ARG A 91 5.96 -12.32 4.45
N PRO A 92 5.63 -12.64 3.19
CA PRO A 92 4.34 -13.22 2.84
C PRO A 92 4.30 -14.74 3.00
N SER A 93 3.12 -15.25 3.27
CA SER A 93 2.90 -16.68 3.39
C SER A 93 2.21 -17.21 2.13
N ALA A 94 1.86 -18.49 2.11
CA ALA A 94 1.30 -19.11 0.92
C ALA A 94 -0.04 -18.50 0.54
N THR A 95 -0.95 -18.39 1.49
CA THR A 95 -2.28 -17.84 1.23
C THR A 95 -2.20 -16.33 1.03
N ASP A 96 -1.25 -15.71 1.73
CA ASP A 96 -0.99 -14.28 1.59
C ASP A 96 -0.58 -13.98 0.15
N LEU A 97 0.19 -14.88 -0.44
CA LEU A 97 0.56 -14.80 -1.84
C LEU A 97 -0.65 -15.07 -2.73
N GLU A 98 -1.48 -16.03 -2.34
CA GLU A 98 -2.63 -16.45 -3.12
C GLU A 98 -3.62 -15.31 -3.34
N GLU A 99 -3.85 -14.49 -2.32
CA GLU A 99 -4.79 -13.38 -2.45
C GLU A 99 -4.15 -12.20 -3.19
N ALA A 100 -2.84 -12.25 -3.37
CA ALA A 100 -2.14 -11.23 -4.12
C ALA A 100 -2.35 -11.44 -5.62
N THR A 101 -3.27 -10.67 -6.17
CA THR A 101 -3.62 -10.80 -7.57
C THR A 101 -3.62 -9.42 -8.25
N PHE A 102 -2.79 -8.53 -7.73
CA PHE A 102 -2.68 -7.19 -8.27
C PHE A 102 -1.30 -6.95 -8.87
N PRO A 103 -1.11 -7.32 -10.15
CA PRO A 103 0.18 -7.16 -10.84
C PRO A 103 0.52 -5.70 -11.07
N GLY A 104 1.70 -5.31 -10.60
CA GLY A 104 2.13 -3.93 -10.74
C GLY A 104 2.03 -3.18 -9.43
N PHE A 105 1.39 -3.81 -8.46
CA PHE A 105 1.22 -3.21 -7.14
C PHE A 105 2.30 -3.72 -6.19
N THR A 106 2.84 -2.84 -5.39
CA THR A 106 3.85 -3.22 -4.41
C THR A 106 3.20 -3.54 -3.09
N TYR A 107 3.56 -4.68 -2.52
CA TYR A 107 2.97 -5.12 -1.27
C TYR A 107 3.90 -4.82 -0.12
N VAL A 108 3.47 -3.92 0.76
CA VAL A 108 4.22 -3.62 1.96
C VAL A 108 3.68 -4.43 3.11
N ILE A 109 4.55 -5.24 3.67
CA ILE A 109 4.18 -6.11 4.75
C ILE A 109 4.85 -5.64 6.04
N VAL A 110 4.02 -5.29 7.00
CA VAL A 110 4.51 -4.84 8.28
C VAL A 110 4.36 -5.95 9.29
N SER A 111 5.42 -6.25 9.99
CA SER A 111 5.38 -7.28 10.99
C SER A 111 4.80 -6.70 12.26
N VAL A 112 3.56 -7.05 12.54
CA VAL A 112 2.90 -6.62 13.75
C VAL A 112 2.45 -7.84 14.52
N ARG A 113 3.03 -8.05 15.67
CA ARG A 113 2.76 -9.24 16.45
C ARG A 113 1.68 -8.93 17.46
N ASP A 114 0.46 -8.83 16.94
CA ASP A 114 -0.74 -8.53 17.72
C ASP A 114 -0.54 -7.28 18.57
N GLY A 115 -0.33 -6.16 17.90
CA GLY A 115 -0.18 -4.90 18.60
C GLY A 115 1.25 -4.42 18.62
N ALA A 116 2.19 -5.37 18.55
CA ALA A 116 3.60 -5.02 18.62
C ALA A 116 4.21 -4.84 17.23
N PRO A 117 4.56 -3.60 16.87
CA PRO A 117 5.19 -3.29 15.59
C PRO A 117 6.66 -3.72 15.57
N GLU A 118 6.96 -4.73 14.78
CA GLU A 118 8.30 -5.29 14.73
C GLU A 118 9.15 -4.61 13.65
N ALA A 119 8.83 -4.87 12.39
CA ALA A 119 9.61 -4.32 11.29
C ALA A 119 8.79 -4.17 10.03
N LEU A 120 9.25 -3.30 9.14
CA LEU A 120 8.60 -3.08 7.84
C LEU A 120 9.37 -3.79 6.73
N THR A 121 8.65 -4.41 5.81
CA THR A 121 9.26 -5.06 4.66
C THR A 121 8.44 -4.79 3.41
N ALA A 122 9.09 -4.38 2.35
CA ALA A 122 8.39 -4.12 1.10
C ALA A 122 8.74 -5.16 0.07
N TRP A 123 7.73 -5.64 -0.63
CA TRP A 123 7.89 -6.74 -1.55
C TRP A 123 7.28 -6.43 -2.90
N ALA A 124 7.99 -6.77 -3.95
CA ALA A 124 7.49 -6.60 -5.30
C ALA A 124 7.06 -7.94 -5.87
N LEU A 125 5.91 -7.97 -6.50
CA LEU A 125 5.37 -9.21 -7.04
C LEU A 125 5.85 -9.43 -8.46
N ALA A 126 6.20 -10.67 -8.78
CA ALA A 126 6.58 -11.03 -10.13
C ALA A 126 5.39 -10.80 -11.07
N PRO A 127 5.64 -10.25 -12.28
CA PRO A 127 4.58 -9.93 -13.24
C PRO A 127 3.77 -11.15 -13.65
N ASP A 128 4.38 -12.32 -13.54
CA ASP A 128 3.72 -13.58 -13.91
C ASP A 128 2.88 -14.11 -12.74
N ARG A 129 3.02 -13.46 -11.59
CA ARG A 129 2.36 -13.87 -10.36
C ARG A 129 2.85 -15.27 -9.96
N SER A 130 4.00 -15.30 -9.32
CA SER A 130 4.61 -16.55 -8.90
C SER A 130 5.16 -16.41 -7.48
N GLU A 131 6.06 -15.46 -7.29
CA GLU A 131 6.68 -15.24 -6.00
C GLU A 131 6.84 -13.75 -5.74
N PHE A 132 7.35 -13.44 -4.56
CA PHE A 132 7.65 -12.07 -4.17
C PHE A 132 9.14 -11.90 -4.06
N HIS A 133 9.63 -10.73 -4.41
CA HIS A 133 11.04 -10.43 -4.24
C HIS A 133 11.22 -9.18 -3.41
N ARG A 134 12.17 -9.26 -2.48
CA ARG A 134 12.46 -8.19 -1.55
C ARG A 134 12.80 -6.89 -2.29
N GLU A 135 12.28 -5.79 -1.80
CA GLU A 135 12.53 -4.49 -2.41
C GLU A 135 13.09 -3.53 -1.36
N ASP A 136 13.71 -2.45 -1.81
CA ASP A 136 14.35 -1.50 -0.92
C ASP A 136 13.50 -0.26 -0.72
N ILE A 137 13.60 0.31 0.48
CA ILE A 137 12.90 1.55 0.81
C ILE A 137 13.86 2.72 0.64
N VAL A 138 13.55 3.60 -0.30
CA VAL A 138 14.42 4.73 -0.56
C VAL A 138 13.65 6.04 -0.37
N ARG A 139 14.39 7.09 -0.06
CA ARG A 139 13.83 8.40 0.12
C ARG A 139 13.97 9.21 -1.16
N PRO A 140 12.92 9.95 -1.53
CA PRO A 140 12.90 10.73 -2.77
C PRO A 140 13.90 11.88 -2.77
N ASP A 141 14.95 11.75 -3.57
CA ASP A 141 15.89 12.84 -3.80
C ASP A 141 15.37 13.72 -4.91
N PRO A 142 14.80 14.89 -4.57
CA PRO A 142 14.07 15.73 -5.52
C PRO A 142 14.97 16.64 -6.33
N GLU A 143 16.10 16.11 -6.76
CA GLU A 143 17.04 16.86 -7.57
C GLU A 143 17.26 16.19 -8.91
N ALA A 144 16.87 14.93 -9.01
CA ALA A 144 17.03 14.17 -10.25
C ALA A 144 15.99 14.61 -11.27
N PRO A 145 16.43 15.00 -12.48
CA PRO A 145 15.54 15.42 -13.55
C PRO A 145 14.61 14.31 -14.01
N LEU A 146 13.35 14.64 -14.20
CA LEU A 146 12.36 13.67 -14.65
C LEU A 146 12.28 13.65 -16.17
N GLU A 147 11.21 13.07 -16.71
CA GLU A 147 11.04 12.98 -18.15
C GLU A 147 11.14 14.37 -18.80
N HIS A 148 11.75 14.41 -19.98
CA HIS A 148 12.09 15.68 -20.61
C HIS A 148 10.97 16.16 -21.52
N HIS A 149 9.83 15.48 -21.47
CA HIS A 149 8.65 15.88 -22.23
C HIS A 149 8.14 17.24 -21.76
N HIS A 150 7.54 17.99 -22.67
CA HIS A 150 7.04 19.33 -22.37
C HIS A 150 5.53 19.29 -22.17
N HIS A 151 5.09 19.77 -21.01
CA HIS A 151 3.67 19.71 -20.64
C HIS A 151 2.89 20.85 -21.27
N HIS A 152 1.59 20.61 -21.46
CA HIS A 152 0.66 21.61 -22.01
C HIS A 152 -0.69 20.92 -22.22
N HIS A 153 -0.63 19.63 -22.54
CA HIS A 153 -1.83 18.80 -22.66
C HIS A 153 -1.96 17.90 -21.44
N MET A 1 10.27 1.50 -4.70
CA MET A 1 9.32 2.11 -3.73
C MET A 1 10.01 3.20 -2.93
N LYS A 2 9.63 4.44 -3.19
CA LYS A 2 10.19 5.58 -2.47
C LYS A 2 9.16 6.14 -1.51
N THR A 3 9.59 6.47 -0.31
CA THR A 3 8.68 6.95 0.72
C THR A 3 9.42 7.83 1.72
N THR A 4 8.68 8.45 2.62
CA THR A 4 9.26 9.35 3.61
C THR A 4 8.97 8.86 5.03
N PRO A 5 9.71 9.38 6.02
CA PRO A 5 9.51 9.04 7.44
C PRO A 5 8.09 9.32 7.89
N ASP A 6 7.50 10.37 7.32
CA ASP A 6 6.13 10.75 7.62
C ASP A 6 5.17 9.60 7.40
N ILE A 7 5.33 8.90 6.29
CA ILE A 7 4.50 7.75 5.98
C ILE A 7 4.91 6.54 6.81
N LEU A 8 6.22 6.34 6.92
CA LEU A 8 6.77 5.20 7.65
C LEU A 8 6.27 5.15 9.09
N ASP A 9 6.25 6.31 9.74
CA ASP A 9 5.78 6.43 11.11
C ASP A 9 4.31 6.04 11.18
N GLN A 10 3.52 6.56 10.25
CA GLN A 10 2.11 6.25 10.16
C GLN A 10 1.88 4.76 9.94
N ILE A 11 2.69 4.15 9.07
CA ILE A 11 2.55 2.72 8.76
C ILE A 11 2.72 1.87 10.02
N ARG A 12 3.80 2.11 10.77
CA ARG A 12 4.05 1.31 11.96
C ARG A 12 2.98 1.55 13.03
N VAL A 13 2.45 2.77 13.09
CA VAL A 13 1.37 3.07 14.03
C VAL A 13 0.09 2.35 13.61
N HIS A 14 -0.25 2.44 12.33
CA HIS A 14 -1.44 1.78 11.79
C HIS A 14 -1.30 0.26 11.87
N GLY A 15 -0.07 -0.22 11.82
CA GLY A 15 0.18 -1.64 12.01
C GLY A 15 -0.25 -2.11 13.39
N ALA A 16 0.10 -1.34 14.41
CA ALA A 16 -0.29 -1.65 15.79
C ALA A 16 -1.77 -1.37 16.00
N ASP A 17 -2.27 -0.35 15.30
CA ASP A 17 -3.69 0.00 15.31
C ASP A 17 -4.51 -1.17 14.76
N ALA A 18 -3.94 -1.83 13.76
CA ALA A 18 -4.58 -2.95 13.09
C ALA A 18 -4.26 -4.28 13.79
N TYR A 19 -3.99 -4.22 15.08
CA TYR A 19 -3.75 -5.43 15.86
C TYR A 19 -5.00 -5.74 16.69
N PRO A 20 -5.31 -7.03 16.94
CA PRO A 20 -4.48 -8.18 16.52
C PRO A 20 -4.52 -8.42 15.02
N GLU A 21 -5.55 -7.92 14.35
CA GLU A 21 -5.66 -8.04 12.90
C GLU A 21 -6.75 -7.14 12.35
N GLU A 22 -6.84 -7.10 11.01
CA GLU A 22 -7.76 -6.23 10.29
C GLU A 22 -7.33 -4.77 10.39
N GLY A 23 -7.25 -4.11 9.24
CA GLY A 23 -6.75 -2.76 9.20
C GLY A 23 -5.85 -2.54 8.01
N CYS A 24 -5.68 -3.61 7.22
CA CYS A 24 -4.90 -3.53 5.99
C CYS A 24 -5.59 -2.62 5.00
N GLY A 25 -4.81 -1.98 4.13
CA GLY A 25 -5.38 -1.06 3.19
C GLY A 25 -4.46 -0.83 2.01
N PHE A 26 -4.73 0.22 1.24
CA PHE A 26 -3.98 0.48 0.01
C PHE A 26 -3.04 1.66 0.19
N LEU A 27 -1.97 1.64 -0.59
CA LEU A 27 -0.98 2.71 -0.57
C LEU A 27 -1.29 3.72 -1.65
N LEU A 28 -1.40 4.99 -1.28
CA LEU A 28 -1.71 6.03 -2.24
C LEU A 28 -0.47 6.84 -2.57
N GLY A 29 -0.23 7.03 -3.85
CA GLY A 29 0.93 7.76 -4.28
C GLY A 29 0.94 7.92 -5.79
N THR A 30 2.11 8.18 -6.34
CA THR A 30 2.22 8.33 -7.78
C THR A 30 3.46 7.62 -8.31
N VAL A 31 3.37 7.16 -9.55
CA VAL A 31 4.51 6.58 -10.23
C VAL A 31 5.26 7.68 -10.96
N THR A 32 6.57 7.70 -10.85
CA THR A 32 7.38 8.78 -11.40
C THR A 32 7.75 8.53 -12.85
N ASP A 33 7.26 7.42 -13.38
CA ASP A 33 7.48 7.00 -14.77
C ASP A 33 8.90 6.47 -14.97
N ASP A 34 9.77 6.69 -13.99
CA ASP A 34 11.12 6.13 -14.03
C ASP A 34 11.05 4.63 -13.86
N GLY A 35 9.96 4.17 -13.28
CA GLY A 35 9.79 2.78 -12.98
C GLY A 35 9.51 2.57 -11.50
N ASP A 36 9.76 3.61 -10.72
CA ASP A 36 9.57 3.54 -9.28
C ASP A 36 8.23 4.14 -8.90
N ASN A 37 7.84 3.91 -7.67
CA ASN A 37 6.56 4.37 -7.15
C ASN A 37 6.75 5.05 -5.80
N ARG A 38 6.20 6.25 -5.67
CA ARG A 38 6.34 7.00 -4.43
C ARG A 38 5.04 6.98 -3.66
N VAL A 39 5.16 6.91 -2.35
CA VAL A 39 3.99 6.88 -1.48
C VAL A 39 3.77 8.26 -0.85
N ALA A 40 2.58 8.82 -1.05
CA ALA A 40 2.28 10.16 -0.56
C ALA A 40 1.24 10.12 0.55
N ALA A 41 0.35 9.14 0.49
CA ALA A 41 -0.72 9.03 1.47
C ALA A 41 -1.07 7.56 1.73
N LEU A 42 -1.88 7.33 2.75
CA LEU A 42 -2.30 5.98 3.09
C LEU A 42 -3.81 5.87 3.03
N HIS A 43 -4.32 4.70 2.66
CA HIS A 43 -5.76 4.47 2.70
C HIS A 43 -6.07 3.34 3.67
N ARG A 44 -6.90 3.65 4.65
CA ARG A 44 -7.26 2.69 5.67
C ARG A 44 -8.59 2.05 5.30
N ALA A 45 -8.69 0.74 5.49
CA ALA A 45 -9.94 0.03 5.22
C ALA A 45 -10.96 0.31 6.32
N THR A 46 -11.43 1.55 6.35
CA THR A 46 -12.41 1.96 7.33
C THR A 46 -13.03 3.28 6.91
N ASN A 47 -14.32 3.42 7.15
CA ASN A 47 -15.08 4.60 6.81
C ASN A 47 -16.55 4.35 7.10
N ARG A 48 -17.09 5.12 8.02
CA ARG A 48 -18.47 4.94 8.44
C ARG A 48 -19.40 5.72 7.51
N ARG A 49 -19.08 6.99 7.31
CA ARG A 49 -19.84 7.84 6.40
C ARG A 49 -18.96 8.99 5.94
N SER A 50 -19.30 9.57 4.79
CA SER A 50 -18.54 10.67 4.22
C SER A 50 -18.52 11.87 5.18
N GLU A 51 -19.70 12.36 5.50
CA GLU A 51 -19.84 13.54 6.36
C GLU A 51 -21.32 13.80 6.59
N GLN A 52 -21.97 14.36 5.57
CA GLN A 52 -23.42 14.50 5.54
C GLN A 52 -23.87 14.73 4.10
N ARG A 53 -23.77 13.69 3.31
CA ARG A 53 -24.28 13.73 1.94
C ARG A 53 -25.56 12.91 1.87
N THR A 54 -26.68 13.59 2.04
CA THR A 54 -27.98 12.94 2.04
C THR A 54 -28.32 12.38 0.68
N ARG A 55 -28.30 11.06 0.57
CA ARG A 55 -28.59 10.37 -0.67
C ARG A 55 -29.46 9.16 -0.40
N ARG A 56 -29.99 8.56 -1.45
CA ARG A 56 -30.79 7.36 -1.31
C ARG A 56 -29.97 6.10 -1.55
N TYR A 57 -28.93 6.21 -2.35
CA TYR A 57 -28.19 5.03 -2.79
C TYR A 57 -26.73 5.10 -2.36
N GLU A 58 -26.39 4.35 -1.32
CA GLU A 58 -25.00 4.18 -0.93
C GLU A 58 -24.78 2.80 -0.33
N LEU A 59 -23.83 2.08 -0.89
CA LEU A 59 -23.50 0.76 -0.37
C LEU A 59 -22.23 0.83 0.46
N THR A 60 -21.28 1.65 0.02
CA THR A 60 -20.00 1.80 0.72
C THR A 60 -19.29 0.45 0.80
N ALA A 61 -19.50 -0.37 -0.23
CA ALA A 61 -18.92 -1.69 -0.29
C ALA A 61 -17.67 -1.68 -1.16
N ASP A 62 -16.70 -2.50 -0.78
CA ASP A 62 -15.40 -2.60 -1.48
C ASP A 62 -14.53 -1.39 -1.17
N ASP A 63 -13.41 -1.65 -0.54
CA ASP A 63 -12.52 -0.59 -0.09
C ASP A 63 -11.67 -0.05 -1.23
N TYR A 64 -11.49 -0.85 -2.27
CA TYR A 64 -10.67 -0.43 -3.41
C TYR A 64 -11.35 0.72 -4.14
N ARG A 65 -12.65 0.60 -4.37
CA ARG A 65 -13.42 1.64 -5.01
C ARG A 65 -13.36 2.95 -4.23
N ALA A 66 -13.36 2.84 -2.91
CA ALA A 66 -13.23 4.00 -2.04
C ALA A 66 -11.84 4.59 -2.12
N ALA A 67 -10.83 3.72 -2.24
CA ALA A 67 -9.45 4.15 -2.40
C ALA A 67 -9.27 4.85 -3.74
N ASP A 68 -9.91 4.28 -4.75
CA ASP A 68 -9.91 4.84 -6.10
C ASP A 68 -10.46 6.24 -6.12
N ALA A 69 -11.59 6.43 -5.45
CA ALA A 69 -12.23 7.73 -5.36
C ALA A 69 -11.29 8.76 -4.73
N ALA A 70 -10.77 8.44 -3.54
CA ALA A 70 -9.87 9.35 -2.83
C ALA A 70 -8.59 9.57 -3.64
N ALA A 71 -8.17 8.54 -4.36
CA ALA A 71 -6.98 8.65 -5.20
C ALA A 71 -7.17 9.66 -6.31
N GLN A 72 -8.29 9.56 -7.04
CA GLN A 72 -8.56 10.48 -8.13
C GLN A 72 -8.83 11.88 -7.60
N GLU A 73 -9.42 11.97 -6.41
CA GLU A 73 -9.65 13.24 -5.74
C GLU A 73 -8.34 13.96 -5.46
N GLN A 74 -7.37 13.20 -4.98
CA GLN A 74 -6.07 13.75 -4.61
C GLN A 74 -5.15 13.89 -5.81
N GLY A 75 -5.37 13.07 -6.83
CA GLY A 75 -4.50 13.06 -7.98
C GLY A 75 -3.40 12.03 -7.84
N LEU A 76 -3.73 10.93 -7.18
CA LEU A 76 -2.79 9.85 -6.94
C LEU A 76 -3.31 8.56 -7.54
N ASP A 77 -2.50 7.52 -7.49
CA ASP A 77 -2.92 6.19 -7.94
C ASP A 77 -2.53 5.16 -6.89
N VAL A 78 -2.97 3.93 -7.10
CA VAL A 78 -2.68 2.85 -6.15
C VAL A 78 -1.32 2.26 -6.43
N VAL A 79 -0.34 2.62 -5.62
CA VAL A 79 1.03 2.17 -5.83
C VAL A 79 1.30 0.85 -5.15
N GLY A 80 0.36 0.39 -4.34
CA GLY A 80 0.52 -0.87 -3.67
C GLY A 80 -0.50 -1.09 -2.57
N VAL A 81 -0.26 -2.12 -1.77
CA VAL A 81 -1.16 -2.50 -0.69
C VAL A 81 -0.33 -2.83 0.55
N TYR A 82 -0.87 -2.62 1.73
CA TYR A 82 -0.15 -2.95 2.95
C TYR A 82 -0.95 -3.91 3.81
N HIS A 83 -0.26 -4.82 4.46
CA HIS A 83 -0.89 -5.88 5.24
C HIS A 83 -0.21 -5.99 6.60
N SER A 84 -0.98 -6.39 7.60
CA SER A 84 -0.44 -6.57 8.94
C SER A 84 -0.29 -8.05 9.25
N HIS A 85 0.90 -8.43 9.70
CA HIS A 85 1.16 -9.81 10.12
C HIS A 85 1.35 -9.87 11.63
N PRO A 86 1.00 -11.01 12.24
CA PRO A 86 1.14 -11.24 13.68
C PRO A 86 2.60 -11.23 14.15
N ASP A 87 2.83 -11.77 15.35
CA ASP A 87 4.15 -11.80 15.97
C ASP A 87 5.08 -12.82 15.29
N HIS A 88 5.13 -12.75 13.97
CA HIS A 88 5.95 -13.63 13.15
C HIS A 88 6.42 -12.87 11.92
N PRO A 89 7.43 -13.39 11.18
CA PRO A 89 8.02 -12.73 10.00
C PRO A 89 6.98 -12.14 9.03
N ALA A 90 7.36 -11.03 8.41
CA ALA A 90 6.47 -10.31 7.51
C ALA A 90 6.57 -10.81 6.08
N ARG A 91 7.19 -11.98 5.91
CA ARG A 91 7.26 -12.59 4.60
C ARG A 91 5.92 -13.25 4.27
N PRO A 92 5.54 -13.27 2.99
CA PRO A 92 4.27 -13.85 2.55
C PRO A 92 4.15 -15.32 2.90
N SER A 93 3.06 -15.69 3.56
CA SER A 93 2.77 -17.07 3.86
C SER A 93 2.15 -17.72 2.64
N ALA A 94 1.69 -18.96 2.79
CA ALA A 94 1.06 -19.68 1.69
C ALA A 94 -0.15 -18.92 1.18
N THR A 95 -0.95 -18.40 2.11
CA THR A 95 -2.15 -17.66 1.75
C THR A 95 -1.80 -16.31 1.11
N ASP A 96 -0.80 -15.62 1.65
CA ASP A 96 -0.33 -14.36 1.08
C ASP A 96 0.12 -14.59 -0.37
N LEU A 97 0.82 -15.70 -0.56
CA LEU A 97 1.28 -16.10 -1.89
C LEU A 97 0.10 -16.38 -2.80
N GLU A 98 -0.87 -17.12 -2.28
CA GLU A 98 -2.05 -17.54 -3.03
C GLU A 98 -2.95 -16.36 -3.38
N GLU A 99 -2.97 -15.34 -2.53
CA GLU A 99 -3.80 -14.17 -2.76
C GLU A 99 -3.14 -13.18 -3.69
N ALA A 100 -1.85 -13.33 -3.90
CA ALA A 100 -1.11 -12.45 -4.80
C ALA A 100 -1.38 -12.83 -6.25
N THR A 101 -2.53 -12.42 -6.75
CA THR A 101 -2.92 -12.72 -8.12
C THR A 101 -2.80 -11.48 -9.01
N PHE A 102 -2.72 -10.32 -8.39
CA PHE A 102 -2.72 -9.04 -9.11
C PHE A 102 -1.35 -8.35 -9.03
N PRO A 103 -0.46 -8.67 -9.99
CA PRO A 103 0.90 -8.12 -10.01
C PRO A 103 0.91 -6.64 -10.40
N GLY A 104 2.01 -5.96 -10.09
CA GLY A 104 2.13 -4.55 -10.41
C GLY A 104 2.03 -3.69 -9.18
N PHE A 105 1.59 -4.28 -8.08
CA PHE A 105 1.44 -3.56 -6.83
C PHE A 105 2.50 -4.01 -5.83
N THR A 106 2.91 -3.10 -4.98
CA THR A 106 3.87 -3.41 -3.94
C THR A 106 3.14 -3.82 -2.65
N TYR A 107 3.46 -4.98 -2.12
CA TYR A 107 2.83 -5.45 -0.90
C TYR A 107 3.72 -5.16 0.30
N VAL A 108 3.31 -4.21 1.11
CA VAL A 108 4.07 -3.89 2.31
C VAL A 108 3.47 -4.60 3.51
N ILE A 109 4.24 -5.51 4.09
CA ILE A 109 3.78 -6.29 5.22
C ILE A 109 4.58 -5.92 6.46
N VAL A 110 3.89 -5.61 7.54
CA VAL A 110 4.55 -5.23 8.79
C VAL A 110 4.39 -6.32 9.86
N SER A 111 5.47 -6.62 10.55
CA SER A 111 5.45 -7.55 11.66
C SER A 111 5.17 -6.82 12.96
N VAL A 112 3.99 -7.04 13.52
CA VAL A 112 3.62 -6.42 14.77
C VAL A 112 3.66 -7.44 15.89
N ARG A 113 4.53 -7.22 16.86
CA ARG A 113 4.73 -8.17 17.94
C ARG A 113 3.94 -7.72 19.17
N ASP A 114 2.70 -8.21 19.25
CA ASP A 114 1.79 -7.94 20.38
C ASP A 114 1.31 -6.49 20.40
N GLY A 115 1.94 -5.66 19.60
CA GLY A 115 1.62 -4.25 19.56
C GLY A 115 2.84 -3.45 19.18
N ALA A 116 4.00 -4.06 19.36
CA ALA A 116 5.26 -3.42 19.00
C ALA A 116 5.73 -3.90 17.62
N PRO A 117 5.66 -3.01 16.62
CA PRO A 117 6.13 -3.32 15.27
C PRO A 117 7.65 -3.40 15.22
N GLU A 118 8.16 -4.56 14.89
CA GLU A 118 9.60 -4.77 14.80
C GLU A 118 10.13 -4.14 13.53
N ALA A 119 9.70 -4.66 12.40
CA ALA A 119 10.10 -4.14 11.11
C ALA A 119 9.00 -4.35 10.08
N LEU A 120 9.00 -3.53 9.05
CA LEU A 120 8.07 -3.69 7.94
C LEU A 120 8.83 -3.94 6.65
N THR A 121 8.32 -4.84 5.83
CA THR A 121 8.99 -5.19 4.59
C THR A 121 8.05 -5.00 3.41
N ALA A 122 8.61 -4.60 2.28
CA ALA A 122 7.82 -4.43 1.07
C ALA A 122 8.17 -5.53 0.09
N TRP A 123 7.20 -5.91 -0.71
CA TRP A 123 7.37 -7.03 -1.62
C TRP A 123 6.79 -6.72 -2.99
N ALA A 124 7.55 -7.05 -4.02
CA ALA A 124 7.08 -6.92 -5.37
C ALA A 124 6.75 -8.30 -5.92
N LEU A 125 5.54 -8.45 -6.43
CA LEU A 125 5.11 -9.72 -6.97
C LEU A 125 5.63 -9.89 -8.38
N ALA A 126 6.19 -11.06 -8.66
CA ALA A 126 6.61 -11.37 -10.02
C ALA A 126 5.39 -11.35 -10.94
N PRO A 127 5.52 -10.74 -12.12
CA PRO A 127 4.40 -10.55 -13.06
C PRO A 127 3.62 -11.83 -13.34
N ASP A 128 4.33 -12.95 -13.36
CA ASP A 128 3.73 -14.24 -13.70
C ASP A 128 3.08 -14.88 -12.48
N ARG A 129 3.03 -14.14 -11.37
CA ARG A 129 2.51 -14.65 -10.10
C ARG A 129 3.36 -15.80 -9.58
N SER A 130 4.58 -15.89 -10.10
CA SER A 130 5.47 -16.99 -9.81
C SER A 130 6.02 -16.94 -8.38
N GLU A 131 6.54 -15.79 -7.99
CA GLU A 131 7.19 -15.66 -6.69
C GLU A 131 7.14 -14.22 -6.20
N PHE A 132 7.70 -13.99 -5.02
CA PHE A 132 7.83 -12.66 -4.46
C PHE A 132 9.27 -12.20 -4.49
N HIS A 133 9.47 -10.91 -4.67
CA HIS A 133 10.79 -10.32 -4.56
C HIS A 133 10.75 -9.21 -3.54
N ARG A 134 11.79 -9.11 -2.74
CA ARG A 134 11.80 -8.19 -1.62
C ARG A 134 12.16 -6.78 -2.05
N GLU A 135 11.52 -5.83 -1.38
CA GLU A 135 11.81 -4.43 -1.56
C GLU A 135 12.14 -3.83 -0.21
N ASP A 136 12.91 -2.75 -0.20
CA ASP A 136 13.34 -2.15 1.04
C ASP A 136 12.90 -0.68 1.08
N ILE A 137 13.21 0.00 2.17
CA ILE A 137 12.81 1.38 2.32
C ILE A 137 13.91 2.31 1.84
N VAL A 138 13.63 3.03 0.77
CA VAL A 138 14.59 3.94 0.18
C VAL A 138 14.02 5.35 0.06
N ARG A 139 14.87 6.32 0.29
CA ARG A 139 14.48 7.72 0.20
C ARG A 139 14.46 8.19 -1.25
N PRO A 140 13.56 9.13 -1.57
CA PRO A 140 13.59 9.81 -2.85
C PRO A 140 14.73 10.81 -2.91
N ASP A 141 15.85 10.38 -3.44
CA ASP A 141 17.04 11.23 -3.50
C ASP A 141 17.52 11.36 -4.94
N PRO A 142 17.46 12.58 -5.50
CA PRO A 142 17.77 12.83 -6.91
C PRO A 142 19.26 13.07 -7.15
N GLU A 143 20.09 12.45 -6.34
CA GLU A 143 21.54 12.55 -6.49
C GLU A 143 22.13 11.22 -6.91
N ALA A 144 21.28 10.20 -6.94
CA ALA A 144 21.68 8.88 -7.41
C ALA A 144 21.85 8.91 -8.92
N PRO A 145 23.03 8.52 -9.43
CA PRO A 145 23.30 8.48 -10.86
C PRO A 145 22.42 7.49 -11.60
N LEU A 146 21.85 7.95 -12.70
CA LEU A 146 21.00 7.10 -13.51
C LEU A 146 21.84 6.09 -14.26
N GLU A 147 21.30 4.89 -14.44
CA GLU A 147 22.03 3.83 -15.08
C GLU A 147 21.98 3.98 -16.60
N HIS A 148 23.06 3.59 -17.25
CA HIS A 148 23.16 3.68 -18.69
C HIS A 148 23.51 2.31 -19.25
N HIS A 149 22.47 1.52 -19.47
CA HIS A 149 22.62 0.15 -19.96
C HIS A 149 23.23 0.15 -21.36
N HIS A 150 24.41 -0.46 -21.47
CA HIS A 150 25.09 -0.55 -22.73
C HIS A 150 25.19 -2.00 -23.18
N HIS A 151 24.41 -2.36 -24.18
CA HIS A 151 24.38 -3.72 -24.70
C HIS A 151 24.72 -3.70 -26.19
N HIS A 152 25.73 -2.92 -26.54
CA HIS A 152 26.15 -2.80 -27.94
C HIS A 152 26.82 -4.09 -28.40
N HIS A 153 27.15 -4.96 -27.45
CA HIS A 153 27.67 -6.28 -27.75
C HIS A 153 26.82 -7.32 -27.05
N MET A 1 10.44 1.77 -4.70
CA MET A 1 9.43 2.47 -3.89
C MET A 1 9.98 3.80 -3.38
N LYS A 2 9.33 4.90 -3.74
CA LYS A 2 9.74 6.22 -3.27
C LYS A 2 8.78 6.74 -2.21
N THR A 3 9.27 6.95 -1.02
CA THR A 3 8.48 7.58 0.03
C THR A 3 9.41 8.13 1.11
N THR A 4 8.83 8.83 2.07
CA THR A 4 9.59 9.37 3.18
C THR A 4 9.38 8.52 4.44
N PRO A 5 10.41 8.44 5.30
CA PRO A 5 10.37 7.63 6.53
C PRO A 5 9.19 7.98 7.44
N ASP A 6 8.77 9.23 7.36
CA ASP A 6 7.61 9.70 8.11
C ASP A 6 6.38 8.84 7.81
N ILE A 7 6.19 8.54 6.54
CA ILE A 7 5.07 7.71 6.10
C ILE A 7 5.25 6.28 6.59
N LEU A 8 6.48 5.78 6.49
CA LEU A 8 6.80 4.43 6.96
C LEU A 8 6.46 4.27 8.43
N ASP A 9 6.76 5.29 9.22
CA ASP A 9 6.47 5.28 10.63
C ASP A 9 4.97 5.23 10.86
N GLN A 10 4.23 6.03 10.10
CA GLN A 10 2.78 6.08 10.18
C GLN A 10 2.15 4.73 9.81
N ILE A 11 2.80 3.99 8.92
CA ILE A 11 2.33 2.65 8.56
C ILE A 11 2.37 1.75 9.79
N ARG A 12 3.48 1.79 10.50
CA ARG A 12 3.66 0.99 11.70
C ARG A 12 2.68 1.41 12.79
N VAL A 13 2.45 2.72 12.89
CA VAL A 13 1.48 3.24 13.85
C VAL A 13 0.07 2.78 13.49
N HIS A 14 -0.29 2.90 12.22
CA HIS A 14 -1.62 2.49 11.76
C HIS A 14 -1.82 0.98 11.89
N GLY A 15 -0.73 0.23 11.82
CA GLY A 15 -0.82 -1.20 12.07
C GLY A 15 -1.32 -1.49 13.47
N ALA A 16 -0.79 -0.77 14.44
CA ALA A 16 -1.23 -0.88 15.83
C ALA A 16 -2.59 -0.22 16.00
N ASP A 17 -2.84 0.80 15.18
CA ASP A 17 -4.12 1.51 15.14
C ASP A 17 -5.26 0.56 14.81
N ALA A 18 -4.98 -0.38 13.94
CA ALA A 18 -5.97 -1.40 13.55
C ALA A 18 -6.39 -2.23 14.76
N TYR A 19 -5.42 -2.63 15.56
CA TYR A 19 -5.67 -3.45 16.75
C TYR A 19 -6.68 -2.81 17.69
N PRO A 20 -7.59 -3.61 18.27
CA PRO A 20 -7.64 -5.07 18.07
C PRO A 20 -8.52 -5.48 16.88
N GLU A 21 -9.13 -4.49 16.24
CA GLU A 21 -10.08 -4.74 15.17
C GLU A 21 -9.39 -5.09 13.86
N GLU A 22 -10.17 -5.47 12.86
CA GLU A 22 -9.64 -5.83 11.55
C GLU A 22 -9.58 -4.60 10.66
N GLY A 23 -8.41 -4.36 10.04
CA GLY A 23 -8.26 -3.21 9.18
C GLY A 23 -7.05 -3.30 8.26
N CYS A 24 -7.31 -3.57 6.99
CA CYS A 24 -6.26 -3.56 5.98
C CYS A 24 -6.34 -2.26 5.18
N GLY A 25 -5.49 -2.11 4.17
CA GLY A 25 -5.58 -0.92 3.33
C GLY A 25 -4.66 -0.95 2.13
N PHE A 26 -4.79 0.07 1.29
CA PHE A 26 -3.99 0.20 0.06
C PHE A 26 -3.17 1.48 0.09
N LEU A 27 -2.10 1.51 -0.69
CA LEU A 27 -1.20 2.66 -0.74
C LEU A 27 -1.59 3.57 -1.89
N LEU A 28 -1.70 4.86 -1.61
CA LEU A 28 -2.01 5.84 -2.63
C LEU A 28 -0.80 6.69 -2.94
N GLY A 29 -0.57 6.95 -4.22
CA GLY A 29 0.57 7.72 -4.63
C GLY A 29 0.53 8.02 -6.10
N THR A 30 1.67 8.30 -6.70
CA THR A 30 1.71 8.57 -8.12
C THR A 30 2.88 7.87 -8.80
N VAL A 31 2.64 7.45 -10.03
CA VAL A 31 3.69 6.91 -10.86
C VAL A 31 4.29 8.05 -11.68
N THR A 32 5.62 8.11 -11.74
CA THR A 32 6.32 9.18 -12.44
C THR A 32 6.16 9.09 -13.96
N ASP A 33 5.38 8.10 -14.39
CA ASP A 33 5.15 7.81 -15.81
C ASP A 33 6.37 7.13 -16.43
N ASP A 34 7.53 7.42 -15.88
CA ASP A 34 8.78 6.86 -16.36
C ASP A 34 8.95 5.43 -15.87
N GLY A 35 8.49 5.16 -14.65
CA GLY A 35 8.60 3.83 -14.11
C GLY A 35 8.71 3.83 -12.60
N ASP A 36 8.91 5.00 -12.02
CA ASP A 36 9.02 5.12 -10.57
C ASP A 36 7.65 5.31 -9.95
N ASN A 37 7.48 4.81 -8.75
CA ASN A 37 6.25 5.03 -8.00
C ASN A 37 6.58 5.69 -6.67
N ARG A 38 5.82 6.72 -6.32
CA ARG A 38 5.95 7.34 -5.01
C ARG A 38 4.67 7.16 -4.22
N VAL A 39 4.84 7.01 -2.92
CA VAL A 39 3.72 6.86 -2.01
C VAL A 39 3.41 8.21 -1.37
N ALA A 40 2.20 8.69 -1.56
CA ALA A 40 1.83 10.03 -1.13
C ALA A 40 0.84 10.00 0.03
N ALA A 41 -0.01 8.98 0.09
CA ALA A 41 -1.03 8.92 1.11
C ALA A 41 -1.37 7.50 1.51
N LEU A 42 -1.69 7.32 2.78
CA LEU A 42 -2.18 6.05 3.29
C LEU A 42 -3.68 6.16 3.50
N HIS A 43 -4.42 5.08 3.28
CA HIS A 43 -5.86 5.14 3.47
C HIS A 43 -6.34 3.92 4.26
N ARG A 44 -7.21 4.17 5.21
CA ARG A 44 -7.85 3.12 5.98
C ARG A 44 -9.19 2.75 5.35
N ALA A 45 -9.45 1.46 5.24
CA ALA A 45 -10.77 0.98 4.84
C ALA A 45 -11.86 1.56 5.75
N THR A 46 -12.60 2.53 5.24
CA THR A 46 -13.67 3.16 6.00
C THR A 46 -14.75 3.72 5.09
N ASN A 47 -15.99 3.39 5.40
CA ASN A 47 -17.15 3.90 4.68
C ASN A 47 -18.39 3.81 5.55
N ARG A 48 -19.36 4.68 5.31
CA ARG A 48 -20.59 4.68 6.10
C ARG A 48 -21.81 4.88 5.20
N ARG A 49 -21.57 5.19 3.94
CA ARG A 49 -22.64 5.58 3.04
C ARG A 49 -22.35 5.13 1.61
N SER A 50 -23.26 4.35 1.04
CA SER A 50 -23.20 4.02 -0.37
C SER A 50 -23.53 5.27 -1.18
N GLU A 51 -22.72 5.56 -2.19
CA GLU A 51 -22.83 6.82 -2.90
C GLU A 51 -24.04 6.84 -3.83
N GLN A 52 -24.62 8.02 -4.00
CA GLN A 52 -25.63 8.25 -5.02
C GLN A 52 -24.93 8.51 -6.35
N ARG A 53 -25.61 8.26 -7.46
CA ARG A 53 -24.99 8.32 -8.80
C ARG A 53 -24.01 7.18 -8.99
N THR A 54 -23.37 7.14 -10.15
CA THR A 54 -22.36 6.16 -10.48
C THR A 54 -22.84 4.74 -10.13
N ARG A 55 -24.08 4.42 -10.49
CA ARG A 55 -24.68 3.15 -10.11
C ARG A 55 -24.24 2.02 -11.00
N ARG A 56 -23.05 1.51 -10.74
CA ARG A 56 -22.54 0.31 -11.38
C ARG A 56 -22.20 -0.72 -10.32
N TYR A 57 -23.13 -1.59 -10.01
CA TYR A 57 -22.92 -2.63 -9.03
C TYR A 57 -21.95 -3.68 -9.56
N GLU A 58 -21.11 -4.19 -8.66
CA GLU A 58 -20.06 -5.14 -9.02
C GLU A 58 -19.13 -4.58 -10.11
N LEU A 59 -18.14 -3.82 -9.68
CA LEU A 59 -17.14 -3.27 -10.59
C LEU A 59 -15.76 -3.41 -9.96
N THR A 60 -15.68 -3.12 -8.66
CA THR A 60 -14.47 -3.25 -7.90
C THR A 60 -14.81 -3.64 -6.47
N ALA A 61 -13.89 -4.34 -5.79
CA ALA A 61 -14.10 -4.74 -4.41
C ALA A 61 -14.17 -3.52 -3.49
N ASP A 62 -14.76 -3.69 -2.32
CA ASP A 62 -14.92 -2.59 -1.36
C ASP A 62 -13.54 -2.17 -0.84
N ASP A 63 -13.49 -0.97 -0.26
CA ASP A 63 -12.23 -0.32 0.14
C ASP A 63 -11.45 0.15 -1.08
N TYR A 64 -11.24 -0.74 -2.03
CA TYR A 64 -10.55 -0.41 -3.27
C TYR A 64 -11.29 0.72 -4.00
N ARG A 65 -12.63 0.65 -3.97
CA ARG A 65 -13.46 1.70 -4.56
C ARG A 65 -13.12 3.05 -3.95
N ALA A 66 -13.05 3.09 -2.63
CA ALA A 66 -12.74 4.33 -1.91
C ALA A 66 -11.31 4.76 -2.18
N ALA A 67 -10.43 3.79 -2.35
CA ALA A 67 -9.04 4.05 -2.66
C ALA A 67 -8.92 4.72 -4.01
N ASP A 68 -9.67 4.20 -4.98
CA ASP A 68 -9.66 4.72 -6.34
C ASP A 68 -10.28 6.11 -6.36
N ALA A 69 -11.40 6.25 -5.66
CA ALA A 69 -12.11 7.53 -5.57
C ALA A 69 -11.22 8.61 -4.95
N ALA A 70 -10.67 8.32 -3.79
CA ALA A 70 -9.79 9.27 -3.11
C ALA A 70 -8.53 9.52 -3.91
N ALA A 71 -8.09 8.49 -4.64
CA ALA A 71 -6.93 8.64 -5.50
C ALA A 71 -7.19 9.67 -6.59
N GLN A 72 -8.30 9.50 -7.31
CA GLN A 72 -8.62 10.41 -8.41
C GLN A 72 -8.96 11.81 -7.88
N GLU A 73 -9.53 11.87 -6.68
CA GLU A 73 -9.80 13.15 -6.02
C GLU A 73 -8.50 13.93 -5.76
N GLN A 74 -7.46 13.18 -5.42
CA GLN A 74 -6.17 13.76 -5.11
C GLN A 74 -5.27 13.83 -6.34
N GLY A 75 -5.68 13.16 -7.42
CA GLY A 75 -4.85 13.09 -8.60
C GLY A 75 -3.74 12.06 -8.44
N LEU A 76 -4.05 11.01 -7.71
CA LEU A 76 -3.11 9.92 -7.43
C LEU A 76 -3.64 8.62 -7.99
N ASP A 77 -2.88 7.55 -7.82
CA ASP A 77 -3.32 6.21 -8.20
C ASP A 77 -2.89 5.21 -7.14
N VAL A 78 -3.24 3.95 -7.33
CA VAL A 78 -2.90 2.90 -6.37
C VAL A 78 -1.54 2.29 -6.70
N VAL A 79 -0.51 2.71 -5.98
CA VAL A 79 0.85 2.26 -6.26
C VAL A 79 1.18 0.96 -5.54
N GLY A 80 0.38 0.60 -4.55
CA GLY A 80 0.64 -0.61 -3.81
C GLY A 80 -0.39 -0.91 -2.75
N VAL A 81 -0.08 -1.89 -1.91
CA VAL A 81 -0.98 -2.31 -0.83
C VAL A 81 -0.15 -2.50 0.43
N TYR A 82 -0.79 -2.41 1.59
CA TYR A 82 -0.10 -2.68 2.84
C TYR A 82 -0.86 -3.72 3.65
N HIS A 83 -0.11 -4.62 4.27
CA HIS A 83 -0.68 -5.71 5.05
C HIS A 83 -0.03 -5.76 6.43
N SER A 84 -0.83 -5.95 7.47
CA SER A 84 -0.30 -6.15 8.81
C SER A 84 -0.66 -7.55 9.31
N HIS A 85 0.33 -8.30 9.74
CA HIS A 85 0.06 -9.64 10.26
C HIS A 85 -0.21 -9.57 11.75
N PRO A 86 -1.17 -10.38 12.25
CA PRO A 86 -1.58 -10.38 13.64
C PRO A 86 -0.95 -11.51 14.46
N ASP A 87 -0.18 -12.36 13.81
CA ASP A 87 0.36 -13.55 14.45
C ASP A 87 1.85 -13.67 14.21
N HIS A 88 2.20 -14.00 12.98
CA HIS A 88 3.60 -14.16 12.60
C HIS A 88 4.16 -12.85 12.10
N PRO A 89 5.50 -12.73 12.05
CA PRO A 89 6.20 -11.49 11.63
C PRO A 89 5.92 -11.08 10.18
N ALA A 90 6.77 -10.20 9.67
CA ALA A 90 6.65 -9.69 8.31
C ALA A 90 6.96 -10.77 7.28
N ARG A 91 6.99 -10.38 6.01
CA ARG A 91 7.10 -11.31 4.88
C ARG A 91 5.84 -12.17 4.76
N PRO A 92 5.40 -12.44 3.52
CA PRO A 92 4.18 -13.22 3.27
C PRO A 92 4.27 -14.66 3.76
N SER A 93 3.20 -15.11 4.40
CA SER A 93 3.08 -16.50 4.80
C SER A 93 2.64 -17.33 3.59
N ALA A 94 2.41 -18.63 3.78
CA ALA A 94 2.11 -19.51 2.65
C ALA A 94 0.82 -19.12 1.93
N THR A 95 -0.26 -18.95 2.68
CA THR A 95 -1.54 -18.59 2.08
C THR A 95 -1.59 -17.09 1.79
N ASP A 96 -0.92 -16.31 2.64
CA ASP A 96 -0.77 -14.88 2.42
C ASP A 96 -0.15 -14.63 1.05
N LEU A 97 0.84 -15.44 0.70
CA LEU A 97 1.48 -15.38 -0.62
C LEU A 97 0.52 -15.86 -1.71
N GLU A 98 -0.18 -16.96 -1.43
CA GLU A 98 -1.07 -17.59 -2.42
C GLU A 98 -2.17 -16.63 -2.89
N GLU A 99 -2.68 -15.82 -1.99
CA GLU A 99 -3.77 -14.92 -2.32
C GLU A 99 -3.29 -13.68 -3.07
N ALA A 100 -2.00 -13.63 -3.39
CA ALA A 100 -1.48 -12.58 -4.24
C ALA A 100 -1.84 -12.85 -5.70
N THR A 101 -3.09 -12.61 -6.03
CA THR A 101 -3.62 -12.91 -7.35
C THR A 101 -3.70 -11.65 -8.21
N PHE A 102 -3.38 -10.54 -7.59
CA PHE A 102 -3.39 -9.25 -8.29
C PHE A 102 -1.99 -8.61 -8.25
N PRO A 103 -1.13 -8.97 -9.21
CA PRO A 103 0.24 -8.48 -9.29
C PRO A 103 0.32 -7.06 -9.87
N GLY A 104 1.52 -6.47 -9.83
CA GLY A 104 1.72 -5.15 -10.40
C GLY A 104 1.72 -4.05 -9.36
N PHE A 105 1.75 -4.42 -8.09
CA PHE A 105 1.72 -3.46 -7.01
C PHE A 105 2.94 -3.61 -6.11
N THR A 106 3.21 -2.59 -5.31
CA THR A 106 4.22 -2.68 -4.27
C THR A 106 3.56 -3.12 -2.97
N TYR A 107 3.95 -4.30 -2.47
CA TYR A 107 3.31 -4.86 -1.30
C TYR A 107 4.14 -4.59 -0.06
N VAL A 108 3.65 -3.71 0.80
CA VAL A 108 4.33 -3.44 2.05
C VAL A 108 3.69 -4.25 3.16
N ILE A 109 4.46 -5.16 3.73
CA ILE A 109 3.97 -6.00 4.80
C ILE A 109 4.64 -5.62 6.11
N VAL A 110 3.84 -5.19 7.06
CA VAL A 110 4.34 -4.74 8.35
C VAL A 110 4.00 -5.76 9.42
N SER A 111 4.96 -5.99 10.29
CA SER A 111 4.76 -6.87 11.41
C SER A 111 4.32 -6.04 12.62
N VAL A 112 3.08 -6.19 13.02
CA VAL A 112 2.57 -5.52 14.21
C VAL A 112 1.94 -6.55 15.13
N ARG A 113 2.52 -6.71 16.30
CA ARG A 113 2.12 -7.78 17.17
C ARG A 113 1.49 -7.23 18.44
N ASP A 114 0.16 -7.33 18.48
CA ASP A 114 -0.65 -6.84 19.59
C ASP A 114 -0.26 -5.39 19.95
N GLY A 115 -0.37 -4.51 18.96
CA GLY A 115 -0.14 -3.10 19.19
C GLY A 115 1.32 -2.71 19.10
N ALA A 116 2.20 -3.69 18.97
CA ALA A 116 3.64 -3.41 18.91
C ALA A 116 4.17 -3.59 17.50
N PRO A 117 4.53 -2.49 16.83
CA PRO A 117 5.15 -2.52 15.51
C PRO A 117 6.56 -3.10 15.56
N GLU A 118 6.76 -4.19 14.84
CA GLU A 118 8.01 -4.92 14.87
C GLU A 118 8.95 -4.46 13.75
N ALA A 119 8.60 -4.78 12.51
CA ALA A 119 9.45 -4.45 11.38
C ALA A 119 8.63 -4.22 10.10
N LEU A 120 9.21 -3.45 9.18
CA LEU A 120 8.62 -3.20 7.87
C LEU A 120 9.36 -3.97 6.78
N THR A 121 8.61 -4.50 5.82
CA THR A 121 9.19 -5.15 4.66
C THR A 121 8.40 -4.80 3.40
N ALA A 122 9.08 -4.38 2.36
CA ALA A 122 8.41 -4.06 1.10
C ALA A 122 8.76 -5.09 0.03
N TRP A 123 7.75 -5.54 -0.70
CA TRP A 123 7.91 -6.66 -1.61
C TRP A 123 7.29 -6.37 -2.97
N ALA A 124 7.92 -6.89 -4.00
CA ALA A 124 7.36 -6.90 -5.33
C ALA A 124 7.05 -8.33 -5.73
N LEU A 125 5.82 -8.58 -6.16
CA LEU A 125 5.41 -9.92 -6.53
C LEU A 125 5.86 -10.26 -7.94
N ALA A 126 6.30 -11.49 -8.13
CA ALA A 126 6.58 -11.98 -9.46
C ALA A 126 5.27 -12.05 -10.24
N PRO A 127 5.30 -11.71 -11.54
CA PRO A 127 4.08 -11.66 -12.38
C PRO A 127 3.31 -12.99 -12.36
N ASP A 128 4.01 -14.07 -12.10
CA ASP A 128 3.43 -15.40 -12.09
C ASP A 128 3.27 -15.91 -10.66
N ARG A 129 3.42 -15.00 -9.69
CA ARG A 129 3.30 -15.29 -8.25
C ARG A 129 4.01 -16.59 -7.83
N SER A 130 5.23 -16.78 -8.32
CA SER A 130 6.05 -17.89 -7.85
C SER A 130 6.74 -17.53 -6.54
N GLU A 131 6.93 -16.23 -6.32
CA GLU A 131 7.57 -15.74 -5.10
C GLU A 131 7.47 -14.23 -5.03
N PHE A 132 7.98 -13.67 -3.93
CA PHE A 132 8.09 -12.23 -3.78
C PHE A 132 9.55 -11.84 -3.80
N HIS A 133 9.82 -10.62 -4.22
CA HIS A 133 11.18 -10.09 -4.19
C HIS A 133 11.19 -8.83 -3.36
N ARG A 134 12.15 -8.73 -2.47
CA ARG A 134 12.19 -7.61 -1.55
C ARG A 134 12.77 -6.36 -2.19
N GLU A 135 12.22 -5.23 -1.83
CA GLU A 135 12.72 -3.95 -2.27
C GLU A 135 12.78 -3.02 -1.08
N ASP A 136 13.70 -2.08 -1.10
CA ASP A 136 13.89 -1.19 0.03
C ASP A 136 13.30 0.17 -0.28
N ILE A 137 13.07 0.96 0.75
CA ILE A 137 12.46 2.27 0.58
C ILE A 137 13.51 3.30 0.24
N VAL A 138 13.37 3.91 -0.92
CA VAL A 138 14.26 4.97 -1.34
C VAL A 138 13.52 6.30 -1.31
N ARG A 139 14.22 7.36 -0.98
CA ARG A 139 13.61 8.66 -0.85
C ARG A 139 13.32 9.24 -2.22
N PRO A 140 12.20 9.98 -2.34
CA PRO A 140 11.82 10.63 -3.59
C PRO A 140 12.87 11.64 -4.03
N ASP A 141 13.18 11.67 -5.31
CA ASP A 141 14.15 12.62 -5.85
C ASP A 141 13.43 13.89 -6.30
N PRO A 142 13.42 14.92 -5.44
CA PRO A 142 12.62 16.12 -5.65
C PRO A 142 13.44 17.28 -6.21
N GLU A 143 14.45 16.93 -6.97
CA GLU A 143 15.36 17.93 -7.52
C GLU A 143 15.28 17.97 -9.03
N ALA A 144 14.53 17.03 -9.59
CA ALA A 144 14.30 17.02 -11.03
C ALA A 144 13.10 17.90 -11.36
N PRO A 145 13.14 18.59 -12.52
CA PRO A 145 12.04 19.44 -12.95
C PRO A 145 10.71 18.69 -12.95
N LEU A 146 9.70 19.34 -12.38
CA LEU A 146 8.40 18.69 -12.18
C LEU A 146 7.62 18.58 -13.47
N GLU A 147 6.44 17.99 -13.37
CA GLU A 147 5.55 17.85 -14.51
C GLU A 147 5.16 19.25 -15.02
N HIS A 148 4.81 19.34 -16.30
CA HIS A 148 4.48 20.62 -16.92
C HIS A 148 3.11 21.10 -16.45
N HIS A 149 2.42 20.24 -15.68
CA HIS A 149 1.14 20.57 -15.04
C HIS A 149 -0.01 20.51 -16.04
N HIS A 150 -0.71 19.39 -16.05
CA HIS A 150 -1.86 19.22 -16.92
C HIS A 150 -3.08 19.90 -16.32
N HIS A 151 -3.25 21.16 -16.67
CA HIS A 151 -4.37 21.96 -16.20
C HIS A 151 -4.63 23.09 -17.19
N HIS A 152 -5.79 23.08 -17.83
CA HIS A 152 -6.11 24.13 -18.78
C HIS A 152 -6.53 25.40 -18.03
N HIS A 153 -5.71 26.44 -18.22
CA HIS A 153 -5.84 27.69 -17.47
C HIS A 153 -5.48 27.47 -16.00
N MET A 1 11.75 1.71 -4.98
CA MET A 1 10.55 2.25 -4.29
C MET A 1 10.94 3.35 -3.31
N LYS A 2 10.26 4.47 -3.41
CA LYS A 2 10.49 5.60 -2.51
C LYS A 2 9.25 5.86 -1.67
N THR A 3 9.47 6.25 -0.43
CA THR A 3 8.38 6.65 0.44
C THR A 3 8.92 7.57 1.55
N THR A 4 8.09 8.47 2.02
CA THR A 4 8.53 9.45 3.00
C THR A 4 8.53 8.86 4.40
N PRO A 5 9.45 9.33 5.26
CA PRO A 5 9.49 8.92 6.67
C PRO A 5 8.20 9.27 7.37
N ASP A 6 7.55 10.32 6.86
CA ASP A 6 6.24 10.74 7.33
C ASP A 6 5.25 9.58 7.21
N ILE A 7 5.22 8.96 6.03
CA ILE A 7 4.34 7.81 5.79
C ILE A 7 4.78 6.61 6.61
N LEU A 8 6.08 6.34 6.62
CA LEU A 8 6.63 5.20 7.34
C LEU A 8 6.28 5.24 8.83
N ASP A 9 6.37 6.43 9.42
CA ASP A 9 6.05 6.59 10.84
C ASP A 9 4.56 6.42 11.07
N GLN A 10 3.77 6.93 10.15
CA GLN A 10 2.33 6.76 10.21
C GLN A 10 1.95 5.28 10.12
N ILE A 11 2.66 4.51 9.29
CA ILE A 11 2.38 3.09 9.13
C ILE A 11 2.62 2.33 10.43
N ARG A 12 3.77 2.54 11.04
CA ARG A 12 4.12 1.84 12.27
C ARG A 12 3.17 2.21 13.40
N VAL A 13 2.75 3.48 13.45
CA VAL A 13 1.76 3.92 14.43
C VAL A 13 0.39 3.32 14.09
N HIS A 14 0.07 3.28 12.81
CA HIS A 14 -1.18 2.70 12.33
C HIS A 14 -1.27 1.23 12.75
N GLY A 15 -0.14 0.54 12.76
CA GLY A 15 -0.09 -0.84 13.19
C GLY A 15 -0.53 -1.00 14.63
N ALA A 16 0.04 -0.18 15.51
CA ALA A 16 -0.31 -0.23 16.93
C ALA A 16 -1.71 0.32 17.18
N ASP A 17 -2.13 1.21 16.31
CA ASP A 17 -3.44 1.86 16.41
C ASP A 17 -4.56 0.92 16.03
N ALA A 18 -4.31 0.12 15.01
CA ALA A 18 -5.31 -0.80 14.49
C ALA A 18 -5.35 -2.09 15.29
N TYR A 19 -4.19 -2.53 15.78
CA TYR A 19 -4.10 -3.81 16.49
C TYR A 19 -4.81 -3.73 17.84
N PRO A 20 -5.13 -4.88 18.47
CA PRO A 20 -4.73 -6.23 18.01
C PRO A 20 -5.39 -6.68 16.71
N GLU A 21 -6.30 -5.89 16.18
CA GLU A 21 -6.93 -6.21 14.90
C GLU A 21 -5.94 -5.95 13.76
N GLU A 22 -5.87 -6.87 12.82
CA GLU A 22 -4.99 -6.69 11.67
C GLU A 22 -5.58 -5.67 10.71
N GLY A 23 -5.24 -4.41 10.93
CA GLY A 23 -5.70 -3.35 10.06
C GLY A 23 -4.98 -3.36 8.72
N CYS A 24 -5.70 -3.71 7.67
CA CYS A 24 -5.14 -3.77 6.34
C CYS A 24 -5.48 -2.52 5.55
N GLY A 25 -5.03 -2.45 4.30
CA GLY A 25 -5.36 -1.31 3.47
C GLY A 25 -4.57 -1.29 2.17
N PHE A 26 -4.47 -0.11 1.57
CA PHE A 26 -3.82 0.06 0.28
C PHE A 26 -2.89 1.25 0.32
N LEU A 27 -2.01 1.35 -0.68
CA LEU A 27 -1.05 2.45 -0.76
C LEU A 27 -1.34 3.31 -1.98
N LEU A 28 -1.33 4.62 -1.80
CA LEU A 28 -1.60 5.56 -2.89
C LEU A 28 -0.36 6.40 -3.14
N GLY A 29 -0.11 6.74 -4.40
CA GLY A 29 1.06 7.53 -4.72
C GLY A 29 1.25 7.73 -6.20
N THR A 30 2.50 7.93 -6.61
CA THR A 30 2.82 8.17 -8.00
C THR A 30 3.74 7.09 -8.55
N VAL A 31 3.57 6.78 -9.83
CA VAL A 31 4.39 5.78 -10.47
C VAL A 31 5.54 6.43 -11.22
N THR A 32 6.73 6.22 -10.70
CA THR A 32 7.94 6.73 -11.30
C THR A 32 8.18 6.07 -12.65
N ASP A 33 8.57 6.84 -13.66
CA ASP A 33 8.75 6.33 -15.01
C ASP A 33 9.83 5.25 -15.04
N ASP A 34 10.72 5.28 -14.05
CA ASP A 34 11.79 4.28 -13.92
C ASP A 34 11.24 2.94 -13.45
N GLY A 35 10.04 2.96 -12.87
CA GLY A 35 9.50 1.77 -12.24
C GLY A 35 9.90 1.71 -10.78
N ASP A 36 10.17 2.89 -10.21
CA ASP A 36 10.63 3.01 -8.84
C ASP A 36 9.47 2.90 -7.86
N ASN A 37 8.41 3.65 -8.12
CA ASN A 37 7.17 3.65 -7.33
C ASN A 37 7.33 4.46 -6.04
N ARG A 38 6.60 5.58 -5.97
CA ARG A 38 6.68 6.47 -4.85
C ARG A 38 5.35 6.54 -4.10
N VAL A 39 5.31 5.97 -2.90
CA VAL A 39 4.09 6.00 -2.09
C VAL A 39 4.06 7.28 -1.25
N ALA A 40 2.98 8.05 -1.40
CA ALA A 40 2.89 9.35 -0.74
C ALA A 40 1.61 9.48 0.10
N ALA A 41 0.74 8.49 0.02
CA ALA A 41 -0.51 8.54 0.77
C ALA A 41 -0.92 7.15 1.24
N LEU A 42 -1.48 7.09 2.44
CA LEU A 42 -1.94 5.84 3.02
C LEU A 42 -3.45 5.69 2.88
N HIS A 43 -3.93 4.46 2.88
CA HIS A 43 -5.35 4.20 2.87
C HIS A 43 -5.71 3.12 3.88
N ARG A 44 -6.54 3.49 4.83
CA ARG A 44 -7.09 2.55 5.80
C ARG A 44 -8.29 1.84 5.21
N ALA A 45 -8.38 0.55 5.45
CA ALA A 45 -9.52 -0.24 4.96
C ALA A 45 -10.83 0.32 5.50
N THR A 46 -11.60 0.94 4.63
CA THR A 46 -12.89 1.48 5.00
C THR A 46 -13.93 0.36 4.95
N ASN A 47 -13.45 -0.80 4.51
CA ASN A 47 -14.22 -2.02 4.46
C ASN A 47 -15.37 -1.94 3.48
N ARG A 48 -16.37 -2.79 3.69
CA ARG A 48 -17.41 -2.99 2.70
C ARG A 48 -18.54 -1.96 2.88
N ARG A 49 -18.41 -0.85 2.19
CA ARG A 49 -19.44 0.16 2.16
C ARG A 49 -19.64 0.68 0.75
N SER A 50 -20.77 0.33 0.16
CA SER A 50 -21.08 0.75 -1.19
C SER A 50 -22.58 0.62 -1.44
N GLU A 51 -23.20 1.72 -1.86
CA GLU A 51 -24.59 1.68 -2.27
C GLU A 51 -24.71 0.81 -3.52
N GLN A 52 -23.75 0.98 -4.43
CA GLN A 52 -23.58 0.13 -5.60
C GLN A 52 -24.75 0.32 -6.58
N ARG A 53 -24.58 -0.15 -7.81
CA ARG A 53 -25.62 -0.09 -8.83
C ARG A 53 -25.95 1.35 -9.18
N THR A 54 -24.92 2.17 -9.26
CA THR A 54 -25.05 3.56 -9.70
C THR A 54 -24.43 3.67 -11.11
N ARG A 55 -24.30 2.51 -11.74
CA ARG A 55 -23.67 2.36 -13.05
C ARG A 55 -22.20 2.77 -13.01
N ARG A 56 -21.38 1.87 -12.51
CA ARG A 56 -19.93 1.99 -12.50
C ARG A 56 -19.36 0.73 -11.87
N TYR A 57 -18.05 0.68 -11.67
CA TYR A 57 -17.44 -0.49 -11.06
C TYR A 57 -17.94 -0.69 -9.63
N GLU A 58 -17.98 -1.95 -9.23
CA GLU A 58 -18.50 -2.34 -7.94
C GLU A 58 -17.43 -2.16 -6.86
N LEU A 59 -17.64 -2.77 -5.69
CA LEU A 59 -16.64 -2.75 -4.65
C LEU A 59 -15.36 -3.42 -5.15
N THR A 60 -15.56 -4.55 -5.83
CA THR A 60 -14.50 -5.23 -6.57
C THR A 60 -13.33 -5.66 -5.67
N ALA A 61 -13.54 -6.76 -4.93
CA ALA A 61 -12.50 -7.38 -4.13
C ALA A 61 -11.90 -6.45 -3.08
N ASP A 62 -12.42 -6.56 -1.85
CA ASP A 62 -11.93 -5.79 -0.70
C ASP A 62 -12.28 -4.31 -0.89
N ASP A 63 -11.61 -3.44 -0.16
CA ASP A 63 -11.93 -2.02 -0.19
C ASP A 63 -11.16 -1.31 -1.31
N TYR A 64 -11.45 -1.69 -2.55
CA TYR A 64 -10.89 -1.01 -3.70
C TYR A 64 -11.53 0.38 -3.85
N ARG A 65 -12.84 0.45 -3.63
CA ARG A 65 -13.61 1.66 -3.90
C ARG A 65 -13.08 2.88 -3.15
N ALA A 66 -12.84 2.74 -1.84
CA ALA A 66 -12.37 3.88 -1.06
C ALA A 66 -10.93 4.22 -1.44
N ALA A 67 -10.19 3.22 -1.90
CA ALA A 67 -8.84 3.44 -2.38
C ALA A 67 -8.86 4.21 -3.68
N ASP A 68 -9.77 3.82 -4.57
CA ASP A 68 -9.92 4.47 -5.88
C ASP A 68 -10.38 5.91 -5.71
N ALA A 69 -11.40 6.10 -4.87
CA ALA A 69 -11.98 7.42 -4.64
C ALA A 69 -10.95 8.40 -4.11
N ALA A 70 -10.26 8.03 -3.03
CA ALA A 70 -9.26 8.90 -2.42
C ALA A 70 -8.09 9.12 -3.36
N ALA A 71 -7.78 8.12 -4.16
CA ALA A 71 -6.74 8.24 -5.16
C ALA A 71 -7.12 9.29 -6.20
N GLN A 72 -8.34 9.18 -6.71
CA GLN A 72 -8.83 10.15 -7.70
C GLN A 72 -8.87 11.55 -7.12
N GLU A 73 -9.27 11.64 -5.85
CA GLU A 73 -9.30 12.91 -5.14
C GLU A 73 -7.94 13.57 -5.12
N GLN A 74 -6.92 12.77 -4.86
CA GLN A 74 -5.56 13.27 -4.71
C GLN A 74 -4.80 13.30 -6.03
N GLY A 75 -5.43 12.80 -7.09
CA GLY A 75 -4.78 12.77 -8.38
C GLY A 75 -3.72 11.68 -8.45
N LEU A 76 -3.97 10.60 -7.73
CA LEU A 76 -3.06 9.47 -7.65
C LEU A 76 -3.81 8.20 -8.03
N ASP A 77 -3.15 7.07 -7.92
CA ASP A 77 -3.80 5.78 -8.06
C ASP A 77 -3.24 4.81 -7.04
N VAL A 78 -3.82 3.62 -6.98
CA VAL A 78 -3.40 2.61 -6.03
C VAL A 78 -2.12 1.94 -6.52
N VAL A 79 -0.99 2.36 -5.98
CA VAL A 79 0.30 1.89 -6.45
C VAL A 79 0.81 0.72 -5.62
N GLY A 80 0.08 0.37 -4.58
CA GLY A 80 0.51 -0.72 -3.74
C GLY A 80 -0.54 -1.15 -2.73
N VAL A 81 -0.22 -2.20 -2.00
CA VAL A 81 -1.08 -2.73 -0.96
C VAL A 81 -0.21 -3.10 0.24
N TYR A 82 -0.78 -3.13 1.43
CA TYR A 82 -0.02 -3.51 2.60
C TYR A 82 -0.79 -4.50 3.44
N HIS A 83 -0.08 -5.47 4.00
CA HIS A 83 -0.68 -6.47 4.86
C HIS A 83 -0.07 -6.37 6.25
N SER A 84 -0.89 -6.51 7.27
CA SER A 84 -0.39 -6.54 8.63
C SER A 84 -0.46 -7.96 9.16
N HIS A 85 0.65 -8.48 9.65
CA HIS A 85 0.69 -9.84 10.16
C HIS A 85 1.23 -9.86 11.59
N PRO A 86 0.65 -10.73 12.44
CA PRO A 86 1.04 -10.87 13.83
C PRO A 86 2.12 -11.92 14.05
N ASP A 87 3.18 -11.53 14.76
CA ASP A 87 4.24 -12.45 15.19
C ASP A 87 4.83 -13.23 14.02
N HIS A 88 5.62 -12.56 13.20
CA HIS A 88 6.26 -13.18 12.05
C HIS A 88 7.54 -12.43 11.68
N PRO A 89 8.43 -13.03 10.89
CA PRO A 89 9.70 -12.41 10.47
C PRO A 89 9.50 -11.26 9.48
N ALA A 90 8.24 -10.89 9.25
CA ALA A 90 7.88 -9.88 8.26
C ALA A 90 8.18 -10.38 6.85
N ARG A 91 7.28 -11.22 6.36
CA ARG A 91 7.40 -11.82 5.03
C ARG A 91 6.05 -12.39 4.64
N PRO A 92 5.82 -12.66 3.35
CA PRO A 92 4.56 -13.21 2.86
C PRO A 92 4.31 -14.63 3.33
N SER A 93 3.05 -14.97 3.51
CA SER A 93 2.66 -16.34 3.82
C SER A 93 2.30 -17.06 2.54
N ALA A 94 2.26 -18.39 2.58
CA ALA A 94 2.05 -19.20 1.38
C ALA A 94 0.76 -18.81 0.65
N THR A 95 -0.33 -18.69 1.39
CA THR A 95 -1.61 -18.37 0.79
C THR A 95 -1.74 -16.87 0.53
N ASP A 96 -1.11 -16.06 1.37
CA ASP A 96 -1.06 -14.62 1.15
C ASP A 96 -0.37 -14.33 -0.19
N LEU A 97 0.62 -15.17 -0.50
CA LEU A 97 1.30 -15.14 -1.79
C LEU A 97 0.36 -15.61 -2.89
N GLU A 98 -0.35 -16.71 -2.64
CA GLU A 98 -1.27 -17.29 -3.62
C GLU A 98 -2.34 -16.28 -4.06
N GLU A 99 -2.85 -15.51 -3.11
CA GLU A 99 -3.91 -14.56 -3.40
C GLU A 99 -3.41 -13.37 -4.20
N ALA A 100 -2.10 -13.20 -4.27
CA ALA A 100 -1.49 -12.18 -5.10
C ALA A 100 -1.50 -12.61 -6.56
N THR A 101 -2.60 -12.33 -7.23
CA THR A 101 -2.75 -12.71 -8.64
C THR A 101 -2.82 -11.45 -9.51
N PHE A 102 -2.59 -10.30 -8.89
CA PHE A 102 -2.68 -9.03 -9.59
C PHE A 102 -1.38 -8.22 -9.47
N PRO A 103 -0.42 -8.47 -10.37
CA PRO A 103 0.86 -7.75 -10.38
C PRO A 103 0.70 -6.28 -10.75
N GLY A 104 1.69 -5.48 -10.41
CA GLY A 104 1.63 -4.06 -10.69
C GLY A 104 1.54 -3.25 -9.42
N PHE A 105 1.27 -3.94 -8.32
CA PHE A 105 1.19 -3.31 -7.02
C PHE A 105 2.41 -3.67 -6.17
N THR A 106 2.87 -2.73 -5.36
CA THR A 106 3.94 -3.00 -4.43
C THR A 106 3.35 -3.45 -3.10
N TYR A 107 3.85 -4.56 -2.58
CA TYR A 107 3.29 -5.13 -1.36
C TYR A 107 4.18 -4.87 -0.17
N VAL A 108 3.66 -4.14 0.80
CA VAL A 108 4.38 -3.87 2.03
C VAL A 108 3.78 -4.69 3.17
N ILE A 109 4.62 -5.46 3.84
CA ILE A 109 4.16 -6.29 4.94
C ILE A 109 4.79 -5.84 6.26
N VAL A 110 3.94 -5.58 7.24
CA VAL A 110 4.40 -5.15 8.54
C VAL A 110 4.14 -6.22 9.58
N SER A 111 5.11 -6.41 10.47
CA SER A 111 4.98 -7.36 11.55
C SER A 111 4.63 -6.63 12.83
N VAL A 112 3.41 -6.80 13.30
CA VAL A 112 2.99 -6.19 14.54
C VAL A 112 2.59 -7.28 15.52
N ARG A 113 3.31 -7.36 16.63
CA ARG A 113 3.08 -8.40 17.61
C ARG A 113 2.35 -7.82 18.81
N ASP A 114 1.04 -7.69 18.66
CA ASP A 114 0.15 -7.09 19.67
C ASP A 114 0.68 -5.72 20.14
N GLY A 115 0.43 -4.70 19.34
CA GLY A 115 0.82 -3.36 19.71
C GLY A 115 2.29 -3.06 19.45
N ALA A 116 3.06 -4.12 19.24
CA ALA A 116 4.50 -3.97 19.01
C ALA A 116 4.86 -4.07 17.53
N PRO A 117 5.14 -2.94 16.89
CA PRO A 117 5.57 -2.89 15.49
C PRO A 117 7.04 -3.29 15.36
N GLU A 118 7.28 -4.44 14.75
CA GLU A 118 8.62 -5.00 14.66
C GLU A 118 9.39 -4.40 13.50
N ALA A 119 8.96 -4.71 12.29
CA ALA A 119 9.67 -4.26 11.10
C ALA A 119 8.73 -4.05 9.93
N LEU A 120 9.19 -3.24 8.97
CA LEU A 120 8.46 -2.98 7.75
C LEU A 120 9.22 -3.57 6.56
N THR A 121 8.57 -4.45 5.82
CA THR A 121 9.21 -5.08 4.69
C THR A 121 8.44 -4.78 3.40
N ALA A 122 9.15 -4.36 2.38
CA ALA A 122 8.55 -4.08 1.09
C ALA A 122 8.96 -5.13 0.08
N TRP A 123 7.99 -5.63 -0.64
CA TRP A 123 8.21 -6.74 -1.55
C TRP A 123 7.74 -6.40 -2.95
N ALA A 124 8.52 -6.80 -3.93
CA ALA A 124 8.13 -6.63 -5.32
C ALA A 124 7.71 -7.96 -5.90
N LEU A 125 6.54 -8.00 -6.50
CA LEU A 125 6.03 -9.21 -7.11
C LEU A 125 6.59 -9.37 -8.51
N ALA A 126 6.98 -10.59 -8.86
CA ALA A 126 7.46 -10.88 -10.20
C ALA A 126 6.40 -10.45 -11.22
N PRO A 127 6.83 -9.79 -12.31
CA PRO A 127 5.92 -9.23 -13.32
C PRO A 127 4.91 -10.24 -13.86
N ASP A 128 5.35 -11.49 -14.01
CA ASP A 128 4.49 -12.55 -14.55
C ASP A 128 3.81 -13.33 -13.43
N ARG A 129 3.96 -12.85 -12.20
CA ARG A 129 3.37 -13.49 -11.02
C ARG A 129 3.94 -14.89 -10.81
N SER A 130 4.93 -14.98 -9.93
CA SER A 130 5.57 -16.26 -9.64
C SER A 130 6.09 -16.27 -8.22
N GLU A 131 6.79 -15.22 -7.84
CA GLU A 131 7.39 -15.13 -6.52
C GLU A 131 7.55 -13.67 -6.12
N PHE A 132 7.94 -13.46 -4.88
CA PHE A 132 8.19 -12.12 -4.37
C PHE A 132 9.67 -11.91 -4.18
N HIS A 133 10.11 -10.68 -4.36
CA HIS A 133 11.51 -10.34 -4.13
C HIS A 133 11.61 -9.19 -3.15
N ARG A 134 12.64 -9.23 -2.34
CA ARG A 134 12.84 -8.22 -1.32
C ARG A 134 13.72 -7.10 -1.86
N GLU A 135 13.36 -5.88 -1.51
CA GLU A 135 14.14 -4.72 -1.86
C GLU A 135 14.32 -3.84 -0.63
N ASP A 136 15.28 -2.93 -0.68
CA ASP A 136 15.52 -2.04 0.44
C ASP A 136 14.65 -0.80 0.30
N ILE A 137 14.24 -0.24 1.42
CA ILE A 137 13.40 0.95 1.41
C ILE A 137 14.27 2.19 1.28
N VAL A 138 13.98 3.00 0.28
CA VAL A 138 14.77 4.19 0.00
C VAL A 138 14.00 5.44 0.36
N ARG A 139 14.74 6.49 0.65
CA ARG A 139 14.15 7.77 1.04
C ARG A 139 13.70 8.52 -0.20
N PRO A 140 12.68 9.39 -0.07
CA PRO A 140 12.11 10.12 -1.20
C PRO A 140 13.15 10.94 -1.95
N ASP A 141 12.98 11.02 -3.27
CA ASP A 141 13.91 11.73 -4.15
C ASP A 141 14.27 13.11 -3.58
N PRO A 142 15.54 13.26 -3.16
CA PRO A 142 15.99 14.38 -2.32
C PRO A 142 15.75 15.77 -2.91
N GLU A 143 14.57 16.32 -2.61
CA GLU A 143 14.20 17.68 -2.99
C GLU A 143 14.46 17.95 -4.48
N ALA A 144 14.32 16.91 -5.27
CA ALA A 144 14.50 16.99 -6.71
C ALA A 144 13.17 17.21 -7.40
N PRO A 145 12.91 18.44 -7.86
CA PRO A 145 11.66 18.79 -8.51
C PRO A 145 11.73 18.67 -10.03
N LEU A 146 10.57 18.54 -10.65
CA LEU A 146 10.49 18.52 -12.10
C LEU A 146 10.43 19.96 -12.61
N GLU A 147 10.67 20.16 -13.90
CA GLU A 147 10.57 21.48 -14.48
C GLU A 147 9.12 21.91 -14.47
N HIS A 148 8.79 22.83 -13.58
CA HIS A 148 7.42 23.25 -13.36
C HIS A 148 6.78 23.81 -14.62
N HIS A 149 7.52 24.66 -15.34
CA HIS A 149 7.00 25.39 -16.50
C HIS A 149 5.97 26.43 -16.07
N HIS A 150 5.02 26.01 -15.23
CA HIS A 150 3.94 26.85 -14.73
C HIS A 150 3.09 27.34 -15.90
N HIS A 151 2.72 26.40 -16.75
CA HIS A 151 1.90 26.70 -17.91
C HIS A 151 0.45 26.30 -17.63
N HIS A 152 -0.49 27.13 -18.06
CA HIS A 152 -1.92 26.90 -17.81
C HIS A 152 -2.26 27.13 -16.35
N HIS A 153 -2.80 28.30 -16.06
CA HIS A 153 -3.28 28.61 -14.71
C HIS A 153 -4.76 28.28 -14.60
N MET A 1 11.43 1.36 -4.40
CA MET A 1 10.30 2.01 -3.71
C MET A 1 10.75 3.37 -3.17
N LYS A 2 9.92 4.39 -3.36
CA LYS A 2 10.27 5.74 -2.92
C LYS A 2 9.19 6.36 -2.06
N THR A 3 9.57 6.67 -0.83
CA THR A 3 8.69 7.37 0.09
C THR A 3 9.53 8.05 1.17
N THR A 4 8.89 8.83 2.02
CA THR A 4 9.59 9.51 3.10
C THR A 4 9.47 8.73 4.41
N PRO A 5 10.46 8.88 5.30
CA PRO A 5 10.43 8.24 6.62
C PRO A 5 9.18 8.62 7.41
N ASP A 6 8.67 9.81 7.12
CA ASP A 6 7.44 10.31 7.71
C ASP A 6 6.28 9.37 7.41
N ILE A 7 6.19 8.94 6.15
CA ILE A 7 5.17 8.00 5.73
C ILE A 7 5.38 6.66 6.42
N LEU A 8 6.63 6.22 6.47
CA LEU A 8 6.98 4.95 7.12
C LEU A 8 6.52 4.94 8.58
N ASP A 9 6.72 6.06 9.25
CA ASP A 9 6.29 6.20 10.63
C ASP A 9 4.78 6.10 10.73
N GLN A 10 4.09 6.80 9.84
CA GLN A 10 2.64 6.74 9.78
C GLN A 10 2.15 5.30 9.59
N ILE A 11 2.89 4.51 8.82
CA ILE A 11 2.53 3.12 8.58
C ILE A 11 2.60 2.29 9.86
N ARG A 12 3.72 2.39 10.58
CA ARG A 12 3.91 1.61 11.81
C ARG A 12 2.92 2.06 12.90
N VAL A 13 2.63 3.35 12.96
CA VAL A 13 1.65 3.87 13.91
C VAL A 13 0.25 3.41 13.52
N HIS A 14 -0.07 3.51 12.23
CA HIS A 14 -1.37 3.12 11.72
C HIS A 14 -1.59 1.62 11.93
N GLY A 15 -0.50 0.85 11.89
CA GLY A 15 -0.58 -0.57 12.14
C GLY A 15 -0.95 -0.88 13.57
N ALA A 16 -0.43 -0.10 14.51
CA ALA A 16 -0.74 -0.29 15.92
C ALA A 16 -2.17 0.16 16.21
N ASP A 17 -2.59 1.20 15.50
CA ASP A 17 -3.96 1.73 15.60
C ASP A 17 -4.97 0.69 15.14
N ALA A 18 -4.60 -0.03 14.09
CA ALA A 18 -5.45 -1.05 13.51
C ALA A 18 -5.72 -2.17 14.50
N TYR A 19 -4.67 -2.61 15.18
CA TYR A 19 -4.78 -3.70 16.15
C TYR A 19 -5.62 -3.27 17.35
N PRO A 20 -6.16 -4.23 18.12
CA PRO A 20 -5.94 -5.68 17.92
C PRO A 20 -6.67 -6.26 16.70
N GLU A 21 -7.45 -5.41 16.04
CA GLU A 21 -8.15 -5.84 14.82
C GLU A 21 -7.19 -5.92 13.64
N GLU A 22 -7.73 -6.18 12.46
CA GLU A 22 -6.92 -6.27 11.26
C GLU A 22 -6.74 -4.90 10.62
N GLY A 23 -5.57 -4.67 10.05
CA GLY A 23 -5.29 -3.41 9.43
C GLY A 23 -5.36 -3.49 7.92
N CYS A 24 -4.20 -3.62 7.28
CA CYS A 24 -4.11 -3.72 5.82
C CYS A 24 -4.60 -2.42 5.16
N GLY A 25 -4.62 -2.42 3.84
CA GLY A 25 -5.06 -1.25 3.11
C GLY A 25 -4.29 -1.07 1.82
N PHE A 26 -4.57 0.02 1.12
CA PHE A 26 -3.96 0.27 -0.18
C PHE A 26 -2.97 1.41 -0.08
N LEU A 27 -1.96 1.36 -0.93
CA LEU A 27 -0.96 2.42 -1.01
C LEU A 27 -1.30 3.37 -2.14
N LEU A 28 -1.53 4.63 -1.81
CA LEU A 28 -1.92 5.60 -2.81
C LEU A 28 -0.75 6.50 -3.16
N GLY A 29 -0.53 6.70 -4.45
CA GLY A 29 0.56 7.52 -4.90
C GLY A 29 0.66 7.54 -6.41
N THR A 30 1.87 7.66 -6.92
CA THR A 30 2.09 7.68 -8.36
C THR A 30 3.29 6.81 -8.74
N VAL A 31 3.35 6.40 -10.00
CA VAL A 31 4.48 5.63 -10.50
C VAL A 31 5.53 6.60 -11.03
N THR A 32 6.74 6.48 -10.52
CA THR A 32 7.78 7.45 -10.77
C THR A 32 9.11 6.76 -11.10
N ASP A 33 10.10 7.56 -11.51
CA ASP A 33 11.48 7.10 -11.70
C ASP A 33 11.64 6.27 -12.96
N ASP A 34 11.40 4.97 -12.84
CA ASP A 34 11.50 4.06 -13.99
C ASP A 34 10.80 2.77 -13.65
N GLY A 35 9.56 2.92 -13.25
CA GLY A 35 8.76 1.78 -12.85
C GLY A 35 8.82 1.55 -11.37
N ASP A 36 8.95 2.64 -10.61
CA ASP A 36 8.95 2.56 -9.16
C ASP A 36 7.69 3.20 -8.63
N ASN A 37 7.38 2.94 -7.38
CA ASN A 37 6.12 3.36 -6.80
C ASN A 37 6.35 4.37 -5.68
N ARG A 38 5.76 5.55 -5.86
CA ARG A 38 5.86 6.62 -4.89
C ARG A 38 4.59 6.71 -4.06
N VAL A 39 4.67 6.28 -2.81
CA VAL A 39 3.52 6.27 -1.93
C VAL A 39 3.42 7.59 -1.16
N ALA A 40 2.31 8.30 -1.36
CA ALA A 40 2.11 9.59 -0.72
C ALA A 40 0.95 9.55 0.28
N ALA A 41 0.06 8.58 0.11
CA ALA A 41 -1.12 8.50 0.98
C ALA A 41 -1.42 7.06 1.36
N LEU A 42 -2.09 6.90 2.50
CA LEU A 42 -2.46 5.58 3.01
C LEU A 42 -3.97 5.48 3.21
N HIS A 43 -4.51 4.30 3.01
CA HIS A 43 -5.94 4.06 3.20
C HIS A 43 -6.15 2.64 3.71
N ARG A 44 -6.79 2.50 4.87
CA ARG A 44 -7.02 1.17 5.43
C ARG A 44 -8.28 0.57 4.85
N ALA A 45 -8.15 -0.66 4.38
CA ALA A 45 -9.29 -1.39 3.83
C ALA A 45 -10.07 -2.04 4.96
N THR A 46 -11.18 -1.42 5.33
CA THR A 46 -11.99 -1.93 6.41
C THR A 46 -13.41 -2.18 5.93
N ASN A 47 -13.69 -3.41 5.56
CA ASN A 47 -15.00 -3.78 5.09
C ASN A 47 -15.88 -4.22 6.24
N ARG A 48 -16.30 -3.24 7.02
CA ARG A 48 -17.21 -3.46 8.13
C ARG A 48 -18.60 -2.98 7.77
N ARG A 49 -18.70 -1.70 7.46
CA ARG A 49 -20.00 -1.07 7.22
C ARG A 49 -20.14 -0.64 5.77
N SER A 50 -19.01 -0.46 5.09
CA SER A 50 -19.00 0.00 3.70
C SER A 50 -19.28 -1.15 2.74
N GLU A 51 -20.15 -2.07 3.14
CA GLU A 51 -20.50 -3.22 2.33
C GLU A 51 -21.57 -2.83 1.31
N GLN A 52 -22.77 -2.56 1.80
CA GLN A 52 -23.92 -2.25 0.96
C GLN A 52 -23.89 -0.80 0.45
N ARG A 53 -22.70 -0.21 0.43
CA ARG A 53 -22.55 1.17 0.01
C ARG A 53 -22.90 1.32 -1.47
N THR A 54 -22.12 0.67 -2.31
CA THR A 54 -22.29 0.79 -3.75
C THR A 54 -23.03 -0.41 -4.33
N ARG A 55 -22.81 -1.57 -3.73
CA ARG A 55 -23.38 -2.80 -4.23
C ARG A 55 -23.35 -3.85 -3.13
N ARG A 56 -23.74 -5.07 -3.45
CA ARG A 56 -23.59 -6.18 -2.53
C ARG A 56 -22.15 -6.68 -2.61
N TYR A 57 -21.53 -6.91 -1.46
CA TYR A 57 -20.12 -7.29 -1.41
C TYR A 57 -19.83 -8.52 -2.28
N GLU A 58 -20.73 -9.51 -2.20
CA GLU A 58 -20.63 -10.82 -2.89
C GLU A 58 -19.35 -11.60 -2.53
N LEU A 59 -18.21 -10.93 -2.57
CA LEU A 59 -16.93 -11.55 -2.26
C LEU A 59 -15.91 -10.44 -2.00
N THR A 60 -15.96 -9.41 -2.85
CA THR A 60 -15.08 -8.27 -2.72
C THR A 60 -15.67 -7.22 -1.78
N ALA A 61 -15.08 -6.04 -1.74
CA ALA A 61 -15.60 -4.94 -0.94
C ALA A 61 -15.41 -3.62 -1.67
N ASP A 62 -15.99 -2.55 -1.12
CA ASP A 62 -15.96 -1.23 -1.77
C ASP A 62 -14.71 -0.45 -1.39
N ASP A 63 -13.85 -1.03 -0.56
CA ASP A 63 -12.65 -0.36 -0.09
C ASP A 63 -11.77 0.07 -1.26
N TYR A 64 -11.74 -0.75 -2.31
CA TYR A 64 -10.94 -0.43 -3.48
C TYR A 64 -11.46 0.84 -4.15
N ARG A 65 -12.78 0.94 -4.29
CA ARG A 65 -13.39 2.10 -4.92
C ARG A 65 -13.16 3.34 -4.06
N ALA A 66 -13.32 3.20 -2.76
CA ALA A 66 -13.12 4.32 -1.84
C ALA A 66 -11.67 4.79 -1.87
N ALA A 67 -10.75 3.84 -2.03
CA ALA A 67 -9.34 4.16 -2.14
C ALA A 67 -9.07 4.88 -3.46
N ASP A 68 -9.72 4.40 -4.51
CA ASP A 68 -9.58 4.99 -5.84
C ASP A 68 -10.15 6.39 -5.88
N ALA A 69 -11.33 6.55 -5.28
CA ALA A 69 -12.00 7.85 -5.23
C ALA A 69 -11.13 8.88 -4.50
N ALA A 70 -10.67 8.52 -3.30
CA ALA A 70 -9.79 9.39 -2.53
C ALA A 70 -8.49 9.63 -3.28
N ALA A 71 -8.05 8.62 -4.03
CA ALA A 71 -6.88 8.76 -4.86
C ALA A 71 -7.10 9.81 -5.94
N GLN A 72 -8.24 9.72 -6.63
CA GLN A 72 -8.60 10.70 -7.65
C GLN A 72 -8.66 12.10 -7.05
N GLU A 73 -9.23 12.18 -5.85
CA GLU A 73 -9.32 13.43 -5.11
C GLU A 73 -7.93 14.04 -4.90
N GLN A 74 -6.97 13.18 -4.61
CA GLN A 74 -5.61 13.62 -4.34
C GLN A 74 -4.80 13.77 -5.63
N GLY A 75 -5.27 13.15 -6.71
CA GLY A 75 -4.54 13.16 -7.96
C GLY A 75 -3.53 12.03 -8.02
N LEU A 76 -3.86 10.94 -7.32
CA LEU A 76 -2.99 9.78 -7.23
C LEU A 76 -3.74 8.54 -7.68
N ASP A 77 -3.05 7.40 -7.68
CA ASP A 77 -3.69 6.13 -7.97
C ASP A 77 -3.14 5.05 -7.04
N VAL A 78 -3.62 3.82 -7.20
CA VAL A 78 -3.19 2.72 -6.36
C VAL A 78 -1.91 2.11 -6.92
N VAL A 79 -0.80 2.31 -6.22
CA VAL A 79 0.49 1.83 -6.67
C VAL A 79 0.92 0.58 -5.90
N GLY A 80 0.21 0.26 -4.83
CA GLY A 80 0.57 -0.89 -4.05
C GLY A 80 -0.44 -1.21 -2.97
N VAL A 81 -0.13 -2.23 -2.18
CA VAL A 81 -0.99 -2.66 -1.09
C VAL A 81 -0.11 -2.96 0.12
N TYR A 82 -0.66 -2.93 1.31
CA TYR A 82 0.10 -3.29 2.49
C TYR A 82 -0.74 -4.17 3.41
N HIS A 83 -0.09 -5.16 4.01
CA HIS A 83 -0.79 -6.11 4.85
C HIS A 83 -0.06 -6.24 6.18
N SER A 84 -0.79 -6.50 7.25
CA SER A 84 -0.19 -6.56 8.57
C SER A 84 -0.10 -8.01 9.03
N HIS A 85 1.10 -8.41 9.46
CA HIS A 85 1.32 -9.76 9.94
C HIS A 85 1.52 -9.76 11.44
N PRO A 86 1.02 -10.78 12.14
CA PRO A 86 1.25 -10.96 13.56
C PRO A 86 2.61 -11.60 13.84
N ASP A 87 3.53 -10.79 14.36
CA ASP A 87 4.88 -11.26 14.70
C ASP A 87 5.60 -11.68 13.41
N HIS A 88 6.61 -12.51 13.57
CA HIS A 88 7.35 -13.11 12.45
C HIS A 88 8.18 -12.06 11.68
N PRO A 89 9.15 -12.52 10.86
CA PRO A 89 10.10 -11.65 10.14
C PRO A 89 9.47 -10.78 9.05
N ALA A 90 8.14 -10.83 8.95
CA ALA A 90 7.38 -9.99 8.01
C ALA A 90 7.54 -10.45 6.55
N ARG A 91 8.09 -11.63 6.35
CA ARG A 91 8.18 -12.18 5.01
C ARG A 91 6.83 -12.79 4.63
N PRO A 92 6.53 -12.87 3.32
CA PRO A 92 5.25 -13.38 2.83
C PRO A 92 4.94 -14.81 3.31
N SER A 93 3.66 -15.05 3.58
CA SER A 93 3.18 -16.38 3.95
C SER A 93 2.59 -17.07 2.73
N ALA A 94 2.23 -18.34 2.85
CA ALA A 94 1.80 -19.11 1.69
C ALA A 94 0.49 -18.61 1.09
N THR A 95 -0.52 -18.42 1.92
CA THR A 95 -1.80 -17.92 1.44
C THR A 95 -1.73 -16.41 1.25
N ASP A 96 -0.94 -15.78 2.11
CA ASP A 96 -0.70 -14.34 2.03
C ASP A 96 -0.15 -13.96 0.66
N LEU A 97 0.76 -14.80 0.16
CA LEU A 97 1.32 -14.63 -1.18
C LEU A 97 0.26 -14.95 -2.24
N GLU A 98 -0.49 -16.02 -2.03
CA GLU A 98 -1.48 -16.48 -3.01
C GLU A 98 -2.58 -15.44 -3.26
N GLU A 99 -2.82 -14.58 -2.27
CA GLU A 99 -3.84 -13.54 -2.41
C GLU A 99 -3.33 -12.37 -3.25
N ALA A 100 -2.04 -12.36 -3.57
CA ALA A 100 -1.44 -11.31 -4.39
C ALA A 100 -1.47 -11.70 -5.85
N THR A 101 -2.24 -10.97 -6.65
CA THR A 101 -2.40 -11.31 -8.06
C THR A 101 -2.12 -10.10 -8.96
N PHE A 102 -1.52 -9.06 -8.39
CA PHE A 102 -1.25 -7.84 -9.14
C PHE A 102 0.26 -7.58 -9.26
N PRO A 103 0.89 -8.16 -10.30
CA PRO A 103 2.33 -7.99 -10.55
C PRO A 103 2.66 -6.56 -10.97
N GLY A 104 3.43 -5.88 -10.12
CA GLY A 104 3.79 -4.50 -10.40
C GLY A 104 3.51 -3.62 -9.20
N PHE A 105 2.58 -4.06 -8.37
CA PHE A 105 2.25 -3.34 -7.15
C PHE A 105 3.28 -3.64 -6.08
N THR A 106 3.52 -2.68 -5.20
CA THR A 106 4.41 -2.88 -4.07
C THR A 106 3.61 -3.34 -2.86
N TYR A 107 3.98 -4.49 -2.32
CA TYR A 107 3.30 -5.04 -1.18
C TYR A 107 4.13 -4.83 0.07
N VAL A 108 3.67 -3.97 0.95
CA VAL A 108 4.37 -3.70 2.18
C VAL A 108 3.81 -4.55 3.30
N ILE A 109 4.66 -5.37 3.89
CA ILE A 109 4.25 -6.23 4.98
C ILE A 109 4.89 -5.74 6.27
N VAL A 110 4.06 -5.36 7.21
CA VAL A 110 4.53 -4.89 8.49
C VAL A 110 4.30 -5.92 9.57
N SER A 111 5.33 -6.16 10.35
CA SER A 111 5.26 -7.10 11.45
C SER A 111 4.75 -6.40 12.71
N VAL A 112 3.54 -6.73 13.10
CA VAL A 112 2.98 -6.18 14.31
C VAL A 112 2.77 -7.31 15.31
N ARG A 113 3.49 -7.26 16.41
CA ARG A 113 3.46 -8.34 17.38
C ARG A 113 2.34 -8.11 18.38
N ASP A 114 1.13 -8.45 17.93
CA ASP A 114 -0.07 -8.37 18.77
C ASP A 114 -0.32 -6.94 19.24
N GLY A 115 0.17 -5.98 18.48
CA GLY A 115 -0.02 -4.58 18.83
C GLY A 115 1.26 -3.78 18.77
N ALA A 116 2.39 -4.47 18.90
CA ALA A 116 3.68 -3.81 18.86
C ALA A 116 4.32 -3.91 17.48
N PRO A 117 4.41 -2.80 16.74
CA PRO A 117 5.07 -2.76 15.44
C PRO A 117 6.56 -3.02 15.58
N GLU A 118 7.04 -4.08 14.96
CA GLU A 118 8.43 -4.49 15.10
C GLU A 118 9.25 -4.05 13.89
N ALA A 119 9.01 -4.69 12.75
CA ALA A 119 9.77 -4.40 11.54
C ALA A 119 8.84 -4.27 10.34
N LEU A 120 9.26 -3.46 9.38
CA LEU A 120 8.49 -3.25 8.15
C LEU A 120 9.30 -3.72 6.96
N THR A 121 8.65 -4.42 6.03
CA THR A 121 9.31 -4.89 4.83
C THR A 121 8.48 -4.57 3.60
N ALA A 122 9.13 -4.27 2.50
CA ALA A 122 8.44 -4.00 1.26
C ALA A 122 8.84 -4.99 0.19
N TRP A 123 7.84 -5.50 -0.51
CA TRP A 123 8.07 -6.56 -1.48
C TRP A 123 7.44 -6.22 -2.81
N ALA A 124 8.02 -6.75 -3.87
CA ALA A 124 7.47 -6.59 -5.20
C ALA A 124 7.06 -7.96 -5.74
N LEU A 125 5.88 -8.04 -6.31
CA LEU A 125 5.39 -9.29 -6.86
C LEU A 125 6.00 -9.51 -8.24
N ALA A 126 6.50 -10.72 -8.48
CA ALA A 126 7.12 -11.05 -9.75
C ALA A 126 6.18 -10.77 -10.92
N PRO A 127 6.73 -10.25 -12.03
CA PRO A 127 5.95 -9.84 -13.21
C PRO A 127 5.01 -10.93 -13.71
N ASP A 128 5.37 -12.18 -13.48
CA ASP A 128 4.54 -13.29 -13.92
C ASP A 128 4.14 -14.17 -12.73
N ARG A 129 3.60 -13.52 -11.69
CA ARG A 129 2.99 -14.17 -10.52
C ARG A 129 3.80 -15.35 -9.99
N SER A 130 5.12 -15.22 -9.99
CA SER A 130 5.99 -16.28 -9.50
C SER A 130 6.03 -16.29 -7.97
N GLU A 131 6.49 -15.17 -7.41
CA GLU A 131 6.68 -15.03 -5.98
C GLU A 131 6.92 -13.57 -5.62
N PHE A 132 7.41 -13.31 -4.42
CA PHE A 132 7.74 -11.96 -4.02
C PHE A 132 9.24 -11.78 -4.04
N HIS A 133 9.66 -10.59 -4.42
CA HIS A 133 11.07 -10.25 -4.40
C HIS A 133 11.29 -9.03 -3.55
N ARG A 134 12.42 -8.98 -2.88
CA ARG A 134 12.68 -7.95 -1.92
C ARG A 134 12.81 -6.58 -2.56
N GLU A 135 12.17 -5.61 -1.94
CA GLU A 135 12.27 -4.23 -2.35
C GLU A 135 12.87 -3.43 -1.21
N ASP A 136 13.13 -2.15 -1.45
CA ASP A 136 13.73 -1.31 -0.43
C ASP A 136 13.21 0.11 -0.53
N ILE A 137 13.09 0.76 0.61
CA ILE A 137 12.54 2.11 0.66
C ILE A 137 13.66 3.14 0.56
N VAL A 138 13.64 3.89 -0.52
CA VAL A 138 14.61 4.95 -0.73
C VAL A 138 13.88 6.28 -0.77
N ARG A 139 14.59 7.35 -0.45
CA ARG A 139 14.00 8.68 -0.51
C ARG A 139 13.81 9.11 -1.95
N PRO A 140 12.66 9.74 -2.26
CA PRO A 140 12.40 10.26 -3.60
C PRO A 140 13.30 11.44 -3.93
N ASP A 141 14.14 11.27 -4.94
CA ASP A 141 15.06 12.32 -5.35
C ASP A 141 14.32 13.37 -6.19
N PRO A 142 14.20 14.60 -5.67
CA PRO A 142 13.49 15.68 -6.35
C PRO A 142 14.35 16.38 -7.39
N GLU A 143 15.27 15.62 -7.95
CA GLU A 143 16.19 16.14 -8.95
C GLU A 143 16.18 15.27 -10.19
N ALA A 144 15.33 14.25 -10.17
CA ALA A 144 15.19 13.35 -11.29
C ALA A 144 14.42 14.02 -12.44
N PRO A 145 14.96 13.96 -13.66
CA PRO A 145 14.31 14.51 -14.84
C PRO A 145 13.07 13.71 -15.22
N LEU A 146 11.99 14.40 -15.51
CA LEU A 146 10.75 13.74 -15.89
C LEU A 146 10.83 13.27 -17.33
N GLU A 147 10.16 12.17 -17.63
CA GLU A 147 10.22 11.58 -18.94
C GLU A 147 9.07 12.05 -19.83
N HIS A 148 9.21 11.77 -21.12
CA HIS A 148 8.23 12.15 -22.10
C HIS A 148 7.00 11.22 -22.03
N HIS A 149 6.16 11.44 -21.03
CA HIS A 149 4.96 10.64 -20.87
C HIS A 149 3.96 10.89 -21.99
N HIS A 150 3.85 9.92 -22.87
CA HIS A 150 2.96 9.98 -24.02
C HIS A 150 1.67 9.20 -23.71
N HIS A 151 1.25 9.28 -22.44
CA HIS A 151 0.16 8.46 -21.92
C HIS A 151 0.55 6.99 -22.00
N HIS A 152 1.35 6.58 -21.00
CA HIS A 152 1.97 5.25 -20.99
C HIS A 152 3.00 5.14 -22.12
N HIS A 153 2.53 4.97 -23.34
CA HIS A 153 3.38 4.89 -24.52
C HIS A 153 2.52 4.88 -25.76
N MET A 1 10.43 1.10 -3.51
CA MET A 1 9.41 2.12 -3.18
C MET A 1 10.09 3.44 -2.85
N LYS A 2 9.57 4.52 -3.40
CA LYS A 2 10.04 5.85 -3.04
C LYS A 2 9.07 6.48 -2.07
N THR A 3 9.56 6.86 -0.91
CA THR A 3 8.69 7.30 0.17
C THR A 3 9.46 8.17 1.16
N THR A 4 8.74 8.73 2.11
CA THR A 4 9.32 9.65 3.08
C THR A 4 9.29 9.04 4.48
N PRO A 5 10.28 9.39 5.33
CA PRO A 5 10.35 8.90 6.70
C PRO A 5 9.09 9.19 7.50
N ASP A 6 8.47 10.34 7.20
CA ASP A 6 7.23 10.73 7.86
C ASP A 6 6.13 9.70 7.62
N ILE A 7 5.98 9.29 6.37
CA ILE A 7 4.99 8.27 6.04
C ILE A 7 5.39 6.92 6.62
N LEU A 8 6.67 6.59 6.52
CA LEU A 8 7.20 5.32 7.04
C LEU A 8 6.87 5.15 8.52
N ASP A 9 7.08 6.21 9.30
CA ASP A 9 6.82 6.16 10.73
C ASP A 9 5.33 6.02 11.00
N GLN A 10 4.53 6.72 10.21
CA GLN A 10 3.08 6.65 10.33
C GLN A 10 2.58 5.24 10.04
N ILE A 11 3.24 4.55 9.12
CA ILE A 11 2.90 3.16 8.83
C ILE A 11 3.10 2.30 10.07
N ARG A 12 4.20 2.56 10.79
CA ARG A 12 4.48 1.87 12.05
C ARG A 12 3.33 2.09 13.03
N VAL A 13 2.94 3.36 13.19
CA VAL A 13 1.89 3.74 14.12
C VAL A 13 0.55 3.15 13.71
N HIS A 14 0.22 3.27 12.43
CA HIS A 14 -1.07 2.78 11.92
C HIS A 14 -1.18 1.27 12.03
N GLY A 15 -0.04 0.57 11.99
CA GLY A 15 -0.05 -0.86 12.18
C GLY A 15 -0.59 -1.24 13.55
N ALA A 16 -0.09 -0.57 14.58
CA ALA A 16 -0.57 -0.78 15.94
C ALA A 16 -1.96 -0.16 16.13
N ASP A 17 -2.20 0.91 15.39
CA ASP A 17 -3.47 1.66 15.44
C ASP A 17 -4.64 0.77 15.08
N ALA A 18 -4.42 -0.13 14.14
CA ALA A 18 -5.47 -1.03 13.65
C ALA A 18 -5.70 -2.21 14.59
N TYR A 19 -4.75 -2.45 15.50
CA TYR A 19 -4.84 -3.57 16.44
C TYR A 19 -6.00 -3.37 17.42
N PRO A 20 -6.43 -4.42 18.14
CA PRO A 20 -5.82 -5.77 18.10
C PRO A 20 -6.21 -6.58 16.86
N GLU A 21 -7.07 -6.02 16.03
CA GLU A 21 -7.56 -6.69 14.83
C GLU A 21 -6.55 -6.57 13.69
N GLU A 22 -6.77 -7.33 12.62
CA GLU A 22 -5.87 -7.27 11.48
C GLU A 22 -6.10 -5.99 10.68
N GLY A 23 -5.05 -5.20 10.51
CA GLY A 23 -5.16 -3.94 9.83
C GLY A 23 -4.68 -4.00 8.41
N CYS A 24 -5.58 -4.33 7.50
CA CYS A 24 -5.27 -4.31 6.08
C CYS A 24 -5.72 -2.98 5.47
N GLY A 25 -5.05 -2.57 4.42
CA GLY A 25 -5.39 -1.31 3.79
C GLY A 25 -4.65 -1.08 2.50
N PHE A 26 -4.88 0.07 1.88
CA PHE A 26 -4.30 0.37 0.58
C PHE A 26 -3.34 1.55 0.68
N LEU A 27 -2.33 1.55 -0.17
CA LEU A 27 -1.37 2.64 -0.23
C LEU A 27 -1.62 3.50 -1.46
N LEU A 28 -1.79 4.80 -1.24
CA LEU A 28 -2.05 5.72 -2.34
C LEU A 28 -0.84 6.62 -2.56
N GLY A 29 -0.59 6.96 -3.81
CA GLY A 29 0.53 7.83 -4.10
C GLY A 29 0.60 8.23 -5.56
N THR A 30 1.78 8.66 -5.99
CA THR A 30 1.98 9.12 -7.35
C THR A 30 3.05 8.30 -8.06
N VAL A 31 3.03 8.34 -9.38
CA VAL A 31 4.05 7.66 -10.16
C VAL A 31 5.16 8.62 -10.54
N THR A 32 6.33 8.43 -9.96
CA THR A 32 7.48 9.25 -10.27
C THR A 32 8.36 8.53 -11.27
N ASP A 33 9.06 9.32 -12.10
CA ASP A 33 9.98 8.78 -13.12
C ASP A 33 9.20 8.10 -14.23
N ASP A 34 7.88 8.05 -14.05
CA ASP A 34 6.96 7.37 -14.96
C ASP A 34 7.18 5.86 -14.88
N GLY A 35 7.80 5.41 -13.78
CA GLY A 35 8.06 3.99 -13.60
C GLY A 35 8.34 3.60 -12.16
N ASP A 36 8.11 4.51 -11.22
CA ASP A 36 8.31 4.21 -9.80
C ASP A 36 7.05 4.48 -9.01
N ASN A 37 6.96 3.87 -7.84
CA ASN A 37 5.83 4.08 -6.95
C ASN A 37 6.23 4.98 -5.77
N ARG A 38 5.51 6.07 -5.62
CA ARG A 38 5.75 7.03 -4.56
C ARG A 38 4.55 7.11 -3.62
N VAL A 39 4.70 6.60 -2.41
CA VAL A 39 3.60 6.58 -1.44
C VAL A 39 3.41 7.96 -0.83
N ALA A 40 2.17 8.44 -0.83
CA ALA A 40 1.86 9.77 -0.32
C ALA A 40 0.69 9.76 0.66
N ALA A 41 -0.22 8.79 0.51
CA ALA A 41 -1.40 8.74 1.36
C ALA A 41 -1.71 7.31 1.80
N LEU A 42 -2.26 7.19 2.99
CA LEU A 42 -2.61 5.89 3.55
C LEU A 42 -4.13 5.75 3.67
N HIS A 43 -4.64 4.54 3.47
CA HIS A 43 -6.07 4.28 3.64
C HIS A 43 -6.29 2.96 4.35
N ARG A 44 -6.97 3.02 5.49
CA ARG A 44 -7.35 1.81 6.22
C ARG A 44 -8.66 1.28 5.65
N ALA A 45 -8.76 -0.04 5.50
CA ALA A 45 -9.94 -0.65 4.90
C ALA A 45 -11.16 -0.56 5.82
N THR A 46 -11.91 0.52 5.70
CA THR A 46 -13.13 0.74 6.45
C THR A 46 -13.68 2.13 6.16
N ASN A 47 -14.98 2.30 6.35
CA ASN A 47 -15.62 3.58 6.11
C ASN A 47 -15.77 4.35 7.42
N ARG A 48 -15.60 5.66 7.35
CA ARG A 48 -15.62 6.50 8.53
C ARG A 48 -16.99 7.14 8.74
N ARG A 49 -17.85 6.42 9.46
CA ARG A 49 -19.17 6.92 9.87
C ARG A 49 -20.04 7.29 8.66
N SER A 50 -21.17 7.95 8.94
CA SER A 50 -22.04 8.47 7.90
C SER A 50 -22.64 7.34 7.06
N GLU A 51 -22.80 6.15 7.67
CA GLU A 51 -23.37 5.00 6.98
C GLU A 51 -24.80 5.29 6.55
N GLN A 52 -25.53 5.97 7.43
CA GLN A 52 -26.94 6.23 7.21
C GLN A 52 -27.14 7.43 6.29
N ARG A 53 -26.83 7.26 5.01
CA ARG A 53 -27.05 8.30 4.03
C ARG A 53 -28.37 8.04 3.30
N THR A 54 -28.63 6.80 2.97
CA THR A 54 -29.81 6.42 2.23
C THR A 54 -30.47 5.21 2.88
N ARG A 55 -31.79 5.12 2.78
CA ARG A 55 -32.53 4.07 3.47
C ARG A 55 -32.48 2.76 2.68
N ARG A 56 -31.41 1.98 2.91
CA ARG A 56 -31.21 0.63 2.35
C ARG A 56 -30.96 0.65 0.83
N TYR A 57 -31.43 1.68 0.15
CA TYR A 57 -31.22 1.83 -1.29
C TYR A 57 -29.74 2.09 -1.58
N GLU A 58 -29.07 2.72 -0.63
CA GLU A 58 -27.66 3.04 -0.76
C GLU A 58 -26.99 3.01 0.61
N LEU A 59 -25.81 2.41 0.68
CA LEU A 59 -25.06 2.35 1.92
C LEU A 59 -23.59 2.65 1.65
N THR A 60 -22.97 3.38 2.56
CA THR A 60 -21.57 3.76 2.38
C THR A 60 -20.64 2.70 2.96
N ALA A 61 -20.04 1.90 2.08
CA ALA A 61 -19.08 0.90 2.51
C ALA A 61 -17.72 1.22 1.88
N ASP A 62 -16.68 0.54 2.33
CA ASP A 62 -15.35 0.75 1.77
C ASP A 62 -14.97 -0.40 0.85
N ASP A 63 -14.27 -0.08 -0.22
CA ASP A 63 -13.93 -1.05 -1.25
C ASP A 63 -12.75 -0.52 -2.05
N TYR A 64 -12.06 -1.39 -2.79
CA TYR A 64 -10.95 -0.97 -3.62
C TYR A 64 -11.36 0.16 -4.55
N ARG A 65 -12.50 0.00 -5.21
CA ARG A 65 -12.94 0.97 -6.21
C ARG A 65 -13.15 2.33 -5.57
N ALA A 66 -13.73 2.33 -4.37
CA ALA A 66 -13.99 3.56 -3.63
C ALA A 66 -12.68 4.25 -3.23
N ALA A 67 -11.76 3.48 -2.68
CA ALA A 67 -10.46 4.00 -2.29
C ALA A 67 -9.68 4.45 -3.52
N ASP A 68 -9.83 3.71 -4.60
CA ASP A 68 -9.20 4.02 -5.87
C ASP A 68 -9.77 5.32 -6.44
N ALA A 69 -11.08 5.48 -6.30
CA ALA A 69 -11.76 6.68 -6.78
C ALA A 69 -11.33 7.91 -5.97
N ALA A 70 -11.26 7.76 -4.66
CA ALA A 70 -10.80 8.84 -3.78
C ALA A 70 -9.34 9.16 -4.09
N ALA A 71 -8.58 8.15 -4.47
CA ALA A 71 -7.22 8.36 -4.92
C ALA A 71 -7.21 9.24 -6.17
N GLN A 72 -8.05 8.88 -7.13
CA GLN A 72 -8.17 9.66 -8.37
C GLN A 72 -8.54 11.10 -8.06
N GLU A 73 -9.46 11.27 -7.11
CA GLU A 73 -9.89 12.58 -6.65
C GLU A 73 -8.69 13.42 -6.20
N GLN A 74 -7.79 12.78 -5.48
CA GLN A 74 -6.62 13.45 -4.92
C GLN A 74 -5.45 13.45 -5.90
N GLY A 75 -5.70 12.99 -7.12
CA GLY A 75 -4.66 12.97 -8.14
C GLY A 75 -3.62 11.90 -7.87
N LEU A 76 -4.02 10.89 -7.12
CA LEU A 76 -3.14 9.80 -6.75
C LEU A 76 -3.68 8.49 -7.33
N ASP A 77 -2.91 7.42 -7.22
CA ASP A 77 -3.38 6.10 -7.58
C ASP A 77 -2.90 5.09 -6.57
N VAL A 78 -3.45 3.89 -6.62
CA VAL A 78 -3.10 2.84 -5.67
C VAL A 78 -1.76 2.23 -6.04
N VAL A 79 -0.75 2.52 -5.25
CA VAL A 79 0.60 2.06 -5.54
C VAL A 79 0.88 0.71 -4.89
N GLY A 80 0.00 0.29 -3.98
CA GLY A 80 0.19 -0.99 -3.33
C GLY A 80 -0.80 -1.25 -2.23
N VAL A 81 -0.63 -2.37 -1.56
CA VAL A 81 -1.50 -2.79 -0.47
C VAL A 81 -0.63 -3.27 0.69
N TYR A 82 -1.17 -3.28 1.89
CA TYR A 82 -0.39 -3.73 3.04
C TYR A 82 -1.18 -4.70 3.90
N HIS A 83 -0.45 -5.59 4.56
CA HIS A 83 -1.05 -6.62 5.42
C HIS A 83 -0.46 -6.52 6.82
N SER A 84 -1.22 -6.98 7.81
CA SER A 84 -0.72 -7.08 9.17
C SER A 84 -0.41 -8.54 9.47
N HIS A 85 0.78 -8.80 10.01
CA HIS A 85 1.23 -10.16 10.20
C HIS A 85 1.45 -10.50 11.68
N PRO A 86 0.40 -10.91 12.39
CA PRO A 86 0.51 -11.48 13.73
C PRO A 86 0.62 -13.00 13.70
N ASP A 87 0.45 -13.53 12.50
CA ASP A 87 0.43 -14.97 12.27
C ASP A 87 1.84 -15.47 11.97
N HIS A 88 2.56 -14.72 11.16
CA HIS A 88 3.93 -15.04 10.78
C HIS A 88 4.72 -13.75 10.57
N PRO A 89 6.06 -13.81 10.51
CA PRO A 89 6.92 -12.62 10.35
C PRO A 89 6.66 -11.83 9.06
N ALA A 90 7.58 -10.93 8.74
CA ALA A 90 7.37 -9.93 7.68
C ALA A 90 7.58 -10.49 6.27
N ARG A 91 7.66 -11.80 6.15
CA ARG A 91 7.75 -12.43 4.83
C ARG A 91 6.40 -13.00 4.44
N PRO A 92 6.08 -12.99 3.14
CA PRO A 92 4.78 -13.46 2.62
C PRO A 92 4.53 -14.94 2.92
N SER A 93 3.36 -15.24 3.43
CA SER A 93 2.96 -16.61 3.71
C SER A 93 2.14 -17.14 2.54
N ALA A 94 1.62 -18.35 2.67
CA ALA A 94 0.81 -18.96 1.62
C ALA A 94 -0.41 -18.10 1.31
N THR A 95 -1.03 -17.56 2.37
CA THR A 95 -2.19 -16.70 2.21
C THR A 95 -1.86 -15.41 1.46
N ASP A 96 -0.70 -14.83 1.76
CA ASP A 96 -0.26 -13.61 1.08
C ASP A 96 -0.05 -13.89 -0.40
N LEU A 97 0.48 -15.06 -0.69
CA LEU A 97 0.69 -15.51 -2.06
C LEU A 97 -0.65 -15.71 -2.76
N GLU A 98 -1.56 -16.36 -2.06
CA GLU A 98 -2.86 -16.71 -2.59
C GLU A 98 -3.77 -15.48 -2.75
N GLU A 99 -3.53 -14.45 -1.95
CA GLU A 99 -4.28 -13.21 -2.08
C GLU A 99 -3.52 -12.20 -2.94
N ALA A 100 -2.59 -12.70 -3.75
CA ALA A 100 -1.84 -11.86 -4.66
C ALA A 100 -2.30 -12.06 -6.10
N THR A 101 -2.99 -11.06 -6.63
CA THR A 101 -3.53 -11.16 -7.99
C THR A 101 -3.26 -9.86 -8.76
N PHE A 102 -2.56 -8.95 -8.12
CA PHE A 102 -2.26 -7.65 -8.71
C PHE A 102 -0.78 -7.56 -9.11
N PRO A 103 -0.43 -7.97 -10.34
CA PRO A 103 0.95 -7.92 -10.83
C PRO A 103 1.37 -6.51 -11.24
N GLY A 104 1.40 -5.62 -10.26
CA GLY A 104 1.82 -4.26 -10.50
C GLY A 104 1.59 -3.37 -9.29
N PHE A 105 1.62 -4.00 -8.11
CA PHE A 105 1.37 -3.30 -6.86
C PHE A 105 2.45 -3.66 -5.85
N THR A 106 2.69 -2.77 -4.90
CA THR A 106 3.66 -3.03 -3.85
C THR A 106 2.95 -3.64 -2.63
N TYR A 107 3.33 -4.86 -2.29
CA TYR A 107 2.75 -5.55 -1.16
C TYR A 107 3.60 -5.33 0.08
N VAL A 108 3.09 -4.53 1.00
CA VAL A 108 3.82 -4.24 2.23
C VAL A 108 3.37 -5.17 3.34
N ILE A 109 4.33 -5.84 3.94
CA ILE A 109 4.06 -6.75 5.03
C ILE A 109 4.83 -6.32 6.26
N VAL A 110 4.10 -5.99 7.31
CA VAL A 110 4.73 -5.54 8.54
C VAL A 110 4.48 -6.52 9.67
N SER A 111 5.56 -6.91 10.33
CA SER A 111 5.47 -7.77 11.48
C SER A 111 5.17 -6.91 12.70
N VAL A 112 3.94 -7.00 13.18
CA VAL A 112 3.52 -6.27 14.35
C VAL A 112 3.19 -7.26 15.46
N ARG A 113 3.94 -7.20 16.54
CA ARG A 113 3.73 -8.14 17.62
C ARG A 113 3.01 -7.48 18.78
N ASP A 114 1.68 -7.59 18.72
CA ASP A 114 0.79 -7.10 19.76
C ASP A 114 1.01 -5.61 20.02
N GLY A 115 1.10 -4.85 18.94
CA GLY A 115 1.26 -3.41 19.06
C GLY A 115 2.69 -2.96 18.83
N ALA A 116 3.61 -3.91 18.83
CA ALA A 116 5.01 -3.60 18.64
C ALA A 116 5.42 -3.72 17.18
N PRO A 117 5.81 -2.60 16.55
CA PRO A 117 6.31 -2.59 15.18
C PRO A 117 7.69 -3.23 15.10
N GLU A 118 7.74 -4.44 14.60
CA GLU A 118 8.97 -5.21 14.60
C GLU A 118 9.74 -5.04 13.30
N ALA A 119 9.19 -5.59 12.22
CA ALA A 119 9.84 -5.54 10.93
C ALA A 119 8.88 -5.09 9.85
N LEU A 120 9.25 -4.02 9.16
CA LEU A 120 8.44 -3.50 8.07
C LEU A 120 9.16 -3.79 6.76
N THR A 121 8.50 -4.49 5.85
CA THR A 121 9.11 -4.83 4.58
C THR A 121 8.10 -4.69 3.45
N ALA A 122 8.59 -4.48 2.25
CA ALA A 122 7.73 -4.35 1.09
C ALA A 122 8.15 -5.35 0.04
N TRP A 123 7.18 -5.84 -0.71
CA TRP A 123 7.44 -6.88 -1.70
C TRP A 123 6.78 -6.54 -3.02
N ALA A 124 7.49 -6.82 -4.10
CA ALA A 124 6.97 -6.60 -5.44
C ALA A 124 6.58 -7.94 -6.05
N LEU A 125 5.36 -8.02 -6.57
CA LEU A 125 4.88 -9.25 -7.18
C LEU A 125 5.33 -9.33 -8.63
N ALA A 126 5.82 -10.49 -9.02
CA ALA A 126 6.23 -10.74 -10.38
C ALA A 126 5.02 -10.76 -11.31
N PRO A 127 5.18 -10.33 -12.57
CA PRO A 127 4.08 -10.26 -13.55
C PRO A 127 3.45 -11.64 -13.80
N ASP A 128 4.23 -12.69 -13.60
CA ASP A 128 3.74 -14.05 -13.78
C ASP A 128 3.09 -14.55 -12.49
N ARG A 129 3.27 -13.79 -11.41
CA ARG A 129 2.84 -14.18 -10.07
C ARG A 129 3.63 -15.40 -9.61
N SER A 130 4.79 -15.61 -10.22
CA SER A 130 5.62 -16.74 -9.91
C SER A 130 6.21 -16.64 -8.51
N GLU A 131 6.56 -15.43 -8.10
CA GLU A 131 7.17 -15.20 -6.80
C GLU A 131 7.09 -13.73 -6.41
N PHE A 132 7.52 -13.45 -5.20
CA PHE A 132 7.63 -12.08 -4.71
C PHE A 132 9.09 -11.68 -4.67
N HIS A 133 9.34 -10.39 -4.79
CA HIS A 133 10.69 -9.87 -4.68
C HIS A 133 10.73 -8.83 -3.59
N ARG A 134 11.78 -8.85 -2.81
CA ARG A 134 11.93 -7.87 -1.75
C ARG A 134 12.16 -6.49 -2.33
N GLU A 135 11.35 -5.57 -1.91
CA GLU A 135 11.43 -4.20 -2.38
C GLU A 135 12.40 -3.41 -1.52
N ASP A 136 12.78 -2.25 -2.00
CA ASP A 136 13.75 -1.42 -1.31
C ASP A 136 13.12 -0.10 -0.93
N ILE A 137 13.42 0.39 0.26
CA ILE A 137 12.87 1.65 0.73
C ILE A 137 13.86 2.77 0.48
N VAL A 138 13.48 3.69 -0.41
CA VAL A 138 14.32 4.81 -0.76
C VAL A 138 13.51 6.10 -0.77
N ARG A 139 14.19 7.21 -0.55
CA ARG A 139 13.55 8.52 -0.59
C ARG A 139 13.46 8.98 -2.04
N PRO A 140 12.38 9.68 -2.40
CA PRO A 140 12.32 10.36 -3.69
C PRO A 140 13.27 11.54 -3.72
N ASP A 141 14.20 11.53 -4.67
CA ASP A 141 15.26 12.54 -4.76
C ASP A 141 14.67 13.95 -4.64
N PRO A 142 15.31 14.82 -3.86
CA PRO A 142 14.83 16.20 -3.59
C PRO A 142 14.79 17.12 -4.82
N GLU A 143 14.62 16.50 -5.97
CA GLU A 143 14.27 17.22 -7.18
C GLU A 143 12.79 17.06 -7.41
N ALA A 144 12.35 15.78 -7.38
CA ALA A 144 10.97 15.40 -7.65
C ALA A 144 10.37 16.23 -8.78
N PRO A 145 10.90 16.05 -9.99
CA PRO A 145 10.55 16.88 -11.13
C PRO A 145 9.27 16.43 -11.84
N LEU A 146 8.66 17.36 -12.54
CA LEU A 146 7.48 17.05 -13.34
C LEU A 146 7.89 16.63 -14.73
N GLU A 147 6.92 16.37 -15.59
CA GLU A 147 7.18 15.99 -16.96
C GLU A 147 7.85 17.15 -17.71
N HIS A 148 7.64 18.35 -17.21
CA HIS A 148 8.21 19.55 -17.80
C HIS A 148 8.55 20.55 -16.70
N HIS A 149 9.67 21.24 -16.85
CA HIS A 149 10.10 22.23 -15.88
C HIS A 149 9.53 23.60 -16.25
N HIS A 150 8.43 23.96 -15.62
CA HIS A 150 7.80 25.25 -15.86
C HIS A 150 7.98 26.16 -14.67
N HIS A 151 8.66 27.28 -14.88
CA HIS A 151 8.85 28.27 -13.83
C HIS A 151 7.56 29.04 -13.58
N HIS A 152 7.39 29.51 -12.35
CA HIS A 152 6.16 30.18 -11.95
C HIS A 152 6.07 31.56 -12.59
N HIS A 153 7.21 32.24 -12.70
CA HIS A 153 7.29 33.53 -13.36
C HIS A 153 8.63 33.66 -14.07
N MET A 1 11.03 1.51 -3.52
CA MET A 1 9.97 2.32 -2.89
C MET A 1 10.56 3.62 -2.36
N LYS A 2 10.00 4.74 -2.78
CA LYS A 2 10.50 6.04 -2.34
C LYS A 2 9.47 6.74 -1.48
N THR A 3 9.84 7.01 -0.25
CA THR A 3 8.94 7.62 0.71
C THR A 3 9.73 8.27 1.84
N THR A 4 9.03 8.97 2.72
CA THR A 4 9.66 9.65 3.83
C THR A 4 9.49 8.86 5.12
N PRO A 5 10.35 9.12 6.12
CA PRO A 5 10.25 8.51 7.45
C PRO A 5 8.87 8.70 8.07
N ASP A 6 8.24 9.81 7.70
CA ASP A 6 6.90 10.13 8.14
C ASP A 6 5.93 9.01 7.81
N ILE A 7 5.96 8.54 6.56
CA ILE A 7 5.08 7.47 6.11
C ILE A 7 5.44 6.16 6.80
N LEU A 8 6.75 5.92 6.93
CA LEU A 8 7.24 4.70 7.57
C LEU A 8 6.68 4.56 8.98
N ASP A 9 6.72 5.65 9.74
CA ASP A 9 6.22 5.63 11.11
C ASP A 9 4.71 5.49 11.14
N GLN A 10 4.03 6.19 10.23
CA GLN A 10 2.57 6.12 10.13
C GLN A 10 2.12 4.67 9.87
N ILE A 11 2.91 3.93 9.10
CA ILE A 11 2.63 2.51 8.88
C ILE A 11 2.70 1.75 10.19
N ARG A 12 3.72 2.07 10.98
CA ARG A 12 3.89 1.47 12.30
C ARG A 12 2.71 1.79 13.21
N VAL A 13 2.30 3.06 13.20
CA VAL A 13 1.21 3.53 14.07
C VAL A 13 -0.09 2.80 13.79
N HIS A 14 -0.50 2.74 12.53
CA HIS A 14 -1.75 2.08 12.18
C HIS A 14 -1.67 0.57 12.43
N GLY A 15 -0.46 0.03 12.35
CA GLY A 15 -0.26 -1.38 12.62
C GLY A 15 -0.58 -1.74 14.05
N ALA A 16 -0.03 -0.97 14.98
CA ALA A 16 -0.29 -1.18 16.41
C ALA A 16 -1.74 -0.81 16.75
N ASP A 17 -2.27 0.15 16.01
CA ASP A 17 -3.64 0.61 16.21
C ASP A 17 -4.65 -0.47 15.86
N ALA A 18 -4.35 -1.21 14.80
CA ALA A 18 -5.24 -2.25 14.31
C ALA A 18 -5.00 -3.59 14.99
N TYR A 19 -3.77 -3.80 15.45
CA TYR A 19 -3.37 -5.05 16.09
C TYR A 19 -4.29 -5.37 17.28
N PRO A 20 -4.53 -6.66 17.57
CA PRO A 20 -3.90 -7.80 16.89
C PRO A 20 -4.53 -8.15 15.54
N GLU A 21 -5.60 -7.44 15.20
CA GLU A 21 -6.30 -7.67 13.94
C GLU A 21 -5.46 -7.19 12.77
N GLU A 22 -5.59 -7.85 11.64
CA GLU A 22 -4.83 -7.50 10.45
C GLU A 22 -5.43 -6.27 9.76
N GLY A 23 -5.15 -5.10 10.32
CA GLY A 23 -5.60 -3.86 9.72
C GLY A 23 -4.87 -3.55 8.43
N CYS A 24 -5.51 -3.84 7.32
CA CYS A 24 -4.90 -3.69 6.01
C CYS A 24 -5.55 -2.55 5.24
N GLY A 25 -5.01 -2.28 4.05
CA GLY A 25 -5.52 -1.20 3.25
C GLY A 25 -4.68 -0.96 2.01
N PHE A 26 -4.76 0.23 1.44
CA PHE A 26 -4.08 0.54 0.19
C PHE A 26 -3.09 1.69 0.37
N LEU A 27 -2.05 1.69 -0.44
CA LEU A 27 -1.07 2.75 -0.45
C LEU A 27 -1.35 3.71 -1.59
N LEU A 28 -1.53 4.98 -1.27
CA LEU A 28 -1.86 5.96 -2.28
C LEU A 28 -0.64 6.83 -2.59
N GLY A 29 -0.38 7.00 -3.87
CA GLY A 29 0.77 7.78 -4.29
C GLY A 29 0.80 7.94 -5.78
N THR A 30 1.99 8.21 -6.31
CA THR A 30 2.15 8.38 -7.75
C THR A 30 3.39 7.66 -8.25
N VAL A 31 3.34 7.20 -9.49
CA VAL A 31 4.50 6.61 -10.15
C VAL A 31 5.15 7.66 -11.04
N THR A 32 6.46 7.80 -10.92
CA THR A 32 7.19 8.82 -11.67
C THR A 32 7.29 8.44 -13.15
N ASP A 33 7.88 9.32 -13.94
CA ASP A 33 8.08 9.05 -15.35
C ASP A 33 9.11 7.93 -15.53
N ASP A 34 10.01 7.81 -14.57
CA ASP A 34 11.07 6.82 -14.64
C ASP A 34 10.63 5.47 -14.06
N GLY A 35 9.50 5.47 -13.38
CA GLY A 35 8.94 4.23 -12.88
C GLY A 35 9.08 4.08 -11.39
N ASP A 36 9.37 5.17 -10.69
CA ASP A 36 9.46 5.13 -9.23
C ASP A 36 8.08 5.09 -8.61
N ASN A 37 7.94 4.29 -7.58
CA ASN A 37 6.71 4.23 -6.82
C ASN A 37 6.86 5.01 -5.52
N ARG A 38 6.21 6.16 -5.43
CA ARG A 38 6.29 6.99 -4.25
C ARG A 38 4.96 6.97 -3.51
N VAL A 39 5.03 6.85 -2.20
CA VAL A 39 3.83 6.79 -1.37
C VAL A 39 3.68 8.09 -0.58
N ALA A 40 2.55 8.76 -0.79
CA ALA A 40 2.30 10.04 -0.15
C ALA A 40 1.17 9.95 0.87
N ALA A 41 0.21 9.06 0.62
CA ALA A 41 -0.95 8.94 1.49
C ALA A 41 -1.27 7.49 1.80
N LEU A 42 -1.92 7.27 2.94
CA LEU A 42 -2.29 5.92 3.35
C LEU A 42 -3.80 5.81 3.42
N HIS A 43 -4.33 4.61 3.14
CA HIS A 43 -5.76 4.40 3.24
C HIS A 43 -6.04 3.10 3.98
N ARG A 44 -6.79 3.22 5.07
CA ARG A 44 -7.22 2.06 5.85
C ARG A 44 -8.55 1.55 5.31
N ALA A 45 -8.71 0.23 5.24
CA ALA A 45 -9.96 -0.38 4.79
C ALA A 45 -11.13 0.09 5.65
N THR A 46 -11.85 1.07 5.17
CA THR A 46 -12.99 1.64 5.89
C THR A 46 -14.07 2.04 4.90
N ASN A 47 -15.33 1.90 5.30
CA ASN A 47 -16.44 2.28 4.45
C ASN A 47 -16.63 3.79 4.42
N ARG A 48 -16.26 4.38 3.29
CA ARG A 48 -16.38 5.82 3.10
C ARG A 48 -17.83 6.20 2.88
N ARG A 49 -18.51 6.60 3.95
CA ARG A 49 -19.86 7.10 3.85
C ARG A 49 -19.83 8.61 3.64
N SER A 50 -19.98 9.02 2.40
CA SER A 50 -19.91 10.42 2.05
C SER A 50 -21.32 10.99 1.87
N GLU A 51 -21.42 12.10 1.15
CA GLU A 51 -22.72 12.72 0.93
C GLU A 51 -23.52 11.97 -0.13
N GLN A 52 -24.83 11.94 0.05
CA GLN A 52 -25.72 11.27 -0.89
C GLN A 52 -26.21 12.26 -1.95
N ARG A 53 -27.01 11.77 -2.90
CA ARG A 53 -27.54 12.59 -4.00
C ARG A 53 -26.45 13.04 -4.96
N THR A 54 -25.25 12.51 -4.78
CA THR A 54 -24.11 12.92 -5.57
C THR A 54 -24.02 12.11 -6.87
N ARG A 55 -25.04 11.28 -7.13
CA ARG A 55 -25.05 10.40 -8.29
C ARG A 55 -23.91 9.38 -8.18
N ARG A 56 -23.67 8.64 -9.25
CA ARG A 56 -22.56 7.68 -9.31
C ARG A 56 -22.67 6.62 -8.22
N TYR A 57 -23.76 5.88 -8.22
CA TYR A 57 -23.98 4.83 -7.25
C TYR A 57 -23.29 3.54 -7.69
N GLU A 58 -23.65 2.42 -7.08
CA GLU A 58 -22.93 1.15 -7.27
C GLU A 58 -21.57 1.23 -6.59
N LEU A 59 -21.43 2.24 -5.74
CA LEU A 59 -20.19 2.44 -4.99
C LEU A 59 -19.97 1.30 -4.01
N THR A 60 -18.73 0.92 -3.84
CA THR A 60 -18.38 -0.17 -2.96
C THR A 60 -17.35 0.29 -1.93
N ALA A 61 -17.81 0.47 -0.71
CA ALA A 61 -16.96 0.96 0.36
C ALA A 61 -16.09 -0.16 0.93
N ASP A 62 -15.09 0.23 1.73
CA ASP A 62 -14.13 -0.70 2.33
C ASP A 62 -13.16 -1.26 1.28
N ASP A 63 -13.71 -1.65 0.14
CA ASP A 63 -12.94 -2.32 -0.90
C ASP A 63 -12.24 -1.31 -1.82
N TYR A 64 -11.72 -1.81 -2.94
CA TYR A 64 -10.89 -1.04 -3.86
C TYR A 64 -11.61 0.18 -4.42
N ARG A 65 -12.86 0.01 -4.81
CA ARG A 65 -13.60 1.08 -5.49
C ARG A 65 -13.60 2.39 -4.73
N ALA A 66 -13.67 2.33 -3.40
CA ALA A 66 -13.68 3.53 -2.58
C ALA A 66 -12.30 4.17 -2.52
N ALA A 67 -11.27 3.33 -2.40
CA ALA A 67 -9.90 3.82 -2.38
C ALA A 67 -9.52 4.37 -3.74
N ASP A 68 -10.04 3.73 -4.79
CA ASP A 68 -9.84 4.15 -6.16
C ASP A 68 -10.31 5.58 -6.38
N ALA A 69 -11.51 5.88 -5.88
CA ALA A 69 -12.10 7.20 -6.03
C ALA A 69 -11.33 8.24 -5.21
N ALA A 70 -11.11 7.93 -3.94
CA ALA A 70 -10.42 8.86 -3.04
C ALA A 70 -9.01 9.16 -3.53
N ALA A 71 -8.38 8.17 -4.16
CA ALA A 71 -7.05 8.35 -4.71
C ALA A 71 -7.07 9.42 -5.80
N GLN A 72 -7.98 9.26 -6.76
CA GLN A 72 -8.07 10.18 -7.88
C GLN A 72 -8.47 11.58 -7.40
N GLU A 73 -9.33 11.61 -6.39
CA GLU A 73 -9.76 12.87 -5.78
C GLU A 73 -8.56 13.62 -5.19
N GLN A 74 -7.63 12.88 -4.64
CA GLN A 74 -6.42 13.45 -4.05
C GLN A 74 -5.32 13.66 -5.08
N GLY A 75 -5.58 13.24 -6.32
CA GLY A 75 -4.60 13.40 -7.39
C GLY A 75 -3.54 12.31 -7.36
N LEU A 76 -3.90 11.17 -6.82
CA LEU A 76 -3.00 10.04 -6.71
C LEU A 76 -3.65 8.80 -7.30
N ASP A 77 -2.95 7.68 -7.25
CA ASP A 77 -3.52 6.41 -7.66
C ASP A 77 -3.01 5.30 -6.74
N VAL A 78 -3.50 4.08 -6.95
CA VAL A 78 -3.10 2.97 -6.11
C VAL A 78 -1.76 2.40 -6.58
N VAL A 79 -0.70 2.74 -5.88
CA VAL A 79 0.63 2.30 -6.25
C VAL A 79 1.03 1.03 -5.50
N GLY A 80 0.32 0.75 -4.42
CA GLY A 80 0.64 -0.41 -3.64
C GLY A 80 -0.45 -0.80 -2.67
N VAL A 81 -0.27 -1.94 -2.04
CA VAL A 81 -1.21 -2.45 -1.04
C VAL A 81 -0.39 -2.96 0.13
N TYR A 82 -0.99 -3.06 1.31
CA TYR A 82 -0.25 -3.52 2.47
C TYR A 82 -1.09 -4.49 3.30
N HIS A 83 -0.42 -5.47 3.89
CA HIS A 83 -1.06 -6.46 4.74
C HIS A 83 -0.41 -6.44 6.11
N SER A 84 -1.19 -6.71 7.14
CA SER A 84 -0.67 -6.81 8.49
C SER A 84 -0.67 -8.26 8.92
N HIS A 85 0.37 -8.67 9.65
CA HIS A 85 0.45 -10.04 10.13
C HIS A 85 0.18 -10.11 11.62
N PRO A 86 -0.55 -11.13 12.07
CA PRO A 86 -0.76 -11.39 13.48
C PRO A 86 0.18 -12.48 14.01
N ASP A 87 0.97 -13.04 13.11
CA ASP A 87 1.83 -14.17 13.42
C ASP A 87 3.05 -14.17 12.51
N HIS A 88 4.22 -14.43 13.10
CA HIS A 88 5.50 -14.44 12.37
C HIS A 88 5.88 -13.05 11.84
N PRO A 89 7.17 -12.84 11.53
CA PRO A 89 7.69 -11.55 11.05
C PRO A 89 7.12 -11.13 9.69
N ALA A 90 7.69 -10.06 9.14
CA ALA A 90 7.22 -9.51 7.88
C ALA A 90 7.85 -10.24 6.69
N ARG A 91 7.27 -11.39 6.36
CA ARG A 91 7.66 -12.18 5.19
C ARG A 91 6.39 -12.82 4.63
N PRO A 92 6.31 -13.04 3.32
CA PRO A 92 5.11 -13.58 2.67
C PRO A 92 4.75 -14.98 3.17
N SER A 93 3.52 -15.13 3.64
CA SER A 93 3.01 -16.41 4.08
C SER A 93 2.19 -17.06 2.95
N ALA A 94 1.67 -18.27 3.19
CA ALA A 94 1.01 -19.03 2.14
C ALA A 94 -0.29 -18.36 1.67
N THR A 95 -1.15 -17.99 2.61
CA THR A 95 -2.42 -17.35 2.26
C THR A 95 -2.17 -15.89 1.90
N ASP A 96 -1.19 -15.31 2.57
CA ASP A 96 -0.78 -13.94 2.30
C ASP A 96 -0.35 -13.78 0.86
N LEU A 97 0.34 -14.80 0.35
CA LEU A 97 0.73 -14.86 -1.06
C LEU A 97 -0.50 -15.08 -1.94
N GLU A 98 -1.36 -15.99 -1.53
CA GLU A 98 -2.54 -16.36 -2.32
C GLU A 98 -3.53 -15.21 -2.47
N GLU A 99 -3.53 -14.28 -1.52
CA GLU A 99 -4.39 -13.12 -1.61
C GLU A 99 -3.79 -12.05 -2.53
N ALA A 100 -2.67 -12.38 -3.16
CA ALA A 100 -2.03 -11.50 -4.12
C ALA A 100 -1.65 -12.26 -5.39
N THR A 101 -2.63 -12.44 -6.27
CA THR A 101 -2.39 -13.14 -7.52
C THR A 101 -2.48 -12.15 -8.69
N PHE A 102 -2.67 -10.90 -8.33
CA PHE A 102 -2.78 -9.81 -9.29
C PHE A 102 -1.54 -8.92 -9.24
N PRO A 103 -0.50 -9.25 -10.04
CA PRO A 103 0.77 -8.50 -10.04
C PRO A 103 0.61 -7.08 -10.59
N GLY A 104 1.35 -6.16 -10.01
CA GLY A 104 1.31 -4.78 -10.47
C GLY A 104 1.60 -3.80 -9.35
N PHE A 105 1.01 -4.04 -8.19
CA PHE A 105 1.17 -3.15 -7.06
C PHE A 105 2.39 -3.55 -6.22
N THR A 106 2.85 -2.63 -5.39
CA THR A 106 3.89 -2.92 -4.42
C THR A 106 3.24 -3.33 -3.10
N TYR A 107 3.57 -4.51 -2.62
CA TYR A 107 2.92 -5.05 -1.43
C TYR A 107 3.82 -4.92 -0.21
N VAL A 108 3.37 -4.10 0.72
CA VAL A 108 4.12 -3.87 1.94
C VAL A 108 3.57 -4.72 3.08
N ILE A 109 4.46 -5.47 3.71
CA ILE A 109 4.11 -6.27 4.87
C ILE A 109 4.77 -5.65 6.10
N VAL A 110 3.97 -5.39 7.12
CA VAL A 110 4.48 -4.75 8.33
C VAL A 110 4.63 -5.78 9.45
N SER A 111 5.77 -5.73 10.11
CA SER A 111 6.06 -6.63 11.21
C SER A 111 5.61 -6.01 12.53
N VAL A 112 4.54 -6.52 13.08
CA VAL A 112 4.05 -6.07 14.37
C VAL A 112 3.93 -7.26 15.31
N ARG A 113 4.62 -7.21 16.43
CA ARG A 113 4.62 -8.33 17.36
C ARG A 113 4.02 -7.92 18.69
N ASP A 114 2.73 -8.20 18.84
CA ASP A 114 1.96 -7.89 20.04
C ASP A 114 2.16 -6.43 20.49
N GLY A 115 1.54 -5.52 19.75
CA GLY A 115 1.60 -4.12 20.11
C GLY A 115 2.88 -3.43 19.65
N ALA A 116 3.92 -4.22 19.39
CA ALA A 116 5.22 -3.67 19.02
C ALA A 116 5.41 -3.65 17.51
N PRO A 117 5.44 -2.45 16.91
CA PRO A 117 5.74 -2.28 15.49
C PRO A 117 7.25 -2.36 15.25
N GLU A 118 7.66 -3.42 14.58
CA GLU A 118 9.07 -3.69 14.39
C GLU A 118 9.63 -3.01 13.14
N ALA A 119 9.36 -3.60 11.98
CA ALA A 119 9.96 -3.14 10.75
C ALA A 119 9.01 -3.28 9.58
N LEU A 120 9.29 -2.51 8.53
CA LEU A 120 8.49 -2.55 7.31
C LEU A 120 9.24 -3.32 6.23
N THR A 121 8.54 -4.22 5.56
CA THR A 121 9.11 -4.89 4.42
C THR A 121 8.25 -4.64 3.20
N ALA A 122 8.86 -4.22 2.13
CA ALA A 122 8.13 -4.00 0.90
C ALA A 122 8.51 -5.05 -0.12
N TRP A 123 7.52 -5.57 -0.80
CA TRP A 123 7.73 -6.63 -1.75
C TRP A 123 7.08 -6.28 -3.08
N ALA A 124 7.74 -6.63 -4.16
CA ALA A 124 7.16 -6.47 -5.47
C ALA A 124 6.71 -7.83 -5.99
N LEU A 125 5.47 -7.90 -6.41
CA LEU A 125 4.93 -9.14 -6.92
C LEU A 125 5.38 -9.35 -8.35
N ALA A 126 6.11 -10.43 -8.57
CA ALA A 126 6.67 -10.74 -9.88
C ALA A 126 5.54 -10.92 -10.89
N PRO A 127 5.79 -10.59 -12.17
CA PRO A 127 4.80 -10.78 -13.24
C PRO A 127 4.33 -12.23 -13.32
N ASP A 128 5.17 -13.13 -12.86
CA ASP A 128 4.86 -14.56 -12.83
C ASP A 128 3.87 -14.89 -11.74
N ARG A 129 3.62 -13.91 -10.85
CA ARG A 129 2.72 -14.03 -9.69
C ARG A 129 2.93 -15.32 -8.91
N SER A 130 4.16 -15.84 -8.93
CA SER A 130 4.48 -17.07 -8.24
C SER A 130 5.18 -16.77 -6.92
N GLU A 131 5.74 -15.56 -6.81
CA GLU A 131 6.51 -15.19 -5.63
C GLU A 131 6.60 -13.68 -5.49
N PHE A 132 7.12 -13.25 -4.37
CA PHE A 132 7.41 -11.84 -4.13
C PHE A 132 8.92 -11.63 -4.19
N HIS A 133 9.32 -10.41 -4.50
CA HIS A 133 10.71 -10.03 -4.43
C HIS A 133 10.86 -8.83 -3.54
N ARG A 134 11.90 -8.84 -2.73
CA ARG A 134 12.13 -7.78 -1.77
C ARG A 134 12.42 -6.46 -2.45
N GLU A 135 11.72 -5.43 -2.02
CA GLU A 135 11.90 -4.10 -2.56
C GLU A 135 12.73 -3.27 -1.60
N ASP A 136 13.20 -2.12 -2.05
CA ASP A 136 14.14 -1.33 -1.27
C ASP A 136 13.56 0.04 -0.93
N ILE A 137 13.77 0.46 0.31
CA ILE A 137 13.27 1.75 0.78
C ILE A 137 14.33 2.83 0.55
N VAL A 138 14.00 3.77 -0.33
CA VAL A 138 14.92 4.85 -0.66
C VAL A 138 14.23 6.19 -0.46
N ARG A 139 15.03 7.23 -0.24
CA ARG A 139 14.51 8.56 0.01
C ARG A 139 14.28 9.30 -1.30
N PRO A 140 13.24 10.12 -1.36
CA PRO A 140 12.95 10.96 -2.52
C PRO A 140 13.91 12.15 -2.60
N ASP A 141 14.87 12.07 -3.50
CA ASP A 141 15.84 13.15 -3.70
C ASP A 141 15.19 14.30 -4.45
N PRO A 142 15.39 15.54 -3.98
CA PRO A 142 14.71 16.73 -4.51
C PRO A 142 15.20 17.19 -5.88
N GLU A 143 15.66 16.24 -6.66
CA GLU A 143 15.97 16.49 -8.07
C GLU A 143 15.08 15.64 -8.95
N ALA A 144 14.30 14.78 -8.32
CA ALA A 144 13.28 14.02 -9.02
C ALA A 144 11.98 14.80 -8.99
N PRO A 145 11.33 14.96 -10.16
CA PRO A 145 10.10 15.75 -10.29
C PRO A 145 9.11 15.48 -9.15
N LEU A 146 8.68 16.57 -8.53
CA LEU A 146 7.80 16.47 -7.37
C LEU A 146 6.36 16.64 -7.78
N GLU A 147 5.47 16.59 -6.80
CA GLU A 147 4.05 16.73 -7.05
C GLU A 147 3.74 18.15 -7.51
N HIS A 148 2.86 18.26 -8.49
CA HIS A 148 2.42 19.57 -8.98
C HIS A 148 1.40 20.14 -7.99
N HIS A 149 1.90 20.56 -6.84
CA HIS A 149 1.07 21.01 -5.74
C HIS A 149 1.64 22.29 -5.15
N HIS A 150 0.81 23.31 -5.03
CA HIS A 150 1.23 24.56 -4.42
C HIS A 150 0.16 25.06 -3.46
N HIS A 151 0.37 24.83 -2.18
CA HIS A 151 -0.56 25.30 -1.16
C HIS A 151 0.22 25.78 0.04
N HIS A 152 0.29 27.10 0.20
CA HIS A 152 1.05 27.72 1.28
C HIS A 152 0.22 27.86 2.56
N HIS A 153 -0.74 26.96 2.72
CA HIS A 153 -1.62 26.99 3.88
C HIS A 153 -1.68 25.60 4.49
N MET A 1 10.57 1.38 -4.73
CA MET A 1 9.61 2.08 -3.84
C MET A 1 10.25 3.30 -3.23
N LYS A 2 9.77 4.48 -3.62
CA LYS A 2 10.26 5.73 -3.04
C LYS A 2 9.21 6.36 -2.15
N THR A 3 9.59 6.59 -0.91
CA THR A 3 8.71 7.25 0.06
C THR A 3 9.55 7.83 1.19
N THR A 4 8.91 8.57 2.09
CA THR A 4 9.61 9.21 3.19
C THR A 4 9.40 8.43 4.49
N PRO A 5 10.36 8.50 5.41
CA PRO A 5 10.24 7.89 6.74
C PRO A 5 9.03 8.43 7.49
N ASP A 6 8.66 9.66 7.16
CA ASP A 6 7.45 10.29 7.70
C ASP A 6 6.22 9.44 7.40
N ILE A 7 6.12 8.97 6.17
CA ILE A 7 5.01 8.10 5.77
C ILE A 7 5.22 6.69 6.34
N LEU A 8 6.47 6.24 6.33
CA LEU A 8 6.82 4.90 6.81
C LEU A 8 6.38 4.69 8.25
N ASP A 9 6.67 5.64 9.13
CA ASP A 9 6.33 5.50 10.53
C ASP A 9 4.82 5.46 10.70
N GLN A 10 4.13 6.28 9.90
CA GLN A 10 2.67 6.30 9.89
C GLN A 10 2.11 4.93 9.51
N ILE A 11 2.84 4.18 8.70
CA ILE A 11 2.44 2.82 8.35
C ILE A 11 2.48 1.94 9.58
N ARG A 12 3.53 2.09 10.39
CA ARG A 12 3.66 1.33 11.62
C ARG A 12 2.53 1.65 12.59
N VAL A 13 2.18 2.93 12.66
CA VAL A 13 1.11 3.39 13.54
C VAL A 13 -0.20 2.67 13.23
N HIS A 14 -0.52 2.54 11.95
CA HIS A 14 -1.75 1.89 11.53
C HIS A 14 -1.81 0.44 12.03
N GLY A 15 -0.67 -0.23 12.02
CA GLY A 15 -0.62 -1.61 12.45
C GLY A 15 -0.89 -1.76 13.93
N ALA A 16 -0.21 -0.94 14.74
CA ALA A 16 -0.36 -1.00 16.20
C ALA A 16 -1.72 -0.45 16.64
N ASP A 17 -2.24 0.48 15.86
CA ASP A 17 -3.51 1.13 16.17
C ASP A 17 -4.68 0.19 15.92
N ALA A 18 -4.58 -0.57 14.86
CA ALA A 18 -5.66 -1.43 14.41
C ALA A 18 -5.68 -2.77 15.14
N TYR A 19 -4.51 -3.24 15.57
CA TYR A 19 -4.39 -4.57 16.20
C TYR A 19 -5.49 -4.77 17.26
N PRO A 20 -6.13 -5.95 17.27
CA PRO A 20 -5.78 -7.08 16.43
C PRO A 20 -6.53 -7.13 15.10
N GLU A 21 -7.46 -6.21 14.88
CA GLU A 21 -8.30 -6.24 13.68
C GLU A 21 -7.49 -5.86 12.44
N GLU A 22 -8.04 -6.18 11.27
CA GLU A 22 -7.38 -5.88 10.02
C GLU A 22 -7.47 -4.39 9.70
N GLY A 23 -6.40 -3.67 10.00
CA GLY A 23 -6.35 -2.25 9.70
C GLY A 23 -5.47 -1.96 8.51
N CYS A 24 -5.35 -2.94 7.63
CA CYS A 24 -4.52 -2.83 6.44
C CYS A 24 -5.17 -1.93 5.40
N GLY A 25 -4.45 -1.63 4.33
CA GLY A 25 -4.99 -0.75 3.32
C GLY A 25 -4.11 -0.68 2.08
N PHE A 26 -4.29 0.38 1.32
CA PHE A 26 -3.58 0.55 0.06
C PHE A 26 -2.63 1.73 0.13
N LEU A 27 -1.62 1.71 -0.72
CA LEU A 27 -0.65 2.79 -0.79
C LEU A 27 -1.06 3.78 -1.85
N LEU A 28 -1.28 5.01 -1.46
CA LEU A 28 -1.69 6.05 -2.40
C LEU A 28 -0.52 6.97 -2.70
N GLY A 29 -0.33 7.28 -3.96
CA GLY A 29 0.74 8.16 -4.35
C GLY A 29 0.72 8.43 -5.83
N THR A 30 1.89 8.67 -6.38
CA THR A 30 2.03 8.94 -7.80
C THR A 30 3.20 8.15 -8.38
N VAL A 31 3.12 7.86 -9.66
CA VAL A 31 4.22 7.21 -10.36
C VAL A 31 5.14 8.28 -10.94
N THR A 32 6.37 8.27 -10.49
CA THR A 32 7.32 9.29 -10.91
C THR A 32 7.87 8.99 -12.30
N ASP A 33 8.64 9.92 -12.83
CA ASP A 33 9.25 9.76 -14.16
C ASP A 33 10.27 8.62 -14.14
N ASP A 34 10.67 8.23 -12.94
CA ASP A 34 11.59 7.10 -12.75
C ASP A 34 10.91 5.80 -13.16
N GLY A 35 9.60 5.75 -12.99
CA GLY A 35 8.86 4.52 -13.21
C GLY A 35 8.69 3.74 -11.92
N ASP A 36 8.98 4.41 -10.81
CA ASP A 36 8.87 3.80 -9.49
C ASP A 36 7.57 4.24 -8.83
N ASN A 37 7.22 3.61 -7.72
CA ASN A 37 5.96 3.88 -7.05
C ASN A 37 6.22 4.74 -5.81
N ARG A 38 5.81 6.01 -5.89
CA ARG A 38 6.04 6.94 -4.80
C ARG A 38 4.81 7.04 -3.91
N VAL A 39 4.94 6.51 -2.69
CA VAL A 39 3.84 6.54 -1.74
C VAL A 39 3.83 7.86 -0.98
N ALA A 40 2.70 8.55 -1.03
CA ALA A 40 2.58 9.85 -0.37
C ALA A 40 1.44 9.85 0.65
N ALA A 41 0.50 8.92 0.49
CA ALA A 41 -0.65 8.85 1.38
C ALA A 41 -1.01 7.41 1.72
N LEU A 42 -1.65 7.22 2.86
CA LEU A 42 -2.04 5.89 3.32
C LEU A 42 -3.55 5.81 3.45
N HIS A 43 -4.13 4.79 2.83
CA HIS A 43 -5.58 4.61 2.90
C HIS A 43 -5.90 3.22 3.44
N ARG A 44 -6.63 3.18 4.54
CA ARG A 44 -7.06 1.91 5.12
C ARG A 44 -8.16 1.28 4.27
N ALA A 45 -8.08 -0.03 4.08
CA ALA A 45 -9.10 -0.77 3.34
C ALA A 45 -10.36 -0.93 4.18
N THR A 46 -10.96 0.20 4.52
CA THR A 46 -12.18 0.23 5.31
C THR A 46 -12.91 1.55 5.03
N ASN A 47 -14.23 1.50 4.98
CA ASN A 47 -15.04 2.69 4.75
C ASN A 47 -14.87 3.68 5.90
N ARG A 48 -14.92 4.95 5.57
CA ARG A 48 -14.73 6.00 6.55
C ARG A 48 -16.08 6.57 6.96
N ARG A 49 -16.53 6.23 8.15
CA ARG A 49 -17.80 6.74 8.66
C ARG A 49 -17.69 8.23 8.97
N SER A 50 -18.27 9.04 8.10
CA SER A 50 -18.22 10.48 8.25
C SER A 50 -19.28 11.12 7.38
N GLU A 51 -19.62 12.36 7.69
CA GLU A 51 -20.41 13.19 6.80
C GLU A 51 -19.44 13.88 5.84
N GLN A 52 -19.80 13.96 4.57
CA GLN A 52 -18.87 14.48 3.57
C GLN A 52 -18.55 15.94 3.82
N ARG A 53 -17.27 16.27 3.78
CA ARG A 53 -16.81 17.63 4.03
C ARG A 53 -16.94 18.47 2.76
N THR A 54 -18.17 18.57 2.27
CA THR A 54 -18.49 19.30 1.05
C THR A 54 -17.83 18.67 -0.19
N ARG A 55 -18.64 18.01 -1.00
CA ARG A 55 -18.21 17.39 -2.24
C ARG A 55 -17.21 16.26 -1.99
N ARG A 56 -17.76 15.10 -1.66
CA ARG A 56 -16.96 13.90 -1.47
C ARG A 56 -17.80 12.68 -1.79
N TYR A 57 -17.19 11.70 -2.45
CA TYR A 57 -17.91 10.49 -2.85
C TYR A 57 -18.27 9.65 -1.64
N GLU A 58 -17.27 9.38 -0.79
CA GLU A 58 -17.43 8.55 0.40
C GLU A 58 -18.11 7.22 0.04
N LEU A 59 -17.54 6.54 -0.96
CA LEU A 59 -18.08 5.28 -1.44
C LEU A 59 -17.84 4.19 -0.40
N THR A 60 -18.87 3.87 0.37
CA THR A 60 -18.76 2.90 1.43
C THR A 60 -18.98 1.47 0.93
N ALA A 61 -18.03 0.97 0.16
CA ALA A 61 -18.08 -0.42 -0.31
C ALA A 61 -16.87 -1.19 0.19
N ASP A 62 -15.82 -0.47 0.59
CA ASP A 62 -14.61 -1.06 1.15
C ASP A 62 -13.82 -1.84 0.09
N ASP A 63 -14.17 -1.62 -1.17
CA ASP A 63 -13.52 -2.32 -2.27
C ASP A 63 -12.50 -1.40 -2.95
N TYR A 64 -12.02 -1.82 -4.12
CA TYR A 64 -11.06 -1.02 -4.88
C TYR A 64 -11.65 0.36 -5.20
N ARG A 65 -12.93 0.39 -5.55
CA ARG A 65 -13.59 1.62 -5.94
C ARG A 65 -13.47 2.69 -4.85
N ALA A 66 -13.56 2.28 -3.60
CA ALA A 66 -13.45 3.20 -2.48
C ALA A 66 -12.03 3.76 -2.36
N ALA A 67 -11.05 2.91 -2.58
CA ALA A 67 -9.66 3.33 -2.56
C ALA A 67 -9.36 4.22 -3.77
N ASP A 68 -9.93 3.84 -4.90
CA ASP A 68 -9.75 4.56 -6.17
C ASP A 68 -10.38 5.95 -6.09
N ALA A 69 -11.59 6.01 -5.54
CA ALA A 69 -12.32 7.27 -5.43
C ALA A 69 -11.55 8.27 -4.58
N ALA A 70 -11.19 7.86 -3.37
CA ALA A 70 -10.47 8.73 -2.45
C ALA A 70 -9.11 9.14 -3.01
N ALA A 71 -8.48 8.22 -3.74
CA ALA A 71 -7.21 8.52 -4.39
C ALA A 71 -7.40 9.63 -5.42
N GLN A 72 -8.42 9.49 -6.26
CA GLN A 72 -8.70 10.47 -7.29
C GLN A 72 -9.17 11.80 -6.68
N GLU A 73 -9.87 11.72 -5.56
CA GLU A 73 -10.29 12.91 -4.82
C GLU A 73 -9.08 13.71 -4.37
N GLN A 74 -8.05 13.00 -3.95
CA GLN A 74 -6.81 13.62 -3.49
C GLN A 74 -5.90 13.99 -4.65
N GLY A 75 -5.97 13.23 -5.72
CA GLY A 75 -5.12 13.47 -6.88
C GLY A 75 -3.99 12.46 -6.98
N LEU A 76 -4.22 11.28 -6.41
CA LEU A 76 -3.23 10.22 -6.41
C LEU A 76 -3.84 8.95 -6.97
N ASP A 77 -3.05 7.89 -7.08
CA ASP A 77 -3.57 6.59 -7.47
C ASP A 77 -3.01 5.50 -6.57
N VAL A 78 -3.49 4.28 -6.75
CA VAL A 78 -3.09 3.16 -5.90
C VAL A 78 -1.79 2.54 -6.40
N VAL A 79 -0.70 2.84 -5.71
CA VAL A 79 0.63 2.39 -6.15
C VAL A 79 1.09 1.17 -5.36
N GLY A 80 0.22 0.64 -4.52
CA GLY A 80 0.60 -0.55 -3.76
C GLY A 80 -0.40 -0.89 -2.67
N VAL A 81 -0.04 -1.86 -1.85
CA VAL A 81 -0.88 -2.30 -0.74
C VAL A 81 -0.02 -2.56 0.48
N TYR A 82 -0.59 -2.38 1.66
CA TYR A 82 0.13 -2.65 2.89
C TYR A 82 -0.77 -3.39 3.86
N HIS A 83 -0.22 -4.40 4.52
CA HIS A 83 -1.01 -5.21 5.43
C HIS A 83 -0.15 -5.73 6.58
N SER A 84 -0.71 -5.66 7.77
CA SER A 84 0.00 -6.06 8.98
C SER A 84 -0.54 -7.39 9.50
N HIS A 85 0.35 -8.27 9.94
CA HIS A 85 -0.06 -9.48 10.64
C HIS A 85 1.14 -10.15 11.33
N PRO A 86 0.93 -10.70 12.52
CA PRO A 86 1.90 -11.53 13.21
C PRO A 86 1.73 -12.99 12.80
N ASP A 87 2.75 -13.55 12.16
CA ASP A 87 2.60 -14.87 11.53
C ASP A 87 3.97 -15.44 11.18
N HIS A 88 4.72 -14.68 10.42
CA HIS A 88 6.06 -15.06 10.01
C HIS A 88 6.97 -13.85 10.05
N PRO A 89 8.29 -14.04 10.21
CA PRO A 89 9.23 -12.93 10.45
C PRO A 89 9.40 -12.01 9.25
N ALA A 90 8.48 -11.05 9.13
CA ALA A 90 8.53 -10.01 8.10
C ALA A 90 8.53 -10.58 6.69
N ARG A 91 8.02 -11.81 6.56
CA ARG A 91 7.88 -12.43 5.26
C ARG A 91 6.44 -12.91 5.09
N PRO A 92 5.94 -12.96 3.84
CA PRO A 92 4.56 -13.35 3.55
C PRO A 92 4.17 -14.70 4.13
N SER A 93 2.89 -14.90 4.38
CA SER A 93 2.40 -16.16 4.86
C SER A 93 1.85 -16.98 3.68
N ALA A 94 1.28 -18.14 3.97
CA ALA A 94 0.67 -18.96 2.94
C ALA A 94 -0.46 -18.19 2.27
N THR A 95 -1.26 -17.51 3.09
CA THR A 95 -2.38 -16.72 2.62
C THR A 95 -1.90 -15.59 1.70
N ASP A 96 -0.76 -14.97 2.06
CA ASP A 96 -0.18 -13.91 1.26
C ASP A 96 0.15 -14.42 -0.14
N LEU A 97 0.72 -15.61 -0.20
CA LEU A 97 1.08 -16.24 -1.45
C LEU A 97 -0.20 -16.58 -2.24
N GLU A 98 -1.16 -17.14 -1.53
CA GLU A 98 -2.41 -17.61 -2.14
C GLU A 98 -3.19 -16.47 -2.81
N GLU A 99 -3.20 -15.30 -2.22
CA GLU A 99 -4.06 -14.22 -2.70
C GLU A 99 -3.26 -13.09 -3.33
N ALA A 100 -2.04 -13.38 -3.75
CA ALA A 100 -1.24 -12.40 -4.48
C ALA A 100 -1.13 -12.81 -5.94
N THR A 101 -1.87 -12.14 -6.80
CA THR A 101 -1.85 -12.42 -8.23
C THR A 101 -1.98 -11.14 -9.05
N PHE A 102 -1.68 -10.01 -8.42
CA PHE A 102 -1.80 -8.72 -9.10
C PHE A 102 -0.53 -7.88 -8.95
N PRO A 103 0.44 -8.09 -9.85
CA PRO A 103 1.71 -7.36 -9.85
C PRO A 103 1.54 -5.88 -10.18
N GLY A 104 2.63 -5.13 -10.14
CA GLY A 104 2.56 -3.71 -10.40
C GLY A 104 2.35 -2.92 -9.13
N PHE A 105 1.81 -3.60 -8.13
CA PHE A 105 1.62 -3.02 -6.82
C PHE A 105 2.71 -3.49 -5.87
N THR A 106 3.15 -2.61 -5.00
CA THR A 106 4.14 -2.95 -4.00
C THR A 106 3.45 -3.43 -2.73
N TYR A 107 3.79 -4.63 -2.29
CA TYR A 107 3.18 -5.22 -1.11
C TYR A 107 4.03 -4.93 0.12
N VAL A 108 3.55 -4.06 0.98
CA VAL A 108 4.27 -3.75 2.20
C VAL A 108 3.76 -4.60 3.34
N ILE A 109 4.65 -5.44 3.86
CA ILE A 109 4.32 -6.29 4.99
C ILE A 109 5.10 -5.82 6.21
N VAL A 110 4.37 -5.42 7.22
CA VAL A 110 4.98 -4.93 8.44
C VAL A 110 4.77 -5.91 9.58
N SER A 111 5.83 -6.17 10.31
CA SER A 111 5.77 -7.08 11.43
C SER A 111 5.21 -6.34 12.63
N VAL A 112 3.99 -6.66 13.00
CA VAL A 112 3.35 -6.04 14.16
C VAL A 112 3.15 -7.07 15.24
N ARG A 113 3.80 -6.86 16.38
CA ARG A 113 3.75 -7.82 17.46
C ARG A 113 2.93 -7.27 18.61
N ASP A 114 1.62 -7.52 18.54
CA ASP A 114 0.66 -7.09 19.56
C ASP A 114 0.52 -5.57 19.60
N GLY A 115 1.54 -4.90 20.10
CA GLY A 115 1.51 -3.46 20.14
C GLY A 115 2.81 -2.85 19.67
N ALA A 116 3.70 -3.71 19.18
CA ALA A 116 5.02 -3.27 18.75
C ALA A 116 5.21 -3.46 17.25
N PRO A 117 5.29 -2.34 16.50
CA PRO A 117 5.65 -2.37 15.09
C PRO A 117 7.14 -2.64 14.92
N GLU A 118 7.46 -3.88 14.58
CA GLU A 118 8.83 -4.35 14.54
C GLU A 118 9.58 -3.80 13.33
N ALA A 119 9.22 -4.28 12.14
CA ALA A 119 9.96 -3.91 10.94
C ALA A 119 9.02 -3.74 9.74
N LEU A 120 9.40 -2.81 8.87
CA LEU A 120 8.71 -2.59 7.61
C LEU A 120 9.47 -3.25 6.46
N THR A 121 8.81 -4.15 5.74
CA THR A 121 9.43 -4.78 4.59
C THR A 121 8.51 -4.70 3.38
N ALA A 122 9.06 -4.30 2.25
CA ALA A 122 8.28 -4.14 1.04
C ALA A 122 8.65 -5.21 0.03
N TRP A 123 7.62 -5.80 -0.56
CA TRP A 123 7.80 -6.91 -1.47
C TRP A 123 7.20 -6.61 -2.82
N ALA A 124 7.89 -7.04 -3.87
CA ALA A 124 7.37 -6.95 -5.21
C ALA A 124 7.09 -8.35 -5.73
N LEU A 125 5.87 -8.55 -6.22
CA LEU A 125 5.52 -9.83 -6.81
C LEU A 125 6.03 -9.90 -8.23
N ALA A 126 6.88 -10.90 -8.48
CA ALA A 126 7.39 -11.11 -9.82
C ALA A 126 6.24 -11.33 -10.78
N PRO A 127 6.24 -10.66 -11.93
CA PRO A 127 5.19 -10.80 -12.95
C PRO A 127 5.03 -12.25 -13.38
N ASP A 128 6.11 -13.01 -13.26
CA ASP A 128 6.13 -14.43 -13.56
C ASP A 128 5.23 -15.20 -12.58
N ARG A 129 4.92 -14.55 -11.45
CA ARG A 129 4.08 -15.17 -10.40
C ARG A 129 4.73 -16.44 -9.88
N SER A 130 6.04 -16.38 -9.69
CA SER A 130 6.80 -17.51 -9.17
C SER A 130 7.14 -17.31 -7.70
N GLU A 131 7.35 -16.05 -7.32
CA GLU A 131 7.79 -15.73 -5.96
C GLU A 131 7.68 -14.23 -5.70
N PHE A 132 8.03 -13.83 -4.49
CA PHE A 132 8.13 -12.43 -4.14
C PHE A 132 9.60 -12.03 -4.06
N HIS A 133 9.87 -10.77 -4.30
CA HIS A 133 11.21 -10.24 -4.11
C HIS A 133 11.15 -9.08 -3.16
N ARG A 134 12.11 -9.02 -2.26
CA ARG A 134 12.14 -7.97 -1.28
C ARG A 134 12.88 -6.76 -1.85
N GLU A 135 12.22 -5.63 -1.79
CA GLU A 135 12.79 -4.40 -2.32
C GLU A 135 13.10 -3.45 -1.19
N ASP A 136 14.13 -2.65 -1.38
CA ASP A 136 14.55 -1.70 -0.36
C ASP A 136 13.72 -0.43 -0.46
N ILE A 137 13.37 0.13 0.67
CA ILE A 137 12.59 1.36 0.68
C ILE A 137 13.54 2.54 0.55
N VAL A 138 13.40 3.27 -0.54
CA VAL A 138 14.31 4.35 -0.86
C VAL A 138 13.61 5.69 -0.69
N ARG A 139 14.40 6.70 -0.45
CA ARG A 139 13.89 8.03 -0.18
C ARG A 139 14.11 8.93 -1.39
N PRO A 140 13.07 9.62 -1.85
CA PRO A 140 13.16 10.53 -2.98
C PRO A 140 14.05 11.73 -2.68
N ASP A 141 14.85 12.12 -3.66
CA ASP A 141 15.71 13.28 -3.53
C ASP A 141 14.88 14.55 -3.45
N PRO A 142 15.45 15.65 -2.90
CA PRO A 142 14.78 16.94 -2.85
C PRO A 142 14.74 17.62 -4.22
N GLU A 143 14.91 16.79 -5.22
CA GLU A 143 14.90 17.21 -6.61
C GLU A 143 14.14 16.17 -7.43
N ALA A 144 12.84 16.22 -7.32
CA ALA A 144 11.98 15.22 -7.93
C ALA A 144 11.54 15.63 -9.33
N PRO A 145 11.48 14.67 -10.26
CA PRO A 145 10.98 14.91 -11.62
C PRO A 145 9.52 15.37 -11.59
N LEU A 146 9.20 16.37 -12.39
CA LEU A 146 7.89 16.97 -12.38
C LEU A 146 6.99 16.36 -13.44
N GLU A 147 5.78 16.04 -13.05
CA GLU A 147 4.76 15.58 -13.97
C GLU A 147 3.84 16.75 -14.30
N HIS A 148 3.08 16.64 -15.39
CA HIS A 148 2.18 17.71 -15.78
C HIS A 148 0.75 17.38 -15.34
N HIS A 149 -0.06 16.88 -16.27
CA HIS A 149 -1.44 16.51 -15.98
C HIS A 149 -1.93 15.49 -17.01
N HIS A 150 -2.11 14.26 -16.58
CA HIS A 150 -2.62 13.22 -17.46
C HIS A 150 -4.13 13.13 -17.38
N HIS A 151 -4.66 12.93 -16.17
CA HIS A 151 -6.11 12.83 -15.99
C HIS A 151 -6.50 13.28 -14.59
N HIS A 152 -7.78 13.60 -14.43
CA HIS A 152 -8.35 13.93 -13.13
C HIS A 152 -9.45 12.93 -12.81
N HIS A 153 -10.14 13.13 -11.70
CA HIS A 153 -11.31 12.32 -11.41
C HIS A 153 -12.51 12.84 -12.19
N MET A 1 10.62 1.50 -5.87
CA MET A 1 9.66 2.14 -4.94
C MET A 1 10.31 3.25 -4.13
N LYS A 2 9.84 4.48 -4.33
CA LYS A 2 10.31 5.61 -3.54
C LYS A 2 9.22 6.04 -2.56
N THR A 3 9.60 6.29 -1.32
CA THR A 3 8.63 6.66 -0.30
C THR A 3 9.27 7.56 0.76
N THR A 4 8.46 8.09 1.65
CA THR A 4 8.94 8.99 2.69
C THR A 4 8.93 8.29 4.04
N PRO A 5 9.84 8.72 4.95
CA PRO A 5 9.88 8.20 6.32
C PRO A 5 8.56 8.41 7.03
N ASP A 6 7.85 9.46 6.61
CA ASP A 6 6.53 9.78 7.13
C ASP A 6 5.56 8.62 6.89
N ILE A 7 5.57 8.07 5.68
CA ILE A 7 4.71 6.94 5.34
C ILE A 7 5.03 5.73 6.21
N LEU A 8 6.32 5.44 6.37
CA LEU A 8 6.76 4.30 7.16
C LEU A 8 6.35 4.46 8.62
N ASP A 9 6.42 5.68 9.12
CA ASP A 9 6.04 5.97 10.49
C ASP A 9 4.54 5.76 10.65
N GLN A 10 3.77 6.23 9.66
CA GLN A 10 2.32 6.03 9.64
C GLN A 10 1.98 4.55 9.60
N ILE A 11 2.86 3.76 8.99
CA ILE A 11 2.67 2.31 8.94
C ILE A 11 2.69 1.71 10.35
N ARG A 12 3.65 2.11 11.16
CA ARG A 12 3.72 1.61 12.54
C ARG A 12 2.52 2.11 13.34
N VAL A 13 2.03 3.30 12.99
CA VAL A 13 0.87 3.86 13.66
C VAL A 13 -0.39 3.07 13.31
N HIS A 14 -0.59 2.79 12.02
CA HIS A 14 -1.79 2.09 11.58
C HIS A 14 -1.88 0.70 12.21
N GLY A 15 -0.72 0.12 12.51
CA GLY A 15 -0.68 -1.20 13.12
C GLY A 15 -1.28 -1.19 14.52
N ALA A 16 -0.82 -0.26 15.33
CA ALA A 16 -1.29 -0.15 16.71
C ALA A 16 -2.70 0.43 16.76
N ASP A 17 -3.00 1.33 15.83
CA ASP A 17 -4.27 2.04 15.83
C ASP A 17 -5.43 1.13 15.43
N ALA A 18 -5.17 0.27 14.46
CA ALA A 18 -6.20 -0.61 13.93
C ALA A 18 -6.34 -1.88 14.74
N TYR A 19 -5.25 -2.29 15.39
CA TYR A 19 -5.26 -3.53 16.17
C TYR A 19 -6.28 -3.44 17.30
N PRO A 20 -6.86 -4.59 17.72
CA PRO A 20 -6.50 -5.91 17.21
C PRO A 20 -7.21 -6.27 15.90
N GLU A 21 -8.09 -5.40 15.44
CA GLU A 21 -8.86 -5.67 14.23
C GLU A 21 -7.99 -5.58 12.97
N GLU A 22 -8.48 -6.16 11.89
CA GLU A 22 -7.75 -6.19 10.64
C GLU A 22 -7.85 -4.84 9.92
N GLY A 23 -6.86 -4.00 10.14
CA GLY A 23 -6.83 -2.70 9.51
C GLY A 23 -5.69 -2.55 8.54
N CYS A 24 -5.84 -3.13 7.36
CA CYS A 24 -4.86 -2.99 6.30
C CYS A 24 -5.14 -1.73 5.50
N GLY A 25 -4.55 -1.60 4.32
CA GLY A 25 -4.82 -0.43 3.50
C GLY A 25 -4.11 -0.47 2.17
N PHE A 26 -4.27 0.59 1.40
CA PHE A 26 -3.70 0.68 0.07
C PHE A 26 -2.72 1.85 0.00
N LEU A 27 -1.77 1.75 -0.92
CA LEU A 27 -0.76 2.79 -1.12
C LEU A 27 -1.21 3.73 -2.22
N LEU A 28 -1.38 4.99 -1.88
CA LEU A 28 -1.81 5.99 -2.86
C LEU A 28 -0.63 6.87 -3.25
N GLY A 29 -0.48 7.11 -4.54
CA GLY A 29 0.63 7.90 -5.00
C GLY A 29 0.62 8.09 -6.50
N THR A 30 1.80 8.33 -7.06
CA THR A 30 1.93 8.51 -8.50
C THR A 30 3.15 7.74 -9.02
N VAL A 31 3.14 7.45 -10.30
CA VAL A 31 4.25 6.75 -10.91
C VAL A 31 5.27 7.75 -11.44
N THR A 32 6.38 7.85 -10.73
CA THR A 32 7.43 8.80 -11.05
C THR A 32 8.21 8.35 -12.27
N ASP A 33 8.34 9.27 -13.25
CA ASP A 33 9.05 9.00 -14.51
C ASP A 33 8.27 7.98 -15.35
N ASP A 34 7.13 7.58 -14.82
CA ASP A 34 6.28 6.55 -15.43
C ASP A 34 7.04 5.22 -15.42
N GLY A 35 7.88 5.07 -14.40
CA GLY A 35 8.66 3.86 -14.25
C GLY A 35 8.62 3.30 -12.83
N ASP A 36 8.90 4.16 -11.84
CA ASP A 36 8.91 3.74 -10.45
C ASP A 36 7.68 4.30 -9.73
N ASN A 37 7.35 3.73 -8.59
CA ASN A 37 6.11 4.06 -7.88
C ASN A 37 6.42 4.84 -6.61
N ARG A 38 5.90 6.06 -6.52
CA ARG A 38 6.05 6.85 -5.31
C ARG A 38 4.78 6.81 -4.47
N VAL A 39 4.93 6.38 -3.22
CA VAL A 39 3.81 6.41 -2.28
C VAL A 39 3.78 7.75 -1.57
N ALA A 40 2.66 8.44 -1.67
CA ALA A 40 2.52 9.77 -1.07
C ALA A 40 1.44 9.77 0.02
N ALA A 41 0.42 8.95 -0.16
CA ALA A 41 -0.69 8.91 0.77
C ALA A 41 -1.07 7.49 1.12
N LEU A 42 -1.78 7.33 2.24
CA LEU A 42 -2.21 6.01 2.69
C LEU A 42 -3.72 6.01 2.93
N HIS A 43 -4.38 4.94 2.51
CA HIS A 43 -5.81 4.78 2.80
C HIS A 43 -6.02 3.54 3.63
N ARG A 44 -6.70 3.70 4.76
CA ARG A 44 -6.95 2.59 5.67
C ARG A 44 -8.20 1.82 5.24
N ALA A 45 -8.12 0.50 5.29
CA ALA A 45 -9.25 -0.35 4.93
C ALA A 45 -10.19 -0.50 6.12
N THR A 46 -11.45 -0.14 5.90
CA THR A 46 -12.46 -0.19 6.94
C THR A 46 -13.83 0.07 6.34
N ASN A 47 -14.86 -0.52 6.93
CA ASN A 47 -16.22 -0.40 6.42
C ASN A 47 -16.89 0.86 6.94
N ARG A 48 -17.55 1.58 6.06
CA ARG A 48 -18.24 2.82 6.41
C ARG A 48 -19.28 3.18 5.35
N ARG A 49 -20.53 3.33 5.76
CA ARG A 49 -21.58 3.78 4.86
C ARG A 49 -21.42 5.27 4.60
N SER A 50 -20.74 5.60 3.51
CA SER A 50 -20.30 6.97 3.27
C SER A 50 -20.96 7.60 2.05
N GLU A 51 -22.25 7.32 1.84
CA GLU A 51 -22.98 8.00 0.77
C GLU A 51 -23.19 9.46 1.17
N GLN A 52 -22.26 10.31 0.75
CA GLN A 52 -22.27 11.71 1.16
C GLN A 52 -22.21 12.61 -0.07
N ARG A 53 -22.44 12.02 -1.24
CA ARG A 53 -22.45 12.77 -2.49
C ARG A 53 -23.56 12.23 -3.39
N THR A 54 -24.23 13.12 -4.11
CA THR A 54 -25.33 12.74 -4.96
C THR A 54 -24.87 12.00 -6.21
N ARG A 55 -25.30 10.75 -6.34
CA ARG A 55 -24.98 9.89 -7.48
C ARG A 55 -23.49 9.52 -7.52
N ARG A 56 -23.12 8.76 -8.57
CA ARG A 56 -21.74 8.29 -8.76
C ARG A 56 -21.44 7.18 -7.75
N TYR A 57 -22.49 6.55 -7.24
CA TYR A 57 -22.35 5.53 -6.21
C TYR A 57 -22.93 4.19 -6.66
N GLU A 58 -22.44 3.12 -6.06
CA GLU A 58 -23.00 1.79 -6.26
C GLU A 58 -23.41 1.21 -4.91
N LEU A 59 -22.45 0.65 -4.20
CA LEU A 59 -22.66 0.18 -2.84
C LEU A 59 -21.48 0.59 -1.98
N THR A 60 -21.77 1.14 -0.81
CA THR A 60 -20.74 1.70 0.05
C THR A 60 -20.12 0.62 0.97
N ALA A 61 -20.02 -0.60 0.47
CA ALA A 61 -19.48 -1.70 1.26
C ALA A 61 -18.17 -2.25 0.68
N ASP A 62 -17.77 -1.71 -0.48
CA ASP A 62 -16.55 -2.17 -1.12
C ASP A 62 -15.35 -1.38 -0.62
N ASP A 63 -14.36 -2.10 -0.11
CA ASP A 63 -13.21 -1.48 0.54
C ASP A 63 -12.24 -0.90 -0.48
N TYR A 64 -12.08 -1.56 -1.62
CA TYR A 64 -11.14 -1.10 -2.63
C TYR A 64 -11.65 0.19 -3.28
N ARG A 65 -12.92 0.21 -3.65
CA ARG A 65 -13.50 1.35 -4.32
C ARG A 65 -13.34 2.62 -3.49
N ALA A 66 -13.50 2.48 -2.19
CA ALA A 66 -13.29 3.60 -1.27
C ALA A 66 -11.84 4.07 -1.29
N ALA A 67 -10.92 3.12 -1.42
CA ALA A 67 -9.50 3.44 -1.51
C ALA A 67 -9.20 4.13 -2.84
N ASP A 68 -9.83 3.63 -3.89
CA ASP A 68 -9.63 4.16 -5.24
C ASP A 68 -10.22 5.56 -5.34
N ALA A 69 -11.37 5.75 -4.68
CA ALA A 69 -12.03 7.04 -4.64
C ALA A 69 -11.15 8.08 -3.95
N ALA A 70 -10.51 7.67 -2.85
CA ALA A 70 -9.61 8.55 -2.10
C ALA A 70 -8.41 8.95 -2.94
N ALA A 71 -7.98 8.05 -3.82
CA ALA A 71 -6.92 8.35 -4.75
C ALA A 71 -7.36 9.45 -5.70
N GLN A 72 -8.55 9.27 -6.27
CA GLN A 72 -9.11 10.26 -7.19
C GLN A 72 -9.31 11.61 -6.48
N GLU A 73 -9.68 11.56 -5.20
CA GLU A 73 -9.80 12.75 -4.38
C GLU A 73 -8.51 13.56 -4.39
N GLN A 74 -7.40 12.85 -4.28
CA GLN A 74 -6.08 13.46 -4.17
C GLN A 74 -5.37 13.56 -5.52
N GLY A 75 -6.05 13.14 -6.58
CA GLY A 75 -5.46 13.16 -7.92
C GLY A 75 -4.35 12.14 -8.05
N LEU A 76 -4.44 11.08 -7.28
CA LEU A 76 -3.43 10.02 -7.27
C LEU A 76 -4.06 8.72 -7.74
N ASP A 77 -3.30 7.64 -7.68
CA ASP A 77 -3.83 6.31 -7.96
C ASP A 77 -3.19 5.30 -7.02
N VAL A 78 -3.69 4.06 -7.06
CA VAL A 78 -3.21 3.03 -6.16
C VAL A 78 -1.96 2.38 -6.73
N VAL A 79 -0.82 2.68 -6.12
CA VAL A 79 0.46 2.20 -6.61
C VAL A 79 0.91 0.94 -5.87
N GLY A 80 0.14 0.55 -4.87
CA GLY A 80 0.47 -0.64 -4.11
C GLY A 80 -0.50 -0.90 -2.98
N VAL A 81 -0.21 -1.92 -2.19
CA VAL A 81 -1.06 -2.30 -1.06
C VAL A 81 -0.20 -2.70 0.12
N TYR A 82 -0.74 -2.56 1.32
CA TYR A 82 -0.04 -3.02 2.50
C TYR A 82 -0.98 -3.80 3.40
N HIS A 83 -0.49 -4.91 3.92
CA HIS A 83 -1.32 -5.79 4.74
C HIS A 83 -0.51 -6.38 5.88
N SER A 84 -1.10 -6.35 7.06
CA SER A 84 -0.42 -6.80 8.27
C SER A 84 -0.97 -8.13 8.72
N HIS A 85 -0.09 -9.09 8.95
CA HIS A 85 -0.48 -10.39 9.44
C HIS A 85 0.27 -10.72 10.71
N PRO A 86 -0.37 -11.41 11.66
CA PRO A 86 0.26 -11.88 12.88
C PRO A 86 1.15 -13.10 12.63
N ASP A 87 2.11 -13.31 13.53
CA ASP A 87 3.04 -14.45 13.44
C ASP A 87 4.04 -14.26 12.30
N HIS A 88 5.22 -14.85 12.46
CA HIS A 88 6.34 -14.70 11.53
C HIS A 88 6.89 -13.27 11.57
N PRO A 89 8.23 -13.12 11.45
CA PRO A 89 8.87 -11.81 11.42
C PRO A 89 8.75 -11.16 10.05
N ALA A 90 7.58 -10.60 9.78
CA ALA A 90 7.26 -9.98 8.49
C ALA A 90 7.37 -11.02 7.39
N ARG A 91 7.63 -10.56 6.16
CA ARG A 91 7.75 -11.42 5.00
C ARG A 91 6.41 -12.09 4.65
N PRO A 92 6.17 -12.34 3.36
CA PRO A 92 4.95 -13.01 2.90
C PRO A 92 4.82 -14.43 3.45
N SER A 93 3.71 -14.69 4.11
CA SER A 93 3.44 -16.03 4.63
C SER A 93 2.79 -16.88 3.54
N ALA A 94 2.52 -18.15 3.84
CA ALA A 94 2.05 -19.08 2.81
C ALA A 94 0.74 -18.65 2.18
N THR A 95 -0.25 -18.30 3.00
CA THR A 95 -1.54 -17.89 2.50
C THR A 95 -1.49 -16.43 2.06
N ASP A 96 -0.67 -15.66 2.78
CA ASP A 96 -0.46 -14.25 2.50
C ASP A 96 0.10 -14.07 1.09
N LEU A 97 1.04 -14.94 0.73
CA LEU A 97 1.66 -14.94 -0.60
C LEU A 97 0.65 -15.42 -1.64
N GLU A 98 -0.10 -16.47 -1.30
CA GLU A 98 -1.02 -17.11 -2.22
C GLU A 98 -2.08 -16.15 -2.77
N GLU A 99 -2.58 -15.27 -1.92
CA GLU A 99 -3.67 -14.39 -2.32
C GLU A 99 -3.16 -13.05 -2.85
N ALA A 100 -1.85 -12.94 -3.05
CA ALA A 100 -1.27 -11.77 -3.70
C ALA A 100 -1.31 -11.96 -5.21
N THR A 101 -2.50 -11.84 -5.79
CA THR A 101 -2.71 -12.18 -7.19
C THR A 101 -2.85 -10.93 -8.06
N PHE A 102 -2.39 -9.79 -7.56
CA PHE A 102 -2.54 -8.53 -8.30
C PHE A 102 -1.18 -7.90 -8.61
N PRO A 103 -0.57 -8.30 -9.74
CA PRO A 103 0.72 -7.76 -10.18
C PRO A 103 0.64 -6.28 -10.53
N GLY A 104 1.77 -5.59 -10.47
CA GLY A 104 1.79 -4.17 -10.73
C GLY A 104 1.79 -3.37 -9.45
N PHE A 105 1.20 -3.93 -8.40
CA PHE A 105 1.13 -3.28 -7.11
C PHE A 105 2.33 -3.65 -6.26
N THR A 106 2.81 -2.70 -5.48
CA THR A 106 3.90 -2.96 -4.55
C THR A 106 3.32 -3.36 -3.20
N TYR A 107 3.83 -4.43 -2.61
CA TYR A 107 3.27 -4.95 -1.38
C TYR A 107 4.18 -4.66 -0.20
N VAL A 108 3.65 -3.93 0.76
CA VAL A 108 4.35 -3.67 2.01
C VAL A 108 3.90 -4.68 3.06
N ILE A 109 4.86 -5.43 3.58
CA ILE A 109 4.57 -6.46 4.57
C ILE A 109 5.13 -6.03 5.91
N VAL A 110 4.25 -5.89 6.88
CA VAL A 110 4.65 -5.52 8.22
C VAL A 110 3.97 -6.43 9.25
N SER A 111 4.77 -7.00 10.13
CA SER A 111 4.27 -7.90 11.13
C SER A 111 3.85 -7.12 12.38
N VAL A 112 2.55 -7.01 12.59
CA VAL A 112 2.02 -6.33 13.75
C VAL A 112 1.49 -7.38 14.73
N ARG A 113 2.12 -7.44 15.89
CA ARG A 113 1.83 -8.50 16.85
C ARG A 113 1.45 -7.92 18.18
N ASP A 114 0.24 -8.24 18.64
CA ASP A 114 -0.29 -7.76 19.93
C ASP A 114 -0.64 -6.26 19.89
N GLY A 115 -0.11 -5.58 18.88
CA GLY A 115 -0.31 -4.15 18.74
C GLY A 115 0.98 -3.48 18.30
N ALA A 116 2.07 -4.22 18.37
CA ALA A 116 3.37 -3.68 18.01
C ALA A 116 3.86 -4.24 16.68
N PRO A 117 4.10 -3.37 15.70
CA PRO A 117 4.72 -3.73 14.43
C PRO A 117 6.22 -3.92 14.56
N GLU A 118 6.69 -5.14 14.39
CA GLU A 118 8.10 -5.45 14.58
C GLU A 118 8.91 -5.13 13.33
N ALA A 119 8.69 -5.90 12.29
CA ALA A 119 9.48 -5.76 11.08
C ALA A 119 8.64 -5.19 9.94
N LEU A 120 9.18 -4.15 9.31
CA LEU A 120 8.56 -3.54 8.15
C LEU A 120 9.39 -3.86 6.91
N THR A 121 8.75 -4.45 5.90
CA THR A 121 9.46 -4.88 4.71
C THR A 121 8.65 -4.54 3.46
N ALA A 122 9.31 -4.05 2.43
CA ALA A 122 8.64 -3.73 1.18
C ALA A 122 9.06 -4.70 0.10
N TRP A 123 8.08 -5.21 -0.63
CA TRP A 123 8.32 -6.25 -1.63
C TRP A 123 7.63 -5.91 -2.93
N ALA A 124 8.31 -6.20 -4.02
CA ALA A 124 7.69 -6.08 -5.33
C ALA A 124 7.38 -7.47 -5.85
N LEU A 125 6.17 -7.64 -6.36
CA LEU A 125 5.71 -8.94 -6.83
C LEU A 125 6.16 -9.19 -8.27
N ALA A 126 6.55 -10.42 -8.55
CA ALA A 126 6.86 -10.81 -9.91
C ALA A 126 5.59 -10.84 -10.75
N PRO A 127 5.66 -10.42 -12.02
CA PRO A 127 4.51 -10.41 -12.92
C PRO A 127 3.79 -11.76 -12.99
N ASP A 128 4.58 -12.84 -13.00
CA ASP A 128 4.02 -14.18 -13.07
C ASP A 128 3.68 -14.70 -11.68
N ARG A 129 3.93 -13.86 -10.66
CA ARG A 129 3.68 -14.23 -9.27
C ARG A 129 4.55 -15.41 -8.86
N SER A 130 5.71 -15.51 -9.48
CA SER A 130 6.66 -16.56 -9.17
C SER A 130 7.16 -16.41 -7.73
N GLU A 131 7.46 -15.18 -7.36
CA GLU A 131 8.00 -14.88 -6.04
C GLU A 131 7.86 -13.40 -5.72
N PHE A 132 8.44 -13.03 -4.59
CA PHE A 132 8.56 -11.65 -4.21
C PHE A 132 10.02 -11.26 -4.20
N HIS A 133 10.31 -10.03 -4.56
CA HIS A 133 11.69 -9.57 -4.56
C HIS A 133 11.82 -8.35 -3.67
N ARG A 134 12.74 -8.46 -2.72
CA ARG A 134 12.93 -7.45 -1.70
C ARG A 134 13.62 -6.21 -2.26
N GLU A 135 13.16 -5.06 -1.81
CA GLU A 135 13.78 -3.81 -2.18
C GLU A 135 13.99 -2.99 -0.90
N ASP A 136 14.93 -2.08 -0.93
CA ASP A 136 15.23 -1.28 0.26
C ASP A 136 14.50 0.05 0.18
N ILE A 137 14.43 0.76 1.29
CA ILE A 137 13.67 2.00 1.35
C ILE A 137 14.49 3.17 0.85
N VAL A 138 14.06 3.73 -0.27
CA VAL A 138 14.69 4.91 -0.82
C VAL A 138 13.72 6.08 -0.79
N ARG A 139 14.23 7.25 -0.50
CA ARG A 139 13.44 8.45 -0.45
C ARG A 139 13.35 9.05 -1.85
N PRO A 140 12.32 9.87 -2.11
CA PRO A 140 12.20 10.58 -3.38
C PRO A 140 13.45 11.40 -3.67
N ASP A 141 14.16 11.02 -4.74
CA ASP A 141 15.38 11.70 -5.15
C ASP A 141 15.17 13.21 -5.12
N PRO A 142 16.09 13.94 -4.44
CA PRO A 142 15.95 15.33 -4.00
C PRO A 142 14.79 16.12 -4.62
N GLU A 143 13.57 15.76 -4.21
CA GLU A 143 12.34 16.42 -4.65
C GLU A 143 12.29 16.63 -6.17
N ALA A 144 12.81 15.67 -6.90
CA ALA A 144 12.82 15.72 -8.35
C ALA A 144 11.45 15.38 -8.92
N PRO A 145 10.81 16.33 -9.60
CA PRO A 145 9.52 16.12 -10.23
C PRO A 145 9.67 15.61 -11.66
N LEU A 146 8.57 15.55 -12.39
CA LEU A 146 8.61 15.16 -13.78
C LEU A 146 9.03 16.36 -14.61
N GLU A 147 10.27 16.33 -15.05
CA GLU A 147 10.84 17.38 -15.87
C GLU A 147 10.05 17.51 -17.16
N HIS A 148 9.95 16.39 -17.88
CA HIS A 148 9.08 16.33 -19.06
C HIS A 148 7.73 15.79 -18.63
N HIS A 149 6.80 16.70 -18.40
CA HIS A 149 5.49 16.36 -17.84
C HIS A 149 4.52 15.94 -18.96
N HIS A 150 5.06 15.52 -20.09
CA HIS A 150 4.26 15.20 -21.26
C HIS A 150 3.64 13.80 -21.17
N HIS A 151 3.38 13.36 -19.94
CA HIS A 151 2.61 12.13 -19.72
C HIS A 151 1.20 12.54 -19.30
N HIS A 152 0.98 13.85 -19.34
CA HIS A 152 -0.31 14.46 -19.02
C HIS A 152 -0.35 15.85 -19.62
N HIS A 153 -1.52 16.30 -20.00
CA HIS A 153 -1.67 17.62 -20.60
C HIS A 153 -2.64 18.47 -19.80
N MET A 1 9.72 1.77 -5.27
CA MET A 1 8.81 2.40 -4.29
C MET A 1 9.54 3.42 -3.44
N LYS A 2 9.25 4.70 -3.64
CA LYS A 2 9.82 5.76 -2.81
C LYS A 2 8.78 6.23 -1.80
N THR A 3 9.21 6.41 -0.56
CA THR A 3 8.34 6.94 0.48
C THR A 3 9.19 7.56 1.59
N THR A 4 8.54 8.21 2.55
CA THR A 4 9.24 8.89 3.62
C THR A 4 9.00 8.19 4.95
N PRO A 5 9.95 8.34 5.90
CA PRO A 5 9.83 7.76 7.24
C PRO A 5 8.58 8.23 7.97
N ASP A 6 8.14 9.44 7.64
CA ASP A 6 6.93 10.02 8.22
C ASP A 6 5.73 9.16 7.89
N ILE A 7 5.66 8.71 6.63
CA ILE A 7 4.59 7.82 6.19
C ILE A 7 4.73 6.45 6.86
N LEU A 8 5.97 5.96 6.91
CA LEU A 8 6.27 4.66 7.52
C LEU A 8 5.78 4.60 8.96
N ASP A 9 6.00 5.68 9.69
CA ASP A 9 5.59 5.76 11.09
C ASP A 9 4.07 5.75 11.20
N GLN A 10 3.43 6.52 10.33
CA GLN A 10 1.97 6.55 10.26
C GLN A 10 1.39 5.17 10.00
N ILE A 11 2.13 4.34 9.27
CA ILE A 11 1.73 2.96 9.02
C ILE A 11 1.88 2.12 10.30
N ARG A 12 3.04 2.20 10.93
CA ARG A 12 3.34 1.36 12.09
C ARG A 12 2.45 1.70 13.29
N VAL A 13 2.16 3.00 13.47
CA VAL A 13 1.34 3.43 14.61
C VAL A 13 -0.07 2.86 14.51
N HIS A 14 -0.68 3.00 13.34
CA HIS A 14 -2.03 2.48 13.12
C HIS A 14 -2.03 0.95 13.15
N GLY A 15 -0.90 0.36 12.77
CA GLY A 15 -0.78 -1.08 12.77
C GLY A 15 -0.79 -1.67 14.17
N ALA A 16 -0.08 -1.02 15.08
CA ALA A 16 -0.04 -1.45 16.47
C ALA A 16 -1.35 -1.13 17.17
N ASP A 17 -1.95 -0.01 16.77
CA ASP A 17 -3.25 0.41 17.29
C ASP A 17 -4.32 -0.58 16.91
N ALA A 18 -4.20 -1.11 15.71
CA ALA A 18 -5.16 -2.07 15.17
C ALA A 18 -4.59 -3.49 15.14
N TYR A 19 -4.01 -3.92 16.25
CA TYR A 19 -3.47 -5.26 16.37
C TYR A 19 -4.57 -6.18 16.92
N PRO A 20 -4.66 -7.45 16.44
CA PRO A 20 -3.73 -8.00 15.45
C PRO A 20 -4.10 -7.67 14.01
N GLU A 21 -5.31 -7.15 13.81
CA GLU A 21 -5.75 -6.78 12.47
C GLU A 21 -7.03 -5.97 12.52
N GLU A 22 -6.91 -4.73 12.09
CA GLU A 22 -8.05 -3.81 11.95
C GLU A 22 -7.62 -2.56 11.17
N GLY A 23 -6.41 -2.59 10.61
CA GLY A 23 -5.86 -1.39 10.03
C GLY A 23 -4.97 -1.63 8.82
N CYS A 24 -5.36 -2.59 7.98
CA CYS A 24 -4.67 -2.81 6.72
C CYS A 24 -5.22 -1.85 5.67
N GLY A 25 -4.77 -1.96 4.44
CA GLY A 25 -5.30 -1.10 3.40
C GLY A 25 -4.42 -1.02 2.17
N PHE A 26 -4.66 0.00 1.35
CA PHE A 26 -3.97 0.15 0.09
C PHE A 26 -3.03 1.36 0.12
N LEU A 27 -2.06 1.36 -0.78
CA LEU A 27 -1.11 2.46 -0.89
C LEU A 27 -1.51 3.37 -2.05
N LEU A 28 -1.77 4.63 -1.74
CA LEU A 28 -2.15 5.60 -2.76
C LEU A 28 -0.98 6.53 -3.06
N GLY A 29 -0.71 6.75 -4.32
CA GLY A 29 0.41 7.57 -4.70
C GLY A 29 0.48 7.79 -6.19
N THR A 30 1.66 8.15 -6.67
CA THR A 30 1.88 8.40 -8.07
C THR A 30 3.16 7.76 -8.54
N VAL A 31 3.29 7.58 -9.85
CA VAL A 31 4.53 7.10 -10.42
C VAL A 31 5.43 8.30 -10.69
N THR A 32 6.47 8.45 -9.88
CA THR A 32 7.19 9.70 -9.79
C THR A 32 8.36 9.73 -10.75
N ASP A 33 9.05 8.61 -10.86
CA ASP A 33 10.11 8.43 -11.85
C ASP A 33 9.50 8.26 -13.22
N ASP A 34 8.18 8.07 -13.20
CA ASP A 34 7.39 7.71 -14.37
C ASP A 34 7.71 6.28 -14.76
N GLY A 35 8.46 5.63 -13.86
CA GLY A 35 8.80 4.24 -14.01
C GLY A 35 8.66 3.47 -12.71
N ASP A 36 8.75 4.19 -11.59
CA ASP A 36 8.60 3.57 -10.27
C ASP A 36 7.63 4.38 -9.43
N ASN A 37 7.00 3.73 -8.46
CA ASN A 37 5.89 4.32 -7.73
C ASN A 37 6.35 4.99 -6.43
N ARG A 38 5.65 6.04 -6.06
CA ARG A 38 5.85 6.69 -4.77
C ARG A 38 4.57 6.56 -3.95
N VAL A 39 4.74 6.43 -2.66
CA VAL A 39 3.61 6.38 -1.74
C VAL A 39 3.46 7.72 -1.04
N ALA A 40 2.32 8.35 -1.23
CA ALA A 40 2.09 9.68 -0.68
C ALA A 40 0.88 9.70 0.26
N ALA A 41 -0.12 8.89 -0.06
CA ALA A 41 -1.34 8.88 0.72
C ALA A 41 -1.68 7.48 1.22
N LEU A 42 -2.02 7.38 2.49
CA LEU A 42 -2.44 6.13 3.07
C LEU A 42 -3.95 6.04 3.13
N HIS A 43 -4.48 4.83 3.05
CA HIS A 43 -5.90 4.61 3.21
C HIS A 43 -6.14 3.27 3.86
N ARG A 44 -7.07 3.23 4.80
CA ARG A 44 -7.35 2.03 5.57
C ARG A 44 -8.44 1.23 4.91
N ALA A 45 -8.27 -0.09 4.87
CA ALA A 45 -9.24 -0.97 4.26
C ALA A 45 -10.56 -0.93 5.02
N THR A 46 -11.61 -0.56 4.31
CA THR A 46 -12.93 -0.49 4.89
C THR A 46 -13.97 -0.46 3.78
N ASN A 47 -15.14 -0.98 4.07
CA ASN A 47 -16.19 -1.09 3.06
C ASN A 47 -17.52 -1.42 3.72
N ARG A 48 -17.49 -2.40 4.64
CA ARG A 48 -18.69 -2.86 5.33
C ARG A 48 -19.68 -3.46 4.34
N ARG A 49 -19.13 -3.98 3.24
CA ARG A 49 -19.88 -4.72 2.22
C ARG A 49 -20.75 -3.83 1.35
N SER A 50 -21.53 -2.94 1.96
CA SER A 50 -22.51 -2.14 1.22
C SER A 50 -23.50 -3.09 0.52
N GLU A 51 -23.76 -4.21 1.21
CA GLU A 51 -24.51 -5.33 0.65
C GLU A 51 -25.92 -4.93 0.24
N GLN A 52 -26.67 -4.34 1.15
CA GLN A 52 -28.03 -3.90 0.85
C GLN A 52 -28.04 -2.42 0.53
N ARG A 53 -28.91 -2.03 -0.40
CA ARG A 53 -29.01 -0.66 -0.86
C ARG A 53 -30.39 -0.41 -1.46
N THR A 54 -30.96 0.74 -1.18
CA THR A 54 -32.32 1.05 -1.62
C THR A 54 -32.42 1.15 -3.14
N ARG A 55 -31.73 2.13 -3.73
CA ARG A 55 -31.69 2.28 -5.18
C ARG A 55 -30.32 1.86 -5.67
N ARG A 56 -30.29 1.19 -6.83
CA ARG A 56 -29.03 0.73 -7.44
C ARG A 56 -28.43 -0.41 -6.63
N TYR A 57 -27.93 -1.43 -7.32
CA TYR A 57 -27.39 -2.60 -6.65
C TYR A 57 -25.86 -2.58 -6.67
N GLU A 58 -25.31 -2.07 -7.76
CA GLU A 58 -23.86 -2.01 -7.95
C GLU A 58 -23.25 -3.40 -8.03
N LEU A 59 -21.92 -3.44 -7.98
CA LEU A 59 -21.16 -4.68 -7.94
C LEU A 59 -19.68 -4.33 -7.74
N THR A 60 -19.31 -3.17 -8.26
CA THR A 60 -17.98 -2.64 -8.01
C THR A 60 -18.02 -1.68 -6.82
N ALA A 61 -18.27 -2.23 -5.65
CA ALA A 61 -18.30 -1.46 -4.42
C ALA A 61 -17.27 -2.00 -3.44
N ASP A 62 -16.32 -2.75 -3.99
CA ASP A 62 -15.30 -3.43 -3.22
C ASP A 62 -14.37 -2.44 -2.52
N ASP A 63 -13.58 -2.94 -1.57
CA ASP A 63 -12.60 -2.12 -0.85
C ASP A 63 -11.68 -1.42 -1.85
N TYR A 64 -11.35 -2.14 -2.91
CA TYR A 64 -10.50 -1.62 -3.98
C TYR A 64 -11.09 -0.31 -4.55
N ARG A 65 -12.41 -0.31 -4.74
CA ARG A 65 -13.11 0.84 -5.31
C ARG A 65 -13.04 2.05 -4.39
N ALA A 66 -13.10 1.82 -3.09
CA ALA A 66 -13.06 2.92 -2.13
C ALA A 66 -11.72 3.64 -2.18
N ALA A 67 -10.64 2.86 -2.24
CA ALA A 67 -9.30 3.43 -2.37
C ALA A 67 -9.13 4.04 -3.76
N ASP A 68 -9.75 3.39 -4.75
CA ASP A 68 -9.73 3.86 -6.13
C ASP A 68 -10.44 5.21 -6.25
N ALA A 69 -11.60 5.33 -5.60
CA ALA A 69 -12.34 6.58 -5.57
C ALA A 69 -11.49 7.68 -4.98
N ALA A 70 -10.86 7.40 -3.84
CA ALA A 70 -9.98 8.35 -3.18
C ALA A 70 -8.80 8.71 -4.08
N ALA A 71 -8.33 7.73 -4.86
CA ALA A 71 -7.23 7.95 -5.77
C ALA A 71 -7.58 9.01 -6.81
N GLN A 72 -8.71 8.83 -7.49
CA GLN A 72 -9.15 9.80 -8.50
C GLN A 72 -9.45 11.14 -7.87
N GLU A 73 -9.98 11.14 -6.64
CA GLU A 73 -10.24 12.36 -5.91
C GLU A 73 -8.97 13.13 -5.62
N GLN A 74 -7.91 12.40 -5.27
CA GLN A 74 -6.64 13.01 -4.92
C GLN A 74 -5.81 13.33 -6.15
N GLY A 75 -6.05 12.59 -7.23
CA GLY A 75 -5.24 12.71 -8.42
C GLY A 75 -4.09 11.72 -8.39
N LEU A 76 -4.33 10.60 -7.74
CA LEU A 76 -3.33 9.57 -7.54
C LEU A 76 -3.84 8.25 -8.11
N ASP A 77 -3.08 7.18 -7.89
CA ASP A 77 -3.53 5.85 -8.20
C ASP A 77 -3.07 4.88 -7.13
N VAL A 78 -3.55 3.64 -7.20
CA VAL A 78 -3.20 2.64 -6.23
C VAL A 78 -1.89 1.96 -6.62
N VAL A 79 -0.84 2.26 -5.88
CA VAL A 79 0.50 1.79 -6.24
C VAL A 79 0.85 0.49 -5.52
N GLY A 80 0.01 0.10 -4.57
CA GLY A 80 0.27 -1.13 -3.86
C GLY A 80 -0.67 -1.36 -2.70
N VAL A 81 -0.35 -2.35 -1.89
CA VAL A 81 -1.17 -2.73 -0.74
C VAL A 81 -0.26 -2.99 0.45
N TYR A 82 -0.78 -2.89 1.66
CA TYR A 82 0.01 -3.19 2.84
C TYR A 82 -0.75 -4.10 3.79
N HIS A 83 -0.04 -5.09 4.32
CA HIS A 83 -0.62 -6.08 5.22
C HIS A 83 0.04 -6.01 6.59
N SER A 84 -0.70 -6.39 7.61
CA SER A 84 -0.18 -6.41 8.96
C SER A 84 0.08 -7.85 9.39
N HIS A 85 1.26 -8.10 9.93
CA HIS A 85 1.64 -9.43 10.36
C HIS A 85 1.97 -9.45 11.85
N PRO A 86 1.67 -10.57 12.52
CA PRO A 86 1.89 -10.73 13.96
C PRO A 86 3.37 -11.00 14.31
N ASP A 87 3.57 -11.52 15.53
CA ASP A 87 4.88 -11.83 16.08
C ASP A 87 5.76 -12.60 15.08
N HIS A 88 7.06 -12.51 15.29
CA HIS A 88 8.09 -12.99 14.36
C HIS A 88 8.15 -12.14 13.08
N PRO A 89 9.30 -12.17 12.37
CA PRO A 89 9.52 -11.34 11.19
C PRO A 89 8.52 -11.60 10.08
N ALA A 90 7.88 -10.54 9.64
CA ALA A 90 6.80 -10.63 8.67
C ALA A 90 7.30 -10.90 7.26
N ARG A 91 7.29 -12.16 6.88
CA ARG A 91 7.42 -12.53 5.48
C ARG A 91 6.08 -13.08 5.02
N PRO A 92 5.71 -12.85 3.75
CA PRO A 92 4.39 -13.20 3.24
C PRO A 92 4.03 -14.67 3.43
N SER A 93 2.86 -14.91 4.01
CA SER A 93 2.36 -16.27 4.20
C SER A 93 1.78 -16.79 2.89
N ALA A 94 1.27 -18.02 2.92
CA ALA A 94 0.68 -18.60 1.72
C ALA A 94 -0.51 -17.77 1.25
N THR A 95 -1.40 -17.42 2.18
CA THR A 95 -2.58 -16.63 1.86
C THR A 95 -2.21 -15.24 1.33
N ASP A 96 -1.09 -14.68 1.80
CA ASP A 96 -0.60 -13.41 1.26
C ASP A 96 -0.38 -13.54 -0.24
N LEU A 97 0.24 -14.65 -0.65
CA LEU A 97 0.47 -14.93 -2.06
C LEU A 97 -0.85 -15.25 -2.75
N GLU A 98 -1.68 -16.06 -2.10
CA GLU A 98 -2.93 -16.56 -2.68
C GLU A 98 -3.80 -15.43 -3.21
N GLU A 99 -3.87 -14.33 -2.49
CA GLU A 99 -4.76 -13.23 -2.84
C GLU A 99 -4.00 -12.11 -3.54
N ALA A 100 -2.73 -12.34 -3.82
CA ALA A 100 -1.89 -11.35 -4.49
C ALA A 100 -2.06 -11.43 -6.01
N THR A 101 -3.26 -11.13 -6.47
CA THR A 101 -3.56 -11.18 -7.89
C THR A 101 -3.48 -9.78 -8.52
N PHE A 102 -2.68 -8.93 -7.91
CA PHE A 102 -2.52 -7.55 -8.37
C PHE A 102 -1.12 -7.32 -8.94
N PRO A 103 -0.93 -7.60 -10.25
CA PRO A 103 0.36 -7.42 -10.91
C PRO A 103 0.70 -5.95 -11.12
N GLY A 104 1.86 -5.55 -10.61
CA GLY A 104 2.28 -4.17 -10.75
C GLY A 104 2.05 -3.37 -9.49
N PHE A 105 1.77 -4.06 -8.41
CA PHE A 105 1.55 -3.42 -7.11
C PHE A 105 2.67 -3.77 -6.15
N THR A 106 2.97 -2.84 -5.26
CA THR A 106 3.97 -3.07 -4.23
C THR A 106 3.31 -3.52 -2.93
N TYR A 107 3.80 -4.60 -2.36
CA TYR A 107 3.22 -5.16 -1.15
C TYR A 107 4.09 -4.88 0.05
N VAL A 108 3.60 -4.03 0.95
CA VAL A 108 4.33 -3.72 2.17
C VAL A 108 3.77 -4.53 3.34
N ILE A 109 4.64 -5.27 3.99
CA ILE A 109 4.24 -6.08 5.13
C ILE A 109 5.01 -5.63 6.36
N VAL A 110 4.28 -5.23 7.39
CA VAL A 110 4.90 -4.74 8.62
C VAL A 110 4.83 -5.78 9.72
N SER A 111 5.95 -5.95 10.39
CA SER A 111 6.07 -6.88 11.48
C SER A 111 5.63 -6.22 12.78
N VAL A 112 4.46 -6.60 13.29
CA VAL A 112 3.97 -6.03 14.53
C VAL A 112 3.92 -7.11 15.61
N ARG A 113 4.74 -6.94 16.63
CA ARG A 113 4.80 -7.90 17.71
C ARG A 113 3.97 -7.43 18.89
N ASP A 114 2.70 -7.82 18.89
CA ASP A 114 1.77 -7.54 20.00
C ASP A 114 1.69 -6.03 20.30
N GLY A 115 1.90 -5.23 19.27
CA GLY A 115 1.84 -3.79 19.45
C GLY A 115 3.17 -3.11 19.24
N ALA A 116 4.22 -3.91 19.10
CA ALA A 116 5.54 -3.37 18.82
C ALA A 116 5.93 -3.64 17.37
N PRO A 117 5.83 -2.61 16.51
CA PRO A 117 6.22 -2.71 15.11
C PRO A 117 7.74 -2.64 14.95
N GLU A 118 8.35 -3.76 14.59
CA GLU A 118 9.79 -3.85 14.53
C GLU A 118 10.31 -3.53 13.14
N ALA A 119 10.03 -4.41 12.19
CA ALA A 119 10.56 -4.29 10.85
C ALA A 119 9.45 -4.07 9.84
N LEU A 120 9.73 -3.23 8.86
CA LEU A 120 8.82 -2.99 7.75
C LEU A 120 9.47 -3.50 6.47
N THR A 121 8.80 -4.42 5.78
CA THR A 121 9.38 -5.04 4.61
C THR A 121 8.53 -4.77 3.39
N ALA A 122 9.18 -4.41 2.28
CA ALA A 122 8.47 -4.17 1.04
C ALA A 122 8.78 -5.28 0.05
N TRP A 123 7.75 -5.71 -0.65
CA TRP A 123 7.87 -6.83 -1.56
C TRP A 123 7.26 -6.48 -2.91
N ALA A 124 7.94 -6.90 -3.97
CA ALA A 124 7.42 -6.74 -5.31
C ALA A 124 6.90 -8.08 -5.82
N LEU A 125 5.71 -8.07 -6.39
CA LEU A 125 5.09 -9.30 -6.87
C LEU A 125 5.65 -9.69 -8.24
N ALA A 126 6.03 -10.95 -8.37
CA ALA A 126 6.50 -11.48 -9.64
C ALA A 126 5.37 -11.45 -10.66
N PRO A 127 5.68 -11.16 -11.93
CA PRO A 127 4.67 -11.05 -13.00
C PRO A 127 3.76 -12.27 -13.08
N ASP A 128 4.34 -13.46 -12.90
CA ASP A 128 3.59 -14.70 -13.00
C ASP A 128 3.05 -15.13 -11.64
N ARG A 129 3.16 -14.24 -10.66
CA ARG A 129 2.73 -14.52 -9.28
C ARG A 129 3.52 -15.69 -8.71
N SER A 130 4.71 -15.90 -9.26
CA SER A 130 5.58 -17.00 -8.85
C SER A 130 6.00 -16.83 -7.39
N GLU A 131 6.26 -15.58 -7.00
CA GLU A 131 6.76 -15.29 -5.66
C GLU A 131 6.76 -13.79 -5.43
N PHE A 132 7.28 -13.39 -4.28
CA PHE A 132 7.54 -12.00 -3.99
C PHE A 132 9.04 -11.76 -4.04
N HIS A 133 9.44 -10.52 -4.29
CA HIS A 133 10.84 -10.17 -4.28
C HIS A 133 11.10 -9.11 -3.24
N ARG A 134 12.18 -9.28 -2.54
CA ARG A 134 12.49 -8.46 -1.39
C ARG A 134 13.14 -7.15 -1.81
N GLU A 135 12.68 -6.08 -1.19
CA GLU A 135 13.21 -4.76 -1.42
C GLU A 135 13.13 -3.97 -0.13
N ASP A 136 13.97 -2.96 0.01
CA ASP A 136 13.98 -2.13 1.19
C ASP A 136 13.38 -0.77 0.88
N ILE A 137 13.17 0.03 1.91
CA ILE A 137 12.49 1.31 1.74
C ILE A 137 13.47 2.39 1.30
N VAL A 138 13.22 2.97 0.14
CA VAL A 138 14.03 4.04 -0.36
C VAL A 138 13.25 5.35 -0.33
N ARG A 139 13.96 6.43 -0.04
CA ARG A 139 13.37 7.75 0.05
C ARG A 139 13.44 8.44 -1.31
N PRO A 140 12.56 9.43 -1.55
CA PRO A 140 12.56 10.18 -2.80
C PRO A 140 13.81 11.03 -2.97
N ASP A 141 14.84 10.40 -3.50
CA ASP A 141 16.11 11.05 -3.76
C ASP A 141 16.66 10.62 -5.12
N PRO A 142 16.16 11.21 -6.20
CA PRO A 142 16.53 10.84 -7.56
C PRO A 142 17.83 11.52 -8.01
N GLU A 143 18.78 11.59 -7.09
CA GLU A 143 20.05 12.26 -7.35
C GLU A 143 21.19 11.25 -7.46
N ALA A 144 20.90 10.01 -7.11
CA ALA A 144 21.88 8.94 -7.19
C ALA A 144 22.04 8.47 -8.63
N PRO A 145 23.28 8.18 -9.05
CA PRO A 145 23.57 7.70 -10.40
C PRO A 145 22.82 6.41 -10.72
N LEU A 146 22.51 6.22 -12.00
CA LEU A 146 21.80 5.04 -12.45
C LEU A 146 22.63 3.79 -12.21
N GLU A 147 21.96 2.67 -11.99
CA GLU A 147 22.62 1.42 -11.68
C GLU A 147 23.59 1.00 -12.77
N HIS A 148 23.05 0.73 -13.96
CA HIS A 148 23.85 0.21 -15.07
C HIS A 148 24.60 -1.05 -14.65
N HIS A 149 23.87 -2.15 -14.55
CA HIS A 149 24.45 -3.43 -14.14
C HIS A 149 25.46 -3.92 -15.17
N HIS A 150 26.73 -3.71 -14.89
CA HIS A 150 27.80 -4.09 -15.81
C HIS A 150 28.38 -5.45 -15.45
N HIS A 151 27.99 -5.97 -14.30
CA HIS A 151 28.45 -7.30 -13.88
C HIS A 151 27.28 -8.24 -13.69
N HIS A 152 27.07 -9.10 -14.67
CA HIS A 152 26.07 -10.16 -14.57
C HIS A 152 26.62 -11.27 -13.70
N HIS A 153 27.93 -11.41 -13.67
CA HIS A 153 28.59 -12.42 -12.87
C HIS A 153 29.42 -11.75 -11.77
N MET A 1 11.31 1.55 -4.16
CA MET A 1 10.10 2.30 -3.77
C MET A 1 10.47 3.63 -3.13
N LYS A 2 9.82 4.70 -3.58
CA LYS A 2 10.02 6.02 -3.02
C LYS A 2 8.90 6.36 -2.05
N THR A 3 9.27 6.66 -0.82
CA THR A 3 8.31 7.09 0.18
C THR A 3 9.03 7.84 1.30
N THR A 4 8.26 8.53 2.14
CA THR A 4 8.83 9.33 3.20
C THR A 4 8.82 8.59 4.53
N PRO A 5 9.75 8.95 5.43
CA PRO A 5 9.79 8.40 6.79
C PRO A 5 8.47 8.60 7.52
N ASP A 6 7.78 9.69 7.20
CA ASP A 6 6.46 9.96 7.77
C ASP A 6 5.48 8.86 7.39
N ILE A 7 5.47 8.49 6.11
CA ILE A 7 4.60 7.42 5.63
C ILE A 7 4.98 6.10 6.29
N LEU A 8 6.28 5.84 6.35
CA LEU A 8 6.79 4.63 7.00
C LEU A 8 6.34 4.57 8.45
N ASP A 9 6.38 5.71 9.12
CA ASP A 9 5.96 5.80 10.51
C ASP A 9 4.46 5.58 10.62
N GLN A 10 3.71 6.19 9.70
CA GLN A 10 2.26 6.00 9.64
C GLN A 10 1.89 4.54 9.49
N ILE A 11 2.69 3.80 8.73
CA ILE A 11 2.48 2.36 8.56
C ILE A 11 2.52 1.66 9.92
N ARG A 12 3.53 2.00 10.71
CA ARG A 12 3.69 1.41 12.04
C ARG A 12 2.54 1.82 12.97
N VAL A 13 2.22 3.11 12.97
CA VAL A 13 1.19 3.63 13.84
C VAL A 13 -0.20 3.14 13.44
N HIS A 14 -0.52 3.23 12.16
CA HIS A 14 -1.85 2.86 11.67
C HIS A 14 -2.08 1.36 11.83
N GLY A 15 -1.00 0.58 11.77
CA GLY A 15 -1.10 -0.84 12.03
C GLY A 15 -1.57 -1.13 13.44
N ALA A 16 -1.01 -0.40 14.39
CA ALA A 16 -1.38 -0.53 15.78
C ALA A 16 -2.75 0.10 16.03
N ASP A 17 -3.07 1.10 15.22
CA ASP A 17 -4.35 1.80 15.28
C ASP A 17 -5.49 0.87 14.95
N ALA A 18 -5.24 -0.03 14.00
CA ALA A 18 -6.24 -0.99 13.56
C ALA A 18 -6.53 -2.03 14.65
N TYR A 19 -5.49 -2.45 15.36
CA TYR A 19 -5.63 -3.49 16.38
C TYR A 19 -6.41 -2.97 17.58
N PRO A 20 -7.05 -3.87 18.36
CA PRO A 20 -6.96 -5.33 18.20
C PRO A 20 -7.81 -5.85 17.04
N GLU A 21 -8.55 -4.96 16.39
CA GLU A 21 -9.35 -5.33 15.24
C GLU A 21 -8.46 -5.57 14.03
N GLU A 22 -9.05 -5.77 12.86
CA GLU A 22 -8.29 -5.97 11.65
C GLU A 22 -8.84 -5.14 10.50
N GLY A 23 -8.29 -5.32 9.31
CA GLY A 23 -8.69 -4.50 8.18
C GLY A 23 -7.54 -3.67 7.67
N CYS A 24 -6.81 -4.22 6.70
CA CYS A 24 -5.66 -3.55 6.11
C CYS A 24 -6.09 -2.49 5.10
N GLY A 25 -5.14 -2.04 4.27
CA GLY A 25 -5.45 -1.01 3.30
C GLY A 25 -4.57 -1.06 2.08
N PHE A 26 -4.68 -0.06 1.23
CA PHE A 26 -3.94 -0.01 -0.03
C PHE A 26 -2.93 1.14 -0.01
N LEU A 27 -1.95 1.07 -0.90
CA LEU A 27 -0.94 2.11 -1.03
C LEU A 27 -1.35 3.10 -2.11
N LEU A 28 -1.46 4.37 -1.74
CA LEU A 28 -1.86 5.39 -2.70
C LEU A 28 -0.65 6.21 -3.11
N GLY A 29 -0.49 6.40 -4.41
CA GLY A 29 0.64 7.16 -4.91
C GLY A 29 0.70 7.16 -6.41
N THR A 30 1.90 7.15 -6.95
CA THR A 30 2.10 7.18 -8.39
C THR A 30 3.17 6.19 -8.83
N VAL A 31 3.06 5.71 -10.05
CA VAL A 31 4.05 4.81 -10.63
C VAL A 31 5.11 5.63 -11.34
N THR A 32 6.37 5.45 -10.94
CA THR A 32 7.45 6.26 -11.47
C THR A 32 8.44 5.45 -12.30
N ASP A 33 8.53 5.83 -13.57
CA ASP A 33 9.60 5.41 -14.49
C ASP A 33 9.71 3.89 -14.64
N ASP A 34 10.45 3.26 -13.73
CA ASP A 34 10.74 1.83 -13.81
C ASP A 34 9.66 1.01 -13.11
N GLY A 35 8.93 1.65 -12.22
CA GLY A 35 7.96 0.93 -11.42
C GLY A 35 8.41 0.82 -9.99
N ASP A 36 9.29 1.74 -9.60
CA ASP A 36 9.80 1.82 -8.23
C ASP A 36 8.66 2.22 -7.29
N ASN A 37 7.79 3.08 -7.81
CA ASN A 37 6.54 3.50 -7.18
C ASN A 37 6.77 4.49 -6.04
N ARG A 38 6.01 5.57 -6.09
CA ARG A 38 6.09 6.63 -5.10
C ARG A 38 4.80 6.66 -4.29
N VAL A 39 4.87 6.19 -3.05
CA VAL A 39 3.69 6.16 -2.18
C VAL A 39 3.70 7.35 -1.24
N ALA A 40 2.71 8.21 -1.39
CA ALA A 40 2.65 9.44 -0.61
C ALA A 40 1.39 9.53 0.24
N ALA A 41 0.57 8.48 0.20
CA ALA A 41 -0.66 8.48 0.96
C ALA A 41 -1.05 7.07 1.40
N LEU A 42 -1.55 6.95 2.62
CA LEU A 42 -2.02 5.68 3.14
C LEU A 42 -3.50 5.77 3.49
N HIS A 43 -4.26 4.74 3.14
CA HIS A 43 -5.67 4.72 3.48
C HIS A 43 -6.10 3.30 3.86
N ARG A 44 -6.85 3.20 4.93
CA ARG A 44 -7.36 1.93 5.41
C ARG A 44 -8.58 1.51 4.58
N ALA A 45 -8.65 0.24 4.23
CA ALA A 45 -9.77 -0.27 3.45
C ALA A 45 -11.05 -0.28 4.28
N THR A 46 -11.83 0.78 4.13
CA THR A 46 -13.12 0.89 4.79
C THR A 46 -13.94 1.96 4.08
N ASN A 47 -15.26 1.83 4.14
CA ASN A 47 -16.14 2.74 3.41
C ASN A 47 -16.72 3.82 4.31
N ARG A 48 -17.84 3.51 4.99
CA ARG A 48 -18.55 4.48 5.84
C ARG A 48 -19.06 5.67 5.02
N ARG A 49 -20.37 5.68 4.77
CA ARG A 49 -20.97 6.72 3.94
C ARG A 49 -22.35 7.13 4.44
N SER A 50 -22.94 6.34 5.34
CA SER A 50 -24.27 6.58 5.86
C SER A 50 -25.29 6.85 4.75
N GLU A 51 -25.85 5.78 4.23
CA GLU A 51 -26.73 5.86 3.06
C GLU A 51 -28.19 5.65 3.46
N GLN A 52 -29.09 5.88 2.50
CA GLN A 52 -30.50 5.57 2.67
C GLN A 52 -31.20 5.53 1.32
N ARG A 53 -30.79 6.43 0.43
CA ARG A 53 -31.27 6.45 -0.96
C ARG A 53 -30.22 7.07 -1.87
N THR A 54 -30.25 8.40 -1.96
CA THR A 54 -29.42 9.12 -2.91
C THR A 54 -28.27 9.84 -2.20
N ARG A 55 -27.09 9.24 -2.28
CA ARG A 55 -25.86 9.86 -1.79
C ARG A 55 -24.76 9.62 -2.80
N ARG A 56 -25.16 9.53 -4.07
CA ARG A 56 -24.28 9.07 -5.14
C ARG A 56 -23.80 7.66 -4.82
N TYR A 57 -24.66 6.68 -5.07
CA TYR A 57 -24.40 5.32 -4.65
C TYR A 57 -23.33 4.68 -5.52
N GLU A 58 -22.47 3.89 -4.88
CA GLU A 58 -21.43 3.15 -5.55
C GLU A 58 -21.60 1.67 -5.20
N LEU A 59 -21.96 0.88 -6.21
CA LEU A 59 -22.37 -0.52 -6.01
C LEU A 59 -21.33 -1.30 -5.20
N THR A 60 -20.14 -1.43 -5.73
CA THR A 60 -19.09 -2.16 -5.04
C THR A 60 -18.05 -1.19 -4.48
N ALA A 61 -18.41 -0.50 -3.41
CA ALA A 61 -17.49 0.40 -2.75
C ALA A 61 -17.28 -0.02 -1.31
N ASP A 62 -16.44 -1.02 -1.12
CA ASP A 62 -16.20 -1.58 0.20
C ASP A 62 -14.78 -1.28 0.63
N ASP A 63 -13.81 -1.76 -0.14
CA ASP A 63 -12.40 -1.58 0.16
C ASP A 63 -11.73 -0.74 -0.92
N TYR A 64 -11.62 -1.32 -2.11
CA TYR A 64 -10.88 -0.71 -3.19
C TYR A 64 -11.46 0.64 -3.59
N ARG A 65 -12.75 0.67 -3.85
CA ARG A 65 -13.42 1.88 -4.31
C ARG A 65 -13.28 3.03 -3.32
N ALA A 66 -13.27 2.73 -2.03
CA ALA A 66 -13.11 3.76 -1.01
C ALA A 66 -11.70 4.33 -1.05
N ALA A 67 -10.72 3.47 -1.27
CA ALA A 67 -9.35 3.91 -1.43
C ALA A 67 -9.19 4.65 -2.75
N ASP A 68 -9.91 4.16 -3.77
CA ASP A 68 -9.93 4.77 -5.10
C ASP A 68 -10.45 6.20 -5.03
N ALA A 69 -11.57 6.39 -4.34
CA ALA A 69 -12.15 7.71 -4.17
C ALA A 69 -11.15 8.67 -3.52
N ALA A 70 -10.59 8.26 -2.40
CA ALA A 70 -9.60 9.07 -1.71
C ALA A 70 -8.37 9.32 -2.60
N ALA A 71 -7.97 8.29 -3.34
CA ALA A 71 -6.83 8.41 -4.23
C ALA A 71 -7.09 9.48 -5.28
N GLN A 72 -8.24 9.42 -5.92
CA GLN A 72 -8.61 10.38 -6.94
C GLN A 72 -8.74 11.79 -6.34
N GLU A 73 -9.20 11.85 -5.09
CA GLU A 73 -9.28 13.11 -4.37
C GLU A 73 -7.91 13.76 -4.21
N GLN A 74 -6.92 12.97 -3.87
CA GLN A 74 -5.56 13.47 -3.74
C GLN A 74 -4.92 13.69 -5.11
N GLY A 75 -5.20 12.79 -6.03
CA GLY A 75 -4.61 12.87 -7.36
C GLY A 75 -3.63 11.73 -7.60
N LEU A 76 -3.90 10.61 -6.94
CA LEU A 76 -3.02 9.45 -7.01
C LEU A 76 -3.83 8.22 -7.39
N ASP A 77 -3.17 7.07 -7.51
CA ASP A 77 -3.87 5.82 -7.75
C ASP A 77 -3.29 4.73 -6.84
N VAL A 78 -3.91 3.57 -6.85
CA VAL A 78 -3.47 2.46 -6.02
C VAL A 78 -2.26 1.78 -6.65
N VAL A 79 -1.09 2.02 -6.07
CA VAL A 79 0.16 1.50 -6.61
C VAL A 79 0.62 0.26 -5.86
N GLY A 80 -0.12 -0.11 -4.82
CA GLY A 80 0.24 -1.28 -4.06
C GLY A 80 -0.71 -1.54 -2.93
N VAL A 81 -0.37 -2.52 -2.10
CA VAL A 81 -1.19 -2.88 -0.95
C VAL A 81 -0.29 -3.14 0.25
N TYR A 82 -0.83 -3.01 1.44
CA TYR A 82 -0.07 -3.31 2.64
C TYR A 82 -0.88 -4.20 3.57
N HIS A 83 -0.22 -5.19 4.14
CA HIS A 83 -0.87 -6.11 5.06
C HIS A 83 -0.05 -6.26 6.33
N SER A 84 -0.71 -6.16 7.46
CA SER A 84 -0.05 -6.32 8.74
C SER A 84 -0.43 -7.67 9.36
N HIS A 85 0.52 -8.32 10.00
CA HIS A 85 0.23 -9.55 10.70
C HIS A 85 0.06 -9.23 12.19
N PRO A 86 -0.91 -9.86 12.85
CA PRO A 86 -1.12 -9.71 14.29
C PRO A 86 -0.61 -10.89 15.10
N ASP A 87 -0.14 -11.91 14.42
CA ASP A 87 0.25 -13.16 15.06
C ASP A 87 1.64 -13.58 14.64
N HIS A 88 1.81 -13.89 13.37
CA HIS A 88 3.11 -14.29 12.85
C HIS A 88 3.94 -13.05 12.49
N PRO A 89 5.27 -13.20 12.44
CA PRO A 89 6.20 -12.07 12.25
C PRO A 89 6.16 -11.46 10.86
N ALA A 90 7.19 -10.67 10.55
CA ALA A 90 7.30 -9.97 9.28
C ALA A 90 7.56 -10.93 8.13
N ARG A 91 7.80 -10.35 6.94
CA ARG A 91 7.94 -11.09 5.69
C ARG A 91 6.62 -11.75 5.29
N PRO A 92 6.33 -11.81 3.98
CA PRO A 92 5.10 -12.40 3.46
C PRO A 92 5.09 -13.92 3.57
N SER A 93 3.97 -14.47 3.98
CA SER A 93 3.82 -15.90 4.11
C SER A 93 3.31 -16.49 2.79
N ALA A 94 3.09 -17.80 2.77
CA ALA A 94 2.50 -18.46 1.62
C ALA A 94 1.12 -17.87 1.33
N THR A 95 0.36 -17.60 2.39
CA THR A 95 -0.97 -17.02 2.26
C THR A 95 -0.90 -15.61 1.67
N ASP A 96 0.15 -14.88 2.02
CA ASP A 96 0.37 -13.54 1.47
C ASP A 96 0.67 -13.64 -0.02
N LEU A 97 1.46 -14.64 -0.39
CA LEU A 97 1.76 -14.91 -1.80
C LEU A 97 0.46 -15.27 -2.54
N GLU A 98 -0.38 -16.04 -1.89
CA GLU A 98 -1.67 -16.44 -2.44
C GLU A 98 -2.53 -15.22 -2.78
N GLU A 99 -2.48 -14.21 -1.92
CA GLU A 99 -3.27 -12.99 -2.11
C GLU A 99 -2.62 -12.08 -3.14
N ALA A 100 -1.34 -12.31 -3.42
CA ALA A 100 -0.61 -11.47 -4.36
C ALA A 100 -0.89 -11.88 -5.79
N THR A 101 -1.85 -11.22 -6.40
CA THR A 101 -2.20 -11.48 -7.79
C THR A 101 -2.11 -10.20 -8.61
N PHE A 102 -1.39 -9.21 -8.06
CA PHE A 102 -1.17 -7.94 -8.73
C PHE A 102 0.31 -7.74 -8.99
N PRO A 103 0.82 -8.25 -10.13
CA PRO A 103 2.25 -8.23 -10.44
C PRO A 103 2.80 -6.83 -10.70
N GLY A 104 1.93 -5.84 -10.72
CA GLY A 104 2.36 -4.47 -10.91
C GLY A 104 2.12 -3.61 -9.69
N PHE A 105 1.95 -4.26 -8.54
CA PHE A 105 1.71 -3.56 -7.28
C PHE A 105 2.81 -3.84 -6.28
N THR A 106 3.07 -2.88 -5.41
CA THR A 106 4.06 -3.06 -4.36
C THR A 106 3.37 -3.56 -3.09
N TYR A 107 3.91 -4.63 -2.51
CA TYR A 107 3.32 -5.22 -1.33
C TYR A 107 4.13 -4.90 -0.08
N VAL A 108 3.54 -4.13 0.81
CA VAL A 108 4.19 -3.80 2.07
C VAL A 108 3.72 -4.75 3.17
N ILE A 109 4.66 -5.46 3.75
CA ILE A 109 4.35 -6.39 4.82
C ILE A 109 4.92 -5.86 6.13
N VAL A 110 4.04 -5.61 7.08
CA VAL A 110 4.44 -5.07 8.37
C VAL A 110 3.96 -5.95 9.50
N SER A 111 4.87 -6.25 10.41
CA SER A 111 4.52 -7.02 11.58
C SER A 111 4.32 -6.07 12.76
N VAL A 112 3.07 -5.92 13.17
CA VAL A 112 2.77 -5.10 14.33
C VAL A 112 2.35 -6.01 15.47
N ARG A 113 3.14 -6.02 16.53
CA ARG A 113 2.92 -6.95 17.63
C ARG A 113 2.08 -6.26 18.70
N ASP A 114 0.86 -5.88 18.29
CA ASP A 114 -0.07 -5.15 19.14
C ASP A 114 0.56 -3.88 19.70
N GLY A 115 0.55 -2.83 18.90
CA GLY A 115 1.12 -1.56 19.34
C GLY A 115 2.61 -1.46 19.08
N ALA A 116 3.29 -2.61 19.13
CA ALA A 116 4.73 -2.63 18.94
C ALA A 116 5.09 -3.10 17.54
N PRO A 117 5.54 -2.17 16.68
CA PRO A 117 5.95 -2.51 15.32
C PRO A 117 7.26 -3.30 15.30
N GLU A 118 7.16 -4.56 14.93
CA GLU A 118 8.31 -5.45 14.85
C GLU A 118 9.19 -5.04 13.69
N ALA A 119 8.71 -5.27 12.49
CA ALA A 119 9.43 -4.93 11.29
C ALA A 119 8.48 -4.68 10.14
N LEU A 120 8.70 -3.59 9.42
CA LEU A 120 7.94 -3.31 8.23
C LEU A 120 8.87 -3.21 7.04
N THR A 121 8.45 -3.76 5.92
CA THR A 121 9.26 -3.74 4.71
C THR A 121 8.36 -3.72 3.49
N ALA A 122 8.89 -3.23 2.39
CA ALA A 122 8.16 -3.22 1.14
C ALA A 122 8.76 -4.23 0.19
N TRP A 123 7.91 -5.01 -0.42
CA TRP A 123 8.36 -6.09 -1.26
C TRP A 123 7.88 -5.92 -2.68
N ALA A 124 8.68 -6.36 -3.62
CA ALA A 124 8.31 -6.35 -5.02
C ALA A 124 7.94 -7.76 -5.45
N LEU A 125 6.76 -7.89 -6.02
CA LEU A 125 6.30 -9.18 -6.48
C LEU A 125 6.91 -9.49 -7.83
N ALA A 126 7.39 -10.71 -7.99
CA ALA A 126 7.85 -11.17 -9.29
C ALA A 126 6.70 -11.08 -10.28
N PRO A 127 6.89 -10.39 -11.41
CA PRO A 127 5.84 -10.22 -12.43
C PRO A 127 5.31 -11.55 -12.94
N ASP A 128 6.13 -12.59 -12.77
CA ASP A 128 5.76 -13.94 -13.19
C ASP A 128 4.90 -14.61 -12.12
N ARG A 129 4.68 -13.90 -11.01
CA ARG A 129 3.88 -14.38 -9.87
C ARG A 129 4.55 -15.60 -9.24
N SER A 130 5.87 -15.56 -9.17
CA SER A 130 6.65 -16.67 -8.62
C SER A 130 6.88 -16.49 -7.12
N GLU A 131 7.39 -15.32 -6.73
CA GLU A 131 7.74 -15.07 -5.33
C GLU A 131 7.91 -13.57 -5.08
N PHE A 132 8.32 -13.23 -3.87
CA PHE A 132 8.58 -11.83 -3.51
C PHE A 132 10.07 -11.59 -3.45
N HIS A 133 10.48 -10.37 -3.75
CA HIS A 133 11.88 -10.00 -3.66
C HIS A 133 12.04 -8.74 -2.84
N ARG A 134 13.18 -8.63 -2.18
CA ARG A 134 13.48 -7.51 -1.32
C ARG A 134 13.87 -6.29 -2.13
N GLU A 135 13.40 -5.12 -1.71
CA GLU A 135 13.76 -3.87 -2.36
C GLU A 135 14.00 -2.82 -1.29
N ASP A 136 14.84 -1.85 -1.60
CA ASP A 136 15.20 -0.82 -0.65
C ASP A 136 14.20 0.34 -0.68
N ILE A 137 13.83 0.80 0.51
CA ILE A 137 12.92 1.92 0.64
C ILE A 137 13.71 3.23 0.58
N VAL A 138 13.45 4.01 -0.46
CA VAL A 138 14.17 5.25 -0.67
C VAL A 138 13.26 6.45 -0.48
N ARG A 139 13.87 7.58 -0.15
CA ARG A 139 13.14 8.81 0.00
C ARG A 139 12.81 9.39 -1.37
N PRO A 140 11.67 10.08 -1.49
CA PRO A 140 11.25 10.69 -2.75
C PRO A 140 12.25 11.74 -3.23
N ASP A 141 12.55 11.69 -4.52
CA ASP A 141 13.52 12.61 -5.12
C ASP A 141 13.01 14.04 -5.01
N PRO A 142 13.76 14.93 -4.34
CA PRO A 142 13.32 16.30 -4.06
C PRO A 142 13.53 17.25 -5.22
N GLU A 143 13.73 16.67 -6.39
CA GLU A 143 13.88 17.43 -7.62
C GLU A 143 13.26 16.66 -8.76
N ALA A 144 12.02 16.97 -9.03
CA ALA A 144 11.27 16.31 -10.07
C ALA A 144 10.45 17.33 -10.85
N PRO A 145 10.53 17.31 -12.19
CA PRO A 145 9.75 18.18 -13.04
C PRO A 145 8.26 17.81 -13.01
N LEU A 146 7.42 18.80 -12.82
CA LEU A 146 5.99 18.59 -12.73
C LEU A 146 5.36 18.68 -14.10
N GLU A 147 5.73 19.72 -14.85
CA GLU A 147 5.21 19.93 -16.17
C GLU A 147 6.04 19.19 -17.21
N HIS A 148 6.10 17.88 -17.08
CA HIS A 148 6.78 17.04 -18.05
C HIS A 148 6.08 17.15 -19.40
N HIS A 149 6.86 17.23 -20.46
CA HIS A 149 6.32 17.50 -21.79
C HIS A 149 5.67 16.25 -22.39
N HIS A 150 4.50 15.93 -21.87
CA HIS A 150 3.69 14.84 -22.39
C HIS A 150 2.27 15.06 -21.89
N HIS A 151 1.67 16.17 -22.33
CA HIS A 151 0.37 16.57 -21.83
C HIS A 151 -0.74 15.78 -22.50
N HIS A 152 -0.92 14.55 -22.07
CA HIS A 152 -1.98 13.70 -22.57
C HIS A 152 -3.07 13.59 -21.53
N HIS A 153 -4.31 13.85 -21.93
CA HIS A 153 -5.45 13.77 -21.02
C HIS A 153 -6.68 13.26 -21.75
N MET A 1 10.09 1.69 -4.56
CA MET A 1 9.08 2.37 -3.71
C MET A 1 9.67 3.61 -3.06
N LYS A 2 9.25 4.79 -3.51
CA LYS A 2 9.67 6.04 -2.87
C LYS A 2 8.61 6.49 -1.88
N THR A 3 9.02 6.73 -0.66
CA THR A 3 8.11 7.27 0.35
C THR A 3 8.90 7.93 1.47
N THR A 4 8.26 8.87 2.15
CA THR A 4 8.91 9.65 3.17
C THR A 4 8.96 8.91 4.50
N PRO A 5 9.94 9.24 5.36
CA PRO A 5 10.06 8.65 6.69
C PRO A 5 8.82 8.94 7.52
N ASP A 6 8.19 10.08 7.24
CA ASP A 6 6.95 10.46 7.88
C ASP A 6 5.85 9.45 7.58
N ILE A 7 5.70 9.12 6.30
CA ILE A 7 4.70 8.14 5.88
C ILE A 7 5.07 6.76 6.41
N LEU A 8 6.35 6.42 6.34
CA LEU A 8 6.84 5.15 6.88
C LEU A 8 6.51 5.02 8.35
N ASP A 9 6.73 6.10 9.09
CA ASP A 9 6.43 6.13 10.52
C ASP A 9 4.94 5.91 10.74
N GLN A 10 4.13 6.59 9.94
CA GLN A 10 2.68 6.46 10.02
C GLN A 10 2.23 5.02 9.75
N ILE A 11 2.94 4.34 8.85
CA ILE A 11 2.65 2.94 8.57
C ILE A 11 2.94 2.08 9.79
N ARG A 12 4.04 2.37 10.47
CA ARG A 12 4.40 1.68 11.68
C ARG A 12 3.39 1.97 12.79
N VAL A 13 3.07 3.24 12.98
CA VAL A 13 2.08 3.65 13.98
C VAL A 13 0.74 2.99 13.69
N HIS A 14 0.44 2.85 12.40
CA HIS A 14 -0.80 2.22 11.95
C HIS A 14 -0.98 0.83 12.57
N GLY A 15 0.11 0.15 12.87
CA GLY A 15 0.03 -1.17 13.48
C GLY A 15 -0.69 -1.12 14.81
N ALA A 16 -0.26 -0.22 15.68
CA ALA A 16 -0.92 -0.04 16.97
C ALA A 16 -2.24 0.71 16.82
N ASP A 17 -2.22 1.71 15.95
CA ASP A 17 -3.33 2.64 15.80
C ASP A 17 -4.57 1.96 15.23
N ALA A 18 -4.37 1.07 14.29
CA ALA A 18 -5.48 0.38 13.65
C ALA A 18 -6.02 -0.76 14.50
N TYR A 19 -5.11 -1.47 15.17
CA TYR A 19 -5.50 -2.66 15.92
C TYR A 19 -6.32 -2.28 17.14
N PRO A 20 -7.25 -3.15 17.57
CA PRO A 20 -7.48 -4.49 17.00
C PRO A 20 -8.30 -4.48 15.71
N GLU A 21 -8.74 -3.29 15.30
CA GLU A 21 -9.55 -3.14 14.09
C GLU A 21 -8.77 -3.50 12.82
N GLU A 22 -9.30 -3.12 11.66
CA GLU A 22 -8.72 -3.47 10.37
C GLU A 22 -7.28 -2.98 10.25
N GLY A 23 -6.39 -3.89 9.85
CA GLY A 23 -4.99 -3.54 9.73
C GLY A 23 -4.55 -3.48 8.28
N CYS A 24 -5.46 -3.81 7.38
CA CYS A 24 -5.15 -3.80 5.96
C CYS A 24 -5.51 -2.45 5.34
N GLY A 25 -4.97 -2.18 4.16
CA GLY A 25 -5.25 -0.94 3.48
C GLY A 25 -4.54 -0.85 2.15
N PHE A 26 -4.65 0.30 1.49
CA PHE A 26 -4.07 0.49 0.18
C PHE A 26 -3.13 1.68 0.17
N LEU A 27 -2.10 1.61 -0.67
CA LEU A 27 -1.14 2.69 -0.82
C LEU A 27 -1.55 3.58 -1.98
N LEU A 28 -1.77 4.86 -1.70
CA LEU A 28 -2.14 5.80 -2.73
C LEU A 28 -0.96 6.70 -3.05
N GLY A 29 -0.68 6.87 -4.33
CA GLY A 29 0.44 7.68 -4.74
C GLY A 29 0.50 7.86 -6.24
N THR A 30 1.69 8.11 -6.74
CA THR A 30 1.88 8.30 -8.18
C THR A 30 3.12 7.53 -8.62
N VAL A 31 3.21 7.26 -9.91
CA VAL A 31 4.34 6.53 -10.45
C VAL A 31 5.36 7.50 -11.04
N THR A 32 6.54 7.50 -10.46
CA THR A 32 7.57 8.43 -10.83
C THR A 32 8.30 7.95 -12.08
N ASP A 33 8.11 8.69 -13.17
CA ASP A 33 8.76 8.42 -14.46
C ASP A 33 8.31 7.08 -15.03
N ASP A 34 7.33 6.48 -14.37
CA ASP A 34 6.83 5.14 -14.71
C ASP A 34 7.91 4.09 -14.47
N GLY A 35 8.92 4.48 -13.71
CA GLY A 35 9.99 3.56 -13.38
C GLY A 35 9.79 2.95 -12.01
N ASP A 36 9.38 3.77 -11.06
CA ASP A 36 9.11 3.33 -9.70
C ASP A 36 7.97 4.14 -9.14
N ASN A 37 7.30 3.62 -8.13
CA ASN A 37 6.12 4.28 -7.59
C ASN A 37 6.43 4.99 -6.28
N ARG A 38 5.76 6.11 -6.05
CA ARG A 38 5.88 6.80 -4.79
C ARG A 38 4.55 6.81 -4.06
N VAL A 39 4.64 6.80 -2.76
CA VAL A 39 3.46 6.84 -1.91
C VAL A 39 3.24 8.27 -1.44
N ALA A 40 2.02 8.75 -1.57
CA ALA A 40 1.71 10.12 -1.21
C ALA A 40 0.66 10.18 -0.10
N ALA A 41 -0.13 9.11 0.03
CA ALA A 41 -1.16 9.06 1.05
C ALA A 41 -1.46 7.61 1.44
N LEU A 42 -1.76 7.40 2.72
CA LEU A 42 -2.12 6.09 3.22
C LEU A 42 -3.63 5.98 3.37
N HIS A 43 -4.21 4.91 2.86
CA HIS A 43 -5.64 4.72 3.00
C HIS A 43 -5.95 3.46 3.79
N ARG A 44 -6.68 3.64 4.87
CA ARG A 44 -7.14 2.52 5.69
C ARG A 44 -8.48 2.03 5.19
N ALA A 45 -8.66 0.72 5.18
CA ALA A 45 -9.91 0.12 4.72
C ALA A 45 -11.06 0.51 5.66
N THR A 46 -11.90 1.41 5.20
CA THR A 46 -13.04 1.88 5.97
C THR A 46 -14.07 2.49 5.03
N ASN A 47 -15.19 2.94 5.58
CA ASN A 47 -16.28 3.49 4.77
C ASN A 47 -16.05 4.95 4.46
N ARG A 48 -16.79 5.48 3.48
CA ARG A 48 -16.67 6.87 3.11
C ARG A 48 -17.99 7.42 2.61
N ARG A 49 -18.45 6.90 1.47
CA ARG A 49 -19.69 7.36 0.84
C ARG A 49 -19.58 8.84 0.44
N SER A 50 -19.07 9.09 -0.74
CA SER A 50 -18.91 10.44 -1.25
C SER A 50 -20.22 10.92 -1.89
N GLU A 51 -20.69 12.08 -1.45
CA GLU A 51 -21.93 12.63 -1.96
C GLU A 51 -21.62 13.74 -2.96
N GLN A 52 -21.77 13.40 -4.23
CA GLN A 52 -21.55 14.36 -5.30
C GLN A 52 -22.39 13.98 -6.51
N ARG A 53 -23.49 14.71 -6.70
CA ARG A 53 -24.42 14.45 -7.78
C ARG A 53 -23.72 14.54 -9.13
N THR A 54 -23.40 13.38 -9.69
CA THR A 54 -22.67 13.32 -10.96
C THR A 54 -23.28 12.22 -11.84
N ARG A 55 -22.60 11.86 -12.93
CA ARG A 55 -23.04 10.80 -13.83
C ARG A 55 -23.22 9.47 -13.09
N ARG A 56 -24.48 9.13 -12.83
CA ARG A 56 -24.88 7.92 -12.08
C ARG A 56 -24.37 7.96 -10.65
N TYR A 57 -25.13 7.33 -9.76
CA TYR A 57 -24.72 7.25 -8.36
C TYR A 57 -23.93 5.97 -8.10
N GLU A 58 -22.66 6.14 -7.76
CA GLU A 58 -21.81 5.03 -7.37
C GLU A 58 -21.05 5.39 -6.09
N LEU A 59 -21.68 5.13 -4.96
CA LEU A 59 -21.16 5.55 -3.67
C LEU A 59 -20.84 4.35 -2.78
N THR A 60 -20.84 3.18 -3.38
CA THR A 60 -20.56 1.94 -2.65
C THR A 60 -19.08 1.84 -2.33
N ALA A 61 -18.72 2.17 -1.09
CA ALA A 61 -17.34 2.11 -0.65
C ALA A 61 -16.94 0.67 -0.31
N ASP A 62 -16.47 -0.05 -1.30
CA ASP A 62 -16.05 -1.42 -1.12
C ASP A 62 -14.54 -1.58 -1.32
N ASP A 63 -13.81 -1.51 -0.21
CA ASP A 63 -12.34 -1.73 -0.16
C ASP A 63 -11.59 -1.03 -1.30
N TYR A 64 -11.48 -1.71 -2.43
CA TYR A 64 -10.75 -1.21 -3.58
C TYR A 64 -11.41 0.08 -4.10
N ARG A 65 -12.73 0.06 -4.16
CA ARG A 65 -13.50 1.22 -4.61
C ARG A 65 -13.36 2.38 -3.64
N ALA A 66 -13.28 2.09 -2.36
CA ALA A 66 -13.12 3.13 -1.35
C ALA A 66 -11.75 3.78 -1.46
N ALA A 67 -10.75 2.99 -1.79
CA ALA A 67 -9.42 3.52 -2.07
C ALA A 67 -9.45 4.29 -3.37
N ASP A 68 -10.16 3.73 -4.34
CA ASP A 68 -10.32 4.34 -5.66
C ASP A 68 -10.91 5.75 -5.56
N ALA A 69 -11.98 5.89 -4.78
CA ALA A 69 -12.63 7.18 -4.60
C ALA A 69 -11.65 8.20 -4.00
N ALA A 70 -11.04 7.85 -2.88
CA ALA A 70 -10.11 8.74 -2.21
C ALA A 70 -8.89 9.02 -3.09
N ALA A 71 -8.50 8.03 -3.89
CA ALA A 71 -7.38 8.20 -4.79
C ALA A 71 -7.67 9.24 -5.86
N GLN A 72 -8.81 9.10 -6.53
CA GLN A 72 -9.20 10.03 -7.59
C GLN A 72 -9.45 11.43 -7.02
N GLU A 73 -9.94 11.49 -5.78
CA GLU A 73 -10.08 12.75 -5.05
C GLU A 73 -8.73 13.46 -4.94
N GLN A 74 -7.71 12.71 -4.62
CA GLN A 74 -6.38 13.25 -4.41
C GLN A 74 -5.58 13.32 -5.71
N GLY A 75 -6.12 12.72 -6.77
CA GLY A 75 -5.43 12.70 -8.04
C GLY A 75 -4.35 11.63 -8.08
N LEU A 76 -4.56 10.59 -7.29
CA LEU A 76 -3.60 9.50 -7.17
C LEU A 76 -4.24 8.18 -7.59
N ASP A 77 -3.47 7.11 -7.54
CA ASP A 77 -4.01 5.78 -7.78
C ASP A 77 -3.38 4.77 -6.83
N VAL A 78 -3.79 3.52 -6.96
CA VAL A 78 -3.28 2.47 -6.09
C VAL A 78 -1.94 1.97 -6.60
N VAL A 79 -0.88 2.33 -5.90
CA VAL A 79 0.47 1.92 -6.29
C VAL A 79 0.89 0.64 -5.58
N GLY A 80 0.26 0.36 -4.45
CA GLY A 80 0.58 -0.82 -3.69
C GLY A 80 -0.45 -1.13 -2.65
N VAL A 81 -0.27 -2.24 -1.95
CA VAL A 81 -1.20 -2.67 -0.91
C VAL A 81 -0.41 -3.12 0.32
N TYR A 82 -1.03 -3.08 1.49
CA TYR A 82 -0.36 -3.51 2.71
C TYR A 82 -1.30 -4.30 3.60
N HIS A 83 -0.76 -5.36 4.20
CA HIS A 83 -1.52 -6.21 5.10
C HIS A 83 -0.60 -6.77 6.18
N SER A 84 -1.03 -6.67 7.43
CA SER A 84 -0.20 -7.04 8.57
C SER A 84 -0.66 -8.36 9.19
N HIS A 85 0.29 -9.10 9.75
CA HIS A 85 -0.02 -10.31 10.50
C HIS A 85 1.16 -10.71 11.40
N PRO A 86 0.87 -11.24 12.59
CA PRO A 86 1.89 -11.56 13.59
C PRO A 86 2.39 -13.00 13.50
N ASP A 87 3.12 -13.30 12.44
CA ASP A 87 3.70 -14.62 12.26
C ASP A 87 4.84 -14.55 11.26
N HIS A 88 5.79 -15.49 11.36
CA HIS A 88 7.00 -15.48 10.55
C HIS A 88 7.89 -14.29 10.89
N PRO A 89 9.20 -14.37 10.60
CA PRO A 89 10.13 -13.27 10.82
C PRO A 89 9.94 -12.15 9.79
N ALA A 90 8.85 -11.39 9.97
CA ALA A 90 8.49 -10.28 9.09
C ALA A 90 8.63 -10.65 7.61
N ARG A 91 7.72 -11.48 7.13
CA ARG A 91 7.76 -11.95 5.76
C ARG A 91 6.39 -12.54 5.37
N PRO A 92 6.13 -12.67 4.05
CA PRO A 92 4.86 -13.21 3.56
C PRO A 92 4.70 -14.69 3.85
N SER A 93 3.46 -15.10 4.10
CA SER A 93 3.12 -16.50 4.24
C SER A 93 2.58 -17.01 2.92
N ALA A 94 2.00 -18.21 2.93
CA ALA A 94 1.46 -18.79 1.71
C ALA A 94 0.28 -17.97 1.20
N THR A 95 -0.64 -17.63 2.10
CA THR A 95 -1.82 -16.88 1.73
C THR A 95 -1.47 -15.51 1.15
N ASP A 96 -0.44 -14.87 1.72
CA ASP A 96 0.03 -13.57 1.22
C ASP A 96 0.38 -13.69 -0.25
N LEU A 97 1.10 -14.75 -0.57
CA LEU A 97 1.55 -15.03 -1.93
C LEU A 97 0.35 -15.44 -2.80
N GLU A 98 -0.51 -16.29 -2.25
CA GLU A 98 -1.62 -16.87 -3.00
C GLU A 98 -2.63 -15.81 -3.44
N GLU A 99 -2.70 -14.70 -2.70
CA GLU A 99 -3.62 -13.63 -3.04
C GLU A 99 -2.93 -12.55 -3.87
N ALA A 100 -1.67 -12.78 -4.22
CA ALA A 100 -0.92 -11.82 -5.01
C ALA A 100 -1.04 -12.16 -6.50
N THR A 101 -2.23 -11.99 -7.03
CA THR A 101 -2.50 -12.29 -8.43
C THR A 101 -2.33 -11.05 -9.31
N PHE A 102 -1.88 -9.95 -8.70
CA PHE A 102 -1.76 -8.69 -9.39
C PHE A 102 -0.35 -8.10 -9.26
N PRO A 103 0.58 -8.51 -10.14
CA PRO A 103 1.95 -8.01 -10.12
C PRO A 103 2.04 -6.56 -10.58
N GLY A 104 3.14 -5.89 -10.24
CA GLY A 104 3.30 -4.50 -10.58
C GLY A 104 3.00 -3.60 -9.40
N PHE A 105 2.28 -4.14 -8.43
CA PHE A 105 1.98 -3.43 -7.20
C PHE A 105 3.06 -3.71 -6.16
N THR A 106 3.22 -2.77 -5.24
CA THR A 106 4.17 -2.96 -4.16
C THR A 106 3.47 -3.58 -2.95
N TYR A 107 4.00 -4.71 -2.49
CA TYR A 107 3.41 -5.42 -1.36
C TYR A 107 4.15 -5.07 -0.08
N VAL A 108 3.50 -4.31 0.77
CA VAL A 108 4.10 -3.95 2.05
C VAL A 108 3.52 -4.81 3.16
N ILE A 109 4.39 -5.54 3.83
CA ILE A 109 3.99 -6.39 4.92
C ILE A 109 4.68 -5.96 6.20
N VAL A 110 3.89 -5.71 7.23
CA VAL A 110 4.44 -5.30 8.51
C VAL A 110 4.07 -6.33 9.56
N SER A 111 5.05 -6.75 10.32
CA SER A 111 4.81 -7.70 11.38
C SER A 111 4.31 -6.94 12.61
N VAL A 112 3.02 -7.07 12.88
CA VAL A 112 2.45 -6.45 14.05
C VAL A 112 2.05 -7.51 15.06
N ARG A 113 2.72 -7.51 16.20
CA ARG A 113 2.54 -8.55 17.18
C ARG A 113 1.52 -8.11 18.22
N ASP A 114 0.32 -7.83 17.72
CA ASP A 114 -0.80 -7.36 18.53
C ASP A 114 -0.45 -6.07 19.26
N GLY A 115 -0.57 -4.96 18.55
CA GLY A 115 -0.29 -3.66 19.13
C GLY A 115 1.17 -3.28 19.01
N ALA A 116 2.04 -4.28 18.85
CA ALA A 116 3.47 -4.02 18.73
C ALA A 116 3.96 -4.24 17.31
N PRO A 117 4.16 -3.15 16.56
CA PRO A 117 4.70 -3.21 15.20
C PRO A 117 6.20 -3.46 15.22
N GLU A 118 6.62 -4.60 14.70
CA GLU A 118 8.02 -5.02 14.76
C GLU A 118 8.83 -4.39 13.62
N ALA A 119 8.61 -4.88 12.40
CA ALA A 119 9.39 -4.42 11.27
C ALA A 119 8.53 -4.24 10.02
N LEU A 120 8.96 -3.32 9.17
CA LEU A 120 8.31 -3.08 7.88
C LEU A 120 9.11 -3.73 6.77
N THR A 121 8.44 -4.50 5.92
CA THR A 121 9.11 -5.14 4.81
C THR A 121 8.33 -4.92 3.51
N ALA A 122 9.03 -4.51 2.47
CA ALA A 122 8.41 -4.32 1.17
C ALA A 122 8.89 -5.40 0.21
N TRP A 123 7.96 -6.00 -0.51
CA TRP A 123 8.28 -7.16 -1.33
C TRP A 123 7.82 -6.96 -2.76
N ALA A 124 8.64 -7.41 -3.69
CA ALA A 124 8.28 -7.39 -5.09
C ALA A 124 8.00 -8.81 -5.55
N LEU A 125 6.89 -8.98 -6.25
CA LEU A 125 6.46 -10.29 -6.72
C LEU A 125 7.22 -10.68 -7.97
N ALA A 126 7.65 -11.93 -8.03
CA ALA A 126 8.29 -12.46 -9.21
C ALA A 126 7.27 -12.55 -10.35
N PRO A 127 7.73 -12.42 -11.61
CA PRO A 127 6.85 -12.39 -12.78
C PRO A 127 5.87 -13.58 -12.84
N ASP A 128 6.29 -14.72 -12.35
CA ASP A 128 5.46 -15.93 -12.43
C ASP A 128 4.72 -16.17 -11.11
N ARG A 129 4.70 -15.14 -10.26
CA ARG A 129 3.95 -15.11 -8.99
C ARG A 129 4.23 -16.34 -8.12
N SER A 130 5.43 -16.90 -8.24
CA SER A 130 5.79 -18.08 -7.49
C SER A 130 6.53 -17.74 -6.18
N GLU A 131 7.21 -16.60 -6.15
CA GLU A 131 7.91 -16.17 -4.94
C GLU A 131 8.05 -14.65 -4.90
N PHE A 132 8.48 -14.15 -3.74
CA PHE A 132 8.73 -12.72 -3.56
C PHE A 132 10.21 -12.46 -3.32
N HIS A 133 10.65 -11.28 -3.71
CA HIS A 133 11.98 -10.82 -3.35
C HIS A 133 11.88 -9.47 -2.67
N ARG A 134 12.63 -9.30 -1.59
CA ARG A 134 12.52 -8.11 -0.76
C ARG A 134 13.19 -6.90 -1.41
N GLU A 135 12.61 -5.73 -1.16
CA GLU A 135 13.15 -4.48 -1.65
C GLU A 135 13.26 -3.51 -0.48
N ASP A 136 14.16 -2.55 -0.59
CA ASP A 136 14.32 -1.57 0.47
C ASP A 136 13.58 -0.30 0.13
N ILE A 137 13.09 0.38 1.16
CA ILE A 137 12.33 1.59 0.96
C ILE A 137 13.28 2.78 0.82
N VAL A 138 13.08 3.56 -0.23
CA VAL A 138 13.91 4.72 -0.47
C VAL A 138 13.11 5.99 -0.23
N ARG A 139 13.78 7.01 0.28
CA ARG A 139 13.16 8.30 0.48
C ARG A 139 13.22 9.09 -0.82
N PRO A 140 12.10 9.70 -1.23
CA PRO A 140 12.00 10.39 -2.53
C PRO A 140 12.95 11.58 -2.61
N ASP A 141 13.26 11.98 -3.83
CA ASP A 141 14.14 13.10 -4.09
C ASP A 141 13.63 14.35 -3.36
N PRO A 142 14.52 15.05 -2.65
CA PRO A 142 14.16 16.15 -1.75
C PRO A 142 13.76 17.43 -2.47
N GLU A 143 13.00 17.29 -3.54
CA GLU A 143 12.47 18.43 -4.28
C GLU A 143 10.95 18.36 -4.32
N ALA A 144 10.42 17.15 -4.22
CA ALA A 144 8.99 16.91 -4.30
C ALA A 144 8.31 17.13 -2.96
N PRO A 145 7.05 17.59 -2.97
CA PRO A 145 6.23 17.73 -1.77
C PRO A 145 6.10 16.42 -1.00
N LEU A 146 6.12 16.51 0.32
CA LEU A 146 6.02 15.34 1.18
C LEU A 146 4.61 14.75 1.11
N GLU A 147 3.68 15.43 1.76
CA GLU A 147 2.28 15.08 1.73
C GLU A 147 1.57 15.94 0.70
N HIS A 148 0.47 15.43 0.14
CA HIS A 148 -0.34 16.16 -0.84
C HIS A 148 0.35 16.27 -2.20
N HIS A 149 -0.29 15.70 -3.22
CA HIS A 149 0.22 15.79 -4.58
C HIS A 149 -0.29 17.08 -5.23
N HIS A 150 -1.23 17.72 -4.56
CA HIS A 150 -1.77 19.00 -5.01
C HIS A 150 -1.40 20.07 -3.98
N HIS A 151 -1.14 21.29 -4.44
CA HIS A 151 -0.63 22.35 -3.57
C HIS A 151 -1.74 23.13 -2.87
N HIS A 152 -2.96 22.61 -2.90
CA HIS A 152 -4.05 23.22 -2.17
C HIS A 152 -4.90 22.15 -1.52
N HIS A 153 -5.69 22.55 -0.54
CA HIS A 153 -6.58 21.61 0.15
C HIS A 153 -8.03 21.90 -0.24
N MET A 1 10.25 1.23 -2.95
CA MET A 1 9.48 2.33 -3.57
C MET A 1 9.88 3.66 -2.97
N LYS A 2 9.42 4.76 -3.54
CA LYS A 2 9.78 6.09 -3.07
C LYS A 2 8.72 6.66 -2.13
N THR A 3 9.12 6.91 -0.89
CA THR A 3 8.25 7.54 0.09
C THR A 3 9.09 8.15 1.21
N THR A 4 8.46 8.88 2.11
CA THR A 4 9.18 9.51 3.20
C THR A 4 9.16 8.61 4.45
N PRO A 5 10.22 8.66 5.26
CA PRO A 5 10.31 7.89 6.51
C PRO A 5 9.19 8.25 7.47
N ASP A 6 8.69 9.46 7.33
CA ASP A 6 7.56 9.93 8.12
C ASP A 6 6.33 9.08 7.86
N ILE A 7 6.09 8.75 6.59
CA ILE A 7 4.98 7.89 6.21
C ILE A 7 5.15 6.50 6.85
N LEU A 8 6.37 5.98 6.79
CA LEU A 8 6.70 4.69 7.38
C LEU A 8 6.35 4.66 8.87
N ASP A 9 6.69 5.74 9.56
CA ASP A 9 6.42 5.86 10.98
C ASP A 9 4.90 5.92 11.23
N GLN A 10 4.23 6.71 10.40
CA GLN A 10 2.78 6.84 10.48
C GLN A 10 2.08 5.50 10.25
N ILE A 11 2.64 4.69 9.35
CA ILE A 11 2.13 3.34 9.11
C ILE A 11 2.18 2.52 10.39
N ARG A 12 3.31 2.60 11.09
CA ARG A 12 3.49 1.88 12.35
C ARG A 12 2.46 2.34 13.38
N VAL A 13 2.33 3.65 13.55
CA VAL A 13 1.40 4.22 14.52
C VAL A 13 -0.04 3.87 14.17
N HIS A 14 -0.41 4.08 12.91
CA HIS A 14 -1.77 3.78 12.46
C HIS A 14 -2.06 2.29 12.51
N GLY A 15 -1.03 1.47 12.36
CA GLY A 15 -1.19 0.04 12.46
C GLY A 15 -1.54 -0.39 13.88
N ALA A 16 -0.85 0.19 14.86
CA ALA A 16 -1.14 -0.07 16.26
C ALA A 16 -2.46 0.58 16.65
N ASP A 17 -2.78 1.67 15.97
CA ASP A 17 -4.05 2.38 16.13
C ASP A 17 -5.21 1.51 15.68
N ALA A 18 -4.97 0.78 14.61
CA ALA A 18 -5.97 -0.13 14.05
C ALA A 18 -6.26 -1.27 15.01
N TYR A 19 -5.21 -1.81 15.62
CA TYR A 19 -5.36 -2.89 16.59
C TYR A 19 -6.15 -2.42 17.81
N PRO A 20 -6.86 -3.34 18.49
CA PRO A 20 -6.89 -4.78 18.16
C PRO A 20 -7.80 -5.10 16.97
N GLU A 21 -8.50 -4.10 16.46
CA GLU A 21 -9.41 -4.28 15.34
C GLU A 21 -8.64 -4.60 14.05
N GLU A 22 -9.37 -4.72 12.95
CA GLU A 22 -8.77 -5.03 11.66
C GLU A 22 -8.21 -3.77 11.03
N GLY A 23 -7.07 -3.90 10.35
CA GLY A 23 -6.45 -2.76 9.72
C GLY A 23 -6.27 -2.95 8.23
N CYS A 24 -5.00 -3.11 7.82
CA CYS A 24 -4.60 -3.25 6.41
C CYS A 24 -5.20 -2.17 5.51
N GLY A 25 -5.00 -2.31 4.21
CA GLY A 25 -5.53 -1.35 3.26
C GLY A 25 -4.61 -1.15 2.08
N PHE A 26 -4.86 -0.10 1.31
CA PHE A 26 -4.11 0.15 0.09
C PHE A 26 -3.23 1.40 0.24
N LEU A 27 -2.18 1.46 -0.58
CA LEU A 27 -1.27 2.60 -0.56
C LEU A 27 -1.59 3.55 -1.70
N LEU A 28 -1.74 4.83 -1.37
CA LEU A 28 -2.10 5.81 -2.37
C LEU A 28 -0.88 6.66 -2.75
N GLY A 29 -0.75 6.94 -4.04
CA GLY A 29 0.37 7.72 -4.52
C GLY A 29 0.27 7.91 -6.01
N THR A 30 1.40 8.03 -6.67
CA THR A 30 1.40 8.15 -8.12
C THR A 30 2.51 7.29 -8.74
N VAL A 31 2.21 6.74 -9.91
CA VAL A 31 3.19 5.95 -10.64
C VAL A 31 3.95 6.88 -11.59
N THR A 32 5.26 6.87 -11.46
CA THR A 32 6.10 7.79 -12.22
C THR A 32 6.18 7.39 -13.68
N ASP A 33 6.81 8.23 -14.48
CA ASP A 33 6.88 8.02 -15.92
C ASP A 33 8.04 7.09 -16.29
N ASP A 34 8.86 6.75 -15.30
CA ASP A 34 9.97 5.86 -15.53
C ASP A 34 9.67 4.43 -15.08
N GLY A 35 8.81 4.30 -14.08
CA GLY A 35 8.43 2.98 -13.62
C GLY A 35 8.47 2.84 -12.12
N ASP A 36 8.89 3.90 -11.43
CA ASP A 36 8.89 3.92 -9.97
C ASP A 36 7.49 4.14 -9.43
N ASN A 37 7.28 3.68 -8.22
CA ASN A 37 6.02 3.88 -7.51
C ASN A 37 6.29 4.73 -6.27
N ARG A 38 5.60 5.85 -6.15
CA ARG A 38 5.79 6.70 -4.99
C ARG A 38 4.52 6.77 -4.16
N VAL A 39 4.70 6.73 -2.86
CA VAL A 39 3.58 6.70 -1.92
C VAL A 39 3.40 8.05 -1.25
N ALA A 40 2.22 8.63 -1.38
CA ALA A 40 1.94 9.95 -0.83
C ALA A 40 0.88 9.91 0.25
N ALA A 41 0.01 8.89 0.21
CA ALA A 41 -1.09 8.81 1.17
C ALA A 41 -1.37 7.36 1.56
N LEU A 42 -2.10 7.17 2.65
CA LEU A 42 -2.43 5.85 3.15
C LEU A 42 -3.94 5.69 3.26
N HIS A 43 -4.42 4.46 3.14
CA HIS A 43 -5.84 4.19 3.31
C HIS A 43 -6.06 2.97 4.19
N ARG A 44 -6.76 3.16 5.29
CA ARG A 44 -7.11 2.05 6.17
C ARG A 44 -8.58 1.74 6.05
N ALA A 45 -8.91 0.47 5.90
CA ALA A 45 -10.30 0.05 5.82
C ALA A 45 -11.02 0.33 7.14
N THR A 46 -11.83 1.38 7.14
CA THR A 46 -12.51 1.81 8.35
C THR A 46 -14.01 1.93 8.13
N ASN A 47 -14.77 1.32 9.02
CA ASN A 47 -16.22 1.43 9.04
C ASN A 47 -16.74 0.95 10.38
N ARG A 48 -17.88 1.46 10.80
CA ARG A 48 -18.51 1.02 12.03
C ARG A 48 -20.01 0.91 11.84
N ARG A 49 -20.44 -0.15 11.16
CA ARG A 49 -21.85 -0.39 10.91
C ARG A 49 -22.45 0.80 10.15
N SER A 50 -21.57 1.44 9.37
CA SER A 50 -21.90 2.70 8.71
C SER A 50 -22.95 2.51 7.62
N GLU A 51 -24.00 3.34 7.68
CA GLU A 51 -25.08 3.35 6.69
C GLU A 51 -25.95 2.10 6.81
N GLN A 52 -27.17 2.19 6.31
CA GLN A 52 -28.09 1.07 6.35
C GLN A 52 -28.16 0.37 5.00
N ARG A 53 -27.52 -0.78 4.90
CA ARG A 53 -27.55 -1.55 3.69
C ARG A 53 -28.87 -2.33 3.60
N THR A 54 -29.92 -1.62 3.25
CA THR A 54 -31.25 -2.20 3.11
C THR A 54 -31.47 -2.68 1.67
N ARG A 55 -30.45 -3.30 1.11
CA ARG A 55 -30.46 -3.72 -0.30
C ARG A 55 -30.57 -2.48 -1.19
N ARG A 56 -30.02 -1.37 -0.71
CA ARG A 56 -29.99 -0.14 -1.48
C ARG A 56 -28.60 0.06 -2.06
N TYR A 57 -28.51 0.94 -3.05
CA TYR A 57 -27.26 1.29 -3.75
C TYR A 57 -26.46 0.09 -4.26
N GLU A 58 -25.49 0.36 -5.11
CA GLU A 58 -24.61 -0.67 -5.63
C GLU A 58 -23.18 -0.39 -5.17
N LEU A 59 -23.01 0.72 -4.46
CA LEU A 59 -21.70 1.11 -3.96
C LEU A 59 -21.37 0.31 -2.70
N THR A 60 -20.82 -0.87 -2.91
CA THR A 60 -20.46 -1.75 -1.81
C THR A 60 -18.95 -1.66 -1.52
N ALA A 61 -18.16 -2.31 -2.36
CA ALA A 61 -16.71 -2.26 -2.30
C ALA A 61 -16.15 -2.99 -1.07
N ASP A 62 -14.88 -3.35 -1.16
CA ASP A 62 -14.12 -3.87 -0.02
C ASP A 62 -13.37 -2.72 0.64
N ASP A 63 -12.31 -2.29 -0.02
CA ASP A 63 -11.58 -1.08 0.38
C ASP A 63 -10.96 -0.43 -0.85
N TYR A 64 -10.63 -1.26 -1.85
CA TYR A 64 -9.97 -0.79 -3.05
C TYR A 64 -10.77 0.31 -3.73
N ARG A 65 -12.05 0.06 -3.96
CA ARG A 65 -12.90 1.04 -4.65
C ARG A 65 -12.99 2.35 -3.88
N ALA A 66 -13.03 2.25 -2.56
CA ALA A 66 -13.08 3.44 -1.72
C ALA A 66 -11.76 4.20 -1.78
N ALA A 67 -10.65 3.48 -1.72
CA ALA A 67 -9.33 4.06 -1.85
C ALA A 67 -9.16 4.65 -3.24
N ASP A 68 -9.66 3.93 -4.24
CA ASP A 68 -9.60 4.35 -5.63
C ASP A 68 -10.35 5.66 -5.83
N ALA A 69 -11.55 5.74 -5.26
CA ALA A 69 -12.36 6.96 -5.34
C ALA A 69 -11.64 8.12 -4.69
N ALA A 70 -11.22 7.94 -3.45
CA ALA A 70 -10.53 8.98 -2.70
C ALA A 70 -9.22 9.35 -3.39
N ALA A 71 -8.60 8.38 -4.05
CA ALA A 71 -7.39 8.61 -4.81
C ALA A 71 -7.68 9.56 -5.98
N GLN A 72 -8.69 9.23 -6.77
CA GLN A 72 -9.08 10.06 -7.91
C GLN A 72 -9.48 11.45 -7.44
N GLU A 73 -10.13 11.52 -6.29
CA GLU A 73 -10.51 12.78 -5.66
C GLU A 73 -9.29 13.65 -5.39
N GLN A 74 -8.22 13.01 -4.94
CA GLN A 74 -7.00 13.70 -4.59
C GLN A 74 -6.01 13.76 -5.76
N GLY A 75 -6.37 13.14 -6.87
CA GLY A 75 -5.48 13.14 -8.04
C GLY A 75 -4.38 12.11 -7.93
N LEU A 76 -4.61 11.09 -7.11
CA LEU A 76 -3.65 10.03 -6.88
C LEU A 76 -4.18 8.71 -7.43
N ASP A 77 -3.36 7.67 -7.36
CA ASP A 77 -3.77 6.33 -7.74
C ASP A 77 -3.23 5.32 -6.74
N VAL A 78 -3.45 4.05 -7.02
CA VAL A 78 -3.01 3.00 -6.11
C VAL A 78 -1.69 2.41 -6.58
N VAL A 79 -0.62 2.71 -5.85
CA VAL A 79 0.71 2.28 -6.24
C VAL A 79 1.10 0.96 -5.57
N GLY A 80 0.33 0.56 -4.57
CA GLY A 80 0.63 -0.67 -3.89
C GLY A 80 -0.36 -0.99 -2.80
N VAL A 81 -0.08 -2.05 -2.06
CA VAL A 81 -0.95 -2.48 -0.97
C VAL A 81 -0.08 -2.85 0.23
N TYR A 82 -0.64 -2.78 1.41
CA TYR A 82 0.10 -3.18 2.59
C TYR A 82 -0.71 -4.19 3.40
N HIS A 83 -0.02 -5.23 3.85
CA HIS A 83 -0.67 -6.33 4.57
C HIS A 83 -0.24 -6.29 6.02
N SER A 84 -1.16 -6.63 6.92
CA SER A 84 -0.86 -6.62 8.34
C SER A 84 -0.72 -8.05 8.84
N HIS A 85 0.40 -8.33 9.50
CA HIS A 85 0.67 -9.67 10.02
C HIS A 85 0.79 -9.63 11.54
N PRO A 86 0.50 -10.76 12.19
CA PRO A 86 0.78 -10.96 13.62
C PRO A 86 2.27 -11.16 13.86
N ASP A 87 2.61 -11.70 15.02
CA ASP A 87 4.01 -12.02 15.37
C ASP A 87 4.70 -12.80 14.25
N HIS A 88 3.94 -13.63 13.55
CA HIS A 88 4.47 -14.42 12.43
C HIS A 88 5.18 -13.54 11.40
N PRO A 89 6.18 -14.13 10.69
CA PRO A 89 7.06 -13.43 9.75
C PRO A 89 6.39 -12.34 8.90
N ALA A 90 7.17 -11.29 8.62
CA ALA A 90 6.69 -10.15 7.84
C ALA A 90 6.89 -10.41 6.36
N ARG A 91 7.30 -11.62 6.03
CA ARG A 91 7.44 -12.04 4.66
C ARG A 91 6.17 -12.75 4.22
N PRO A 92 5.81 -12.64 2.93
CA PRO A 92 4.57 -13.23 2.40
C PRO A 92 4.51 -14.74 2.60
N SER A 93 3.46 -15.20 3.26
CA SER A 93 3.25 -16.62 3.47
C SER A 93 2.45 -17.19 2.30
N ALA A 94 2.09 -18.47 2.38
CA ALA A 94 1.45 -19.17 1.27
C ALA A 94 0.16 -18.49 0.82
N THR A 95 -0.71 -18.16 1.77
CA THR A 95 -2.00 -17.56 1.45
C THR A 95 -1.82 -16.09 1.05
N ASP A 96 -0.85 -15.44 1.69
CA ASP A 96 -0.56 -14.05 1.41
C ASP A 96 -0.10 -13.90 -0.04
N LEU A 97 0.69 -14.87 -0.48
CA LEU A 97 1.17 -14.92 -1.87
C LEU A 97 0.02 -15.26 -2.81
N GLU A 98 -0.88 -16.13 -2.36
CA GLU A 98 -2.00 -16.57 -3.18
C GLU A 98 -2.91 -15.40 -3.58
N GLU A 99 -3.03 -14.41 -2.72
CA GLU A 99 -3.89 -13.27 -3.01
C GLU A 99 -3.15 -12.18 -3.79
N ALA A 100 -1.85 -12.37 -3.96
CA ALA A 100 -1.06 -11.45 -4.78
C ALA A 100 -1.17 -11.85 -6.25
N THR A 101 -2.30 -11.51 -6.84
CA THR A 101 -2.58 -11.91 -8.21
C THR A 101 -2.28 -10.77 -9.19
N PHE A 102 -2.08 -9.58 -8.64
CA PHE A 102 -1.86 -8.40 -9.46
C PHE A 102 -0.46 -7.80 -9.23
N PRO A 103 0.54 -8.29 -9.96
CA PRO A 103 1.92 -7.81 -9.85
C PRO A 103 2.08 -6.35 -10.29
N GLY A 104 3.27 -5.78 -10.09
CA GLY A 104 3.50 -4.40 -10.44
C GLY A 104 3.30 -3.49 -9.24
N PHE A 105 2.35 -3.84 -8.40
CA PHE A 105 2.10 -3.12 -7.15
C PHE A 105 3.18 -3.46 -6.13
N THR A 106 3.47 -2.51 -5.26
CA THR A 106 4.45 -2.73 -4.21
C THR A 106 3.73 -3.23 -2.96
N TYR A 107 4.14 -4.38 -2.46
CA TYR A 107 3.49 -4.98 -1.30
C TYR A 107 4.31 -4.73 -0.05
N VAL A 108 3.75 -3.99 0.87
CA VAL A 108 4.40 -3.74 2.15
C VAL A 108 3.75 -4.57 3.25
N ILE A 109 4.54 -5.33 3.97
CA ILE A 109 4.01 -6.18 5.02
C ILE A 109 4.67 -5.85 6.35
N VAL A 110 3.84 -5.68 7.38
CA VAL A 110 4.34 -5.36 8.71
C VAL A 110 3.80 -6.33 9.75
N SER A 111 4.70 -6.89 10.54
CA SER A 111 4.36 -7.76 11.62
C SER A 111 4.11 -6.96 12.89
N VAL A 112 2.86 -6.94 13.33
CA VAL A 112 2.49 -6.23 14.54
C VAL A 112 2.20 -7.23 15.65
N ARG A 113 3.00 -7.19 16.69
CA ARG A 113 2.85 -8.12 17.79
C ARG A 113 1.99 -7.51 18.88
N ASP A 114 0.69 -7.77 18.79
CA ASP A 114 -0.27 -7.30 19.79
C ASP A 114 -0.17 -5.79 20.01
N GLY A 115 -0.17 -5.06 18.90
CA GLY A 115 -0.12 -3.61 18.97
C GLY A 115 1.29 -3.06 18.93
N ALA A 116 2.27 -3.95 18.81
CA ALA A 116 3.67 -3.52 18.71
C ALA A 116 4.26 -3.95 17.38
N PRO A 117 4.33 -3.03 16.40
CA PRO A 117 4.91 -3.30 15.09
C PRO A 117 6.41 -3.49 15.18
N GLU A 118 6.88 -4.68 14.83
CA GLU A 118 8.30 -4.99 14.93
C GLU A 118 8.98 -4.89 13.57
N ALA A 119 8.66 -5.83 12.69
CA ALA A 119 9.27 -5.90 11.38
C ALA A 119 8.35 -5.34 10.32
N LEU A 120 8.84 -4.32 9.61
CA LEU A 120 8.11 -3.74 8.49
C LEU A 120 8.96 -3.87 7.24
N THR A 121 8.45 -4.54 6.22
CA THR A 121 9.24 -4.80 5.03
C THR A 121 8.41 -4.55 3.77
N ALA A 122 9.08 -4.29 2.67
CA ALA A 122 8.42 -4.07 1.40
C ALA A 122 8.94 -5.06 0.37
N TRP A 123 8.04 -5.59 -0.42
CA TRP A 123 8.35 -6.67 -1.34
C TRP A 123 7.83 -6.40 -2.74
N ALA A 124 8.59 -6.84 -3.72
CA ALA A 124 8.14 -6.76 -5.09
C ALA A 124 7.81 -8.15 -5.61
N LEU A 125 6.67 -8.29 -6.24
CA LEU A 125 6.26 -9.58 -6.79
C LEU A 125 6.79 -9.74 -8.20
N ALA A 126 7.42 -10.88 -8.47
CA ALA A 126 7.91 -11.19 -9.80
C ALA A 126 6.74 -11.24 -10.79
N PRO A 127 6.96 -10.79 -12.04
CA PRO A 127 5.90 -10.74 -13.06
C PRO A 127 5.23 -12.09 -13.28
N ASP A 128 6.01 -13.15 -13.10
CA ASP A 128 5.51 -14.51 -13.30
C ASP A 128 4.89 -15.05 -12.02
N ARG A 129 4.88 -14.21 -10.99
CA ARG A 129 4.39 -14.59 -9.65
C ARG A 129 5.16 -15.81 -9.12
N SER A 130 6.41 -15.93 -9.54
CA SER A 130 7.23 -17.05 -9.11
C SER A 130 7.55 -16.92 -7.62
N GLU A 131 7.94 -15.72 -7.21
CA GLU A 131 8.24 -15.45 -5.82
C GLU A 131 8.30 -13.94 -5.58
N PHE A 132 8.61 -13.56 -4.37
CA PHE A 132 8.79 -12.15 -4.02
C PHE A 132 10.26 -11.85 -3.83
N HIS A 133 10.65 -10.65 -4.19
CA HIS A 133 12.01 -10.21 -3.94
C HIS A 133 11.98 -8.93 -3.13
N ARG A 134 12.86 -8.88 -2.15
CA ARG A 134 12.95 -7.74 -1.26
C ARG A 134 13.22 -6.45 -2.03
N GLU A 135 12.55 -5.40 -1.62
CA GLU A 135 12.77 -4.08 -2.17
C GLU A 135 13.02 -3.13 -1.02
N ASP A 136 13.82 -2.12 -1.27
CA ASP A 136 14.17 -1.17 -0.23
C ASP A 136 13.29 0.06 -0.31
N ILE A 137 13.00 0.63 0.85
CA ILE A 137 12.25 1.86 0.90
C ILE A 137 13.21 3.04 0.74
N VAL A 138 13.05 3.77 -0.34
CA VAL A 138 13.92 4.88 -0.63
C VAL A 138 13.16 6.20 -0.50
N ARG A 139 13.88 7.24 -0.14
CA ARG A 139 13.30 8.54 0.07
C ARG A 139 13.20 9.27 -1.27
N PRO A 140 12.24 10.19 -1.40
CA PRO A 140 12.07 10.98 -2.63
C PRO A 140 13.35 11.73 -3.01
N ASP A 141 14.05 11.20 -4.01
CA ASP A 141 15.22 11.87 -4.57
C ASP A 141 14.93 12.32 -5.99
N PRO A 142 14.37 13.53 -6.16
CA PRO A 142 13.94 14.02 -7.46
C PRO A 142 15.07 14.73 -8.21
N GLU A 143 16.28 14.39 -7.83
CA GLU A 143 17.47 15.01 -8.41
C GLU A 143 18.50 13.96 -8.78
N ALA A 144 18.14 12.71 -8.56
CA ALA A 144 19.02 11.58 -8.85
C ALA A 144 18.97 11.23 -10.33
N PRO A 145 20.10 10.78 -10.90
CA PRO A 145 20.19 10.38 -12.31
C PRO A 145 19.34 9.14 -12.61
N LEU A 146 18.75 9.13 -13.80
CA LEU A 146 17.89 8.05 -14.22
C LEU A 146 18.70 6.93 -14.89
N GLU A 147 18.19 5.72 -14.78
CA GLU A 147 18.86 4.57 -15.38
C GLU A 147 18.43 4.39 -16.84
N HIS A 148 19.40 4.18 -17.72
CA HIS A 148 19.12 4.03 -19.14
C HIS A 148 19.83 2.80 -19.71
N HIS A 149 20.31 1.92 -18.85
CA HIS A 149 20.90 0.66 -19.31
C HIS A 149 19.81 -0.36 -19.58
N HIS A 150 19.96 -1.11 -20.65
CA HIS A 150 18.98 -2.12 -21.02
C HIS A 150 19.69 -3.38 -21.51
N HIS A 151 19.23 -4.54 -21.08
CA HIS A 151 19.90 -5.79 -21.40
C HIS A 151 19.42 -6.34 -22.74
N HIS A 152 20.19 -6.06 -23.78
CA HIS A 152 19.89 -6.53 -25.12
C HIS A 152 21.04 -7.36 -25.65
N HIS A 153 20.77 -8.63 -25.91
CA HIS A 153 21.79 -9.52 -26.45
C HIS A 153 21.34 -10.07 -27.79
#